data_6NRU
#
_entry.id   6NRU
#
_cell.length_a   52.518
_cell.length_b   308.038
_cell.length_c   97.167
_cell.angle_alpha   90.00
_cell.angle_beta   90.10
_cell.angle_gamma   90.00
#
_symmetry.space_group_name_H-M   'P 1 21 1'
#
loop_
_entity.id
_entity.type
_entity.pdbx_description
1 polymer CobC
2 non-polymer 'SULFATE ION'
3 non-polymer 'TETRAETHYLENE GLYCOL'
4 non-polymer DI(HYDROXYETHYL)ETHER
5 non-polymer 1,2-ETHANEDIOL
6 non-polymer GLYCEROL
7 non-polymer 'CHLORIDE ION'
8 water water
#
_entity_poly.entity_id   1
_entity_poly.type   'polypeptide(L)'
_entity_poly.pdbx_seq_one_letter_code
;SNA(MSE)RLWLIRHGETQANVDGLYSGHAPTPLTARGIEQAQNLHTLLDDVSFDLVLCSELERAQHTARLVLSDRQLPV
HIIPELNE(MSE)FFGDWE(MSE)RHHRDL(MSE)QEDAENYSAWCNDWQHAIPTNGEGFQAFSQRVERFIARLSEYQHY
QNILIVSHQGVLSLLIARLIG(MSE)PAES(MSE)WHFRVDQGCWSAIDINQKFATLRVLNSRAIGVENA
;
_entity_poly.pdbx_strand_id   A,B,C,D,E,F,G,H,I,J,K,L
#
loop_
_chem_comp.id
_chem_comp.type
_chem_comp.name
_chem_comp.formula
CL non-polymer 'CHLORIDE ION' 'Cl -1'
EDO non-polymer 1,2-ETHANEDIOL 'C2 H6 O2'
GOL non-polymer GLYCEROL 'C3 H8 O3'
PEG non-polymer DI(HYDROXYETHYL)ETHER 'C4 H10 O3'
PG4 non-polymer 'TETRAETHYLENE GLYCOL' 'C8 H18 O5'
SO4 non-polymer 'SULFATE ION' 'O4 S -2'
#
# COMPACT_ATOMS: atom_id res chain seq x y z
N MSE A 4 13.57 -49.89 -47.89
CA MSE A 4 14.60 -50.69 -47.23
C MSE A 4 15.19 -49.97 -46.03
O MSE A 4 15.07 -48.76 -45.90
CB MSE A 4 15.71 -51.04 -48.23
CG MSE A 4 16.44 -49.83 -48.79
SE MSE A 4 18.00 -50.29 -49.86
CE MSE A 4 17.12 -51.44 -51.17
N ARG A 5 15.85 -50.74 -45.16
CA ARG A 5 16.55 -50.17 -44.01
C ARG A 5 17.98 -50.68 -44.00
N LEU A 6 18.93 -49.76 -43.87
CA LEU A 6 20.34 -50.09 -43.73
C LEU A 6 20.70 -50.05 -42.25
N TRP A 7 21.13 -51.18 -41.71
CA TRP A 7 21.64 -51.25 -40.34
C TRP A 7 23.14 -51.05 -40.40
N LEU A 8 23.62 -49.96 -39.80
CA LEU A 8 25.03 -49.57 -39.90
C LEU A 8 25.77 -49.98 -38.64
N ILE A 9 26.90 -50.68 -38.82
CA ILE A 9 27.76 -51.07 -37.71
C ILE A 9 29.20 -50.75 -38.11
N ARG A 10 29.87 -49.93 -37.30
CA ARG A 10 31.29 -49.71 -37.44
C ARG A 10 32.04 -50.77 -36.64
N HIS A 11 33.16 -51.23 -37.19
CA HIS A 11 33.95 -52.27 -36.55
C HIS A 11 34.41 -51.82 -35.15
N GLY A 12 34.67 -52.81 -34.30
CA GLY A 12 35.04 -52.55 -32.94
C GLY A 12 36.42 -51.92 -32.81
N GLU A 13 36.80 -51.68 -31.56
CA GLU A 13 38.10 -51.06 -31.27
C GLU A 13 39.24 -51.91 -31.81
N THR A 14 40.29 -51.24 -32.28
CA THR A 14 41.47 -51.91 -32.82
C THR A 14 42.71 -51.36 -32.13
N GLN A 15 43.83 -52.06 -32.32
CA GLN A 15 45.07 -51.65 -31.67
C GLN A 15 45.55 -50.30 -32.18
N ALA A 16 45.32 -50.02 -33.46
CA ALA A 16 45.69 -48.70 -34.00
C ALA A 16 44.91 -47.59 -33.30
N ASN A 17 43.64 -47.84 -32.98
CA ASN A 17 42.86 -46.87 -32.22
C ASN A 17 43.48 -46.66 -30.84
N VAL A 18 43.83 -47.76 -30.17
CA VAL A 18 44.48 -47.65 -28.86
C VAL A 18 45.75 -46.82 -28.96
N ASP A 19 46.51 -47.00 -30.04
CA ASP A 19 47.77 -46.31 -30.24
C ASP A 19 47.63 -45.01 -31.02
N GLY A 20 46.40 -44.55 -31.25
CA GLY A 20 46.18 -43.28 -31.92
C GLY A 20 46.78 -43.20 -33.31
N LEU A 21 46.85 -44.31 -34.03
CA LEU A 21 47.49 -44.37 -35.32
C LEU A 21 46.46 -44.25 -36.44
N TYR A 22 46.93 -43.80 -37.60
CA TYR A 22 46.13 -43.88 -38.82
C TYR A 22 45.99 -45.34 -39.21
N SER A 23 44.76 -45.76 -39.50
CA SER A 23 44.50 -47.17 -39.77
C SER A 23 44.57 -47.48 -41.25
N GLY A 24 43.63 -46.94 -42.03
CA GLY A 24 43.65 -47.18 -43.46
C GLY A 24 43.40 -48.63 -43.79
N HIS A 25 44.09 -49.11 -44.82
CA HIS A 25 43.93 -50.49 -45.26
C HIS A 25 44.77 -51.47 -44.47
N ALA A 26 45.60 -51.00 -43.55
CA ALA A 26 46.51 -51.89 -42.83
C ALA A 26 45.72 -52.88 -41.97
N PRO A 27 46.18 -54.12 -41.85
CA PRO A 27 45.46 -55.13 -41.05
C PRO A 27 45.72 -55.01 -39.55
N THR A 28 45.12 -53.99 -38.95
CA THR A 28 45.32 -53.93 -37.50
C THR A 28 44.25 -54.77 -36.80
N PRO A 29 44.62 -55.50 -35.75
CA PRO A 29 43.69 -56.46 -35.15
C PRO A 29 42.71 -55.79 -34.20
N LEU A 30 41.57 -56.47 -34.01
CA LEU A 30 40.62 -56.06 -33.00
C LEU A 30 41.18 -56.30 -31.61
N THR A 31 40.93 -55.36 -30.71
CA THR A 31 41.28 -55.51 -29.30
C THR A 31 40.15 -56.22 -28.57
N ALA A 32 40.50 -56.93 -27.49
CA ALA A 32 39.53 -57.64 -26.67
C ALA A 32 38.29 -56.81 -26.39
N ARG A 33 38.43 -55.49 -26.30
CA ARG A 33 37.27 -54.61 -26.19
C ARG A 33 36.46 -54.62 -27.47
N GLY A 34 37.12 -54.64 -28.63
CA GLY A 34 36.41 -54.70 -29.90
C GLY A 34 35.69 -56.01 -30.12
N ILE A 35 36.25 -57.13 -29.64
CA ILE A 35 35.50 -58.38 -29.65
C ILE A 35 34.28 -58.27 -28.73
N GLU A 36 34.46 -57.68 -27.54
CA GLU A 36 33.33 -57.49 -26.63
C GLU A 36 32.26 -56.60 -27.25
N GLN A 37 32.68 -55.56 -27.97
CA GLN A 37 31.73 -54.68 -28.62
C GLN A 37 30.92 -55.42 -29.69
N ALA A 38 31.60 -56.27 -30.47
CA ALA A 38 30.90 -57.00 -31.53
C ALA A 38 30.02 -58.10 -30.96
N GLN A 39 30.50 -58.78 -29.91
CA GLN A 39 29.71 -59.84 -29.29
C GLN A 39 28.44 -59.29 -28.67
N ASN A 40 28.55 -58.13 -27.99
CA ASN A 40 27.36 -57.48 -27.45
C ASN A 40 26.40 -57.08 -28.56
N LEU A 41 26.94 -56.59 -29.68
CA LEU A 41 26.10 -56.23 -30.82
C LEU A 41 25.37 -57.43 -31.37
N HIS A 42 25.99 -58.61 -31.32
CA HIS A 42 25.32 -59.82 -31.79
C HIS A 42 24.04 -60.08 -31.03
N THR A 43 24.07 -59.92 -29.71
CA THR A 43 22.85 -60.09 -28.92
C THR A 43 21.93 -58.89 -29.04
N LEU A 44 22.48 -57.71 -29.31
CA LEU A 44 21.64 -56.51 -29.41
C LEU A 44 20.75 -56.57 -30.64
N LEU A 45 21.18 -57.26 -31.69
CA LEU A 45 20.44 -57.38 -32.95
C LEU A 45 20.16 -58.84 -33.29
N ASP A 46 20.01 -59.69 -32.28
CA ASP A 46 19.73 -61.09 -32.53
C ASP A 46 18.37 -61.28 -33.18
N ASP A 47 17.38 -60.51 -32.74
CA ASP A 47 16.01 -60.64 -33.23
C ASP A 47 15.71 -59.76 -34.42
N VAL A 48 16.72 -59.13 -35.01
CA VAL A 48 16.55 -58.37 -36.23
C VAL A 48 16.80 -59.30 -37.41
N SER A 49 15.77 -59.51 -38.23
CA SER A 49 15.82 -60.48 -39.31
C SER A 49 16.46 -59.84 -40.54
N PHE A 50 17.78 -59.92 -40.60
CA PHE A 50 18.49 -59.46 -41.78
C PHE A 50 18.29 -60.44 -42.94
N ASP A 51 18.38 -59.90 -44.16
CA ASP A 51 18.37 -60.72 -45.36
C ASP A 51 19.58 -60.45 -46.24
N LEU A 52 20.49 -59.58 -45.82
CA LEU A 52 21.69 -59.27 -46.59
C LEU A 52 22.72 -58.64 -45.67
N VAL A 53 23.98 -58.98 -45.89
CA VAL A 53 25.10 -58.39 -45.16
C VAL A 53 26.11 -57.89 -46.18
N LEU A 54 26.44 -56.60 -46.11
CA LEU A 54 27.47 -56.00 -46.95
C LEU A 54 28.61 -55.56 -46.03
N CYS A 55 29.82 -55.96 -46.36
CA CYS A 55 30.97 -55.77 -45.48
C CYS A 55 32.15 -55.25 -46.28
N SER A 56 33.01 -54.48 -45.61
CA SER A 56 34.23 -54.03 -46.24
C SER A 56 35.23 -55.19 -46.33
N GLU A 57 36.22 -55.01 -47.21
CA GLU A 57 37.23 -56.05 -47.39
C GLU A 57 38.13 -56.20 -46.17
N LEU A 58 38.37 -55.11 -45.45
CA LEU A 58 39.36 -55.14 -44.37
C LEU A 58 38.92 -56.08 -43.26
N GLU A 59 39.88 -56.87 -42.76
CA GLU A 59 39.53 -58.00 -41.90
C GLU A 59 38.95 -57.54 -40.56
N ARG A 60 39.31 -56.35 -40.09
CA ARG A 60 38.70 -55.86 -38.86
C ARG A 60 37.20 -55.71 -39.00
N ALA A 61 36.72 -55.40 -40.21
CA ALA A 61 35.28 -55.35 -40.45
C ALA A 61 34.69 -56.74 -40.59
N GLN A 62 35.41 -57.65 -41.25
CA GLN A 62 34.93 -59.02 -41.39
C GLN A 62 34.96 -59.76 -40.06
N HIS A 63 36.01 -59.54 -39.26
CA HIS A 63 36.04 -60.10 -37.91
C HIS A 63 34.83 -59.64 -37.12
N THR A 64 34.46 -58.36 -37.26
CA THR A 64 33.26 -57.86 -36.58
C THR A 64 32.01 -58.53 -37.12
N ALA A 65 31.88 -58.61 -38.45
CA ALA A 65 30.69 -59.21 -39.04
C ALA A 65 30.52 -60.67 -38.63
N ARG A 66 31.63 -61.38 -38.41
CA ARG A 66 31.54 -62.75 -37.93
C ARG A 66 30.94 -62.80 -36.53
N LEU A 67 31.40 -61.93 -35.64
CA LEU A 67 30.97 -61.97 -34.26
C LEU A 67 29.53 -61.52 -34.10
N VAL A 68 29.11 -60.51 -34.87
CA VAL A 68 27.72 -60.06 -34.82
C VAL A 68 26.80 -61.14 -35.37
N LEU A 69 27.19 -61.72 -36.49
CA LEU A 69 26.43 -62.77 -37.12
C LEU A 69 26.39 -64.09 -36.36
N SER A 70 27.51 -64.53 -35.80
CA SER A 70 27.55 -65.80 -35.06
C SER A 70 27.09 -67.02 -35.89
N ASP A 71 26.10 -67.75 -35.41
CA ASP A 71 25.63 -68.95 -36.08
C ASP A 71 24.53 -68.70 -37.11
N ARG A 72 24.22 -67.43 -37.35
CA ARG A 72 23.10 -67.05 -38.21
C ARG A 72 23.08 -67.47 -39.66
N GLN A 73 24.24 -67.70 -40.26
CA GLN A 73 24.37 -68.13 -41.67
C GLN A 73 23.75 -67.24 -42.75
N LEU A 74 24.00 -65.94 -42.70
CA LEU A 74 23.45 -65.02 -43.68
C LEU A 74 24.44 -64.76 -44.81
N PRO A 75 23.96 -64.41 -46.00
CA PRO A 75 24.88 -64.13 -47.12
C PRO A 75 25.64 -62.84 -46.89
N VAL A 76 26.95 -62.89 -47.12
CA VAL A 76 27.86 -61.78 -46.85
C VAL A 76 28.51 -61.37 -48.15
N HIS A 77 28.21 -60.15 -48.62
CA HIS A 77 28.88 -59.57 -49.77
C HIS A 77 30.05 -58.72 -49.28
N ILE A 78 31.22 -58.91 -49.90
CA ILE A 78 32.39 -58.11 -49.60
C ILE A 78 32.46 -56.99 -50.63
N ILE A 79 32.17 -55.77 -50.21
CA ILE A 79 32.10 -54.62 -51.09
C ILE A 79 33.38 -53.80 -50.91
N PRO A 80 34.24 -53.68 -51.93
CA PRO A 80 35.45 -52.86 -51.77
C PRO A 80 35.16 -51.38 -51.63
N GLU A 81 33.99 -50.92 -52.08
CA GLU A 81 33.61 -49.53 -51.89
C GLU A 81 33.44 -49.19 -50.41
N LEU A 82 33.13 -50.18 -49.58
CA LEU A 82 32.97 -49.98 -48.14
C LEU A 82 34.29 -49.93 -47.40
N ASN A 83 35.42 -50.04 -48.10
CA ASN A 83 36.72 -50.06 -47.46
C ASN A 83 37.05 -48.71 -46.84
N GLU A 84 37.88 -48.74 -45.80
CA GLU A 84 38.46 -47.53 -45.26
C GLU A 84 39.28 -46.82 -46.34
N MSE A 85 39.42 -45.51 -46.19
CA MSE A 85 40.29 -44.73 -47.05
C MSE A 85 41.70 -45.29 -47.00
O MSE A 85 42.17 -45.71 -45.94
CB MSE A 85 40.28 -43.27 -46.63
CG MSE A 85 40.61 -42.29 -47.74
SE MSE A 85 40.45 -40.44 -47.15
CE MSE A 85 42.30 -40.12 -46.65
N PHE A 86 42.39 -45.31 -48.15
CA PHE A 86 43.75 -45.81 -48.22
C PHE A 86 44.71 -44.65 -47.97
N PHE A 87 45.40 -44.68 -46.83
CA PHE A 87 46.28 -43.59 -46.43
C PHE A 87 47.70 -43.73 -46.94
N GLY A 88 47.99 -44.79 -47.72
CA GLY A 88 49.29 -44.87 -48.36
C GLY A 88 50.42 -45.04 -47.36
N ASP A 89 51.42 -44.17 -47.47
CA ASP A 89 52.60 -44.26 -46.61
C ASP A 89 52.28 -43.89 -45.16
N TRP A 90 51.14 -43.26 -44.91
CA TRP A 90 50.81 -42.75 -43.58
C TRP A 90 50.14 -43.78 -42.68
N GLU A 91 49.89 -44.99 -43.17
CA GLU A 91 49.19 -45.99 -42.38
C GLU A 91 50.09 -46.53 -41.27
N MSE A 92 49.46 -46.92 -40.16
CA MSE A 92 50.15 -47.39 -38.95
C MSE A 92 51.18 -46.39 -38.45
O MSE A 92 52.23 -46.78 -37.94
CB MSE A 92 50.83 -48.74 -39.20
CG MSE A 92 49.87 -49.83 -39.61
SE MSE A 92 48.39 -49.97 -38.35
CE MSE A 92 49.24 -51.07 -36.97
N ARG A 93 50.88 -45.09 -38.58
CA ARG A 93 51.76 -44.04 -38.12
C ARG A 93 50.93 -42.97 -37.42
N HIS A 94 51.59 -42.22 -36.53
CA HIS A 94 50.92 -41.30 -35.64
C HIS A 94 50.99 -39.87 -36.16
N HIS A 95 50.03 -39.06 -35.72
CA HIS A 95 49.94 -37.67 -36.14
C HIS A 95 51.19 -36.89 -35.78
N ARG A 96 51.71 -37.06 -34.57
CA ARG A 96 52.89 -36.30 -34.15
C ARG A 96 54.08 -36.63 -35.04
N ASP A 97 54.34 -37.91 -35.28
CA ASP A 97 55.49 -38.31 -36.08
C ASP A 97 55.35 -37.84 -37.52
N LEU A 98 54.13 -37.76 -38.03
CA LEU A 98 53.94 -37.42 -39.44
C LEU A 98 54.23 -35.96 -39.72
N MSE A 99 54.04 -35.08 -38.73
CA MSE A 99 54.27 -33.65 -38.91
C MSE A 99 55.77 -33.34 -38.96
O MSE A 99 56.17 -32.27 -39.40
CB MSE A 99 53.62 -32.86 -37.76
CG MSE A 99 52.10 -32.85 -37.80
SE MSE A 99 51.38 -31.05 -37.64
CE MSE A 99 52.08 -30.27 -39.27
N GLN A 100 56.57 -34.29 -38.49
CA GLN A 100 58.02 -34.16 -38.54
C GLN A 100 58.67 -34.95 -39.67
N GLU A 101 58.20 -36.18 -39.92
CA GLU A 101 58.82 -37.01 -40.95
C GLU A 101 58.35 -36.66 -42.35
N ASP A 102 57.12 -36.14 -42.49
CA ASP A 102 56.55 -35.77 -43.78
C ASP A 102 55.81 -34.44 -43.62
N ALA A 103 56.54 -33.39 -43.26
CA ALA A 103 55.92 -32.15 -42.80
C ALA A 103 55.04 -31.53 -43.88
N GLU A 104 55.58 -31.30 -45.07
CA GLU A 104 54.85 -30.53 -46.08
C GLU A 104 53.61 -31.27 -46.56
N ASN A 105 53.75 -32.53 -46.98
CA ASN A 105 52.61 -33.28 -47.47
C ASN A 105 51.57 -33.48 -46.38
N TYR A 106 52.00 -33.65 -45.13
CA TYR A 106 51.06 -33.87 -44.04
C TYR A 106 50.39 -32.57 -43.60
N SER A 107 51.13 -31.45 -43.60
CA SER A 107 50.53 -30.15 -43.30
C SER A 107 49.48 -29.79 -44.34
N ALA A 108 49.76 -30.08 -45.61
CA ALA A 108 48.78 -29.82 -46.66
C ALA A 108 47.52 -30.64 -46.45
N TRP A 109 47.66 -31.83 -45.86
CA TRP A 109 46.49 -32.64 -45.53
C TRP A 109 45.75 -32.10 -44.33
N CYS A 110 46.48 -31.74 -43.27
CA CYS A 110 45.82 -31.20 -42.07
C CYS A 110 45.11 -29.89 -42.37
N ASN A 111 45.63 -29.10 -43.31
CA ASN A 111 45.05 -27.80 -43.64
C ASN A 111 44.03 -27.88 -44.77
N ASP A 112 43.92 -29.02 -45.47
CA ASP A 112 43.01 -29.16 -46.60
C ASP A 112 42.73 -30.65 -46.78
N TRP A 113 42.02 -31.22 -45.80
CA TRP A 113 41.76 -32.67 -45.81
C TRP A 113 40.85 -33.09 -46.97
N GLN A 114 40.12 -32.16 -47.58
CA GLN A 114 39.18 -32.53 -48.60
C GLN A 114 39.81 -32.73 -49.98
N HIS A 115 40.95 -32.09 -50.20
CA HIS A 115 41.64 -32.18 -51.47
C HIS A 115 43.08 -32.69 -51.49
N ALA A 116 43.76 -32.63 -50.35
CA ALA A 116 45.14 -33.09 -50.28
C ALA A 116 45.19 -34.62 -50.24
N ILE A 117 46.17 -35.18 -50.93
CA ILE A 117 46.30 -36.62 -51.09
C ILE A 117 47.28 -37.14 -50.05
N PRO A 118 46.90 -38.09 -49.21
CA PRO A 118 47.89 -38.74 -48.33
C PRO A 118 49.00 -39.36 -49.16
N THR A 119 50.23 -39.25 -48.65
CA THR A 119 51.41 -39.63 -49.40
C THR A 119 51.31 -41.05 -49.95
N ASN A 120 51.22 -41.16 -51.28
CA ASN A 120 51.07 -42.42 -51.99
C ASN A 120 49.80 -43.16 -51.55
N GLY A 121 48.75 -42.40 -51.23
CA GLY A 121 47.47 -42.99 -50.89
C GLY A 121 46.36 -42.47 -51.77
N GLU A 122 45.13 -42.50 -51.28
CA GLU A 122 43.97 -41.98 -52.01
C GLU A 122 43.39 -40.78 -51.26
N GLY A 123 42.99 -39.77 -52.03
CA GLY A 123 42.42 -38.57 -51.44
C GLY A 123 40.94 -38.71 -51.14
N PHE A 124 40.42 -37.70 -50.44
CA PHE A 124 39.01 -37.73 -50.07
C PHE A 124 38.09 -37.68 -51.29
N GLN A 125 38.57 -37.12 -52.40
CA GLN A 125 37.76 -37.08 -53.60
C GLN A 125 37.52 -38.48 -54.16
N ALA A 126 38.57 -39.29 -54.25
CA ALA A 126 38.40 -40.66 -54.72
C ALA A 126 37.62 -41.49 -53.70
N PHE A 127 37.86 -41.25 -52.41
CA PHE A 127 37.14 -41.98 -51.37
C PHE A 127 35.65 -41.66 -51.41
N SER A 128 35.31 -40.36 -51.49
CA SER A 128 33.90 -39.98 -51.50
C SER A 128 33.21 -40.40 -52.78
N GLN A 129 33.96 -40.54 -53.89
CA GLN A 129 33.37 -41.05 -55.11
C GLN A 129 33.09 -42.55 -55.01
N ARG A 130 33.94 -43.27 -54.28
CA ARG A 130 33.69 -44.69 -54.03
C ARG A 130 32.37 -44.88 -53.30
N VAL A 131 32.14 -44.08 -52.25
CA VAL A 131 30.90 -44.18 -51.50
C VAL A 131 29.71 -43.76 -52.35
N GLU A 132 29.91 -42.77 -53.23
CA GLU A 132 28.84 -42.37 -54.14
C GLU A 132 28.46 -43.52 -55.07
N ARG A 133 29.45 -44.29 -55.55
CA ARG A 133 29.14 -45.43 -56.39
C ARG A 133 28.39 -46.50 -55.61
N PHE A 134 28.74 -46.70 -54.35
CA PHE A 134 28.00 -47.64 -53.51
C PHE A 134 26.56 -47.19 -53.35
N ILE A 135 26.34 -45.90 -53.15
CA ILE A 135 24.98 -45.37 -53.03
C ILE A 135 24.20 -45.64 -54.31
N ALA A 136 24.82 -45.38 -55.46
CA ALA A 136 24.16 -45.62 -56.74
C ALA A 136 23.86 -47.09 -56.98
N ARG A 137 24.54 -47.99 -56.26
CA ARG A 137 24.34 -49.43 -56.39
C ARG A 137 23.20 -49.97 -55.53
N LEU A 138 22.60 -49.13 -54.69
CA LEU A 138 21.60 -49.63 -53.75
C LEU A 138 20.35 -50.12 -54.45
N SER A 139 20.04 -49.55 -55.62
CA SER A 139 18.89 -50.01 -56.40
C SER A 139 19.04 -51.48 -56.78
N GLU A 140 20.28 -51.95 -56.89
CA GLU A 140 20.53 -53.35 -57.19
C GLU A 140 20.12 -54.27 -56.04
N TYR A 141 19.98 -53.74 -54.82
CA TYR A 141 19.50 -54.50 -53.67
C TYR A 141 18.05 -54.20 -53.33
N GLN A 142 17.27 -53.72 -54.31
CA GLN A 142 15.92 -53.25 -54.04
C GLN A 142 14.99 -54.32 -53.49
N HIS A 143 15.35 -55.59 -53.60
CA HIS A 143 14.47 -56.67 -53.14
C HIS A 143 14.77 -57.11 -51.71
N TYR A 144 15.65 -56.41 -51.01
CA TYR A 144 15.97 -56.71 -49.63
C TYR A 144 15.36 -55.66 -48.70
N GLN A 145 15.09 -56.07 -47.47
CA GLN A 145 14.39 -55.22 -46.50
C GLN A 145 15.28 -54.75 -45.36
N ASN A 146 16.18 -55.60 -44.86
CA ASN A 146 17.02 -55.26 -43.71
C ASN A 146 18.47 -55.64 -44.04
N ILE A 147 19.20 -54.70 -44.61
CA ILE A 147 20.59 -54.90 -45.02
C ILE A 147 21.49 -54.39 -43.91
N LEU A 148 22.35 -55.25 -43.41
CA LEU A 148 23.35 -54.86 -42.42
C LEU A 148 24.64 -54.48 -43.11
N ILE A 149 25.20 -53.33 -42.76
CA ILE A 149 26.43 -52.82 -43.35
C ILE A 149 27.48 -52.74 -42.26
N VAL A 150 28.59 -53.48 -42.44
CA VAL A 150 29.71 -53.48 -41.53
C VAL A 150 30.86 -52.75 -42.22
N SER A 151 31.23 -51.58 -41.71
CA SER A 151 32.24 -50.76 -42.37
C SER A 151 33.03 -49.94 -41.36
N HIS A 152 33.39 -48.72 -41.75
CA HIS A 152 34.31 -47.87 -40.98
C HIS A 152 33.68 -46.52 -40.73
N GLN A 153 34.35 -45.74 -39.88
CA GLN A 153 33.81 -44.46 -39.44
C GLN A 153 33.64 -43.48 -40.60
N GLY A 154 34.67 -43.36 -41.44
CA GLY A 154 34.60 -42.43 -42.56
C GLY A 154 33.57 -42.83 -43.59
N VAL A 155 33.46 -44.13 -43.87
CA VAL A 155 32.50 -44.60 -44.86
C VAL A 155 31.08 -44.39 -44.38
N LEU A 156 30.78 -44.83 -43.15
CA LEU A 156 29.40 -44.82 -42.67
C LEU A 156 28.93 -43.41 -42.39
N SER A 157 29.80 -42.56 -41.84
CA SER A 157 29.41 -41.17 -41.58
C SER A 157 29.14 -40.44 -42.88
N LEU A 158 29.96 -40.67 -43.91
CA LEU A 158 29.73 -40.05 -45.21
C LEU A 158 28.53 -40.67 -45.91
N LEU A 159 28.26 -41.96 -45.66
CA LEU A 159 27.07 -42.58 -46.22
C LEU A 159 25.82 -41.89 -45.70
N ILE A 160 25.75 -41.67 -44.39
CA ILE A 160 24.61 -40.96 -43.80
C ILE A 160 24.47 -39.59 -44.44
N ALA A 161 25.56 -38.83 -44.50
CA ALA A 161 25.50 -37.45 -44.98
C ALA A 161 25.01 -37.37 -46.43
N ARG A 162 25.54 -38.25 -47.30
CA ARG A 162 25.15 -38.18 -48.71
C ARG A 162 23.72 -38.68 -48.93
N LEU A 163 23.29 -39.66 -48.13
CA LEU A 163 21.94 -40.21 -48.32
C LEU A 163 20.86 -39.18 -48.03
N ILE A 164 21.07 -38.35 -47.01
CA ILE A 164 20.06 -37.36 -46.64
C ILE A 164 20.29 -36.07 -47.41
N GLY A 165 21.18 -36.11 -48.40
CA GLY A 165 21.31 -35.02 -49.35
C GLY A 165 22.25 -33.91 -48.95
N MSE A 166 23.25 -34.19 -48.13
CA MSE A 166 24.23 -33.17 -47.75
C MSE A 166 25.56 -33.37 -48.46
O MSE A 166 25.88 -34.47 -48.89
CB MSE A 166 24.45 -33.16 -46.23
CG MSE A 166 23.21 -33.23 -45.38
SE MSE A 166 23.64 -33.59 -43.51
CE MSE A 166 24.21 -31.83 -42.96
N PRO A 167 26.34 -32.29 -48.59
CA PRO A 167 27.67 -32.42 -49.20
C PRO A 167 28.57 -33.33 -48.40
N ALA A 168 29.65 -33.78 -49.06
CA ALA A 168 30.56 -34.73 -48.42
C ALA A 168 31.24 -34.13 -47.19
N GLU A 169 31.38 -32.80 -47.16
CA GLU A 169 32.10 -32.17 -46.05
C GLU A 169 31.36 -32.34 -44.72
N SER A 170 30.03 -32.32 -44.75
CA SER A 170 29.23 -32.41 -43.55
C SER A 170 29.08 -33.84 -43.02
N MSE A 171 29.97 -34.75 -43.40
CA MSE A 171 29.97 -36.11 -42.87
C MSE A 171 30.31 -36.09 -41.39
O MSE A 171 29.97 -37.03 -40.66
CB MSE A 171 30.97 -36.98 -43.61
CG MSE A 171 32.38 -36.43 -43.59
SE MSE A 171 33.65 -37.59 -44.51
CE MSE A 171 34.02 -38.87 -43.09
N TRP A 172 30.95 -35.02 -40.94
CA TRP A 172 31.44 -34.92 -39.58
C TRP A 172 30.37 -34.49 -38.58
N HIS A 173 29.14 -34.26 -39.04
CA HIS A 173 28.02 -34.05 -38.12
C HIS A 173 27.48 -35.36 -37.56
N PHE A 174 27.92 -36.51 -38.08
CA PHE A 174 27.42 -37.82 -37.69
C PHE A 174 28.61 -38.74 -37.41
N ARG A 175 29.21 -38.60 -36.23
CA ARG A 175 30.25 -39.53 -35.83
C ARG A 175 29.62 -40.88 -35.49
N VAL A 176 30.16 -41.93 -36.10
CA VAL A 176 29.66 -43.30 -35.91
C VAL A 176 30.56 -44.00 -34.92
N ASP A 177 29.98 -44.48 -33.82
CA ASP A 177 30.70 -44.97 -32.67
C ASP A 177 30.90 -46.48 -32.71
N GLN A 178 31.91 -46.94 -31.98
CA GLN A 178 32.19 -48.36 -31.85
C GLN A 178 31.37 -48.95 -30.72
N GLY A 179 30.96 -50.21 -30.89
CA GLY A 179 30.06 -50.85 -29.96
C GLY A 179 28.62 -50.41 -30.07
N CYS A 180 28.29 -49.64 -31.11
CA CYS A 180 26.94 -49.13 -31.34
C CYS A 180 26.45 -49.57 -32.72
N TRP A 181 25.17 -49.33 -32.96
CA TRP A 181 24.58 -49.59 -34.26
C TRP A 181 23.65 -48.44 -34.63
N SER A 182 23.53 -48.21 -35.94
CA SER A 182 22.67 -47.17 -36.48
C SER A 182 21.79 -47.75 -37.58
N ALA A 183 20.72 -47.03 -37.92
CA ALA A 183 19.82 -47.48 -38.97
C ALA A 183 19.28 -46.27 -39.73
N ILE A 184 19.23 -46.40 -41.04
CA ILE A 184 18.70 -45.40 -41.93
C ILE A 184 17.71 -46.02 -42.91
N ASP A 185 16.53 -45.41 -43.06
CA ASP A 185 15.50 -45.92 -43.96
C ASP A 185 15.52 -45.16 -45.27
N ILE A 186 15.35 -45.88 -46.38
CA ILE A 186 15.30 -45.29 -47.71
C ILE A 186 14.04 -45.78 -48.40
N ASN A 187 13.24 -44.84 -48.92
CA ASN A 187 12.05 -45.18 -49.69
C ASN A 187 11.93 -44.16 -50.82
N GLN A 188 11.94 -44.65 -52.05
CA GLN A 188 11.98 -43.81 -53.24
C GLN A 188 13.17 -42.85 -53.18
N LYS A 189 14.29 -43.38 -52.70
CA LYS A 189 15.56 -42.67 -52.57
C LYS A 189 15.45 -41.47 -51.64
N PHE A 190 14.40 -41.42 -50.82
CA PHE A 190 14.32 -40.46 -49.72
C PHE A 190 14.81 -41.15 -48.45
N ALA A 191 15.90 -40.66 -47.89
CA ALA A 191 16.54 -41.29 -46.75
C ALA A 191 16.08 -40.63 -45.45
N THR A 192 15.75 -41.46 -44.46
CA THR A 192 15.37 -41.01 -43.13
C THR A 192 16.29 -41.65 -42.12
N LEU A 193 17.05 -40.83 -41.41
CA LEU A 193 17.92 -41.33 -40.34
C LEU A 193 17.06 -41.59 -39.10
N ARG A 194 17.00 -42.84 -38.67
CA ARG A 194 16.10 -43.25 -37.59
C ARG A 194 16.79 -43.55 -36.28
N VAL A 195 18.00 -44.14 -36.32
CA VAL A 195 18.74 -44.49 -35.11
C VAL A 195 20.21 -44.19 -35.37
N LEU A 196 20.88 -43.59 -34.38
CA LEU A 196 22.30 -43.29 -34.48
C LEU A 196 22.98 -43.67 -33.17
N ASN A 197 23.95 -44.58 -33.25
CA ASN A 197 24.83 -44.92 -32.13
C ASN A 197 24.02 -45.42 -30.94
N SER A 198 23.20 -46.44 -31.18
CA SER A 198 22.42 -47.05 -30.13
C SER A 198 23.17 -48.23 -29.52
N ARG A 199 22.94 -48.44 -28.22
CA ARG A 199 23.39 -49.64 -27.52
C ARG A 199 22.22 -50.43 -26.96
N ALA A 200 21.01 -50.18 -27.47
CA ALA A 200 19.83 -50.90 -27.04
C ALA A 200 19.56 -52.08 -27.96
N ILE A 201 18.62 -52.94 -27.54
CA ILE A 201 18.21 -54.06 -28.36
C ILE A 201 17.48 -53.53 -29.59
N GLY A 202 17.89 -53.99 -30.77
CA GLY A 202 17.25 -53.55 -31.99
C GLY A 202 15.82 -54.05 -32.09
N VAL A 203 15.01 -53.29 -32.83
CA VAL A 203 13.64 -53.67 -33.13
C VAL A 203 13.41 -53.39 -34.61
N GLU A 204 13.01 -54.42 -35.34
CA GLU A 204 12.79 -54.27 -36.78
C GLU A 204 11.64 -53.29 -37.04
N ASN A 205 11.78 -52.50 -38.10
CA ASN A 205 10.77 -51.52 -38.47
C ASN A 205 10.04 -51.93 -39.74
N MSE B 4 29.04 -28.17 -24.61
CA MSE B 4 27.60 -28.21 -24.34
C MSE B 4 26.93 -29.37 -25.05
O MSE B 4 27.11 -29.55 -26.26
CB MSE B 4 26.95 -26.90 -24.75
CG MSE B 4 25.49 -26.77 -24.31
SE MSE B 4 24.77 -25.00 -24.67
CE MSE B 4 24.13 -25.28 -26.50
N ARG B 5 26.14 -30.14 -24.31
CA ARG B 5 25.40 -31.27 -24.86
C ARG B 5 23.91 -31.05 -24.64
N LEU B 6 23.13 -31.24 -25.70
CA LEU B 6 21.67 -31.13 -25.65
C LEU B 6 21.09 -32.53 -25.66
N TRP B 7 20.47 -32.93 -24.55
CA TRP B 7 19.75 -34.19 -24.47
C TRP B 7 18.31 -33.94 -24.87
N LEU B 8 17.89 -34.53 -25.98
CA LEU B 8 16.59 -34.27 -26.57
C LEU B 8 15.64 -35.42 -26.29
N ILE B 9 14.45 -35.08 -25.77
CA ILE B 9 13.43 -36.08 -25.44
C ILE B 9 12.09 -35.58 -25.96
N ARG B 10 11.44 -36.39 -26.78
CA ARG B 10 10.07 -36.13 -27.21
C ARG B 10 9.11 -36.74 -26.19
N HIS B 11 8.01 -36.04 -25.94
CA HIS B 11 7.04 -36.48 -24.94
C HIS B 11 6.51 -37.88 -25.28
N GLY B 12 5.99 -38.55 -24.26
CA GLY B 12 5.50 -39.90 -24.43
C GLY B 12 4.24 -39.96 -25.28
N GLU B 13 3.83 -41.18 -25.58
CA GLU B 13 2.64 -41.39 -26.39
C GLU B 13 1.41 -40.84 -25.68
N THR B 14 0.66 -40.01 -26.40
CA THR B 14 -0.58 -39.44 -25.90
C THR B 14 -1.77 -40.16 -26.51
N GLN B 15 -2.95 -39.87 -25.96
CA GLN B 15 -4.17 -40.44 -26.53
C GLN B 15 -4.38 -39.99 -27.97
N ALA B 16 -3.94 -38.78 -28.30
CA ALA B 16 -4.08 -38.28 -29.66
C ALA B 16 -3.21 -39.08 -30.63
N ASN B 17 -2.03 -39.49 -30.18
CA ASN B 17 -1.23 -40.42 -30.98
C ASN B 17 -1.98 -41.72 -31.21
N VAL B 18 -2.64 -42.23 -30.18
CA VAL B 18 -3.36 -43.50 -30.31
C VAL B 18 -4.43 -43.38 -31.41
N ASP B 19 -5.21 -42.30 -31.38
CA ASP B 19 -6.30 -42.12 -32.33
C ASP B 19 -5.82 -41.59 -33.68
N GLY B 20 -4.53 -41.34 -33.85
CA GLY B 20 -4.02 -40.81 -35.10
C GLY B 20 -4.45 -39.39 -35.41
N LEU B 21 -4.70 -38.59 -34.37
CA LEU B 21 -5.18 -37.23 -34.57
C LEU B 21 -4.01 -36.25 -34.61
N TYR B 22 -4.25 -35.11 -35.24
CA TYR B 22 -3.27 -34.02 -35.23
C TYR B 22 -3.24 -33.39 -33.85
N SER B 23 -2.07 -33.36 -33.23
CA SER B 23 -1.88 -32.79 -31.90
C SER B 23 -1.10 -31.49 -32.05
N GLY B 24 -1.76 -30.37 -31.80
CA GLY B 24 -1.09 -29.10 -31.77
C GLY B 24 -0.97 -28.59 -30.35
N HIS B 25 -1.58 -27.45 -30.07
CA HIS B 25 -1.62 -26.94 -28.70
C HIS B 25 -2.74 -27.56 -27.88
N ALA B 26 -3.68 -28.25 -28.50
CA ALA B 26 -4.79 -28.83 -27.77
C ALA B 26 -4.29 -29.91 -26.81
N PRO B 27 -4.81 -29.95 -25.59
CA PRO B 27 -4.29 -30.91 -24.62
C PRO B 27 -4.75 -32.33 -24.93
N THR B 28 -3.80 -33.27 -24.83
CA THR B 28 -4.10 -34.68 -24.88
C THR B 28 -3.28 -35.36 -23.79
N PRO B 29 -3.87 -36.29 -23.06
CA PRO B 29 -3.17 -36.88 -21.91
C PRO B 29 -2.17 -37.94 -22.34
N LEU B 30 -1.14 -38.11 -21.51
CA LEU B 30 -0.21 -39.21 -21.68
C LEU B 30 -0.90 -40.53 -21.40
N THR B 31 -0.79 -41.48 -22.33
CA THR B 31 -1.34 -42.80 -22.11
C THR B 31 -0.50 -43.55 -21.07
N ALA B 32 -1.04 -44.67 -20.61
CA ALA B 32 -0.28 -45.52 -19.68
C ALA B 32 1.07 -45.90 -20.27
N ARG B 33 1.11 -46.17 -21.58
CA ARG B 33 2.39 -46.41 -22.25
C ARG B 33 3.22 -45.13 -22.33
N GLY B 34 2.56 -43.98 -22.54
CA GLY B 34 3.28 -42.72 -22.54
C GLY B 34 3.91 -42.40 -21.20
N ILE B 35 3.32 -42.90 -20.12
CA ILE B 35 3.91 -42.73 -18.80
C ILE B 35 5.06 -43.71 -18.60
N GLU B 36 4.89 -44.95 -19.07
CA GLU B 36 5.96 -45.95 -18.97
C GLU B 36 7.20 -45.50 -19.72
N GLN B 37 7.02 -44.87 -20.88
CA GLN B 37 8.16 -44.38 -21.65
C GLN B 37 8.94 -43.32 -20.87
N ALA B 38 8.22 -42.39 -20.23
CA ALA B 38 8.90 -41.35 -19.47
C ALA B 38 9.57 -41.90 -18.22
N GLN B 39 8.91 -42.85 -17.55
CA GLN B 39 9.53 -43.44 -16.36
C GLN B 39 10.74 -44.29 -16.73
N ASN B 40 10.67 -45.00 -17.86
CA ASN B 40 11.83 -45.73 -18.34
C ASN B 40 12.96 -44.79 -18.71
N LEU B 41 12.63 -43.65 -19.33
CA LEU B 41 13.64 -42.66 -19.65
C LEU B 41 14.31 -42.12 -18.39
N HIS B 42 13.57 -42.02 -17.29
CA HIS B 42 14.17 -41.62 -16.03
C HIS B 42 15.27 -42.60 -15.63
N THR B 43 15.00 -43.89 -15.76
CA THR B 43 16.01 -44.90 -15.44
C THR B 43 17.20 -44.80 -16.38
N LEU B 44 16.95 -44.68 -17.68
CA LEU B 44 18.03 -44.62 -18.66
C LEU B 44 18.93 -43.40 -18.47
N LEU B 45 18.44 -42.36 -17.79
CA LEU B 45 19.19 -41.11 -17.67
C LEU B 45 19.49 -40.74 -16.23
N ASP B 46 19.36 -41.68 -15.29
CA ASP B 46 19.55 -41.31 -13.90
C ASP B 46 20.99 -40.99 -13.56
N ASP B 47 21.95 -41.31 -14.44
CA ASP B 47 23.35 -40.99 -14.21
C ASP B 47 23.79 -39.73 -14.96
N VAL B 48 22.88 -39.07 -15.65
CA VAL B 48 23.18 -37.82 -16.35
C VAL B 48 22.75 -36.69 -15.43
N SER B 49 23.73 -36.05 -14.78
CA SER B 49 23.45 -34.88 -13.96
C SER B 49 23.21 -33.67 -14.85
N PHE B 50 21.95 -33.40 -15.16
CA PHE B 50 21.62 -32.29 -16.03
C PHE B 50 21.88 -30.96 -15.32
N ASP B 51 22.31 -29.97 -16.10
CA ASP B 51 22.52 -28.62 -15.59
C ASP B 51 21.29 -27.74 -15.71
N LEU B 52 20.36 -28.09 -16.58
CA LEU B 52 19.27 -27.20 -16.95
C LEU B 52 18.25 -28.00 -17.76
N VAL B 53 16.98 -27.65 -17.60
CA VAL B 53 15.88 -28.32 -18.29
C VAL B 53 15.08 -27.29 -19.07
N LEU B 54 14.91 -27.56 -20.36
CA LEU B 54 14.11 -26.73 -21.26
C LEU B 54 12.90 -27.53 -21.69
N CYS B 55 11.70 -26.97 -21.50
CA CYS B 55 10.48 -27.74 -21.71
C CYS B 55 9.46 -26.90 -22.48
N SER B 56 8.68 -27.59 -23.31
CA SER B 56 7.56 -26.96 -24.00
C SER B 56 6.49 -26.55 -22.99
N GLU B 57 5.65 -25.60 -23.40
CA GLU B 57 4.57 -25.18 -22.51
C GLU B 57 3.53 -26.27 -22.31
N LEU B 58 3.28 -27.08 -23.35
CA LEU B 58 2.15 -28.00 -23.33
C LEU B 58 2.32 -29.03 -22.22
N GLU B 59 1.18 -29.42 -21.64
CA GLU B 59 1.21 -30.29 -20.46
C GLU B 59 1.83 -31.65 -20.75
N ARG B 60 1.62 -32.17 -21.97
CA ARG B 60 2.18 -33.48 -22.30
C ARG B 60 3.71 -33.48 -22.25
N ALA B 61 4.33 -32.31 -22.47
CA ALA B 61 5.77 -32.21 -22.34
C ALA B 61 6.19 -32.02 -20.88
N GLN B 62 5.44 -31.21 -20.13
CA GLN B 62 5.73 -31.02 -18.72
C GLN B 62 5.54 -32.31 -17.93
N HIS B 63 4.49 -33.06 -18.25
CA HIS B 63 4.25 -34.34 -17.58
C HIS B 63 5.40 -35.30 -17.84
N THR B 64 5.88 -35.37 -19.08
CA THR B 64 7.03 -36.20 -19.40
C THR B 64 8.27 -35.74 -18.64
N ALA B 65 8.45 -34.43 -18.52
CA ALA B 65 9.62 -33.90 -17.80
C ALA B 65 9.54 -34.25 -16.32
N ARG B 66 8.35 -34.22 -15.74
N ARG B 66 8.35 -34.22 -15.74
CA ARG B 66 8.21 -34.52 -14.31
CA ARG B 66 8.22 -34.52 -14.32
C ARG B 66 8.56 -35.96 -14.02
C ARG B 66 8.58 -35.97 -14.02
N LEU B 67 8.21 -36.88 -14.92
CA LEU B 67 8.53 -38.29 -14.72
C LEU B 67 9.99 -38.60 -15.02
N VAL B 68 10.59 -37.90 -15.97
CA VAL B 68 11.97 -38.19 -16.35
C VAL B 68 12.93 -37.77 -15.24
N LEU B 69 12.76 -36.55 -14.71
CA LEU B 69 13.67 -36.03 -13.69
C LEU B 69 13.35 -36.57 -12.31
N SER B 70 12.06 -36.81 -12.02
CA SER B 70 11.62 -37.35 -10.75
C SER B 70 12.04 -36.46 -9.57
N ASP B 71 13.05 -36.89 -8.81
CA ASP B 71 13.28 -36.36 -7.47
C ASP B 71 14.54 -35.53 -7.31
N ARG B 72 15.19 -35.12 -8.40
CA ARG B 72 16.42 -34.36 -8.22
C ARG B 72 16.18 -32.85 -8.26
N GLN B 73 14.97 -32.42 -8.60
CA GLN B 73 14.49 -31.06 -8.29
C GLN B 73 15.28 -29.98 -9.03
N LEU B 74 15.36 -30.12 -10.34
CA LEU B 74 16.07 -29.11 -11.12
C LEU B 74 15.10 -28.04 -11.62
N PRO B 75 15.59 -26.81 -11.84
CA PRO B 75 14.72 -25.77 -12.41
C PRO B 75 14.25 -26.15 -13.81
N VAL B 76 13.07 -25.65 -14.17
CA VAL B 76 12.45 -25.92 -15.45
C VAL B 76 12.17 -24.57 -16.13
N HIS B 77 12.75 -24.38 -17.31
CA HIS B 77 12.43 -23.20 -18.12
C HIS B 77 11.33 -23.58 -19.11
N ILE B 78 10.14 -23.01 -18.92
CA ILE B 78 9.03 -23.22 -19.84
C ILE B 78 9.21 -22.24 -20.99
N ILE B 79 9.57 -22.75 -22.15
CA ILE B 79 9.92 -21.91 -23.30
C ILE B 79 8.86 -22.10 -24.38
N PRO B 80 8.10 -21.06 -24.71
CA PRO B 80 7.05 -21.21 -25.73
C PRO B 80 7.58 -21.56 -27.11
N GLU B 81 8.85 -21.23 -27.40
CA GLU B 81 9.42 -21.58 -28.70
C GLU B 81 9.54 -23.08 -28.88
N LEU B 82 9.52 -23.86 -27.79
CA LEU B 82 9.56 -25.30 -27.85
C LEU B 82 8.18 -25.92 -28.01
N ASN B 83 7.15 -25.12 -28.20
CA ASN B 83 5.80 -25.65 -28.33
C ASN B 83 5.58 -26.28 -29.68
N GLU B 84 4.67 -27.25 -29.72
CA GLU B 84 4.23 -27.83 -30.97
C GLU B 84 3.66 -26.75 -31.88
N MSE B 85 3.75 -26.99 -33.18
CA MSE B 85 3.15 -26.09 -34.15
C MSE B 85 1.65 -26.03 -33.95
O MSE B 85 0.99 -27.05 -33.79
CB MSE B 85 3.46 -26.53 -35.57
CG MSE B 85 2.46 -26.07 -36.59
SE MSE B 85 2.66 -27.01 -38.27
CE MSE B 85 3.22 -25.53 -39.38
N PHE B 86 1.12 -24.81 -33.92
CA PHE B 86 -0.32 -24.61 -33.73
C PHE B 86 -1.05 -24.95 -35.01
N PHE B 87 -1.96 -25.94 -34.94
CA PHE B 87 -2.65 -26.43 -36.13
C PHE B 87 -4.03 -25.82 -36.32
N GLY B 88 -4.51 -25.03 -35.37
CA GLY B 88 -5.75 -24.30 -35.58
C GLY B 88 -6.95 -25.21 -35.54
N ASP B 89 -7.83 -25.08 -36.54
CA ASP B 89 -9.06 -25.85 -36.56
C ASP B 89 -8.80 -27.34 -36.75
N TRP B 90 -7.65 -27.72 -37.30
CA TRP B 90 -7.33 -29.10 -37.57
C TRP B 90 -6.87 -29.87 -36.34
N GLU B 91 -6.78 -29.24 -35.19
CA GLU B 91 -6.27 -29.92 -34.00
C GLU B 91 -7.25 -30.99 -33.52
N MSE B 92 -6.70 -32.09 -33.03
CA MSE B 92 -7.46 -33.24 -32.54
C MSE B 92 -8.38 -33.85 -33.59
O MSE B 92 -9.38 -34.48 -33.27
CB MSE B 92 -8.28 -32.87 -31.30
CG MSE B 92 -7.45 -32.32 -30.15
SE MSE B 92 -5.96 -33.53 -29.73
CE MSE B 92 -6.82 -34.69 -28.42
N ARG B 93 -8.01 -33.69 -34.86
CA ARG B 93 -8.77 -34.24 -35.97
C ARG B 93 -7.87 -35.10 -36.85
N HIS B 94 -8.47 -36.09 -37.49
CA HIS B 94 -7.74 -37.07 -38.26
C HIS B 94 -7.53 -36.58 -39.70
N HIS B 95 -6.44 -37.05 -40.29
CA HIS B 95 -6.14 -36.69 -41.68
C HIS B 95 -7.24 -37.14 -42.62
N ARG B 96 -7.78 -38.34 -42.41
CA ARG B 96 -8.83 -38.85 -43.30
C ARG B 96 -10.06 -37.97 -43.25
N ASP B 97 -10.41 -37.45 -42.07
CA ASP B 97 -11.58 -36.58 -41.96
C ASP B 97 -11.33 -35.24 -42.64
N LEU B 98 -10.11 -34.71 -42.53
CA LEU B 98 -9.82 -33.38 -43.05
C LEU B 98 -9.85 -33.34 -44.56
N MSE B 99 -9.58 -34.46 -45.23
CA MSE B 99 -9.59 -34.52 -46.69
C MSE B 99 -11.01 -34.36 -47.23
O MSE B 99 -11.20 -34.14 -48.42
CB MSE B 99 -9.00 -35.84 -47.18
CG MSE B 99 -7.51 -35.78 -47.48
SE MSE B 99 -6.93 -37.45 -48.29
CE MSE B 99 -8.00 -37.40 -49.91
N GLN B 100 -11.99 -34.48 -46.34
CA GLN B 100 -13.39 -34.31 -46.69
C GLN B 100 -14.02 -33.08 -46.05
N GLU B 101 -13.69 -32.79 -44.79
CA GLU B 101 -14.34 -31.69 -44.07
C GLU B 101 -13.73 -30.32 -44.40
N ASP B 102 -12.49 -30.28 -44.86
CA ASP B 102 -11.82 -29.04 -45.23
C ASP B 102 -10.96 -29.30 -46.47
N ALA B 103 -11.62 -29.81 -47.52
CA ALA B 103 -10.90 -30.40 -48.64
C ALA B 103 -9.94 -29.41 -49.29
N GLU B 104 -10.42 -28.21 -49.62
CA GLU B 104 -9.59 -27.26 -50.35
C GLU B 104 -8.42 -26.79 -49.50
N ASN B 105 -8.68 -26.40 -48.24
CA ASN B 105 -7.63 -25.89 -47.39
C ASN B 105 -6.64 -26.99 -46.99
N TYR B 106 -7.15 -28.21 -46.74
CA TYR B 106 -6.27 -29.28 -46.32
C TYR B 106 -5.43 -29.81 -47.48
N SER B 107 -6.01 -29.86 -48.68
CA SER B 107 -5.26 -30.32 -49.84
C SER B 107 -4.12 -29.35 -50.18
N ALA B 108 -4.32 -28.06 -49.96
CA ALA B 108 -3.25 -27.09 -50.19
C ALA B 108 -2.09 -27.32 -49.23
N TRP B 109 -2.40 -27.70 -47.98
CA TRP B 109 -1.33 -28.00 -47.03
C TRP B 109 -0.61 -29.28 -47.41
N CYS B 110 -1.33 -30.27 -47.93
CA CYS B 110 -0.67 -31.49 -48.38
C CYS B 110 0.27 -31.22 -49.54
N ASN B 111 -0.08 -30.30 -50.42
CA ASN B 111 0.74 -30.03 -51.59
C ASN B 111 1.92 -29.11 -51.27
N ASP B 112 1.76 -28.20 -50.30
CA ASP B 112 2.80 -27.23 -49.97
C ASP B 112 2.75 -26.98 -48.46
N TRP B 113 3.25 -27.95 -47.70
CA TRP B 113 3.17 -27.87 -46.24
C TRP B 113 4.07 -26.79 -45.66
N GLN B 114 5.03 -26.28 -46.44
CA GLN B 114 5.96 -25.28 -45.93
C GLN B 114 5.38 -23.87 -45.96
N HIS B 115 4.41 -23.61 -46.82
CA HIS B 115 3.84 -22.28 -46.98
C HIS B 115 2.34 -22.24 -46.71
N ALA B 116 1.59 -23.26 -47.13
CA ALA B 116 0.16 -23.27 -46.90
C ALA B 116 -0.14 -23.32 -45.40
N ILE B 117 -1.07 -22.47 -44.97
CA ILE B 117 -1.39 -22.32 -43.56
C ILE B 117 -2.53 -23.26 -43.18
N PRO B 118 -2.46 -23.98 -42.07
CA PRO B 118 -3.62 -24.70 -41.57
C PRO B 118 -4.75 -23.73 -41.25
N THR B 119 -5.99 -24.23 -41.38
CA THR B 119 -7.17 -23.39 -41.17
C THR B 119 -7.17 -22.76 -39.79
N ASN B 120 -6.99 -21.44 -39.74
CA ASN B 120 -6.91 -20.69 -38.49
C ASN B 120 -5.76 -21.19 -37.61
N GLY B 121 -4.66 -21.61 -38.22
CA GLY B 121 -3.54 -22.12 -37.47
C GLY B 121 -2.23 -21.43 -37.76
N GLU B 122 -1.14 -22.03 -37.28
CA GLU B 122 0.21 -21.49 -37.49
C GLU B 122 0.85 -22.18 -38.69
N GLY B 123 1.48 -21.38 -39.55
CA GLY B 123 2.16 -21.91 -40.70
C GLY B 123 3.56 -22.38 -40.38
N PHE B 124 4.13 -23.14 -41.33
CA PHE B 124 5.48 -23.67 -41.12
C PHE B 124 6.52 -22.57 -41.06
N GLN B 125 6.29 -21.48 -41.79
CA GLN B 125 7.23 -20.36 -41.75
C GLN B 125 7.31 -19.77 -40.35
N ALA B 126 6.15 -19.41 -39.79
CA ALA B 126 6.13 -18.88 -38.43
C ALA B 126 6.65 -19.91 -37.44
N PHE B 127 6.31 -21.18 -37.64
CA PHE B 127 6.81 -22.24 -36.78
C PHE B 127 8.33 -22.34 -36.87
N SER B 128 8.85 -22.51 -38.09
CA SER B 128 10.29 -22.70 -38.24
C SER B 128 11.07 -21.47 -37.80
N GLN B 129 10.51 -20.27 -37.98
CA GLN B 129 11.19 -19.07 -37.51
C GLN B 129 11.15 -18.95 -36.00
N ARG B 130 10.10 -19.45 -35.36
CA ARG B 130 10.09 -19.52 -33.90
C ARG B 130 11.17 -20.47 -33.40
N VAL B 131 11.40 -21.58 -34.11
CA VAL B 131 12.42 -22.52 -33.70
C VAL B 131 13.82 -21.94 -33.90
N GLU B 132 14.01 -21.11 -34.93
CA GLU B 132 15.31 -20.49 -35.15
C GLU B 132 15.63 -19.48 -34.06
N ARG B 133 14.61 -18.80 -33.53
CA ARG B 133 14.83 -17.91 -32.40
C ARG B 133 15.31 -18.69 -31.18
N PHE B 134 14.78 -19.90 -30.98
CA PHE B 134 15.27 -20.73 -29.87
C PHE B 134 16.73 -21.11 -30.10
N ILE B 135 17.08 -21.43 -31.35
CA ILE B 135 18.45 -21.87 -31.64
C ILE B 135 19.43 -20.73 -31.40
N ALA B 136 19.09 -19.53 -31.85
CA ALA B 136 19.94 -18.38 -31.59
C ALA B 136 20.06 -18.11 -30.09
N ARG B 137 19.02 -18.45 -29.33
CA ARG B 137 19.03 -18.27 -27.88
C ARG B 137 19.86 -19.33 -27.16
N LEU B 138 20.35 -20.34 -27.86
CA LEU B 138 21.14 -21.37 -27.22
C LEU B 138 22.47 -20.84 -26.69
N SER B 139 22.97 -19.74 -27.26
CA SER B 139 24.18 -19.09 -26.76
C SER B 139 23.95 -18.36 -25.45
N GLU B 140 22.78 -18.49 -24.83
CA GLU B 140 22.55 -17.98 -23.49
C GLU B 140 22.97 -18.97 -22.42
N TYR B 141 23.06 -20.25 -22.76
CA TYR B 141 23.35 -21.32 -21.82
C TYR B 141 24.75 -21.89 -22.04
N GLN B 142 25.71 -21.04 -22.40
CA GLN B 142 27.06 -21.50 -22.67
C GLN B 142 27.67 -22.17 -21.44
N HIS B 143 27.39 -21.63 -20.26
CA HIS B 143 27.99 -22.11 -19.02
C HIS B 143 27.28 -23.34 -18.46
N TYR B 144 26.34 -23.92 -19.21
CA TYR B 144 25.73 -25.20 -18.86
C TYR B 144 26.34 -26.29 -19.72
N GLN B 145 26.45 -27.49 -19.14
CA GLN B 145 27.12 -28.61 -19.80
C GLN B 145 26.16 -29.68 -20.30
N ASN B 146 25.10 -30.00 -19.55
CA ASN B 146 24.15 -31.03 -19.94
C ASN B 146 22.75 -30.45 -19.83
N ILE B 147 22.17 -30.08 -20.97
CA ILE B 147 20.84 -29.46 -21.04
C ILE B 147 19.84 -30.50 -21.53
N LEU B 148 18.78 -30.70 -20.77
CA LEU B 148 17.68 -31.58 -21.17
C LEU B 148 16.59 -30.74 -21.82
N ILE B 149 16.19 -31.12 -23.02
CA ILE B 149 15.13 -30.44 -23.76
C ILE B 149 14.00 -31.44 -23.94
N VAL B 150 12.82 -31.09 -23.42
CA VAL B 150 11.64 -31.93 -23.54
C VAL B 150 10.64 -31.18 -24.41
N SER B 151 10.45 -31.67 -25.64
CA SER B 151 9.58 -30.99 -26.59
C SER B 151 8.83 -31.99 -27.47
N HIS B 152 8.58 -31.60 -28.71
CA HIS B 152 7.78 -32.39 -29.63
C HIS B 152 8.61 -32.80 -30.84
N GLN B 153 8.06 -33.77 -31.56
CA GLN B 153 8.78 -34.36 -32.68
C GLN B 153 9.21 -33.32 -33.70
N GLY B 154 8.25 -32.53 -34.20
CA GLY B 154 8.56 -31.57 -35.24
C GLY B 154 9.52 -30.49 -34.80
N VAL B 155 9.43 -30.09 -33.53
CA VAL B 155 10.41 -29.16 -32.98
C VAL B 155 11.79 -29.80 -32.94
N LEU B 156 11.88 -31.00 -32.36
CA LEU B 156 13.17 -31.65 -32.19
C LEU B 156 13.78 -32.08 -33.53
N SER B 157 12.96 -32.51 -34.49
CA SER B 157 13.50 -32.86 -35.80
C SER B 157 14.07 -31.63 -36.50
N LEU B 158 13.29 -30.54 -36.53
CA LEU B 158 13.78 -29.30 -37.12
C LEU B 158 15.01 -28.79 -36.39
N LEU B 159 15.05 -28.96 -35.07
CA LEU B 159 16.20 -28.50 -34.29
C LEU B 159 17.48 -29.21 -34.74
N ILE B 160 17.40 -30.52 -34.95
CA ILE B 160 18.58 -31.28 -35.37
C ILE B 160 19.03 -30.83 -36.77
N ALA B 161 18.07 -30.74 -37.70
CA ALA B 161 18.41 -30.37 -39.07
C ALA B 161 19.05 -28.98 -39.13
N ARG B 162 18.56 -28.04 -38.32
CA ARG B 162 19.08 -26.69 -38.35
C ARG B 162 20.46 -26.60 -37.69
N LEU B 163 20.67 -27.35 -36.61
CA LEU B 163 21.95 -27.30 -35.92
C LEU B 163 23.08 -27.84 -36.78
N ILE B 164 22.83 -28.90 -37.56
CA ILE B 164 23.86 -29.47 -38.40
C ILE B 164 23.94 -28.79 -39.76
N GLY B 165 23.18 -27.72 -39.98
CA GLY B 165 23.34 -26.89 -41.15
C GLY B 165 22.39 -27.14 -42.30
N MSE B 166 21.36 -27.94 -42.11
CA MSE B 166 20.41 -28.21 -43.19
C MSE B 166 19.29 -27.17 -43.18
O MSE B 166 19.01 -26.58 -42.13
CB MSE B 166 19.83 -29.61 -43.08
CG MSE B 166 20.83 -30.68 -42.69
SE MSE B 166 20.02 -32.45 -42.70
CE MSE B 166 19.75 -32.65 -44.63
N PRO B 167 18.64 -26.96 -44.32
CA PRO B 167 17.49 -26.07 -44.37
C PRO B 167 16.36 -26.62 -43.50
N ALA B 168 15.39 -25.74 -43.21
CA ALA B 168 14.26 -26.14 -42.39
C ALA B 168 13.45 -27.26 -43.04
N GLU B 169 13.46 -27.34 -44.37
CA GLU B 169 12.68 -28.35 -45.07
C GLU B 169 13.22 -29.75 -44.88
N SER B 170 14.44 -29.90 -44.37
CA SER B 170 15.10 -31.19 -44.23
C SER B 170 14.89 -31.84 -42.87
N MSE B 171 13.91 -31.36 -42.11
CA MSE B 171 13.62 -31.93 -40.79
C MSE B 171 13.13 -33.36 -40.91
O MSE B 171 13.33 -34.17 -40.01
CB MSE B 171 12.55 -31.08 -40.09
CG MSE B 171 11.30 -30.88 -40.92
SE MSE B 171 9.93 -29.90 -39.97
CE MSE B 171 9.52 -31.22 -38.60
N TRP B 172 12.49 -33.67 -42.05
CA TRP B 172 11.90 -34.97 -42.26
C TRP B 172 12.91 -36.05 -42.60
N HIS B 173 14.17 -35.69 -42.79
CA HIS B 173 15.22 -36.70 -42.90
C HIS B 173 15.58 -37.29 -41.54
N PHE B 174 15.00 -36.76 -40.47
CA PHE B 174 15.16 -37.27 -39.13
C PHE B 174 13.80 -37.59 -38.54
N ARG B 175 13.81 -38.40 -37.48
CA ARG B 175 12.58 -38.71 -36.76
C ARG B 175 12.92 -38.98 -35.30
N VAL B 176 12.26 -38.27 -34.41
CA VAL B 176 12.48 -38.40 -32.97
C VAL B 176 11.37 -39.26 -32.40
N ASP B 177 11.72 -40.45 -31.94
CA ASP B 177 10.73 -41.40 -31.44
C ASP B 177 10.38 -41.12 -29.98
N GLN B 178 9.24 -41.64 -29.56
CA GLN B 178 8.82 -41.57 -28.17
C GLN B 178 9.40 -42.75 -27.40
N GLY B 179 9.77 -42.50 -26.15
CA GLY B 179 10.47 -43.49 -25.35
C GLY B 179 11.96 -43.55 -25.58
N CYS B 180 12.51 -42.67 -26.41
CA CYS B 180 13.91 -42.63 -26.76
C CYS B 180 14.50 -41.28 -26.36
N TRP B 181 15.83 -41.21 -26.39
CA TRP B 181 16.55 -39.96 -26.16
C TRP B 181 17.58 -39.76 -27.25
N SER B 182 17.88 -38.49 -27.52
CA SER B 182 18.89 -38.11 -28.48
C SER B 182 19.84 -37.10 -27.84
N ALA B 183 21.03 -36.98 -28.40
CA ALA B 183 22.03 -36.07 -27.89
C ALA B 183 22.70 -35.34 -29.04
N ILE B 184 22.87 -34.04 -28.88
CA ILE B 184 23.66 -33.22 -29.79
C ILE B 184 24.76 -32.54 -29.00
N ASP B 185 25.97 -32.53 -29.55
CA ASP B 185 27.11 -31.87 -28.95
C ASP B 185 27.43 -30.62 -29.73
N ILE B 186 27.62 -29.51 -29.04
CA ILE B 186 27.99 -28.24 -29.67
C ILE B 186 29.26 -27.75 -29.03
N ASN B 187 30.34 -27.69 -29.82
CA ASN B 187 31.62 -27.18 -29.37
C ASN B 187 32.21 -26.32 -30.46
N GLN B 188 32.60 -25.10 -30.11
CA GLN B 188 33.21 -24.16 -31.05
C GLN B 188 32.35 -23.99 -32.30
N LYS B 189 31.08 -23.67 -32.08
CA LYS B 189 30.12 -23.34 -33.14
C LYS B 189 29.84 -24.51 -34.08
N PHE B 190 30.18 -25.74 -33.67
CA PHE B 190 29.94 -26.93 -34.48
C PHE B 190 29.00 -27.87 -33.74
N ALA B 191 27.94 -28.29 -34.43
CA ALA B 191 26.97 -29.22 -33.88
C ALA B 191 27.20 -30.60 -34.46
N THR B 192 27.35 -31.60 -33.59
CA THR B 192 27.52 -32.99 -33.97
C THR B 192 26.38 -33.80 -33.39
N LEU B 193 25.66 -34.52 -34.23
CA LEU B 193 24.62 -35.44 -33.75
C LEU B 193 25.31 -36.70 -33.24
N ARG B 194 25.27 -36.90 -31.93
CA ARG B 194 25.97 -38.02 -31.31
C ARG B 194 25.09 -39.26 -31.18
N VAL B 195 23.83 -39.08 -30.76
CA VAL B 195 22.91 -40.18 -30.54
C VAL B 195 21.55 -39.78 -31.08
N LEU B 196 20.87 -40.72 -31.75
CA LEU B 196 19.50 -40.50 -32.22
C LEU B 196 18.67 -41.72 -31.86
N ASN B 197 17.63 -41.50 -31.05
CA ASN B 197 16.63 -42.51 -30.73
C ASN B 197 17.23 -43.76 -30.08
N SER B 198 17.92 -43.53 -28.96
CA SER B 198 18.51 -44.63 -28.20
C SER B 198 17.62 -45.05 -27.04
N ARG B 199 17.69 -46.34 -26.69
CA ARG B 199 16.99 -46.90 -25.54
C ARG B 199 17.98 -47.55 -24.58
N ALA B 200 19.23 -47.10 -24.59
CA ALA B 200 20.27 -47.58 -23.70
C ALA B 200 20.53 -46.53 -22.62
N ILE B 201 21.43 -46.89 -21.69
CA ILE B 201 21.76 -45.98 -20.60
C ILE B 201 22.62 -44.84 -21.12
N GLY B 202 22.36 -43.64 -20.63
CA GLY B 202 23.10 -42.47 -21.07
C GLY B 202 24.41 -42.28 -20.32
N VAL B 203 25.38 -41.72 -21.02
CA VAL B 203 26.71 -41.45 -20.48
C VAL B 203 27.07 -40.01 -20.79
N GLU B 204 27.48 -39.26 -19.77
CA GLU B 204 27.89 -37.88 -19.97
C GLU B 204 29.24 -37.82 -20.70
N ASN B 205 29.64 -36.60 -21.04
CA ASN B 205 30.92 -36.38 -21.72
C ASN B 205 32.03 -36.09 -20.72
N MSE C 4 -16.61 0.04 20.40
CA MSE C 4 -17.29 -0.16 21.68
C MSE C 4 -17.05 -1.57 22.22
O MSE C 4 -17.37 -2.56 21.55
CB MSE C 4 -18.79 0.07 21.54
CG MSE C 4 -19.51 0.26 22.86
SE MSE C 4 -21.45 0.40 22.64
CE MSE C 4 -21.52 2.27 22.09
N ARG C 5 -16.49 -1.66 23.42
CA ARG C 5 -16.25 -2.94 24.09
C ARG C 5 -17.11 -3.03 25.33
N LEU C 6 -17.87 -4.12 25.45
CA LEU C 6 -18.69 -4.39 26.62
C LEU C 6 -17.99 -5.45 27.46
N TRP C 7 -17.55 -5.05 28.65
CA TRP C 7 -16.98 -5.99 29.61
C TRP C 7 -18.10 -6.54 30.48
N LEU C 8 -18.30 -7.85 30.44
CA LEU C 8 -19.43 -8.49 31.10
C LEU C 8 -18.97 -9.17 32.37
N ILE C 9 -19.67 -8.90 33.47
CA ILE C 9 -19.40 -9.52 34.76
C ILE C 9 -20.73 -9.96 35.36
N ARG C 10 -20.83 -11.24 35.67
CA ARG C 10 -21.97 -11.75 36.44
C ARG C 10 -21.63 -11.70 37.92
N HIS C 11 -22.61 -11.31 38.73
CA HIS C 11 -22.39 -11.21 40.17
C HIS C 11 -21.91 -12.53 40.75
N GLY C 12 -21.18 -12.44 41.86
CA GLY C 12 -20.60 -13.60 42.49
C GLY C 12 -21.65 -14.54 43.06
N GLU C 13 -21.15 -15.65 43.62
CA GLU C 13 -22.02 -16.63 44.24
C GLU C 13 -22.84 -16.01 45.38
N THR C 14 -24.11 -16.36 45.44
CA THR C 14 -25.01 -15.94 46.50
C THR C 14 -25.48 -17.14 47.29
N GLN C 15 -26.11 -16.87 48.44
CA GLN C 15 -26.60 -17.96 49.27
C GLN C 15 -27.70 -18.75 48.58
N ALA C 16 -28.52 -18.09 47.76
CA ALA C 16 -29.53 -18.81 47.01
C ALA C 16 -28.90 -19.80 46.05
N ASN C 17 -27.75 -19.45 45.46
CA ASN C 17 -27.01 -20.40 44.65
C ASN C 17 -26.59 -21.61 45.48
N VAL C 18 -26.06 -21.36 46.66
CA VAL C 18 -25.66 -22.46 47.56
C VAL C 18 -26.87 -23.33 47.87
N ASP C 19 -28.01 -22.72 48.14
CA ASP C 19 -29.23 -23.45 48.47
C ASP C 19 -30.01 -23.86 47.22
N GLY C 20 -29.45 -23.64 46.04
CA GLY C 20 -30.07 -24.12 44.80
C GLY C 20 -31.47 -23.60 44.57
N LEU C 21 -31.71 -22.32 44.85
CA LEU C 21 -33.03 -21.74 44.76
C LEU C 21 -33.09 -20.74 43.61
N TYR C 22 -34.31 -20.53 43.11
CA TYR C 22 -34.57 -19.41 42.22
C TYR C 22 -34.29 -18.11 42.95
N SER C 23 -33.67 -17.16 42.25
CA SER C 23 -33.30 -15.88 42.84
C SER C 23 -34.29 -14.77 42.51
N GLY C 24 -34.42 -14.44 41.23
CA GLY C 24 -35.34 -13.38 40.85
C GLY C 24 -34.91 -12.05 41.42
N HIS C 25 -35.89 -11.24 41.80
CA HIS C 25 -35.63 -9.94 42.41
C HIS C 25 -35.40 -10.04 43.91
N ALA C 26 -35.56 -11.22 44.50
CA ALA C 26 -35.44 -11.35 45.94
C ALA C 26 -34.03 -11.00 46.40
N PRO C 27 -33.89 -10.29 47.52
CA PRO C 27 -32.56 -9.92 47.99
C PRO C 27 -31.81 -11.09 48.61
N THR C 28 -30.83 -11.64 47.90
CA THR C 28 -30.01 -12.71 48.44
C THR C 28 -28.58 -12.22 48.61
N PRO C 29 -27.96 -12.44 49.76
CA PRO C 29 -26.64 -11.88 50.01
C PRO C 29 -25.54 -12.64 49.31
N LEU C 30 -24.45 -11.93 49.01
CA LEU C 30 -23.26 -12.56 48.49
C LEU C 30 -22.61 -13.41 49.57
N THR C 31 -22.16 -14.61 49.20
CA THR C 31 -21.39 -15.42 50.12
C THR C 31 -19.96 -14.89 50.17
N ALA C 32 -19.19 -15.38 51.17
CA ALA C 32 -17.78 -15.04 51.24
C ALA C 32 -17.04 -15.46 49.97
N ARG C 33 -17.50 -16.55 49.33
CA ARG C 33 -16.95 -16.95 48.05
C ARG C 33 -17.22 -15.89 46.98
N GLY C 34 -18.45 -15.37 46.94
CA GLY C 34 -18.79 -14.32 46.00
C GLY C 34 -18.08 -13.01 46.28
N ILE C 35 -17.68 -12.78 47.52
CA ILE C 35 -16.96 -11.54 47.85
C ILE C 35 -15.56 -11.58 47.25
N GLU C 36 -14.79 -12.63 47.54
CA GLU C 36 -13.46 -12.74 46.96
C GLU C 36 -13.50 -13.03 45.47
N GLN C 37 -14.64 -13.52 44.97
CA GLN C 37 -14.81 -13.63 43.53
C GLN C 37 -14.80 -12.24 42.88
N ALA C 38 -15.49 -11.28 43.50
CA ALA C 38 -15.51 -9.92 42.99
C ALA C 38 -14.22 -9.18 43.30
N GLN C 39 -13.60 -9.46 44.45
CA GLN C 39 -12.35 -8.79 44.79
C GLN C 39 -11.23 -9.25 43.87
N ASN C 40 -11.18 -10.55 43.56
CA ASN C 40 -10.23 -11.04 42.58
C ASN C 40 -10.49 -10.43 41.21
N LEU C 41 -11.77 -10.26 40.86
CA LEU C 41 -12.11 -9.59 39.61
C LEU C 41 -11.60 -8.15 39.60
N HIS C 42 -11.64 -7.48 40.75
CA HIS C 42 -11.16 -6.11 40.84
C HIS C 42 -9.68 -6.02 40.46
N THR C 43 -8.88 -6.97 40.93
CA THR C 43 -7.46 -6.95 40.56
C THR C 43 -7.26 -7.41 39.13
N LEU C 44 -8.12 -8.32 38.64
CA LEU C 44 -7.99 -8.81 37.27
C LEU C 44 -8.27 -7.71 36.25
N LEU C 45 -9.08 -6.72 36.63
CA LEU C 45 -9.47 -5.65 35.72
C LEU C 45 -8.99 -4.29 36.20
N ASP C 46 -7.97 -4.26 37.06
CA ASP C 46 -7.49 -2.99 37.60
C ASP C 46 -6.91 -2.12 36.50
N ASP C 47 -6.13 -2.72 35.63
CA ASP C 47 -5.48 -2.02 34.54
C ASP C 47 -6.40 -1.60 33.42
N VAL C 48 -7.63 -2.08 33.45
CA VAL C 48 -8.58 -1.76 32.41
C VAL C 48 -9.23 -0.42 32.70
N SER C 49 -9.13 0.47 31.73
CA SER C 49 -9.67 1.80 31.87
C SER C 49 -11.12 1.96 31.47
N PHE C 50 -12.02 1.53 32.34
CA PHE C 50 -13.44 1.72 32.07
C PHE C 50 -13.79 3.21 32.11
N ASP C 51 -14.76 3.59 31.29
CA ASP C 51 -15.29 4.95 31.29
C ASP C 51 -16.80 4.97 31.52
N LEU C 52 -17.41 3.85 31.86
CA LEU C 52 -18.83 3.77 32.16
C LEU C 52 -19.11 2.45 32.84
N VAL C 53 -20.08 2.46 33.75
CA VAL C 53 -20.53 1.25 34.44
C VAL C 53 -22.05 1.22 34.41
N LEU C 54 -22.61 0.14 33.87
CA LEU C 54 -24.04 -0.10 33.90
C LEU C 54 -24.30 -1.33 34.76
N CYS C 55 -25.23 -1.23 35.70
CA CYS C 55 -25.42 -2.25 36.71
C CYS C 55 -26.91 -2.53 36.90
N SER C 56 -27.21 -3.76 37.28
CA SER C 56 -28.59 -4.14 37.58
C SER C 56 -29.04 -3.51 38.89
N GLU C 57 -30.36 -3.41 39.06
CA GLU C 57 -30.92 -2.80 40.26
C GLU C 57 -30.67 -3.67 41.50
N LEU C 58 -30.58 -4.99 41.31
CA LEU C 58 -30.53 -5.90 42.45
C LEU C 58 -29.21 -5.74 43.21
N GLU C 59 -29.30 -5.77 44.54
CA GLU C 59 -28.16 -5.37 45.36
C GLU C 59 -26.96 -6.29 45.21
N ARG C 60 -27.19 -7.57 44.91
CA ARG C 60 -26.06 -8.47 44.70
C ARG C 60 -25.21 -8.03 43.52
N ALA C 61 -25.84 -7.43 42.50
CA ALA C 61 -25.06 -6.88 41.39
C ALA C 61 -24.33 -5.61 41.80
N GLN C 62 -24.98 -4.76 42.60
CA GLN C 62 -24.35 -3.53 43.05
C GLN C 62 -23.25 -3.81 44.07
N HIS C 63 -23.46 -4.81 44.92
CA HIS C 63 -22.40 -5.24 45.82
C HIS C 63 -21.19 -5.72 45.05
N THR C 64 -21.43 -6.44 43.95
CA THR C 64 -20.33 -6.87 43.09
C THR C 64 -19.65 -5.68 42.44
N ALA C 65 -20.44 -4.76 41.87
CA ALA C 65 -19.86 -3.60 41.21
C ALA C 65 -19.01 -2.78 42.17
N ARG C 66 -19.42 -2.69 43.43
CA ARG C 66 -18.64 -1.96 44.42
C ARG C 66 -17.29 -2.62 44.66
N LEU C 67 -17.27 -3.95 44.77
CA LEU C 67 -16.02 -4.65 45.04
C LEU C 67 -15.09 -4.62 43.83
N VAL C 68 -15.64 -4.78 42.63
CA VAL C 68 -14.82 -4.74 41.43
C VAL C 68 -14.25 -3.33 41.24
N LEU C 69 -15.08 -2.31 41.40
CA LEU C 69 -14.65 -0.93 41.20
C LEU C 69 -13.78 -0.46 42.37
N SER C 70 -14.27 -0.66 43.59
CA SER C 70 -13.46 -0.33 44.74
C SER C 70 -13.02 1.13 44.77
N ASP C 71 -11.71 1.30 44.71
CA ASP C 71 -11.05 2.60 44.74
C ASP C 71 -11.23 3.49 43.50
N ARG C 72 -11.76 2.96 42.42
CA ARG C 72 -11.86 3.67 41.15
C ARG C 72 -12.64 4.97 40.98
N GLN C 73 -13.77 5.15 41.67
CA GLN C 73 -14.64 6.34 41.53
C GLN C 73 -15.19 6.60 40.11
N LEU C 74 -15.83 5.59 39.54
CA LEU C 74 -16.38 5.67 38.18
C LEU C 74 -17.88 5.92 38.20
N PRO C 75 -18.44 6.56 37.16
CA PRO C 75 -19.88 6.76 37.11
C PRO C 75 -20.63 5.45 36.88
N VAL C 76 -21.70 5.26 37.65
CA VAL C 76 -22.46 4.00 37.67
C VAL C 76 -23.90 4.31 37.32
N HIS C 77 -24.42 3.67 36.28
CA HIS C 77 -25.82 3.75 35.91
C HIS C 77 -26.53 2.48 36.35
N ILE C 78 -27.62 2.65 37.10
CA ILE C 78 -28.44 1.52 37.52
C ILE C 78 -29.54 1.34 36.48
N ILE C 79 -29.47 0.23 35.74
CA ILE C 79 -30.37 -0.04 34.62
C ILE C 79 -31.34 -1.14 35.04
N PRO C 80 -32.64 -0.83 35.19
CA PRO C 80 -33.60 -1.88 35.51
C PRO C 80 -33.75 -2.93 34.42
N GLU C 81 -33.38 -2.59 33.17
CA GLU C 81 -33.41 -3.59 32.11
C GLU C 81 -32.38 -4.69 32.36
N LEU C 82 -31.31 -4.38 33.07
CA LEU C 82 -30.29 -5.36 33.42
C LEU C 82 -30.70 -6.24 34.59
N ASN C 83 -31.90 -6.06 35.13
CA ASN C 83 -32.35 -6.85 36.28
C ASN C 83 -32.58 -8.30 35.89
N GLU C 84 -32.39 -9.18 36.89
CA GLU C 84 -32.81 -10.56 36.75
C GLU C 84 -34.30 -10.64 36.47
N MSE C 85 -34.72 -11.70 35.79
CA MSE C 85 -36.13 -11.96 35.58
C MSE C 85 -36.87 -12.00 36.90
O MSE C 85 -36.37 -12.53 37.90
CB MSE C 85 -36.30 -13.28 34.84
CG MSE C 85 -37.61 -13.37 34.08
SE MSE C 85 -37.77 -15.08 33.16
CE MSE C 85 -38.59 -16.11 34.58
N PHE C 86 -38.07 -11.43 36.92
CA PHE C 86 -38.90 -11.46 38.12
C PHE C 86 -39.67 -12.77 38.16
N PHE C 87 -39.39 -13.60 39.17
CA PHE C 87 -39.97 -14.93 39.25
C PHE C 87 -41.24 -14.99 40.09
N GLY C 88 -41.68 -13.88 40.66
CA GLY C 88 -42.97 -13.85 41.33
C GLY C 88 -43.00 -14.72 42.57
N ASP C 89 -44.01 -15.58 42.66
CA ASP C 89 -44.20 -16.43 43.84
C ASP C 89 -43.11 -17.48 43.99
N TRP C 90 -42.34 -17.75 42.94
CA TRP C 90 -41.36 -18.83 42.93
C TRP C 90 -40.00 -18.42 43.49
N GLU C 91 -39.80 -17.15 43.82
CA GLU C 91 -38.49 -16.69 44.26
C GLU C 91 -38.13 -17.32 45.60
N MSE C 92 -36.85 -17.64 45.78
CA MSE C 92 -36.31 -18.28 46.98
C MSE C 92 -37.02 -19.59 47.31
O MSE C 92 -37.24 -19.90 48.49
CB MSE C 92 -36.36 -17.32 48.17
CG MSE C 92 -35.67 -16.00 47.92
SE MSE C 92 -33.73 -16.17 47.98
CE MSE C 92 -33.47 -16.24 49.91
N ARG C 93 -37.34 -20.36 46.28
CA ARG C 93 -37.97 -21.67 46.45
C ARG C 93 -37.30 -22.65 45.48
N HIS C 94 -37.29 -23.93 45.88
CA HIS C 94 -36.51 -24.94 45.19
C HIS C 94 -37.35 -25.65 44.12
N HIS C 95 -36.65 -26.18 43.11
CA HIS C 95 -37.31 -26.88 42.02
C HIS C 95 -38.11 -28.07 42.52
N ARG C 96 -37.54 -28.85 43.46
CA ARG C 96 -38.23 -30.03 43.95
C ARG C 96 -39.47 -29.68 44.74
N ASP C 97 -39.46 -28.53 45.43
CA ASP C 97 -40.63 -28.12 46.18
C ASP C 97 -41.71 -27.56 45.26
N LEU C 98 -41.30 -26.84 44.22
CA LEU C 98 -42.25 -26.18 43.34
C LEU C 98 -43.07 -27.18 42.54
N MSE C 99 -42.48 -28.32 42.17
CA MSE C 99 -43.20 -29.33 41.41
C MSE C 99 -44.26 -30.01 42.27
O MSE C 99 -45.20 -30.62 41.76
CB MSE C 99 -42.25 -30.36 40.81
CG MSE C 99 -41.57 -29.91 39.54
SE MSE C 99 -41.45 -31.26 38.14
CE MSE C 99 -43.32 -31.33 37.62
N GLN C 100 -44.12 -29.88 43.59
CA GLN C 100 -45.13 -30.40 44.51
C GLN C 100 -46.13 -29.32 44.93
N GLU C 101 -45.65 -28.11 45.26
CA GLU C 101 -46.53 -27.08 45.80
C GLU C 101 -47.27 -26.30 44.71
N ASP C 102 -46.67 -26.18 43.52
CA ASP C 102 -47.30 -25.49 42.38
C ASP C 102 -47.11 -26.35 41.12
N ALA C 103 -47.70 -27.54 41.15
CA ALA C 103 -47.37 -28.58 40.17
C ALA C 103 -47.67 -28.12 38.75
N GLU C 104 -48.93 -27.74 38.48
CA GLU C 104 -49.38 -27.51 37.11
C GLU C 104 -48.66 -26.31 36.49
N ASN C 105 -48.59 -25.20 37.22
CA ASN C 105 -47.91 -24.02 36.69
C ASN C 105 -46.42 -24.26 36.53
N TYR C 106 -45.78 -24.86 37.53
CA TYR C 106 -44.35 -25.11 37.44
C TYR C 106 -44.03 -26.20 36.42
N SER C 107 -44.96 -27.13 36.19
CA SER C 107 -44.74 -28.13 35.14
C SER C 107 -44.76 -27.47 33.76
N ALA C 108 -45.69 -26.53 33.54
CA ALA C 108 -45.74 -25.83 32.27
C ALA C 108 -44.48 -25.01 32.05
N TRP C 109 -43.92 -24.42 33.12
CA TRP C 109 -42.67 -23.69 33.00
C TRP C 109 -41.52 -24.62 32.62
N CYS C 110 -41.45 -25.80 33.26
CA CYS C 110 -40.40 -26.75 32.91
C CYS C 110 -40.50 -27.17 31.45
N ASN C 111 -41.71 -27.44 30.98
CA ASN C 111 -41.89 -27.96 29.62
C ASN C 111 -41.83 -26.86 28.57
N ASP C 112 -42.26 -25.65 28.90
CA ASP C 112 -42.33 -24.55 27.95
C ASP C 112 -41.83 -23.28 28.63
N TRP C 113 -40.54 -23.26 28.95
CA TRP C 113 -39.95 -22.10 29.64
C TRP C 113 -40.02 -20.83 28.80
N GLN C 114 -40.27 -20.96 27.50
CA GLN C 114 -40.27 -19.80 26.62
C GLN C 114 -41.49 -18.92 26.86
N HIS C 115 -42.65 -19.54 27.08
CA HIS C 115 -43.91 -18.80 27.12
C HIS C 115 -44.68 -19.00 28.41
N ALA C 116 -44.32 -19.97 29.24
CA ALA C 116 -45.00 -20.15 30.51
C ALA C 116 -44.57 -19.08 31.50
N ILE C 117 -45.55 -18.45 32.15
CA ILE C 117 -45.32 -17.33 33.04
C ILE C 117 -45.09 -17.89 34.46
N PRO C 118 -43.97 -17.58 35.10
CA PRO C 118 -43.84 -17.93 36.52
C PRO C 118 -44.97 -17.30 37.33
N THR C 119 -45.49 -18.06 38.30
CA THR C 119 -46.68 -17.67 39.02
C THR C 119 -46.54 -16.29 39.63
N ASN C 120 -47.37 -15.36 39.17
CA ASN C 120 -47.34 -13.95 39.56
C ASN C 120 -45.97 -13.34 39.31
N GLY C 121 -45.28 -13.81 38.27
CA GLY C 121 -43.97 -13.31 37.94
C GLY C 121 -43.86 -12.76 36.53
N GLU C 122 -42.66 -12.81 35.95
CA GLU C 122 -42.38 -12.26 34.63
C GLU C 122 -41.98 -13.37 33.68
N GLY C 123 -42.61 -13.42 32.51
CA GLY C 123 -42.28 -14.43 31.54
C GLY C 123 -41.02 -14.10 30.75
N PHE C 124 -40.50 -15.12 30.07
CA PHE C 124 -39.29 -14.93 29.26
C PHE C 124 -39.53 -13.94 28.13
N GLN C 125 -40.76 -13.90 27.59
CA GLN C 125 -41.06 -12.96 26.52
C GLN C 125 -40.87 -11.52 26.99
N ALA C 126 -41.49 -11.16 28.13
CA ALA C 126 -41.30 -9.82 28.67
C ALA C 126 -39.85 -9.60 29.12
N PHE C 127 -39.18 -10.66 29.58
CA PHE C 127 -37.78 -10.54 29.98
C PHE C 127 -36.88 -10.31 28.78
N SER C 128 -37.09 -11.07 27.70
CA SER C 128 -36.26 -10.90 26.51
C SER C 128 -36.47 -9.54 25.85
N GLN C 129 -37.70 -9.02 25.89
CA GLN C 129 -37.95 -7.70 25.33
C GLN C 129 -37.28 -6.62 26.18
N ARG C 130 -37.22 -6.83 27.49
CA ARG C 130 -36.48 -5.91 28.37
C ARG C 130 -35.03 -5.83 27.94
N VAL C 131 -34.40 -6.98 27.72
CA VAL C 131 -33.03 -7.02 27.24
C VAL C 131 -32.94 -6.43 25.85
N GLU C 132 -33.97 -6.63 25.02
CA GLU C 132 -33.97 -6.06 23.69
C GLU C 132 -34.00 -4.53 23.75
N ARG C 133 -34.72 -3.98 24.73
CA ARG C 133 -34.73 -2.53 24.90
C ARG C 133 -33.35 -2.02 25.30
N PHE C 134 -32.66 -2.75 26.16
CA PHE C 134 -31.30 -2.36 26.55
C PHE C 134 -30.39 -2.32 25.33
N ILE C 135 -30.52 -3.31 24.44
CA ILE C 135 -29.68 -3.35 23.24
C ILE C 135 -29.94 -2.13 22.36
N ALA C 136 -31.21 -1.73 22.23
CA ALA C 136 -31.54 -0.59 21.38
C ALA C 136 -31.00 0.71 21.94
N ARG C 137 -30.84 0.80 23.27
CA ARG C 137 -30.36 2.01 23.92
C ARG C 137 -28.84 2.09 23.98
N LEU C 138 -28.13 1.12 23.39
CA LEU C 138 -26.67 1.19 23.39
C LEU C 138 -26.15 2.38 22.60
N SER C 139 -26.94 2.87 21.63
CA SER C 139 -26.54 4.07 20.89
C SER C 139 -26.40 5.27 21.81
N GLU C 140 -27.12 5.28 22.93
CA GLU C 140 -26.99 6.35 23.90
C GLU C 140 -25.59 6.40 24.52
N TYR C 141 -24.80 5.35 24.37
CA TYR C 141 -23.45 5.31 24.92
C TYR C 141 -22.37 5.30 23.84
N GLN C 142 -22.69 5.83 22.65
CA GLN C 142 -21.76 5.78 21.53
C GLN C 142 -20.48 6.58 21.79
N HIS C 143 -20.45 7.41 22.83
CA HIS C 143 -19.24 8.14 23.18
C HIS C 143 -18.25 7.28 23.95
N TYR C 144 -18.70 6.22 24.61
CA TYR C 144 -17.85 5.45 25.51
C TYR C 144 -17.20 4.28 24.79
N GLN C 145 -16.02 3.91 25.27
CA GLN C 145 -15.19 2.88 24.67
C GLN C 145 -15.17 1.56 25.44
N ASN C 146 -15.19 1.62 26.78
CA ASN C 146 -15.10 0.42 27.62
C ASN C 146 -16.18 0.51 28.69
N ILE C 147 -17.31 -0.15 28.44
CA ILE C 147 -18.44 -0.15 29.34
C ILE C 147 -18.43 -1.47 30.11
N LEU C 148 -18.39 -1.37 31.43
CA LEU C 148 -18.49 -2.55 32.30
C LEU C 148 -19.95 -2.77 32.68
N ILE C 149 -20.47 -3.94 32.40
CA ILE C 149 -21.86 -4.29 32.68
C ILE C 149 -21.88 -5.36 33.77
N VAL C 150 -22.49 -5.03 34.90
CA VAL C 150 -22.66 -5.96 36.01
C VAL C 150 -24.12 -6.40 36.01
N SER C 151 -24.36 -7.69 35.81
CA SER C 151 -25.72 -8.20 35.69
C SER C 151 -25.82 -9.67 36.11
N HIS C 152 -26.72 -10.40 35.46
CA HIS C 152 -27.04 -11.77 35.84
C HIS C 152 -26.79 -12.72 34.67
N GLN C 153 -26.83 -14.01 34.98
CA GLN C 153 -26.51 -15.03 33.97
C GLN C 153 -27.51 -15.00 32.83
N GLY C 154 -28.80 -14.97 33.14
CA GLY C 154 -29.81 -14.94 32.10
C GLY C 154 -29.75 -13.69 31.25
N VAL C 155 -29.48 -12.55 31.87
CA VAL C 155 -29.37 -11.30 31.13
C VAL C 155 -28.13 -11.31 30.24
N LEU C 156 -26.99 -11.71 30.79
CA LEU C 156 -25.74 -11.64 30.04
C LEU C 156 -25.69 -12.69 28.95
N SER C 157 -26.22 -13.89 29.22
CA SER C 157 -26.25 -14.92 28.18
C SER C 157 -27.14 -14.50 27.03
N LEU C 158 -28.27 -13.87 27.34
CA LEU C 158 -29.18 -13.40 26.29
C LEU C 158 -28.60 -12.18 25.56
N LEU C 159 -27.89 -11.31 26.28
CA LEU C 159 -27.27 -10.17 25.62
C LEU C 159 -26.28 -10.61 24.56
N ILE C 160 -25.45 -11.60 24.89
CA ILE C 160 -24.48 -12.11 23.92
C ILE C 160 -25.18 -12.71 22.72
N ALA C 161 -26.22 -13.52 22.97
CA ALA C 161 -26.90 -14.21 21.87
C ALA C 161 -27.57 -13.23 20.92
N ARG C 162 -28.25 -12.22 21.44
CA ARG C 162 -28.98 -11.29 20.59
C ARG C 162 -28.04 -10.32 19.87
N LEU C 163 -26.92 -9.96 20.49
CA LEU C 163 -25.98 -9.04 19.85
C LEU C 163 -25.39 -9.62 18.58
N ILE C 164 -25.10 -10.93 18.58
CA ILE C 164 -24.45 -11.55 17.43
C ILE C 164 -25.50 -12.16 16.51
N GLY C 165 -26.75 -11.76 16.68
CA GLY C 165 -27.79 -12.01 15.71
C GLY C 165 -28.54 -13.32 15.84
N MSE C 166 -28.41 -14.01 16.97
CA MSE C 166 -29.11 -15.28 17.16
C MSE C 166 -30.41 -15.11 17.93
O MSE C 166 -30.59 -14.12 18.65
CB MSE C 166 -28.21 -16.27 17.91
CG MSE C 166 -27.66 -17.38 17.03
SE MSE C 166 -26.70 -18.62 18.18
CE MSE C 166 -25.68 -17.28 19.14
N PRO C 167 -31.34 -16.04 17.76
CA PRO C 167 -32.62 -15.95 18.47
C PRO C 167 -32.42 -16.03 19.98
N ALA C 168 -33.40 -15.47 20.70
CA ALA C 168 -33.32 -15.40 22.16
C ALA C 168 -33.18 -16.78 22.80
N GLU C 169 -33.49 -17.84 22.06
CA GLU C 169 -33.46 -19.20 22.58
C GLU C 169 -32.04 -19.76 22.67
N SER C 170 -31.12 -19.22 21.88
CA SER C 170 -29.74 -19.69 21.85
C SER C 170 -28.88 -19.10 22.95
N MSE C 171 -29.49 -18.45 23.94
CA MSE C 171 -28.75 -17.91 25.07
C MSE C 171 -28.01 -19.01 25.82
O MSE C 171 -26.96 -18.79 26.42
CB MSE C 171 -29.70 -17.18 26.03
CG MSE C 171 -30.89 -18.02 26.46
SE MSE C 171 -32.04 -17.13 27.75
CE MSE C 171 -30.75 -16.85 29.19
N TRP C 172 -28.55 -20.22 25.75
CA TRP C 172 -28.02 -21.34 26.50
C TRP C 172 -26.77 -21.95 25.87
N HIS C 173 -26.35 -21.46 24.70
CA HIS C 173 -25.05 -21.84 24.15
C HIS C 173 -23.91 -21.08 24.83
N PHE C 174 -24.21 -20.05 25.60
CA PHE C 174 -23.22 -19.23 26.30
C PHE C 174 -23.55 -19.24 27.78
N ARG C 175 -22.75 -19.96 28.55
CA ARG C 175 -22.84 -19.92 30.00
C ARG C 175 -21.95 -18.81 30.52
N VAL C 176 -22.51 -17.95 31.37
CA VAL C 176 -21.75 -16.87 31.99
C VAL C 176 -21.47 -17.27 33.43
N ASP C 177 -20.20 -17.49 33.75
CA ASP C 177 -19.80 -18.05 35.03
C ASP C 177 -19.45 -16.96 36.03
N GLN C 178 -19.60 -17.29 37.31
CA GLN C 178 -19.25 -16.38 38.38
C GLN C 178 -17.75 -16.41 38.65
N GLY C 179 -17.24 -15.28 39.13
CA GLY C 179 -15.82 -15.11 39.32
C GLY C 179 -15.04 -14.86 38.04
N CYS C 180 -15.70 -14.77 36.89
CA CYS C 180 -15.06 -14.57 35.61
C CYS C 180 -15.55 -13.28 34.97
N TRP C 181 -14.93 -12.93 33.85
CA TRP C 181 -15.34 -11.77 33.06
C TRP C 181 -15.32 -12.13 31.59
N SER C 182 -16.10 -11.40 30.81
CA SER C 182 -16.18 -11.58 29.37
C SER C 182 -16.04 -10.23 28.68
N ALA C 183 -15.98 -10.25 27.35
CA ALA C 183 -15.84 -9.02 26.58
C ALA C 183 -16.34 -9.26 25.17
N ILE C 184 -17.24 -8.39 24.70
CA ILE C 184 -17.75 -8.43 23.35
C ILE C 184 -17.67 -7.01 22.76
N ASP C 185 -17.16 -6.91 21.54
CA ASP C 185 -16.99 -5.62 20.88
C ASP C 185 -18.11 -5.41 19.87
N ILE C 186 -18.51 -4.16 19.70
CA ILE C 186 -19.52 -3.78 18.72
C ILE C 186 -19.00 -2.59 17.92
N ASN C 187 -18.96 -2.75 16.60
CA ASN C 187 -18.61 -1.67 15.69
C ASN C 187 -19.69 -1.59 14.63
N GLN C 188 -20.14 -0.38 14.35
CA GLN C 188 -21.41 -0.17 13.66
C GLN C 188 -22.50 -0.89 14.46
N LYS C 189 -22.94 -2.04 13.97
CA LYS C 189 -23.82 -2.90 14.76
C LYS C 189 -23.43 -4.36 14.61
N PHE C 190 -22.16 -4.61 14.29
CA PHE C 190 -21.62 -5.96 14.16
C PHE C 190 -20.88 -6.31 15.45
N ALA C 191 -21.42 -7.27 16.20
CA ALA C 191 -20.83 -7.70 17.46
C ALA C 191 -19.87 -8.85 17.24
N THR C 192 -18.72 -8.79 17.92
CA THR C 192 -17.72 -9.85 17.88
C THR C 192 -17.41 -10.27 19.31
N LEU C 193 -17.77 -11.51 19.66
CA LEU C 193 -17.46 -12.04 20.98
C LEU C 193 -15.96 -12.29 21.08
N ARG C 194 -15.30 -11.66 22.05
CA ARG C 194 -13.85 -11.70 22.14
C ARG C 194 -13.32 -12.51 23.31
N VAL C 195 -13.99 -12.45 24.47
CA VAL C 195 -13.58 -13.18 25.66
C VAL C 195 -14.83 -13.70 26.34
N LEU C 196 -14.76 -14.93 26.85
CA LEU C 196 -15.89 -15.53 27.57
C LEU C 196 -15.36 -16.33 28.74
N ASN C 197 -15.77 -15.93 29.96
CA ASN C 197 -15.48 -16.66 31.19
C ASN C 197 -13.97 -16.74 31.44
N SER C 198 -13.34 -15.58 31.49
CA SER C 198 -11.92 -15.47 31.75
C SER C 198 -11.65 -15.22 33.23
N ARG C 199 -10.64 -15.91 33.76
CA ARG C 199 -10.12 -15.63 35.09
C ARG C 199 -8.74 -14.99 35.03
N ALA C 200 -8.34 -14.49 33.87
CA ALA C 200 -7.04 -13.88 33.65
C ALA C 200 -7.15 -12.37 33.74
N ILE C 201 -5.98 -11.72 33.76
CA ILE C 201 -5.93 -10.27 33.82
C ILE C 201 -6.40 -9.68 32.51
N GLY C 202 -7.24 -8.65 32.60
CA GLY C 202 -7.78 -8.02 31.40
C GLY C 202 -6.80 -7.06 30.76
N VAL C 203 -6.91 -6.95 29.44
CA VAL C 203 -6.13 -6.00 28.66
C VAL C 203 -7.07 -5.27 27.73
N GLU C 204 -6.91 -3.94 27.65
CA GLU C 204 -7.76 -3.13 26.80
C GLU C 204 -7.44 -3.36 25.32
N ASN C 205 -8.27 -2.78 24.47
CA ASN C 205 -8.07 -2.89 23.03
C ASN C 205 -6.80 -2.17 22.59
N MSE D 4 -10.72 66.72 3.74
CA MSE D 4 -9.78 67.21 4.75
C MSE D 4 -8.85 66.11 5.23
O MSE D 4 -9.12 64.93 5.06
CB MSE D 4 -10.54 67.79 5.94
CG MSE D 4 -11.43 66.77 6.66
SE MSE D 4 -12.17 67.46 8.33
CE MSE D 4 -13.56 66.12 8.62
N ARG D 5 -7.74 66.53 5.84
CA ARG D 5 -6.77 65.59 6.40
C ARG D 5 -6.51 65.96 7.85
N LEU D 6 -6.60 64.95 8.73
CA LEU D 6 -6.31 65.12 10.15
C LEU D 6 -4.94 64.54 10.44
N TRP D 7 -4.01 65.40 10.87
CA TRP D 7 -2.69 64.95 11.30
C TRP D 7 -2.76 64.66 12.80
N LEU D 8 -2.50 63.42 13.16
CA LEU D 8 -2.68 62.93 14.53
C LEU D 8 -1.34 62.87 15.24
N ILE D 9 -1.29 63.39 16.46
CA ILE D 9 -0.07 63.40 17.26
C ILE D 9 -0.43 63.03 18.69
N ARG D 10 0.28 62.05 19.24
CA ARG D 10 0.16 61.74 20.66
C ARG D 10 1.23 62.50 21.43
N HIS D 11 0.85 62.97 22.62
CA HIS D 11 1.79 63.67 23.49
C HIS D 11 3.00 62.79 23.78
N GLY D 12 4.11 63.45 24.08
CA GLY D 12 5.36 62.74 24.30
C GLY D 12 5.36 61.94 25.59
N GLU D 13 6.53 61.39 25.89
CA GLU D 13 6.71 60.60 27.11
C GLU D 13 6.57 61.48 28.34
N THR D 14 5.83 60.99 29.31
CA THR D 14 5.60 61.71 30.56
C THR D 14 6.24 60.98 31.73
N GLN D 15 6.23 61.64 32.88
CA GLN D 15 6.77 61.02 34.09
C GLN D 15 5.90 59.86 34.55
N ALA D 16 4.60 59.90 34.25
CA ALA D 16 3.75 58.75 34.56
C ALA D 16 4.06 57.58 33.65
N ASN D 17 4.59 57.82 32.46
CA ASN D 17 4.94 56.73 31.56
C ASN D 17 6.17 55.99 32.06
N VAL D 18 7.18 56.72 32.53
CA VAL D 18 8.38 56.07 33.04
C VAL D 18 8.10 55.40 34.39
N ASP D 19 7.11 55.92 35.13
CA ASP D 19 6.68 55.28 36.37
C ASP D 19 5.68 54.16 36.13
N GLY D 20 5.20 53.99 34.90
CA GLY D 20 4.26 52.92 34.60
C GLY D 20 2.90 53.06 35.23
N LEU D 21 2.56 54.25 35.73
CA LEU D 21 1.31 54.46 36.42
C LEU D 21 0.18 54.77 35.44
N TYR D 22 -1.06 54.61 35.94
CA TYR D 22 -2.24 54.99 35.18
C TYR D 22 -2.35 56.51 35.14
N SER D 23 -2.19 57.10 33.96
CA SER D 23 -2.23 58.55 33.78
C SER D 23 -3.57 58.92 33.16
N GLY D 24 -4.51 59.34 34.01
CA GLY D 24 -5.81 59.74 33.52
C GLY D 24 -5.87 61.23 33.21
N HIS D 25 -6.71 61.95 33.93
CA HIS D 25 -6.73 63.41 33.87
C HIS D 25 -5.70 64.02 34.82
N ALA D 26 -5.02 63.21 35.61
CA ALA D 26 -4.05 63.74 36.56
C ALA D 26 -2.86 64.32 35.82
N PRO D 27 -2.42 65.53 36.18
CA PRO D 27 -1.32 66.16 35.44
C PRO D 27 0.00 65.45 35.69
N THR D 28 0.67 65.09 34.60
CA THR D 28 2.00 64.52 34.67
C THR D 28 2.93 65.32 33.77
N PRO D 29 4.16 65.60 34.21
CA PRO D 29 5.07 66.42 33.42
C PRO D 29 5.70 65.63 32.28
N LEU D 30 5.93 66.34 31.18
CA LEU D 30 6.67 65.77 30.06
C LEU D 30 8.13 65.56 30.46
N THR D 31 8.67 64.40 30.09
CA THR D 31 10.08 64.14 30.36
C THR D 31 10.96 64.80 29.30
N ALA D 32 12.26 64.74 29.53
CA ALA D 32 13.21 65.25 28.54
C ALA D 32 13.03 64.54 27.21
N ARG D 33 12.78 63.23 27.25
CA ARG D 33 12.50 62.49 26.02
C ARG D 33 11.22 62.98 25.36
N GLY D 34 10.17 63.18 26.16
CA GLY D 34 8.92 63.68 25.60
C GLY D 34 9.06 65.06 25.00
N ILE D 35 9.93 65.90 25.57
CA ILE D 35 10.11 67.26 25.07
C ILE D 35 10.78 67.24 23.70
N GLU D 36 11.88 66.49 23.58
CA GLU D 36 12.57 66.41 22.29
C GLU D 36 11.76 65.63 21.26
N GLN D 37 10.87 64.73 21.71
CA GLN D 37 9.97 64.07 20.77
C GLN D 37 9.11 65.09 20.03
N ALA D 38 8.59 66.09 20.76
CA ALA D 38 7.77 67.11 20.13
C ALA D 38 8.63 68.09 19.33
N GLN D 39 9.83 68.40 19.82
CA GLN D 39 10.74 69.24 19.07
C GLN D 39 11.11 68.59 17.74
N ASN D 40 11.34 67.27 17.76
CA ASN D 40 11.57 66.55 16.51
C ASN D 40 10.33 66.58 15.64
N LEU D 41 9.14 66.43 16.24
CA LEU D 41 7.90 66.51 15.47
C LEU D 41 7.71 67.90 14.88
N HIS D 42 8.17 68.93 15.58
CA HIS D 42 8.08 70.28 15.03
C HIS D 42 8.82 70.39 13.71
N THR D 43 10.00 69.77 13.63
CA THR D 43 10.81 69.87 12.42
C THR D 43 10.34 68.91 11.33
N LEU D 44 9.74 67.78 11.71
CA LEU D 44 9.23 66.85 10.70
C LEU D 44 8.03 67.44 9.97
N LEU D 45 7.17 68.18 10.70
CA LEU D 45 5.97 68.79 10.13
C LEU D 45 6.17 70.26 9.83
N ASP D 46 7.41 70.73 9.76
CA ASP D 46 7.68 72.15 9.58
C ASP D 46 7.17 72.68 8.25
N ASP D 47 6.99 71.82 7.26
CA ASP D 47 6.57 72.25 5.93
C ASP D 47 5.09 72.04 5.66
N VAL D 48 4.34 71.56 6.65
CA VAL D 48 2.91 71.36 6.50
C VAL D 48 2.19 72.62 6.98
N SER D 49 1.26 73.12 6.17
CA SER D 49 0.51 74.34 6.51
C SER D 49 -0.79 73.93 7.17
N PHE D 50 -0.76 73.78 8.49
CA PHE D 50 -1.96 73.45 9.24
C PHE D 50 -2.91 74.64 9.26
N ASP D 51 -4.17 74.41 8.90
CA ASP D 51 -5.18 75.45 9.00
C ASP D 51 -5.84 75.51 10.36
N LEU D 52 -5.76 74.43 11.13
CA LEU D 52 -6.49 74.33 12.39
C LEU D 52 -5.76 73.35 13.31
N VAL D 53 -5.85 73.62 14.61
CA VAL D 53 -5.22 72.79 15.62
C VAL D 53 -6.25 72.47 16.69
N LEU D 54 -6.49 71.18 16.93
CA LEU D 54 -7.39 70.73 17.98
C LEU D 54 -6.55 69.97 19.01
N CYS D 55 -6.61 70.41 20.26
CA CYS D 55 -5.78 69.85 21.32
C CYS D 55 -6.63 69.49 22.52
N SER D 56 -6.19 68.48 23.26
CA SER D 56 -6.86 68.11 24.50
C SER D 56 -6.53 69.13 25.59
N GLU D 57 -7.37 69.14 26.62
CA GLU D 57 -7.18 70.09 27.72
C GLU D 57 -5.92 69.79 28.52
N LEU D 58 -5.53 68.52 28.62
CA LEU D 58 -4.47 68.12 29.55
C LEU D 58 -3.14 68.73 29.12
N GLU D 59 -2.37 69.20 30.12
CA GLU D 59 -1.18 69.98 29.86
C GLU D 59 -0.12 69.19 29.12
N ARG D 60 -0.08 67.86 29.35
CA ARG D 60 0.88 67.03 28.61
C ARG D 60 0.66 67.12 27.11
N ALA D 61 -0.57 67.41 26.68
CA ALA D 61 -0.88 67.59 25.28
C ALA D 61 -0.68 69.03 24.82
N GLN D 62 -1.08 69.99 25.65
CA GLN D 62 -0.86 71.40 25.30
C GLN D 62 0.62 71.72 25.25
N HIS D 63 1.40 71.12 26.16
CA HIS D 63 2.85 71.26 26.09
C HIS D 63 3.39 70.73 24.77
N THR D 64 2.90 69.56 24.35
CA THR D 64 3.33 68.99 23.07
C THR D 64 2.92 69.89 21.91
N ALA D 65 1.69 70.41 21.94
CA ALA D 65 1.22 71.27 20.86
C ALA D 65 2.07 72.53 20.76
N ARG D 66 2.48 73.09 21.90
CA ARG D 66 3.32 74.28 21.88
C ARG D 66 4.65 73.99 21.21
N LEU D 67 5.24 72.84 21.49
CA LEU D 67 6.56 72.53 20.95
C LEU D 67 6.49 72.22 19.45
N VAL D 68 5.44 71.50 19.04
CA VAL D 68 5.34 71.07 17.65
C VAL D 68 5.10 72.27 16.74
N LEU D 69 4.11 73.10 17.07
CA LEU D 69 3.85 74.28 16.25
C LEU D 69 4.96 75.31 16.42
N SER D 70 5.50 75.42 17.63
CA SER D 70 6.57 76.36 17.95
C SER D 70 6.17 77.78 17.58
N ASP D 71 6.82 78.36 16.57
CA ASP D 71 6.62 79.75 16.17
C ASP D 71 5.60 79.90 15.04
N ARG D 72 4.79 78.88 14.77
CA ARG D 72 3.78 79.04 13.71
C ARG D 72 2.65 79.96 14.16
N GLN D 73 2.29 79.90 15.44
CA GLN D 73 1.30 80.79 16.04
C GLN D 73 -0.05 80.71 15.32
N LEU D 74 -0.53 79.49 15.16
CA LEU D 74 -1.86 79.23 14.62
C LEU D 74 -2.89 79.27 15.74
N PRO D 75 -4.18 79.33 15.40
CA PRO D 75 -5.20 79.22 16.45
C PRO D 75 -5.29 77.79 16.97
N VAL D 76 -5.51 77.67 18.28
CA VAL D 76 -5.59 76.37 18.94
C VAL D 76 -6.94 76.27 19.63
N HIS D 77 -7.74 75.29 19.20
CA HIS D 77 -9.02 75.00 19.84
C HIS D 77 -8.80 73.89 20.86
N ILE D 78 -8.94 74.22 22.13
CA ILE D 78 -8.82 73.21 23.18
C ILE D 78 -10.17 72.52 23.33
N ILE D 79 -10.22 71.24 23.01
CA ILE D 79 -11.46 70.47 22.93
C ILE D 79 -11.47 69.47 24.09
N PRO D 80 -12.48 69.52 24.97
CA PRO D 80 -12.52 68.57 26.09
C PRO D 80 -12.79 67.14 25.66
N GLU D 81 -13.42 66.93 24.49
CA GLU D 81 -13.68 65.56 24.03
C GLU D 81 -12.39 64.81 23.80
N LEU D 82 -11.30 65.51 23.48
CA LEU D 82 -10.01 64.91 23.21
C LEU D 82 -9.26 64.50 24.45
N ASN D 83 -9.84 64.68 25.63
CA ASN D 83 -9.13 64.38 26.87
C ASN D 83 -8.95 62.88 27.05
N GLU D 84 -7.88 62.51 27.75
CA GLU D 84 -7.65 61.13 28.12
C GLU D 84 -8.82 60.62 28.97
N MSE D 85 -9.03 59.31 28.94
CA MSE D 85 -10.06 58.69 29.77
C MSE D 85 -9.84 59.03 31.24
O MSE D 85 -8.72 58.94 31.75
CB MSE D 85 -10.08 57.18 29.58
CG MSE D 85 -11.03 56.46 30.54
SE MSE D 85 -11.49 54.63 30.04
CE MSE D 85 -9.70 53.86 29.97
N PHE D 86 -10.92 59.40 31.92
CA PHE D 86 -10.88 59.72 33.34
C PHE D 86 -10.86 58.42 34.13
N PHE D 87 -9.76 58.16 34.82
CA PHE D 87 -9.57 56.89 35.52
C PHE D 87 -10.01 56.96 36.99
N GLY D 88 -10.44 58.13 37.47
CA GLY D 88 -10.97 58.24 38.82
C GLY D 88 -9.95 58.07 39.92
N ASP D 89 -10.20 57.09 40.81
CA ASP D 89 -9.33 56.88 41.95
C ASP D 89 -8.04 56.14 41.59
N TRP D 90 -8.03 55.42 40.48
CA TRP D 90 -6.86 54.64 40.08
C TRP D 90 -5.77 55.48 39.42
N GLU D 91 -5.93 56.80 39.37
CA GLU D 91 -4.98 57.63 38.65
C GLU D 91 -3.70 57.84 39.47
N MSE D 92 -2.58 57.90 38.75
CA MSE D 92 -1.24 57.96 39.34
C MSE D 92 -0.97 56.78 40.26
O MSE D 92 -0.16 56.90 41.19
CB MSE D 92 -1.03 59.28 40.09
CG MSE D 92 -1.33 60.52 39.27
SE MSE D 92 -0.86 60.37 37.38
CE MSE D 92 0.95 61.09 37.44
N ARG D 93 -1.61 55.65 40.00
CA ARG D 93 -1.39 54.43 40.75
C ARG D 93 -0.97 53.31 39.81
N HIS D 94 -0.22 52.35 40.35
CA HIS D 94 0.38 51.30 39.55
C HIS D 94 -0.53 50.08 39.47
N HIS D 95 -0.42 49.36 38.35
CA HIS D 95 -1.19 48.12 38.19
C HIS D 95 -0.80 47.10 39.24
N ARG D 96 0.47 47.07 39.63
CA ARG D 96 0.92 46.11 40.65
C ARG D 96 0.26 46.37 41.99
N ASP D 97 0.13 47.64 42.37
CA ASP D 97 -0.47 47.97 43.65
C ASP D 97 -2.00 47.91 43.60
N LEU D 98 -2.59 48.14 42.42
CA LEU D 98 -4.04 48.15 42.30
C LEU D 98 -4.64 46.75 42.38
N MSE D 99 -3.84 45.71 42.20
CA MSE D 99 -4.34 44.34 42.25
C MSE D 99 -4.70 43.93 43.67
O MSE D 99 -5.54 43.04 43.87
CB MSE D 99 -3.30 43.37 41.69
CG MSE D 99 -3.08 43.49 40.20
SE MSE D 99 -3.17 41.76 39.30
CE MSE D 99 -5.11 41.48 39.36
N GLN D 100 -4.07 44.56 44.66
CA GLN D 100 -4.34 44.28 46.06
C GLN D 100 -5.05 45.40 46.79
N GLU D 101 -4.80 46.66 46.41
CA GLU D 101 -5.44 47.77 47.10
C GLU D 101 -6.91 47.91 46.72
N ASP D 102 -7.24 47.64 45.46
CA ASP D 102 -8.62 47.67 44.97
C ASP D 102 -8.87 46.37 44.21
N ALA D 103 -8.86 45.26 44.94
CA ALA D 103 -8.76 43.94 44.32
C ALA D 103 -10.01 43.61 43.50
N GLU D 104 -11.19 43.73 44.12
CA GLU D 104 -12.42 43.29 43.46
C GLU D 104 -12.70 44.09 42.19
N ASN D 105 -12.62 45.41 42.29
CA ASN D 105 -13.04 46.25 41.16
C ASN D 105 -11.99 46.28 40.06
N TYR D 106 -10.70 46.23 40.42
CA TYR D 106 -9.66 46.29 39.40
C TYR D 106 -9.62 45.00 38.57
N SER D 107 -9.98 43.87 39.17
CA SER D 107 -9.99 42.63 38.40
C SER D 107 -11.19 42.58 37.46
N ALA D 108 -12.32 43.17 37.86
CA ALA D 108 -13.45 43.26 36.95
C ALA D 108 -13.11 44.15 35.75
N TRP D 109 -12.35 45.21 35.99
CA TRP D 109 -11.89 46.05 34.88
C TRP D 109 -10.93 45.30 33.97
N CYS D 110 -10.13 44.38 34.53
CA CYS D 110 -9.17 43.64 33.72
C CYS D 110 -9.86 42.60 32.84
N ASN D 111 -10.93 41.99 33.34
CA ASN D 111 -11.68 41.00 32.58
C ASN D 111 -12.79 41.61 31.73
N ASP D 112 -13.12 42.89 31.96
CA ASP D 112 -14.17 43.59 31.20
C ASP D 112 -13.76 45.07 31.24
N TRP D 113 -12.84 45.42 30.34
CA TRP D 113 -12.48 46.82 30.18
C TRP D 113 -13.53 47.60 29.40
N GLN D 114 -14.49 46.91 28.78
CA GLN D 114 -15.48 47.56 27.95
C GLN D 114 -16.71 48.03 28.74
N HIS D 115 -16.99 47.43 29.90
CA HIS D 115 -18.18 47.79 30.63
C HIS D 115 -17.88 48.13 32.09
N ALA D 116 -16.91 47.43 32.69
CA ALA D 116 -16.58 47.69 34.09
C ALA D 116 -16.01 49.09 34.24
N ILE D 117 -16.55 49.84 35.19
CA ILE D 117 -16.17 51.23 35.39
C ILE D 117 -15.06 51.31 36.43
N PRO D 118 -13.95 51.99 36.13
CA PRO D 118 -12.96 52.28 37.18
C PRO D 118 -13.60 53.09 38.30
N THR D 119 -13.19 52.77 39.53
CA THR D 119 -13.76 53.39 40.72
C THR D 119 -13.69 54.90 40.64
N ASN D 120 -14.86 55.54 40.58
CA ASN D 120 -15.02 56.99 40.43
C ASN D 120 -14.45 57.52 39.13
N GLY D 121 -14.17 56.65 38.16
CA GLY D 121 -13.74 57.06 36.85
C GLY D 121 -14.86 56.92 35.83
N GLU D 122 -14.54 57.28 34.58
CA GLU D 122 -15.47 57.12 33.48
C GLU D 122 -15.20 55.79 32.78
N GLY D 123 -16.27 55.12 32.39
CA GLY D 123 -16.12 53.84 31.73
C GLY D 123 -15.75 53.99 30.27
N PHE D 124 -15.44 52.85 29.65
CA PHE D 124 -15.15 52.85 28.22
C PHE D 124 -16.36 53.28 27.42
N GLN D 125 -17.56 52.94 27.88
CA GLN D 125 -18.78 53.33 27.17
C GLN D 125 -18.90 54.84 27.08
N ALA D 126 -18.80 55.52 28.22
CA ALA D 126 -18.84 56.99 28.21
C ALA D 126 -17.66 57.55 27.43
N PHE D 127 -16.48 56.94 27.58
CA PHE D 127 -15.32 57.37 26.80
C PHE D 127 -15.59 57.24 25.30
N SER D 128 -16.01 56.05 24.86
CA SER D 128 -16.28 55.83 23.44
C SER D 128 -17.36 56.78 22.96
N GLN D 129 -18.38 57.04 23.79
N GLN D 129 -18.37 57.05 23.79
CA GLN D 129 -19.40 58.01 23.42
CA GLN D 129 -19.39 58.02 23.41
C GLN D 129 -18.82 59.41 23.33
C GLN D 129 -18.83 59.43 23.34
N ARG D 130 -17.82 59.73 24.15
CA ARG D 130 -17.21 61.04 24.11
C ARG D 130 -16.44 61.25 22.81
N VAL D 131 -15.71 60.23 22.37
CA VAL D 131 -14.95 60.34 21.12
C VAL D 131 -15.90 60.39 19.93
N GLU D 132 -16.99 59.61 19.98
CA GLU D 132 -17.97 59.65 18.90
C GLU D 132 -18.59 61.04 18.77
N ARG D 133 -18.81 61.71 19.91
CA ARG D 133 -19.31 63.08 19.86
C ARG D 133 -18.32 64.00 19.16
N PHE D 134 -17.03 63.83 19.44
CA PHE D 134 -16.02 64.61 18.75
C PHE D 134 -16.04 64.32 17.25
N ILE D 135 -16.19 63.05 16.87
CA ILE D 135 -16.23 62.69 15.46
C ILE D 135 -17.42 63.34 14.77
N ALA D 136 -18.57 63.34 15.44
CA ALA D 136 -19.74 64.04 14.89
C ALA D 136 -19.45 65.52 14.72
N ARG D 137 -18.60 66.09 15.56
CA ARG D 137 -18.23 67.50 15.48
C ARG D 137 -17.21 67.79 14.39
N LEU D 138 -16.73 66.78 13.66
CA LEU D 138 -15.80 67.05 12.58
C LEU D 138 -16.46 67.76 11.41
N SER D 139 -17.80 67.78 11.36
CA SER D 139 -18.48 68.43 10.25
C SER D 139 -18.30 69.94 10.27
N GLU D 140 -18.09 70.52 11.45
CA GLU D 140 -17.91 71.96 11.56
C GLU D 140 -16.49 72.42 11.23
N TYR D 141 -15.61 71.50 10.81
CA TYR D 141 -14.28 71.85 10.34
C TYR D 141 -14.11 71.55 8.85
N GLN D 142 -15.21 71.48 8.10
CA GLN D 142 -15.15 71.12 6.69
C GLN D 142 -14.31 72.11 5.89
N HIS D 143 -14.30 73.38 6.30
CA HIS D 143 -13.60 74.40 5.54
C HIS D 143 -12.09 74.18 5.54
N TYR D 144 -11.56 73.54 6.58
CA TYR D 144 -10.12 73.39 6.74
C TYR D 144 -9.63 72.15 5.99
N GLN D 145 -8.37 72.20 5.56
CA GLN D 145 -7.76 71.12 4.81
C GLN D 145 -6.69 70.35 5.57
N ASN D 146 -6.00 70.99 6.50
CA ASN D 146 -4.96 70.35 7.31
C ASN D 146 -5.21 70.69 8.77
N ILE D 147 -5.89 69.78 9.47
CA ILE D 147 -6.22 69.94 10.89
C ILE D 147 -5.24 69.10 11.71
N LEU D 148 -4.59 69.74 12.66
CA LEU D 148 -3.69 69.03 13.58
C LEU D 148 -4.45 68.69 14.86
N ILE D 149 -4.41 67.42 15.24
CA ILE D 149 -5.04 66.95 16.46
C ILE D 149 -3.94 66.44 17.38
N VAL D 150 -3.85 67.03 18.57
CA VAL D 150 -2.91 66.61 19.60
C VAL D 150 -3.72 66.10 20.78
N SER D 151 -3.57 64.81 21.08
CA SER D 151 -4.35 64.17 22.14
C SER D 151 -3.59 63.01 22.76
N HIS D 152 -4.29 61.90 23.02
CA HIS D 152 -3.72 60.77 23.74
C HIS D 152 -3.94 59.49 22.93
N GLN D 153 -3.27 58.43 23.36
CA GLN D 153 -3.29 57.18 22.60
C GLN D 153 -4.69 56.59 22.54
N GLY D 154 -5.36 56.47 23.69
CA GLY D 154 -6.69 55.90 23.71
C GLY D 154 -7.68 56.66 22.86
N VAL D 155 -7.55 58.00 22.83
CA VAL D 155 -8.43 58.81 22.00
C VAL D 155 -8.15 58.57 20.53
N LEU D 156 -6.88 58.65 20.13
CA LEU D 156 -6.53 58.59 18.72
C LEU D 156 -6.67 57.17 18.16
N SER D 157 -6.39 56.14 18.97
CA SER D 157 -6.63 54.77 18.52
C SER D 157 -8.12 54.54 18.30
N LEU D 158 -8.96 55.05 19.20
CA LEU D 158 -10.40 54.95 19.04
C LEU D 158 -10.89 55.84 17.91
N LEU D 159 -10.25 57.00 17.71
CA LEU D 159 -10.63 57.88 16.62
C LEU D 159 -10.42 57.21 15.27
N ILE D 160 -9.29 56.51 15.11
CA ILE D 160 -9.00 55.85 13.84
C ILE D 160 -9.97 54.70 13.60
N ALA D 161 -10.18 53.86 14.62
CA ALA D 161 -11.05 52.71 14.46
C ALA D 161 -12.48 53.12 14.09
N ARG D 162 -12.99 54.16 14.73
CA ARG D 162 -14.37 54.57 14.49
C ARG D 162 -14.53 55.20 13.11
N LEU D 163 -13.51 55.94 12.66
CA LEU D 163 -13.62 56.65 11.38
C LEU D 163 -13.66 55.70 10.20
N ILE D 164 -12.98 54.56 10.30
CA ILE D 164 -12.96 53.58 9.23
C ILE D 164 -14.06 52.53 9.40
N GLY D 165 -15.00 52.76 10.31
CA GLY D 165 -16.18 51.91 10.39
C GLY D 165 -16.04 50.69 11.27
N MSE D 166 -15.05 50.67 12.17
CA MSE D 166 -14.91 49.54 13.07
C MSE D 166 -15.54 49.77 14.42
O MSE D 166 -15.75 50.91 14.83
CB MSE D 166 -13.43 49.20 13.25
CG MSE D 166 -12.67 49.21 11.96
SE MSE D 166 -10.78 48.93 12.23
CE MSE D 166 -10.83 47.09 12.87
N PRO D 167 -15.88 48.67 15.10
CA PRO D 167 -16.40 48.80 16.47
C PRO D 167 -15.37 49.45 17.38
N ALA D 168 -15.88 50.14 18.40
CA ALA D 168 -15.00 50.84 19.32
C ALA D 168 -14.03 49.88 20.02
N GLU D 169 -14.43 48.62 20.20
CA GLU D 169 -13.61 47.66 20.89
C GLU D 169 -12.34 47.29 20.11
N SER D 170 -12.34 47.48 18.79
CA SER D 170 -11.19 47.14 17.96
C SER D 170 -10.20 48.30 17.80
N MSE D 171 -10.18 49.22 18.76
CA MSE D 171 -9.22 50.32 18.76
C MSE D 171 -7.81 49.81 18.97
O MSE D 171 -6.83 50.44 18.55
CB MSE D 171 -9.57 51.33 19.85
CG MSE D 171 -9.71 50.69 21.22
SE MSE D 171 -9.95 51.97 22.66
CE MSE D 171 -8.13 52.67 22.76
N TRP D 172 -7.69 48.66 19.63
CA TRP D 172 -6.38 48.14 20.00
C TRP D 172 -5.62 47.55 18.83
N HIS D 173 -6.22 47.51 17.63
CA HIS D 173 -5.47 47.16 16.43
C HIS D 173 -4.63 48.31 15.91
N PHE D 174 -4.81 49.53 16.45
CA PHE D 174 -4.11 50.73 15.99
C PHE D 174 -3.48 51.41 17.19
N ARG D 175 -2.29 50.94 17.58
CA ARG D 175 -1.55 51.63 18.64
C ARG D 175 -0.82 52.83 18.05
N VAL D 176 -0.93 53.97 18.73
CA VAL D 176 -0.33 55.24 18.29
C VAL D 176 0.87 55.52 19.17
N ASP D 177 2.04 55.66 18.56
CA ASP D 177 3.29 55.79 19.29
C ASP D 177 3.62 57.26 19.56
N GLN D 178 4.42 57.48 20.60
CA GLN D 178 4.90 58.81 20.92
C GLN D 178 6.12 59.14 20.07
N GLY D 179 6.27 60.42 19.75
CA GLY D 179 7.33 60.85 18.87
C GLY D 179 7.07 60.64 17.40
N CYS D 180 5.88 60.16 17.03
CA CYS D 180 5.49 59.94 15.65
C CYS D 180 4.25 60.76 15.32
N TRP D 181 3.90 60.77 14.04
CA TRP D 181 2.69 61.42 13.56
C TRP D 181 1.94 60.48 12.63
N SER D 182 0.63 60.68 12.54
CA SER D 182 -0.24 59.89 11.69
C SER D 182 -1.11 60.82 10.86
N ALA D 183 -1.80 60.26 9.87
CA ALA D 183 -2.64 61.07 9.01
C ALA D 183 -3.80 60.23 8.49
N ILE D 184 -5.01 60.78 8.62
CA ILE D 184 -6.23 60.19 8.09
C ILE D 184 -6.88 61.19 7.15
N ASP D 185 -7.41 60.71 6.04
CA ASP D 185 -8.04 61.55 5.04
C ASP D 185 -9.53 61.24 5.01
N ILE D 186 -10.35 62.30 5.02
CA ILE D 186 -11.80 62.17 5.05
C ILE D 186 -12.37 62.84 3.82
N ASN D 187 -13.04 62.05 2.97
CA ASN D 187 -13.72 62.55 1.79
C ASN D 187 -15.15 62.03 1.81
N GLN D 188 -16.12 62.95 1.91
CA GLN D 188 -17.55 62.66 2.03
C GLN D 188 -17.80 61.44 2.92
N LYS D 189 -17.40 61.59 4.19
CA LYS D 189 -17.64 60.61 5.24
C LYS D 189 -17.01 59.25 4.95
N PHE D 190 -16.00 59.19 4.08
CA PHE D 190 -15.18 58.00 3.90
C PHE D 190 -13.77 58.33 4.36
N ALA D 191 -13.28 57.58 5.34
CA ALA D 191 -11.97 57.84 5.94
C ALA D 191 -10.94 56.84 5.41
N THR D 192 -9.80 57.37 4.98
CA THR D 192 -8.68 56.55 4.52
C THR D 192 -7.48 56.83 5.40
N LEU D 193 -6.95 55.79 6.02
CA LEU D 193 -5.73 55.92 6.83
C LEU D 193 -4.54 55.95 5.90
N ARG D 194 -3.85 57.07 5.84
CA ARG D 194 -2.73 57.25 4.93
C ARG D 194 -1.38 57.01 5.59
N VAL D 195 -1.19 57.48 6.82
CA VAL D 195 0.07 57.35 7.54
C VAL D 195 -0.24 56.93 8.97
N LEU D 196 0.57 56.03 9.52
CA LEU D 196 0.45 55.60 10.90
C LEU D 196 1.84 55.46 11.51
N ASN D 197 2.13 56.27 12.51
CA ASN D 197 3.37 56.18 13.28
C ASN D 197 4.59 56.37 12.37
N SER D 198 4.63 57.52 11.71
CA SER D 198 5.76 57.88 10.86
C SER D 198 6.69 58.81 11.62
N ARG D 199 7.99 58.55 11.48
CA ARG D 199 9.01 59.45 11.99
C ARG D 199 9.74 60.16 10.86
N ALA D 200 9.10 60.26 9.69
CA ALA D 200 9.68 60.86 8.51
C ALA D 200 9.12 62.26 8.31
N ILE D 201 9.57 62.91 7.24
CA ILE D 201 9.15 64.27 6.94
C ILE D 201 7.74 64.25 6.35
N GLY D 202 6.86 65.08 6.90
CA GLY D 202 5.49 65.13 6.41
C GLY D 202 5.38 66.00 5.16
N VAL D 203 4.50 65.56 4.25
CA VAL D 203 4.24 66.27 2.99
C VAL D 203 2.73 66.28 2.77
N GLU D 204 2.13 67.46 2.72
CA GLU D 204 0.69 67.58 2.56
C GLU D 204 0.26 67.10 1.18
N ASN D 205 -1.03 66.75 1.08
CA ASN D 205 -1.59 66.21 -0.16
C ASN D 205 -1.87 67.32 -1.17
N MSE E 4 4.96 37.75 15.57
CA MSE E 4 5.79 38.02 14.41
C MSE E 4 5.46 39.36 13.79
O MSE E 4 4.33 39.85 13.90
CB MSE E 4 5.64 36.91 13.36
CG MSE E 4 4.32 36.93 12.62
SE MSE E 4 4.10 35.39 11.44
CE MSE E 4 2.45 35.89 10.53
N ARG E 5 6.45 39.96 13.12
CA ARG E 5 6.28 41.24 12.45
C ARG E 5 6.29 41.03 10.95
N LEU E 6 5.26 41.52 10.27
CA LEU E 6 5.16 41.48 8.82
C LEU E 6 5.50 42.86 8.27
N TRP E 7 6.66 42.98 7.65
CA TRP E 7 7.09 44.23 7.03
C TRP E 7 6.54 44.28 5.61
N LEU E 8 5.72 45.27 5.34
CA LEU E 8 5.03 45.38 4.07
C LEU E 8 5.54 46.44 3.14
N ILE E 9 5.75 46.04 1.90
CA ILE E 9 6.28 46.95 0.90
C ILE E 9 5.56 46.69 -0.42
N ARG E 10 4.95 47.74 -0.96
CA ARG E 10 4.40 47.70 -2.32
C ARG E 10 5.49 48.05 -3.31
N HIS E 11 5.54 47.29 -4.41
CA HIS E 11 6.60 47.50 -5.39
C HIS E 11 6.52 48.91 -5.97
N GLY E 12 7.66 49.36 -6.50
CA GLY E 12 7.80 50.72 -6.97
C GLY E 12 7.05 51.00 -8.27
N GLU E 13 7.20 52.22 -8.75
CA GLU E 13 6.49 52.67 -9.93
C GLU E 13 6.93 51.89 -11.16
N THR E 14 5.97 51.57 -12.02
CA THR E 14 6.21 50.84 -13.25
C THR E 14 5.77 51.67 -14.45
N GLN E 15 6.09 51.17 -15.64
CA GLN E 15 5.65 51.84 -16.86
C GLN E 15 4.13 51.80 -16.98
N ALA E 16 3.50 50.67 -16.60
CA ALA E 16 2.05 50.57 -16.65
C ALA E 16 1.39 51.60 -15.74
N ASN E 17 2.08 52.02 -14.68
CA ASN E 17 1.57 53.09 -13.84
C ASN E 17 1.56 54.41 -14.59
N VAL E 18 2.71 54.79 -15.16
CA VAL E 18 2.84 56.08 -15.85
C VAL E 18 1.82 56.17 -16.98
N ASP E 19 1.72 55.12 -17.78
CA ASP E 19 0.81 55.10 -18.93
C ASP E 19 -0.65 54.91 -18.52
N GLY E 20 -0.92 54.51 -17.28
CA GLY E 20 -2.28 54.45 -16.79
C GLY E 20 -3.08 53.26 -17.24
N LEU E 21 -2.47 52.09 -17.30
CA LEU E 21 -3.14 50.88 -17.74
C LEU E 21 -3.36 49.98 -16.54
N TYR E 22 -4.44 49.20 -16.55
CA TYR E 22 -4.67 48.23 -15.49
C TYR E 22 -3.51 47.24 -15.44
N SER E 23 -2.85 47.14 -14.29
CA SER E 23 -1.68 46.30 -14.12
C SER E 23 -2.04 45.08 -13.27
N GLY E 24 -1.92 43.89 -13.86
CA GLY E 24 -2.18 42.67 -13.14
C GLY E 24 -1.04 41.68 -13.27
N HIS E 25 -1.29 40.53 -13.89
CA HIS E 25 -0.26 39.51 -14.08
C HIS E 25 0.65 39.80 -15.26
N ALA E 26 0.26 40.72 -16.15
CA ALA E 26 1.09 41.02 -17.31
C ALA E 26 2.35 41.76 -16.87
N PRO E 27 3.50 41.49 -17.51
CA PRO E 27 4.75 42.09 -17.06
C PRO E 27 4.90 43.53 -17.51
N THR E 28 5.42 44.36 -16.60
CA THR E 28 5.75 45.76 -16.85
C THR E 28 6.98 46.07 -16.02
N PRO E 29 7.94 46.83 -16.55
CA PRO E 29 9.20 47.05 -15.83
C PRO E 29 9.13 48.23 -14.86
N LEU E 30 9.94 48.12 -13.81
CA LEU E 30 10.15 49.23 -12.89
C LEU E 30 10.78 50.39 -13.64
N THR E 31 10.30 51.60 -13.35
CA THR E 31 10.91 52.79 -13.92
C THR E 31 12.16 53.16 -13.13
N ALA E 32 12.85 54.22 -13.58
CA ALA E 32 13.99 54.71 -12.81
C ALA E 32 13.57 55.09 -11.40
N ARG E 33 12.44 55.79 -11.27
CA ARG E 33 11.94 56.14 -9.94
C ARG E 33 11.56 54.89 -9.14
N GLY E 34 10.92 53.92 -9.80
CA GLY E 34 10.58 52.68 -9.12
C GLY E 34 11.80 51.98 -8.55
N ILE E 35 12.93 52.03 -9.28
CA ILE E 35 14.17 51.47 -8.77
C ILE E 35 14.72 52.33 -7.64
N GLU E 36 14.70 53.65 -7.83
CA GLU E 36 15.09 54.57 -6.76
C GLU E 36 14.29 54.32 -5.49
N GLN E 37 13.00 54.02 -5.62
CA GLN E 37 12.16 53.83 -4.44
C GLN E 37 12.59 52.59 -3.65
N ALA E 38 12.95 51.51 -4.35
CA ALA E 38 13.36 50.28 -3.66
C ALA E 38 14.75 50.44 -3.06
N GLN E 39 15.64 51.17 -3.73
CA GLN E 39 16.98 51.38 -3.21
C GLN E 39 16.94 52.19 -1.91
N ASN E 40 16.08 53.20 -1.85
CA ASN E 40 15.98 53.99 -0.62
C ASN E 40 15.34 53.18 0.50
N LEU E 41 14.31 52.38 0.18
CA LEU E 41 13.74 51.49 1.19
C LEU E 41 14.79 50.55 1.74
N HIS E 42 15.75 50.12 0.90
CA HIS E 42 16.87 49.35 1.40
C HIS E 42 17.65 50.12 2.45
N THR E 43 17.84 51.43 2.23
CA THR E 43 18.51 52.25 3.23
C THR E 43 17.66 52.35 4.50
N LEU E 44 16.34 52.53 4.34
CA LEU E 44 15.48 52.69 5.51
C LEU E 44 15.42 51.40 6.33
N LEU E 45 15.55 50.25 5.69
CA LEU E 45 15.40 48.97 6.36
C LEU E 45 16.72 48.20 6.47
N ASP E 46 17.86 48.89 6.30
CA ASP E 46 19.13 48.19 6.27
C ASP E 46 19.45 47.54 7.61
N ASP E 47 18.99 48.14 8.71
CA ASP E 47 19.28 47.62 10.04
C ASP E 47 18.15 46.76 10.59
N VAL E 48 17.24 46.31 9.73
CA VAL E 48 16.23 45.33 10.10
C VAL E 48 16.70 43.97 9.60
N SER E 49 16.87 43.03 10.53
CA SER E 49 17.38 41.70 10.20
C SER E 49 16.20 40.79 9.88
N PHE E 50 15.89 40.66 8.59
CA PHE E 50 14.81 39.79 8.16
C PHE E 50 15.23 38.33 8.24
N ASP E 51 14.27 37.47 8.58
CA ASP E 51 14.47 36.03 8.59
C ASP E 51 13.90 35.34 7.37
N LEU E 52 13.03 36.00 6.63
CA LEU E 52 12.26 35.36 5.58
C LEU E 52 11.67 36.42 4.67
N VAL E 53 11.58 36.11 3.40
CA VAL E 53 10.99 36.99 2.45
C VAL E 53 9.95 36.28 1.62
N LEU E 54 8.75 36.83 1.57
CA LEU E 54 7.65 36.30 0.76
C LEU E 54 7.33 37.31 -0.32
N CYS E 55 7.50 36.90 -1.57
CA CYS E 55 7.37 37.82 -2.71
C CYS E 55 6.35 37.27 -3.71
N SER E 56 5.71 38.19 -4.43
CA SER E 56 4.80 37.79 -5.48
C SER E 56 5.58 37.31 -6.70
N GLU E 57 4.89 36.56 -7.56
CA GLU E 57 5.55 35.99 -8.74
C GLU E 57 6.02 37.07 -9.69
N LEU E 58 5.25 38.15 -9.81
CA LEU E 58 5.51 39.15 -10.83
C LEU E 58 6.89 39.79 -10.65
N GLU E 59 7.63 39.87 -11.74
CA GLU E 59 9.02 40.33 -11.70
C GLU E 59 9.14 41.75 -11.16
N ARG E 60 8.06 42.55 -11.25
CA ARG E 60 8.05 43.83 -10.56
C ARG E 60 8.41 43.66 -9.08
N ALA E 61 7.73 42.72 -8.42
CA ALA E 61 7.93 42.52 -6.99
C ALA E 61 9.30 41.90 -6.72
N GLN E 62 9.71 40.92 -7.51
CA GLN E 62 11.00 40.28 -7.30
C GLN E 62 12.14 41.27 -7.49
N HIS E 63 12.04 42.12 -8.52
CA HIS E 63 13.04 43.17 -8.70
C HIS E 63 13.12 44.07 -7.48
N THR E 64 11.97 44.44 -6.92
CA THR E 64 11.95 45.27 -5.71
C THR E 64 12.62 44.54 -4.55
N ALA E 65 12.28 43.28 -4.36
CA ALA E 65 12.82 42.52 -3.24
C ALA E 65 14.34 42.43 -3.30
N ARG E 66 14.89 42.24 -4.50
CA ARG E 66 16.34 42.19 -4.65
C ARG E 66 16.98 43.51 -4.27
N LEU E 67 16.36 44.62 -4.68
CA LEU E 67 16.94 45.94 -4.42
C LEU E 67 16.90 46.26 -2.93
N VAL E 68 15.84 45.84 -2.23
CA VAL E 68 15.72 46.13 -0.81
C VAL E 68 16.62 45.22 0.01
N LEU E 69 16.64 43.94 -0.31
CA LEU E 69 17.50 43.03 0.39
C LEU E 69 18.98 43.31 0.16
N SER E 70 19.34 43.57 -1.09
CA SER E 70 20.71 43.86 -1.50
C SER E 70 21.57 42.63 -1.21
N ASP E 71 22.55 42.70 -0.32
CA ASP E 71 23.50 41.61 -0.12
C ASP E 71 23.12 40.67 1.01
N ARG E 72 21.86 40.70 1.48
N ARG E 72 21.87 40.72 1.48
CA ARG E 72 21.46 39.83 2.57
CA ARG E 72 21.46 39.83 2.57
C ARG E 72 21.41 38.37 2.15
C ARG E 72 21.45 38.37 2.13
N GLN E 73 21.12 38.10 0.87
CA GLN E 73 21.10 36.75 0.30
C GLN E 73 20.15 35.82 1.06
N LEU E 74 19.03 36.36 1.54
CA LEU E 74 18.01 35.53 2.14
C LEU E 74 17.27 34.75 1.05
N PRO E 75 16.77 33.55 1.36
CA PRO E 75 15.93 32.84 0.39
C PRO E 75 14.58 33.53 0.26
N VAL E 76 14.17 33.77 -0.98
CA VAL E 76 12.95 34.49 -1.29
C VAL E 76 11.90 33.50 -1.77
N HIS E 77 10.77 33.44 -1.06
CA HIS E 77 9.67 32.56 -1.45
C HIS E 77 8.79 33.28 -2.46
N ILE E 78 8.66 32.69 -3.65
CA ILE E 78 7.82 33.24 -4.70
C ILE E 78 6.42 32.66 -4.50
N ILE E 79 5.46 33.51 -4.19
CA ILE E 79 4.12 33.11 -3.77
C ILE E 79 3.12 33.56 -4.83
N PRO E 80 2.33 32.66 -5.42
CA PRO E 80 1.28 33.11 -6.35
C PRO E 80 0.13 33.81 -5.64
N GLU E 81 -0.08 33.52 -4.36
CA GLU E 81 -1.13 34.18 -3.59
C GLU E 81 -0.89 35.67 -3.43
N LEU E 82 0.37 36.10 -3.51
CA LEU E 82 0.72 37.51 -3.39
C LEU E 82 0.65 38.26 -4.72
N ASN E 83 0.26 37.59 -5.79
CA ASN E 83 0.17 38.25 -7.08
C ASN E 83 -0.96 39.26 -7.12
N GLU E 84 -0.77 40.32 -7.90
CA GLU E 84 -1.82 41.29 -8.16
C GLU E 84 -3.02 40.58 -8.79
N MSE E 85 -4.20 41.19 -8.64
CA MSE E 85 -5.43 40.64 -9.21
C MSE E 85 -5.31 40.46 -10.73
O MSE E 85 -5.02 41.41 -11.46
CB MSE E 85 -6.62 41.52 -8.88
CG MSE E 85 -7.97 40.84 -9.06
SE MSE E 85 -9.43 41.79 -8.18
CE MSE E 85 -9.43 43.36 -9.29
N PHE E 86 -5.57 39.24 -11.19
CA PHE E 86 -5.55 38.95 -12.62
C PHE E 86 -6.74 39.62 -13.29
N PHE E 87 -6.46 40.46 -14.29
CA PHE E 87 -7.47 41.29 -14.93
C PHE E 87 -8.02 40.69 -16.22
N GLY E 88 -7.57 39.49 -16.60
CA GLY E 88 -8.14 38.83 -17.76
C GLY E 88 -7.80 39.53 -19.07
N ASP E 89 -8.81 39.67 -19.93
CA ASP E 89 -8.62 40.38 -21.19
C ASP E 89 -8.42 41.89 -20.99
N TRP E 90 -8.69 42.40 -19.80
CA TRP E 90 -8.50 43.83 -19.51
C TRP E 90 -7.07 44.18 -19.15
N GLU E 91 -6.18 43.19 -19.03
CA GLU E 91 -4.81 43.44 -18.63
C GLU E 91 -4.12 44.39 -19.60
N MSE E 92 -3.34 45.32 -19.05
CA MSE E 92 -2.56 46.27 -19.84
C MSE E 92 -3.43 47.03 -20.82
O MSE E 92 -3.06 47.24 -21.98
CB MSE E 92 -1.43 45.56 -20.60
CG MSE E 92 -0.31 45.09 -19.70
SE MSE E 92 0.61 46.52 -18.73
CE MSE E 92 1.88 47.06 -20.11
N ARG E 93 -4.60 47.45 -20.35
CA ARG E 93 -5.45 48.27 -21.19
C ARG E 93 -5.96 49.44 -20.35
N HIS E 94 -6.23 50.53 -21.04
CA HIS E 94 -6.68 51.76 -20.39
C HIS E 94 -8.18 51.78 -20.12
N HIS E 95 -8.57 52.67 -19.19
CA HIS E 95 -9.99 52.79 -18.81
C HIS E 95 -10.80 53.42 -19.94
N ARG E 96 -10.23 54.42 -20.64
CA ARG E 96 -10.95 55.00 -21.77
C ARG E 96 -11.38 53.93 -22.76
N ASP E 97 -10.48 53.01 -23.12
CA ASP E 97 -10.80 52.03 -24.14
C ASP E 97 -11.78 50.97 -23.63
N LEU E 98 -11.71 50.63 -22.34
CA LEU E 98 -12.49 49.50 -21.85
C LEU E 98 -13.98 49.80 -21.83
N MSE E 99 -14.37 51.01 -21.41
CA MSE E 99 -15.79 51.35 -21.39
C MSE E 99 -16.34 51.49 -22.80
O MSE E 99 -17.54 51.35 -23.02
CB MSE E 99 -16.02 52.65 -20.62
CG MSE E 99 -16.71 52.41 -19.30
SE MSE E 99 -17.90 50.88 -19.47
CE MSE E 99 -19.31 51.65 -20.59
N GLN E 100 -15.46 51.71 -23.77
CA GLN E 100 -15.89 51.81 -25.15
C GLN E 100 -16.01 50.43 -25.81
N GLU E 101 -15.02 49.57 -25.62
CA GLU E 101 -15.01 48.25 -26.24
C GLU E 101 -15.81 47.23 -25.42
N ASP E 102 -15.43 47.03 -24.16
CA ASP E 102 -16.12 46.08 -23.28
C ASP E 102 -17.15 46.81 -22.42
N ALA E 103 -18.07 47.50 -23.10
CA ALA E 103 -18.96 48.44 -22.43
C ALA E 103 -19.82 47.74 -21.38
N GLU E 104 -20.46 46.63 -21.76
CA GLU E 104 -21.40 45.97 -20.85
C GLU E 104 -20.71 45.49 -19.58
N ASN E 105 -19.56 44.82 -19.74
CA ASN E 105 -18.93 44.16 -18.61
C ASN E 105 -18.00 45.06 -17.83
N TYR E 106 -17.49 46.12 -18.46
CA TYR E 106 -16.56 46.98 -17.75
C TYR E 106 -17.29 48.00 -16.89
N SER E 107 -18.41 48.52 -17.36
CA SER E 107 -19.21 49.43 -16.54
C SER E 107 -19.77 48.71 -15.32
N ALA E 108 -20.23 47.48 -15.50
CA ALA E 108 -20.69 46.69 -14.36
C ALA E 108 -19.58 46.52 -13.34
N TRP E 109 -18.32 46.53 -13.78
CA TRP E 109 -17.20 46.46 -12.86
C TRP E 109 -16.99 47.80 -12.15
N CYS E 110 -17.15 48.91 -12.86
CA CYS E 110 -16.98 50.22 -12.25
C CYS E 110 -18.06 50.49 -11.21
N ASN E 111 -19.28 49.99 -11.42
CA ASN E 111 -20.36 50.19 -10.48
C ASN E 111 -20.44 49.10 -9.42
N ASP E 112 -19.79 47.96 -9.63
CA ASP E 112 -19.89 46.84 -8.69
C ASP E 112 -18.58 46.05 -8.71
N TRP E 113 -17.48 46.71 -8.36
CA TRP E 113 -16.19 46.03 -8.29
C TRP E 113 -16.22 44.86 -7.30
N GLN E 114 -17.15 44.90 -6.35
CA GLN E 114 -17.20 43.87 -5.32
C GLN E 114 -17.59 42.51 -5.88
N HIS E 115 -18.42 42.48 -6.93
CA HIS E 115 -18.92 41.21 -7.43
C HIS E 115 -18.69 41.03 -8.92
N ALA E 116 -18.67 42.13 -9.68
CA ALA E 116 -18.49 42.03 -11.12
C ALA E 116 -17.11 41.48 -11.44
N ILE E 117 -17.06 40.46 -12.30
CA ILE E 117 -15.82 39.82 -12.68
C ILE E 117 -15.24 40.53 -13.90
N PRO E 118 -13.94 40.85 -13.90
CA PRO E 118 -13.31 41.30 -15.14
C PRO E 118 -13.35 40.20 -16.18
N THR E 119 -13.40 40.61 -17.46
CA THR E 119 -13.59 39.67 -18.56
C THR E 119 -12.50 38.61 -18.61
N ASN E 120 -12.86 37.36 -18.36
CA ASN E 120 -11.97 36.20 -18.38
C ASN E 120 -10.87 36.31 -17.32
N GLY E 121 -11.03 37.21 -16.35
CA GLY E 121 -10.12 37.33 -15.24
C GLY E 121 -10.75 36.90 -13.93
N GLU E 122 -10.04 37.18 -12.85
CA GLU E 122 -10.53 36.87 -11.51
C GLU E 122 -11.18 38.11 -10.90
N GLY E 123 -12.34 37.91 -10.28
CA GLY E 123 -13.04 38.99 -9.62
C GLY E 123 -12.56 39.19 -8.20
N PHE E 124 -13.17 40.16 -7.53
CA PHE E 124 -12.78 40.45 -6.16
C PHE E 124 -13.03 39.28 -5.23
N GLN E 125 -14.10 38.51 -5.47
CA GLN E 125 -14.41 37.37 -4.62
C GLN E 125 -13.30 36.33 -4.67
N ALA E 126 -12.94 35.89 -5.87
CA ALA E 126 -11.83 34.95 -6.01
C ALA E 126 -10.53 35.57 -5.52
N PHE E 127 -10.34 36.87 -5.77
CA PHE E 127 -9.14 37.56 -5.32
C PHE E 127 -9.05 37.59 -3.79
N SER E 128 -10.17 37.85 -3.12
CA SER E 128 -10.14 37.92 -1.66
C SER E 128 -9.95 36.55 -1.04
N GLN E 129 -10.65 35.53 -1.54
CA GLN E 129 -10.44 34.17 -1.06
C GLN E 129 -9.05 33.68 -1.42
N ARG E 130 -8.46 34.22 -2.49
CA ARG E 130 -7.06 33.93 -2.79
C ARG E 130 -6.15 34.43 -1.67
N VAL E 131 -6.33 35.69 -1.26
CA VAL E 131 -5.51 36.25 -0.19
C VAL E 131 -5.85 35.60 1.14
N GLU E 132 -7.10 35.16 1.32
CA GLU E 132 -7.47 34.45 2.54
C GLU E 132 -6.65 33.18 2.70
N ARG E 133 -6.45 32.42 1.62
CA ARG E 133 -5.63 31.22 1.68
C ARG E 133 -4.21 31.56 2.11
N PHE E 134 -3.70 32.72 1.69
CA PHE E 134 -2.36 33.14 2.11
C PHE E 134 -2.31 33.39 3.61
N ILE E 135 -3.32 34.08 4.15
CA ILE E 135 -3.35 34.40 5.57
C ILE E 135 -3.37 33.12 6.40
N ALA E 136 -4.08 32.09 5.92
CA ALA E 136 -4.10 30.81 6.61
C ALA E 136 -2.75 30.11 6.56
N ARG E 137 -1.91 30.43 5.58
CA ARG E 137 -0.58 29.85 5.49
C ARG E 137 0.41 30.50 6.45
N LEU E 138 0.08 31.65 7.02
CA LEU E 138 1.02 32.33 7.91
C LEU E 138 1.45 31.45 9.07
N SER E 139 0.61 30.48 9.45
CA SER E 139 0.94 29.60 10.56
C SER E 139 2.15 28.73 10.27
N GLU E 140 2.47 28.48 9.00
CA GLU E 140 3.65 27.70 8.66
C GLU E 140 4.91 28.56 8.59
N TYR E 141 4.82 29.84 8.97
CA TYR E 141 5.98 30.71 9.05
C TYR E 141 6.24 31.17 10.49
N GLN E 142 5.74 30.42 11.48
CA GLN E 142 5.82 30.88 12.86
C GLN E 142 7.24 30.86 13.42
N HIS E 143 8.17 30.16 12.76
CA HIS E 143 9.56 30.15 13.22
C HIS E 143 10.32 31.42 12.87
N TYR E 144 9.66 32.38 12.22
CA TYR E 144 10.31 33.61 11.77
C TYR E 144 9.71 34.81 12.49
N GLN E 145 10.56 35.81 12.74
CA GLN E 145 10.17 36.99 13.51
C GLN E 145 10.01 38.25 12.65
N ASN E 146 10.79 38.39 11.58
CA ASN E 146 10.77 39.59 10.75
C ASN E 146 10.63 39.15 9.29
N ILE E 147 9.38 39.00 8.85
CA ILE E 147 9.06 38.55 7.51
C ILE E 147 8.83 39.75 6.61
N LEU E 148 9.54 39.80 5.50
CA LEU E 148 9.37 40.87 4.52
C LEU E 148 8.44 40.40 3.41
N ILE E 149 7.36 41.15 3.17
CA ILE E 149 6.35 40.81 2.19
C ILE E 149 6.35 41.88 1.11
N VAL E 150 6.78 41.51 -0.10
CA VAL E 150 6.84 42.42 -1.24
C VAL E 150 5.71 42.03 -2.19
N SER E 151 4.73 42.91 -2.35
CA SER E 151 3.57 42.57 -3.15
C SER E 151 2.99 43.77 -3.89
N HIS E 152 1.67 43.90 -3.90
CA HIS E 152 0.97 44.91 -4.68
C HIS E 152 -0.03 45.66 -3.81
N GLN E 153 -0.58 46.74 -4.37
CA GLN E 153 -1.41 47.65 -3.59
C GLN E 153 -2.66 46.96 -3.09
N GLY E 154 -3.38 46.26 -3.97
CA GLY E 154 -4.62 45.64 -3.56
C GLY E 154 -4.41 44.49 -2.61
N VAL E 155 -3.37 43.69 -2.84
CA VAL E 155 -3.07 42.56 -1.97
C VAL E 155 -2.75 43.06 -0.55
N LEU E 156 -1.84 44.01 -0.44
CA LEU E 156 -1.41 44.48 0.88
C LEU E 156 -2.54 45.23 1.60
N SER E 157 -3.35 46.00 0.85
CA SER E 157 -4.50 46.67 1.45
C SER E 157 -5.50 45.64 2.00
N LEU E 158 -5.72 44.57 1.25
CA LEU E 158 -6.64 43.52 1.71
C LEU E 158 -6.05 42.75 2.89
N LEU E 159 -4.74 42.51 2.85
CA LEU E 159 -4.09 41.77 3.93
C LEU E 159 -4.21 42.50 5.26
N ILE E 160 -4.02 43.82 5.25
CA ILE E 160 -4.17 44.62 6.46
C ILE E 160 -5.61 44.53 6.97
N ALA E 161 -6.57 44.74 6.07
CA ALA E 161 -7.97 44.74 6.48
C ALA E 161 -8.38 43.41 7.09
N ARG E 162 -7.98 42.30 6.48
CA ARG E 162 -8.42 40.99 6.96
C ARG E 162 -7.66 40.56 8.21
N LEU E 163 -6.43 41.03 8.40
CA LEU E 163 -5.67 40.65 9.59
C LEU E 163 -6.24 41.27 10.85
N ILE E 164 -6.80 42.48 10.76
CA ILE E 164 -7.39 43.13 11.92
C ILE E 164 -8.89 42.84 12.04
N GLY E 165 -9.42 41.96 11.19
CA GLY E 165 -10.77 41.47 11.36
C GLY E 165 -11.83 42.13 10.52
N MSE E 166 -11.49 43.13 9.72
CA MSE E 166 -12.47 43.79 8.87
C MSE E 166 -12.80 42.97 7.62
O MSE E 166 -11.98 42.18 7.15
CB MSE E 166 -12.00 45.19 8.47
CG MSE E 166 -11.24 45.92 9.55
SE MSE E 166 -10.59 47.63 8.90
CE MSE E 166 -12.29 48.50 8.56
N PRO E 167 -14.02 43.14 7.10
CA PRO E 167 -14.40 42.47 5.85
C PRO E 167 -13.46 42.87 4.71
N ALA E 168 -13.46 42.03 3.69
CA ALA E 168 -12.55 42.25 2.56
C ALA E 168 -12.81 43.58 1.87
N GLU E 169 -14.07 44.02 1.85
CA GLU E 169 -14.46 45.18 1.05
C GLU E 169 -14.00 46.50 1.67
N SER E 170 -13.55 46.51 2.92
CA SER E 170 -13.04 47.72 3.55
C SER E 170 -11.53 47.87 3.40
N MSE E 171 -10.96 47.25 2.37
CA MSE E 171 -9.53 47.34 2.11
C MSE E 171 -9.10 48.74 1.71
O MSE E 171 -7.97 49.16 1.98
CB MSE E 171 -9.15 46.36 1.00
CG MSE E 171 -10.05 46.48 -0.21
SE MSE E 171 -9.45 45.41 -1.71
CE MSE E 171 -7.99 46.54 -2.33
N TRP E 172 -10.01 49.48 1.08
CA TRP E 172 -9.66 50.81 0.60
C TRP E 172 -9.60 51.85 1.70
N HIS E 173 -9.97 51.47 2.93
CA HIS E 173 -9.63 52.29 4.10
C HIS E 173 -8.13 52.32 4.37
N PHE E 174 -7.36 51.43 3.75
CA PHE E 174 -5.90 51.42 3.86
C PHE E 174 -5.31 51.36 2.46
N ARG E 175 -4.70 52.45 2.02
CA ARG E 175 -3.99 52.47 0.75
C ARG E 175 -2.49 52.41 1.02
N VAL E 176 -1.81 51.46 0.37
CA VAL E 176 -0.38 51.25 0.56
C VAL E 176 0.35 51.99 -0.55
N ASP E 177 1.27 52.87 -0.17
CA ASP E 177 1.94 53.75 -1.11
C ASP E 177 3.26 53.14 -1.57
N GLN E 178 3.65 53.47 -2.79
CA GLN E 178 4.92 53.02 -3.32
C GLN E 178 6.06 53.82 -2.69
N GLY E 179 7.21 53.17 -2.55
CA GLY E 179 8.36 53.80 -1.93
C GLY E 179 8.30 53.89 -0.43
N CYS E 180 7.22 53.43 0.19
CA CYS E 180 7.07 53.39 1.64
C CYS E 180 7.08 51.95 2.12
N TRP E 181 7.09 51.80 3.45
CA TRP E 181 6.98 50.50 4.08
C TRP E 181 5.96 50.56 5.19
N SER E 182 5.38 49.40 5.50
CA SER E 182 4.43 49.26 6.58
C SER E 182 4.83 48.05 7.42
N ALA E 183 4.23 47.94 8.61
CA ALA E 183 4.54 46.84 9.50
C ALA E 183 3.32 46.51 10.34
N ILE E 184 3.03 45.22 10.47
CA ILE E 184 1.93 44.76 11.31
C ILE E 184 2.42 43.59 12.15
N ASP E 185 2.24 43.68 13.47
CA ASP E 185 2.66 42.64 14.39
C ASP E 185 1.51 41.67 14.64
N ILE E 186 1.85 40.38 14.67
CA ILE E 186 0.88 39.32 14.97
C ILE E 186 1.39 38.57 16.20
N ASN E 187 0.59 38.58 17.26
CA ASN E 187 0.95 37.91 18.49
C ASN E 187 -0.31 37.37 19.15
N GLN E 188 -0.28 36.10 19.51
CA GLN E 188 -1.42 35.42 20.15
C GLN E 188 -2.68 35.60 19.31
N LYS E 189 -2.53 35.40 18.00
CA LYS E 189 -3.61 35.52 17.02
C LYS E 189 -4.22 36.92 16.98
N PHE E 190 -3.53 37.91 17.52
CA PHE E 190 -4.02 39.29 17.53
C PHE E 190 -3.08 40.15 16.69
N ALA E 191 -3.60 40.72 15.61
CA ALA E 191 -2.82 41.53 14.69
C ALA E 191 -2.91 43.00 15.09
N THR E 192 -1.77 43.66 15.16
CA THR E 192 -1.69 45.09 15.45
C THR E 192 -0.99 45.78 14.29
N LEU E 193 -1.69 46.71 13.66
CA LEU E 193 -1.06 47.57 12.66
C LEU E 193 -0.20 48.60 13.39
N ARG E 194 1.11 48.51 13.21
CA ARG E 194 2.05 49.36 13.92
C ARG E 194 2.55 50.53 13.09
N VAL E 195 2.84 50.30 11.81
CA VAL E 195 3.36 51.33 10.92
C VAL E 195 2.66 51.25 9.59
N LEU E 196 2.28 52.39 9.04
CA LEU E 196 1.67 52.46 7.71
C LEU E 196 2.32 53.59 6.93
N ASN E 197 2.86 53.25 5.75
CA ASN E 197 3.40 54.21 4.80
C ASN E 197 4.44 55.13 5.43
N SER E 198 5.47 54.50 5.98
CA SER E 198 6.58 55.22 6.60
C SER E 198 7.72 55.37 5.62
N ARG E 199 8.30 56.57 5.60
CA ARG E 199 9.51 56.85 4.83
C ARG E 199 10.71 57.07 5.74
N ALA E 200 10.63 56.57 6.97
CA ALA E 200 11.69 56.71 7.96
C ALA E 200 12.48 55.40 8.09
N ILE E 201 13.52 55.45 8.91
CA ILE E 201 14.33 54.27 9.17
C ILE E 201 13.55 53.29 10.03
N GLY E 202 13.64 52.01 9.71
CA GLY E 202 12.91 50.98 10.43
C GLY E 202 13.68 50.44 11.60
N VAL E 203 12.96 50.16 12.69
CA VAL E 203 13.51 49.50 13.87
C VAL E 203 12.67 48.27 14.16
N GLU E 204 13.31 47.21 14.63
CA GLU E 204 12.64 45.98 14.99
C GLU E 204 12.47 45.89 16.50
N ASN E 205 11.61 44.97 16.93
CA ASN E 205 11.32 44.80 18.35
C ASN E 205 12.18 43.69 18.95
N MSE F 4 83.12 -0.02 -7.45
CA MSE F 4 82.12 -0.34 -6.46
C MSE F 4 81.43 -1.66 -6.77
O MSE F 4 81.35 -2.07 -7.92
CB MSE F 4 81.08 0.78 -6.37
CG MSE F 4 80.33 1.02 -7.67
SE MSE F 4 79.12 2.55 -7.61
CE MSE F 4 78.92 2.86 -9.53
N ARG F 5 80.93 -2.33 -5.72
CA ARG F 5 80.18 -3.57 -5.87
C ARG F 5 78.73 -3.32 -5.50
N LEU F 6 77.83 -3.63 -6.44
CA LEU F 6 76.39 -3.58 -6.19
C LEU F 6 75.91 -4.99 -5.84
N TRP F 7 75.46 -5.17 -4.60
CA TRP F 7 74.85 -6.42 -4.18
C TRP F 7 73.36 -6.35 -4.48
N LEU F 8 72.87 -7.26 -5.32
CA LEU F 8 71.52 -7.21 -5.85
C LEU F 8 70.66 -8.27 -5.19
N ILE F 9 69.52 -7.86 -4.64
CA ILE F 9 68.58 -8.76 -4.00
C ILE F 9 67.17 -8.41 -4.47
N ARG F 10 66.47 -9.41 -5.00
CA ARG F 10 65.06 -9.28 -5.31
C ARG F 10 64.24 -9.72 -4.12
N HIS F 11 63.18 -8.95 -3.82
CA HIS F 11 62.35 -9.26 -2.67
C HIS F 11 61.71 -10.64 -2.83
N GLY F 12 61.51 -11.30 -1.70
CA GLY F 12 61.07 -12.68 -1.70
C GLY F 12 59.61 -12.84 -2.12
N GLU F 13 59.14 -14.07 -1.96
CA GLU F 13 57.81 -14.45 -2.44
C GLU F 13 56.72 -13.62 -1.76
N THR F 14 55.77 -13.14 -2.58
CA THR F 14 54.60 -12.43 -2.10
C THR F 14 53.34 -13.25 -2.38
N GLN F 15 52.22 -12.79 -1.84
CA GLN F 15 50.95 -13.46 -2.11
C GLN F 15 50.55 -13.31 -3.57
N ALA F 16 50.90 -12.18 -4.20
CA ALA F 16 50.65 -12.02 -5.63
C ALA F 16 51.42 -13.05 -6.44
N ASN F 17 52.62 -13.41 -5.98
CA ASN F 17 53.37 -14.49 -6.62
C ASN F 17 52.64 -15.81 -6.49
N VAL F 18 52.14 -16.11 -5.29
CA VAL F 18 51.43 -17.36 -5.06
C VAL F 18 50.20 -17.45 -5.95
N ASP F 19 49.51 -16.33 -6.12
CA ASP F 19 48.33 -16.27 -6.99
C ASP F 19 48.66 -15.94 -8.44
N GLY F 20 49.94 -15.77 -8.76
CA GLY F 20 50.35 -15.55 -10.15
C GLY F 20 49.77 -14.28 -10.76
N LEU F 21 49.69 -13.21 -9.99
CA LEU F 21 49.14 -11.95 -10.46
C LEU F 21 50.24 -11.02 -10.92
N TYR F 22 49.86 -10.06 -11.76
CA TYR F 22 50.76 -8.97 -12.12
C TYR F 22 50.98 -8.09 -10.89
N SER F 23 52.25 -7.90 -10.52
CA SER F 23 52.61 -7.25 -9.27
C SER F 23 53.58 -6.10 -9.60
N GLY F 24 53.07 -4.88 -9.62
CA GLY F 24 53.90 -3.72 -9.87
C GLY F 24 53.93 -2.77 -8.69
N HIS F 25 53.26 -1.63 -8.81
CA HIS F 25 53.21 -0.67 -7.72
C HIS F 25 52.15 -1.01 -6.69
N ALA F 26 51.30 -1.98 -6.95
CA ALA F 26 50.26 -2.35 -5.99
C ALA F 26 50.87 -3.07 -4.81
N PRO F 27 50.55 -2.68 -3.58
CA PRO F 27 51.15 -3.36 -2.42
C PRO F 27 50.67 -4.79 -2.28
N THR F 28 51.59 -5.66 -1.90
CA THR F 28 51.28 -7.05 -1.59
C THR F 28 52.33 -7.56 -0.60
N PRO F 29 51.91 -8.23 0.47
CA PRO F 29 52.86 -8.62 1.51
C PRO F 29 53.73 -9.81 1.10
N LEU F 30 54.92 -9.86 1.68
CA LEU F 30 55.70 -11.09 1.61
C LEU F 30 54.99 -12.20 2.36
N THR F 31 55.01 -13.40 1.79
CA THR F 31 54.48 -14.56 2.48
C THR F 31 55.44 -14.95 3.60
N ALA F 32 55.07 -15.99 4.35
CA ALA F 32 55.98 -16.54 5.34
C ALA F 32 57.27 -17.04 4.69
N ARG F 33 57.15 -17.60 3.49
CA ARG F 33 58.32 -18.02 2.74
C ARG F 33 59.14 -16.83 2.26
N GLY F 34 58.46 -15.77 1.83
CA GLY F 34 59.18 -14.56 1.44
C GLY F 34 59.94 -13.95 2.58
N ILE F 35 59.41 -14.05 3.80
CA ILE F 35 60.14 -13.58 4.97
C ILE F 35 61.35 -14.47 5.25
N GLU F 36 61.15 -15.79 5.19
CA GLU F 36 62.27 -16.70 5.41
C GLU F 36 63.34 -16.56 4.33
N GLN F 37 62.94 -16.25 3.10
CA GLN F 37 63.92 -15.99 2.05
C GLN F 37 64.80 -14.79 2.40
N ALA F 38 64.20 -13.75 2.97
CA ALA F 38 64.98 -12.59 3.38
C ALA F 38 65.80 -12.90 4.63
N GLN F 39 65.21 -13.64 5.58
CA GLN F 39 65.95 -13.99 6.79
C GLN F 39 67.14 -14.87 6.48
N ASN F 40 66.97 -15.84 5.59
CA ASN F 40 68.10 -16.66 5.16
C ASN F 40 69.16 -15.81 4.46
N LEU F 41 68.73 -14.81 3.69
CA LEU F 41 69.68 -13.94 3.01
C LEU F 41 70.52 -13.15 4.00
N HIS F 42 69.92 -12.74 5.13
CA HIS F 42 70.69 -12.06 6.16
C HIS F 42 71.85 -12.92 6.64
N THR F 43 71.58 -14.21 6.90
CA THR F 43 72.65 -15.13 7.27
C THR F 43 73.66 -15.27 6.15
N LEU F 44 73.18 -15.36 4.90
CA LEU F 44 74.09 -15.57 3.78
C LEU F 44 75.05 -14.40 3.62
N LEU F 45 74.59 -13.18 3.89
CA LEU F 45 75.41 -11.99 3.71
C LEU F 45 75.86 -11.38 5.03
N ASP F 46 75.89 -12.19 6.10
CA ASP F 46 76.16 -11.66 7.44
C ASP F 46 77.55 -11.03 7.53
N ASP F 47 78.50 -11.48 6.72
CA ASP F 47 79.87 -10.99 6.82
C ASP F 47 80.16 -9.83 5.89
N VAL F 48 79.22 -9.45 5.02
CA VAL F 48 79.45 -8.35 4.09
C VAL F 48 79.25 -7.02 4.80
N SER F 49 80.26 -6.16 4.74
CA SER F 49 80.20 -4.84 5.38
C SER F 49 79.57 -3.88 4.38
N PHE F 50 78.24 -3.82 4.40
CA PHE F 50 77.52 -2.98 3.45
C PHE F 50 77.72 -1.50 3.77
N ASP F 51 78.08 -0.73 2.74
CA ASP F 51 78.29 0.71 2.90
C ASP F 51 76.98 1.48 2.79
N LEU F 52 76.08 1.02 1.92
CA LEU F 52 74.89 1.78 1.56
C LEU F 52 73.81 0.80 1.12
N VAL F 53 72.55 1.18 1.36
CA VAL F 53 71.41 0.37 0.97
C VAL F 53 70.51 1.22 0.10
N LEU F 54 70.21 0.73 -1.10
CA LEU F 54 69.26 1.36 -2.00
C LEU F 54 68.04 0.45 -2.14
N CYS F 55 66.85 1.03 -2.07
CA CYS F 55 65.65 0.22 -1.98
C CYS F 55 64.51 0.92 -2.70
N SER F 56 63.62 0.12 -3.28
CA SER F 56 62.41 0.68 -3.86
C SER F 56 61.44 1.09 -2.76
N GLU F 57 60.49 1.95 -3.12
CA GLU F 57 59.52 2.39 -2.13
C GLU F 57 58.58 1.28 -1.69
N LEU F 58 58.41 0.24 -2.51
CA LEU F 58 57.45 -0.81 -2.23
C LEU F 58 57.76 -1.42 -0.86
N GLU F 59 56.75 -1.47 0.00
CA GLU F 59 56.98 -1.94 1.36
C GLU F 59 57.45 -3.37 1.39
N ARG F 60 57.08 -4.19 0.41
CA ARG F 60 57.62 -5.54 0.34
C ARG F 60 59.12 -5.52 0.08
N ALA F 61 59.61 -4.49 -0.61
CA ALA F 61 61.05 -4.34 -0.79
C ALA F 61 61.71 -3.81 0.48
N GLN F 62 61.09 -2.84 1.13
CA GLN F 62 61.62 -2.35 2.41
C GLN F 62 61.57 -3.44 3.48
N HIS F 63 60.53 -4.27 3.46
CA HIS F 63 60.46 -5.41 4.37
C HIS F 63 61.64 -6.34 4.16
N THR F 64 61.96 -6.63 2.90
CA THR F 64 63.11 -7.50 2.60
C THR F 64 64.41 -6.87 3.06
N ALA F 65 64.57 -5.56 2.83
CA ALA F 65 65.80 -4.89 3.22
C ALA F 65 66.00 -4.94 4.72
N ARG F 66 64.95 -4.63 5.49
CA ARG F 66 65.07 -4.66 6.94
C ARG F 66 65.42 -6.04 7.45
N LEU F 67 64.92 -7.09 6.80
CA LEU F 67 65.21 -8.45 7.27
C LEU F 67 66.65 -8.84 6.97
N VAL F 68 67.15 -8.45 5.80
CA VAL F 68 68.53 -8.75 5.44
C VAL F 68 69.51 -7.97 6.32
N LEU F 69 69.19 -6.70 6.59
CA LEU F 69 70.10 -5.87 7.37
C LEU F 69 70.10 -6.26 8.84
N SER F 70 68.93 -6.53 9.40
CA SER F 70 68.78 -6.86 10.81
C SER F 70 69.32 -5.76 11.71
N ASP F 71 70.47 -5.99 12.34
CA ASP F 71 71.00 -5.09 13.36
C ASP F 71 72.04 -4.12 12.83
N ARG F 72 72.15 -3.96 11.51
CA ARG F 72 73.27 -3.20 10.96
C ARG F 72 73.10 -1.69 11.11
N GLN F 73 71.87 -1.20 11.30
CA GLN F 73 71.59 0.21 11.57
C GLN F 73 72.03 1.13 10.43
N LEU F 74 72.08 0.61 9.22
CA LEU F 74 72.39 1.39 8.03
C LEU F 74 71.15 2.14 7.56
N PRO F 75 71.29 3.41 7.18
CA PRO F 75 70.13 4.15 6.63
C PRO F 75 69.82 3.70 5.21
N VAL F 76 68.53 3.65 4.89
CA VAL F 76 68.05 3.10 3.62
C VAL F 76 67.54 4.23 2.76
N HIS F 77 68.03 4.31 1.53
CA HIS F 77 67.54 5.26 0.55
C HIS F 77 66.33 4.67 -0.17
N ILE F 78 65.21 5.37 -0.10
CA ILE F 78 63.96 4.95 -0.73
C ILE F 78 63.91 5.63 -2.09
N ILE F 79 64.10 4.85 -3.15
CA ILE F 79 64.33 5.37 -4.50
C ILE F 79 63.14 5.00 -5.38
N PRO F 80 62.44 5.97 -5.96
CA PRO F 80 61.33 5.64 -6.88
C PRO F 80 61.77 4.89 -8.11
N GLU F 81 62.98 5.17 -8.62
CA GLU F 81 63.43 4.56 -9.86
C GLU F 81 63.63 3.06 -9.72
N LEU F 82 63.72 2.55 -8.48
CA LEU F 82 63.87 1.13 -8.22
C LEU F 82 62.53 0.40 -8.10
N ASN F 83 61.42 1.10 -8.31
CA ASN F 83 60.11 0.46 -8.25
C ASN F 83 59.91 -0.44 -9.47
N GLU F 84 59.21 -1.56 -9.24
CA GLU F 84 58.79 -2.41 -10.35
C GLU F 84 57.97 -1.60 -11.35
N MSE F 85 57.86 -2.14 -12.56
CA MSE F 85 57.04 -1.53 -13.59
C MSE F 85 55.61 -1.33 -13.11
O MSE F 85 55.01 -2.23 -12.53
CB MSE F 85 57.05 -2.39 -14.85
CG MSE F 85 56.89 -1.63 -16.15
SE MSE F 85 56.76 -2.89 -17.64
CE MSE F 85 54.83 -3.08 -17.68
N PHE F 86 55.06 -0.14 -13.34
CA PHE F 86 53.67 0.13 -13.02
C PHE F 86 52.77 -0.49 -14.09
N PHE F 87 51.92 -1.42 -13.68
CA PHE F 87 51.02 -2.10 -14.60
C PHE F 87 49.66 -1.44 -14.71
N GLY F 88 49.44 -0.34 -13.99
CA GLY F 88 48.19 0.38 -14.12
C GLY F 88 47.02 -0.48 -13.67
N ASP F 89 45.95 -0.45 -14.47
CA ASP F 89 44.75 -1.21 -14.13
C ASP F 89 44.99 -2.72 -14.12
N TRP F 90 46.11 -3.19 -14.68
CA TRP F 90 46.42 -4.61 -14.69
C TRP F 90 47.02 -5.11 -13.38
N GLU F 91 47.31 -4.23 -12.43
CA GLU F 91 47.90 -4.66 -11.17
C GLU F 91 46.98 -5.65 -10.46
N MSE F 92 47.60 -6.66 -9.85
CA MSE F 92 46.90 -7.66 -9.03
C MSE F 92 45.81 -8.41 -9.79
O MSE F 92 44.76 -8.71 -9.23
CB MSE F 92 46.31 -7.00 -7.79
CG MSE F 92 47.34 -6.34 -6.90
SE MSE F 92 48.69 -7.60 -6.23
CE MSE F 92 47.60 -8.52 -4.91
N ARG F 93 46.08 -8.71 -11.05
CA ARG F 93 45.15 -9.45 -11.89
C ARG F 93 45.91 -10.53 -12.66
N HIS F 94 45.18 -11.55 -13.08
CA HIS F 94 45.78 -12.74 -13.69
C HIS F 94 45.74 -12.64 -15.21
N HIS F 95 46.80 -13.16 -15.84
CA HIS F 95 46.85 -13.23 -17.31
C HIS F 95 45.62 -13.94 -17.86
N ARG F 96 45.14 -14.96 -17.16
CA ARG F 96 43.95 -15.70 -17.58
C ARG F 96 42.75 -14.77 -17.73
N ASP F 97 42.54 -13.88 -16.76
CA ASP F 97 41.37 -13.01 -16.80
C ASP F 97 41.59 -11.81 -17.72
N LEU F 98 42.81 -11.28 -17.76
CA LEU F 98 43.09 -10.11 -18.58
C LEU F 98 42.85 -10.39 -20.07
N MSE F 99 43.08 -11.62 -20.50
CA MSE F 99 42.84 -12.02 -21.87
C MSE F 99 41.37 -11.84 -22.25
O MSE F 99 41.04 -11.65 -23.41
CB MSE F 99 43.26 -13.47 -22.09
CG MSE F 99 44.73 -13.63 -22.45
SE MSE F 99 45.14 -12.75 -24.13
CE MSE F 99 46.94 -13.46 -24.42
N GLN F 100 40.50 -11.93 -21.25
CA GLN F 100 39.07 -11.78 -21.44
C GLN F 100 38.57 -10.37 -21.17
N GLU F 101 39.05 -9.74 -20.09
CA GLU F 101 38.47 -8.49 -19.61
C GLU F 101 39.06 -7.25 -20.29
N ASP F 102 40.22 -7.38 -20.92
CA ASP F 102 40.85 -6.28 -21.65
C ASP F 102 41.57 -6.87 -22.86
N ALA F 103 40.79 -7.53 -23.73
CA ALA F 103 41.36 -8.43 -24.73
C ALA F 103 42.35 -7.71 -25.65
N GLU F 104 41.88 -6.68 -26.36
CA GLU F 104 42.69 -6.08 -27.42
C GLU F 104 44.01 -5.55 -26.87
N ASN F 105 43.96 -4.71 -25.84
CA ASN F 105 45.17 -4.09 -25.34
C ASN F 105 46.09 -5.09 -24.66
N TYR F 106 45.51 -6.04 -23.92
CA TYR F 106 46.36 -7.05 -23.29
C TYR F 106 47.00 -7.97 -24.32
N SER F 107 46.28 -8.29 -25.40
CA SER F 107 46.88 -9.08 -26.47
C SER F 107 48.02 -8.33 -27.13
N ALA F 108 47.85 -7.03 -27.34
CA ALA F 108 48.93 -6.22 -27.90
C ALA F 108 50.15 -6.25 -26.99
N TRP F 109 49.95 -6.17 -25.68
CA TRP F 109 51.06 -6.26 -24.74
C TRP F 109 51.73 -7.64 -24.81
N CYS F 110 50.93 -8.68 -25.01
CA CYS F 110 51.51 -10.00 -25.19
C CYS F 110 52.29 -10.10 -26.49
N ASN F 111 51.82 -9.43 -27.54
CA ASN F 111 52.49 -9.51 -28.83
C ASN F 111 53.66 -8.55 -28.95
N ASP F 112 53.61 -7.42 -28.24
CA ASP F 112 54.61 -6.37 -28.40
C ASP F 112 54.80 -5.69 -27.04
N TRP F 113 55.38 -6.42 -26.09
CA TRP F 113 55.53 -5.90 -24.73
C TRP F 113 56.51 -4.74 -24.67
N GLN F 114 57.36 -4.57 -25.67
CA GLN F 114 58.36 -3.50 -25.64
C GLN F 114 57.78 -2.14 -26.02
N HIS F 115 56.60 -2.10 -26.63
CA HIS F 115 56.02 -0.84 -27.04
C HIS F 115 54.60 -0.66 -26.52
N ALA F 116 53.84 -1.75 -26.39
CA ALA F 116 52.47 -1.66 -25.95
C ALA F 116 52.40 -1.26 -24.47
N ILE F 117 51.45 -0.39 -24.16
CA ILE F 117 51.35 0.23 -22.83
C ILE F 117 50.30 -0.51 -22.02
N PRO F 118 50.62 -0.96 -20.81
CA PRO F 118 49.58 -1.48 -19.92
C PRO F 118 48.49 -0.45 -19.70
N THR F 119 47.25 -0.92 -19.63
CA THR F 119 46.11 -0.01 -19.56
C THR F 119 46.21 0.86 -18.32
N ASN F 120 46.37 2.17 -18.55
CA ASN F 120 46.55 3.18 -17.50
C ASN F 120 47.80 2.93 -16.68
N GLY F 121 48.76 2.19 -17.22
CA GLY F 121 50.04 1.96 -16.61
C GLY F 121 51.17 2.62 -17.35
N GLU F 122 52.38 2.12 -17.12
CA GLU F 122 53.57 2.65 -17.77
C GLU F 122 54.15 1.59 -18.70
N GLY F 123 54.52 2.01 -19.91
CA GLY F 123 55.06 1.10 -20.88
C GLY F 123 56.51 0.75 -20.61
N PHE F 124 57.04 -0.17 -21.44
CA PHE F 124 58.40 -0.62 -21.22
C PHE F 124 59.42 0.45 -21.58
N GLN F 125 59.12 1.31 -22.55
CA GLN F 125 60.05 2.36 -22.92
C GLN F 125 60.25 3.34 -21.76
N ALA F 126 59.15 3.80 -21.16
CA ALA F 126 59.26 4.69 -20.01
C ALA F 126 59.91 3.98 -18.83
N PHE F 127 59.66 2.68 -18.67
CA PHE F 127 60.25 1.92 -17.58
C PHE F 127 61.76 1.83 -17.75
N SER F 128 62.22 1.48 -18.96
CA SER F 128 63.66 1.40 -19.19
C SER F 128 64.33 2.76 -19.04
N GLN F 129 63.61 3.84 -19.40
CA GLN F 129 64.18 5.17 -19.21
C GLN F 129 64.27 5.54 -17.74
N ARG F 130 63.34 5.06 -16.91
CA ARG F 130 63.42 5.31 -15.48
C ARG F 130 64.63 4.62 -14.87
N VAL F 131 64.92 3.40 -15.32
CA VAL F 131 66.07 2.67 -14.80
C VAL F 131 67.37 3.31 -15.28
N GLU F 132 67.40 3.81 -16.52
CA GLU F 132 68.58 4.51 -17.00
C GLU F 132 68.87 5.75 -16.18
N ARG F 133 67.82 6.41 -15.68
CA ARG F 133 68.02 7.55 -14.81
C ARG F 133 68.66 7.14 -13.49
N PHE F 134 68.34 5.95 -13.00
CA PHE F 134 68.99 5.46 -11.79
C PHE F 134 70.46 5.14 -12.06
N ILE F 135 70.75 4.52 -13.21
CA ILE F 135 72.13 4.17 -13.55
C ILE F 135 72.98 5.43 -13.64
N ALA F 136 72.41 6.51 -14.19
CA ALA F 136 73.15 7.75 -14.34
C ALA F 136 73.51 8.38 -12.99
N ARG F 137 72.79 8.04 -11.93
CA ARG F 137 73.05 8.59 -10.61
C ARG F 137 74.07 7.77 -9.83
N LEU F 138 74.51 6.63 -10.36
CA LEU F 138 75.43 5.78 -9.63
C LEU F 138 76.75 6.48 -9.31
N SER F 139 77.11 7.51 -10.08
CA SER F 139 78.37 8.21 -9.83
C SER F 139 78.35 8.94 -8.49
N GLU F 140 77.20 9.47 -8.08
CA GLU F 140 77.17 10.20 -6.81
C GLU F 140 77.34 9.28 -5.60
N TYR F 141 77.19 7.97 -5.78
CA TYR F 141 77.57 6.99 -4.76
C TYR F 141 79.02 6.54 -4.90
N GLN F 142 79.91 7.45 -5.34
CA GLN F 142 81.30 7.09 -5.56
C GLN F 142 82.00 6.70 -4.27
N HIS F 143 81.58 7.27 -3.14
CA HIS F 143 82.29 7.08 -1.89
C HIS F 143 81.96 5.77 -1.19
N TYR F 144 81.15 4.90 -1.81
CA TYR F 144 80.75 3.63 -1.22
C TYR F 144 81.35 2.48 -2.01
N GLN F 145 81.62 1.37 -1.29
CA GLN F 145 82.25 0.19 -1.88
C GLN F 145 81.33 -1.02 -1.97
N ASN F 146 80.44 -1.23 -0.99
CA ASN F 146 79.53 -2.36 -0.97
C ASN F 146 78.10 -1.83 -0.85
N ILE F 147 77.42 -1.70 -1.97
CA ILE F 147 76.07 -1.13 -2.02
C ILE F 147 75.07 -2.26 -2.23
N LEU F 148 74.12 -2.38 -1.32
CA LEU F 148 73.05 -3.35 -1.44
C LEU F 148 71.83 -2.68 -2.08
N ILE F 149 71.26 -3.34 -3.08
CA ILE F 149 70.11 -2.82 -3.81
C ILE F 149 68.98 -3.85 -3.71
N VAL F 150 67.90 -3.46 -3.04
CA VAL F 150 66.72 -4.32 -2.92
C VAL F 150 65.65 -3.78 -3.86
N SER F 151 65.24 -4.60 -4.83
CA SER F 151 64.29 -4.15 -5.85
C SER F 151 63.46 -5.31 -6.38
N HIS F 152 63.17 -5.29 -7.68
CA HIS F 152 62.23 -6.22 -8.29
C HIS F 152 62.88 -6.91 -9.49
N GLN F 153 62.19 -7.93 -9.98
CA GLN F 153 62.72 -8.75 -11.07
C GLN F 153 63.00 -7.92 -12.32
N GLY F 154 62.02 -7.14 -12.77
CA GLY F 154 62.19 -6.36 -13.97
C GLY F 154 63.28 -5.30 -13.86
N VAL F 155 63.45 -4.74 -12.68
CA VAL F 155 64.45 -3.68 -12.50
C VAL F 155 65.86 -4.26 -12.51
N LEU F 156 66.07 -5.35 -11.78
CA LEU F 156 67.42 -5.90 -11.66
C LEU F 156 67.86 -6.58 -12.95
N SER F 157 66.94 -7.27 -13.62
CA SER F 157 67.27 -7.86 -14.92
C SER F 157 67.70 -6.77 -15.90
N LEU F 158 66.91 -5.70 -15.97
CA LEU F 158 67.26 -4.58 -16.84
C LEU F 158 68.58 -3.95 -16.42
N LEU F 159 68.75 -3.72 -15.12
CA LEU F 159 69.95 -3.07 -14.61
C LEU F 159 71.21 -3.82 -15.04
N ILE F 160 71.21 -5.14 -14.87
CA ILE F 160 72.37 -5.93 -15.26
C ILE F 160 72.60 -5.83 -16.76
N ALA F 161 71.53 -5.91 -17.55
CA ALA F 161 71.67 -5.83 -19.00
C ALA F 161 72.21 -4.47 -19.44
N ARG F 162 71.71 -3.38 -18.85
CA ARG F 162 72.15 -2.06 -19.27
C ARG F 162 73.54 -1.73 -18.75
N LEU F 163 73.92 -2.29 -17.60
CA LEU F 163 75.25 -2.03 -17.07
C LEU F 163 76.34 -2.67 -17.91
N ILE F 164 76.08 -3.84 -18.49
CA ILE F 164 77.09 -4.51 -19.30
C ILE F 164 76.91 -4.13 -20.76
N GLY F 165 76.04 -3.16 -21.03
CA GLY F 165 75.99 -2.52 -22.33
C GLY F 165 75.07 -3.13 -23.35
N MSE F 166 74.14 -3.99 -22.95
CA MSE F 166 73.18 -4.54 -23.90
C MSE F 166 71.93 -3.66 -23.97
O MSE F 166 71.64 -2.93 -23.03
CB MSE F 166 72.79 -5.96 -23.51
CG MSE F 166 73.96 -6.86 -23.18
SE MSE F 166 73.38 -8.49 -22.30
CE MSE F 166 72.42 -9.33 -23.77
N PRO F 167 71.20 -3.74 -25.09
CA PRO F 167 69.94 -3.02 -25.19
C PRO F 167 68.98 -3.43 -24.07
N ALA F 168 68.06 -2.52 -23.75
CA ALA F 168 67.15 -2.74 -22.63
C ALA F 168 66.32 -4.00 -22.80
N GLU F 169 65.93 -4.31 -24.04
CA GLU F 169 65.02 -5.43 -24.29
C GLU F 169 65.72 -6.79 -24.19
N SER F 170 67.03 -6.82 -24.02
CA SER F 170 67.74 -8.07 -23.78
C SER F 170 67.79 -8.42 -22.30
N MSE F 171 67.01 -7.73 -21.47
CA MSE F 171 66.95 -7.95 -20.03
C MSE F 171 66.65 -9.40 -19.63
O MSE F 171 67.02 -9.84 -18.55
CB MSE F 171 65.89 -7.04 -19.41
CG MSE F 171 64.53 -7.20 -20.07
SE MSE F 171 63.09 -6.27 -19.14
CE MSE F 171 63.32 -7.09 -17.37
N TRP F 172 65.95 -10.11 -20.51
CA TRP F 172 65.42 -11.43 -20.18
C TRP F 172 66.45 -12.54 -20.26
N HIS F 173 67.70 -12.23 -20.61
CA HIS F 173 68.78 -13.19 -20.52
C HIS F 173 69.30 -13.37 -19.09
N PHE F 174 68.91 -12.47 -18.17
CA PHE F 174 69.34 -12.51 -16.77
C PHE F 174 68.10 -12.36 -15.90
N ARG F 175 67.48 -13.48 -15.56
CA ARG F 175 66.35 -13.47 -14.63
C ARG F 175 66.86 -13.65 -13.20
N VAL F 176 66.40 -12.77 -12.31
CA VAL F 176 66.84 -12.72 -10.92
C VAL F 176 65.84 -13.49 -10.06
N ASP F 177 66.34 -14.42 -9.25
CA ASP F 177 65.48 -15.30 -8.48
C ASP F 177 65.31 -14.80 -7.05
N GLN F 178 64.15 -15.09 -6.48
CA GLN F 178 63.89 -14.79 -5.09
C GLN F 178 64.60 -15.80 -4.19
N GLY F 179 65.09 -15.32 -3.05
CA GLY F 179 65.88 -16.14 -2.15
C GLY F 179 67.36 -16.16 -2.44
N CYS F 180 67.79 -15.55 -3.54
CA CYS F 180 69.19 -15.51 -3.93
C CYS F 180 69.69 -14.08 -3.91
N TRP F 181 71.00 -13.93 -4.13
CA TRP F 181 71.62 -12.63 -4.28
C TRP F 181 72.55 -12.65 -5.48
N SER F 182 72.89 -11.45 -5.96
CA SER F 182 73.80 -11.29 -7.09
C SER F 182 74.75 -10.14 -6.80
N ALA F 183 75.78 -10.02 -7.63
CA ALA F 183 76.80 -8.99 -7.43
C ALA F 183 77.37 -8.57 -8.78
N ILE F 184 77.45 -7.26 -9.01
CA ILE F 184 78.03 -6.71 -10.22
C ILE F 184 78.97 -5.58 -9.83
N ASP F 185 80.21 -5.66 -10.31
CA ASP F 185 81.22 -4.66 -10.00
C ASP F 185 81.24 -3.58 -11.08
N ILE F 186 81.61 -2.37 -10.68
CA ILE F 186 81.70 -1.24 -11.60
C ILE F 186 83.00 -0.50 -11.32
N ASN F 187 83.79 -0.29 -12.38
CA ASN F 187 85.04 0.47 -12.28
C ASN F 187 85.14 1.34 -13.51
N GLN F 188 85.12 2.66 -13.32
CA GLN F 188 85.11 3.62 -14.41
C GLN F 188 83.97 3.33 -15.38
N LYS F 189 82.83 2.89 -14.82
CA LYS F 189 81.64 2.55 -15.58
C LYS F 189 81.90 1.41 -16.58
N PHE F 190 82.76 0.47 -16.21
CA PHE F 190 82.83 -0.83 -16.86
C PHE F 190 82.28 -1.85 -15.87
N ALA F 191 81.14 -2.44 -16.21
CA ALA F 191 80.47 -3.36 -15.32
C ALA F 191 80.91 -4.79 -15.56
N THR F 192 81.19 -5.51 -14.48
CA THR F 192 81.59 -6.92 -14.54
C THR F 192 80.65 -7.71 -13.66
N LEU F 193 79.78 -8.51 -14.27
CA LEU F 193 78.88 -9.36 -13.51
C LEU F 193 79.70 -10.45 -12.82
N ARG F 194 79.69 -10.45 -11.49
CA ARG F 194 80.52 -11.38 -10.72
C ARG F 194 79.73 -12.57 -10.19
N VAL F 195 78.54 -12.34 -9.65
CA VAL F 195 77.71 -13.41 -9.10
C VAL F 195 76.27 -13.18 -9.57
N LEU F 196 75.58 -14.26 -9.90
CA LEU F 196 74.17 -14.19 -10.26
C LEU F 196 73.42 -15.36 -9.63
N ASN F 197 72.44 -15.04 -8.80
CA ASN F 197 71.51 -16.02 -8.22
C ASN F 197 72.25 -17.05 -7.37
N SER F 198 72.94 -16.56 -6.36
CA SER F 198 73.70 -17.41 -5.46
C SER F 198 72.95 -17.62 -4.16
N ARG F 199 73.01 -18.84 -3.64
CA ARG F 199 72.49 -19.18 -2.33
C ARG F 199 73.61 -19.52 -1.35
N ALA F 200 74.83 -19.08 -1.64
CA ALA F 200 75.97 -19.33 -0.80
C ALA F 200 76.34 -18.09 0.00
N ILE F 201 77.27 -18.26 0.94
CA ILE F 201 77.73 -17.16 1.75
C ILE F 201 78.59 -16.23 0.90
N GLY F 202 78.39 -14.92 1.07
CA GLY F 202 79.13 -13.95 0.29
C GLY F 202 80.44 -13.54 0.95
N VAL F 203 81.36 -13.08 0.13
CA VAL F 203 82.64 -12.62 0.60
C VAL F 203 82.90 -11.29 -0.07
N GLU F 204 83.22 -10.26 0.71
CA GLU F 204 83.51 -8.95 0.17
C GLU F 204 84.74 -9.07 -0.69
N ASN F 205 84.76 -8.44 -1.86
CA ASN F 205 85.93 -8.55 -2.71
C ASN F 205 86.58 -7.22 -2.98
N MSE G 4 -51.36 41.31 31.61
CA MSE G 4 -50.80 41.94 32.80
C MSE G 4 -49.60 41.16 33.32
O MSE G 4 -49.72 39.97 33.62
CB MSE G 4 -51.87 42.06 33.88
CG MSE G 4 -51.34 42.19 35.30
SE MSE G 4 -52.74 42.59 36.62
CE MSE G 4 -53.93 41.09 36.26
N ARG G 5 -48.43 41.80 33.36
CA ARG G 5 -47.20 41.15 33.76
C ARG G 5 -46.87 41.51 35.20
N LEU G 6 -46.66 40.50 36.05
CA LEU G 6 -46.25 40.71 37.43
C LEU G 6 -44.73 40.50 37.50
N TRP G 7 -44.01 41.56 37.85
CA TRP G 7 -42.58 41.45 38.14
C TRP G 7 -42.41 41.17 39.63
N LEU G 8 -41.78 40.05 39.97
CA LEU G 8 -41.65 39.60 41.34
C LEU G 8 -40.22 39.77 41.83
N ILE G 9 -40.05 40.41 42.98
CA ILE G 9 -38.75 40.60 43.58
C ILE G 9 -38.84 40.30 45.06
N ARG G 10 -37.97 39.41 45.53
CA ARG G 10 -37.82 39.17 46.97
C ARG G 10 -36.89 40.20 47.56
N HIS G 11 -37.22 40.68 48.76
CA HIS G 11 -36.35 41.64 49.42
C HIS G 11 -35.01 40.99 49.77
N GLY G 12 -33.95 41.80 49.71
CA GLY G 12 -32.60 41.31 49.85
C GLY G 12 -32.27 40.87 51.28
N GLU G 13 -31.00 40.54 51.45
CA GLU G 13 -30.52 39.98 52.71
C GLU G 13 -30.70 40.99 53.85
N THR G 14 -31.11 40.47 55.00
CA THR G 14 -31.27 41.25 56.22
C THR G 14 -30.35 40.68 57.30
N GLN G 15 -30.28 41.40 58.43
CA GLN G 15 -29.46 40.91 59.54
C GLN G 15 -30.07 39.66 60.17
N ALA G 16 -31.40 39.60 60.23
CA ALA G 16 -32.06 38.40 60.75
C ALA G 16 -31.72 37.18 59.90
N ASN G 17 -31.47 37.36 58.61
CA ASN G 17 -30.96 36.29 57.78
C ASN G 17 -29.57 35.86 58.24
N VAL G 18 -28.70 36.83 58.49
CA VAL G 18 -27.35 36.54 58.95
C VAL G 18 -27.39 35.80 60.28
N ASP G 19 -28.25 36.26 61.19
CA ASP G 19 -28.37 35.65 62.51
C ASP G 19 -29.19 34.37 62.50
N GLY G 20 -29.86 34.05 61.39
CA GLY G 20 -30.63 32.83 61.30
C GLY G 20 -31.83 32.77 62.22
N LEU G 21 -32.55 33.87 62.37
CA LEU G 21 -33.77 33.91 63.17
C LEU G 21 -34.99 34.01 62.24
N TYR G 22 -36.14 33.64 62.80
CA TYR G 22 -37.40 33.69 62.04
C TYR G 22 -37.76 35.15 61.82
N SER G 23 -37.53 35.63 60.61
CA SER G 23 -37.81 37.02 60.25
C SER G 23 -39.20 37.11 59.65
N GLY G 24 -40.12 37.77 60.36
CA GLY G 24 -41.47 37.93 59.87
C GLY G 24 -41.94 39.37 59.96
N HIS G 25 -42.92 39.63 60.84
CA HIS G 25 -43.43 40.98 61.01
C HIS G 25 -42.50 41.87 61.82
N ALA G 26 -41.45 41.30 62.44
CA ALA G 26 -40.54 42.10 63.24
C ALA G 26 -39.53 42.81 62.35
N PRO G 27 -39.20 44.06 62.65
CA PRO G 27 -38.30 44.82 61.77
C PRO G 27 -36.86 44.34 61.87
N THR G 28 -36.22 44.23 60.71
CA THR G 28 -34.79 43.97 60.61
C THR G 28 -34.31 44.67 59.34
N PRO G 29 -33.18 45.37 59.39
CA PRO G 29 -32.75 46.17 58.25
C PRO G 29 -32.02 45.34 57.21
N LEU G 30 -32.05 45.84 55.98
CA LEU G 30 -31.24 45.26 54.91
C LEU G 30 -29.76 45.44 55.23
N THR G 31 -28.97 44.41 54.92
CA THR G 31 -27.53 44.53 55.08
C THR G 31 -26.95 45.29 53.90
N ALA G 32 -25.63 45.52 53.95
CA ALA G 32 -24.96 46.10 52.79
C ALA G 32 -25.13 45.22 51.57
N ARG G 33 -25.11 43.90 51.76
CA ARG G 33 -25.37 42.98 50.66
C ARG G 33 -26.81 43.12 50.16
N GLY G 34 -27.76 43.21 51.09
CA GLY G 34 -29.16 43.35 50.69
C GLY G 34 -29.43 44.64 49.96
N ILE G 35 -28.76 45.72 50.35
CA ILE G 35 -28.94 46.99 49.67
C ILE G 35 -28.37 46.93 48.26
N GLU G 36 -27.17 46.36 48.12
CA GLU G 36 -26.57 46.22 46.79
C GLU G 36 -27.38 45.28 45.91
N GLN G 37 -28.00 44.26 46.50
CA GLN G 37 -28.87 43.37 45.74
C GLN G 37 -30.02 44.15 45.10
N ALA G 38 -30.59 45.10 45.84
CA ALA G 38 -31.71 45.86 45.31
C ALA G 38 -31.25 46.90 44.30
N GLN G 39 -30.06 47.47 44.48
CA GLN G 39 -29.55 48.44 43.52
C GLN G 39 -29.14 47.78 42.22
N ASN G 40 -28.60 46.56 42.29
CA ASN G 40 -28.31 45.81 41.07
C ASN G 40 -29.59 45.49 40.31
N LEU G 41 -30.64 45.09 41.04
CA LEU G 41 -31.93 44.84 40.40
C LEU G 41 -32.48 46.09 39.74
N HIS G 42 -32.18 47.26 40.28
CA HIS G 42 -32.64 48.50 39.67
C HIS G 42 -32.08 48.66 38.27
N THR G 43 -30.79 48.39 38.10
CA THR G 43 -30.19 48.49 36.78
C THR G 43 -30.66 47.36 35.86
N LEU G 44 -30.92 46.18 36.42
CA LEU G 44 -31.42 45.07 35.61
C LEU G 44 -32.78 45.43 35.00
N LEU G 45 -33.63 46.09 35.78
CA LEU G 45 -34.98 46.45 35.35
C LEU G 45 -35.09 47.92 34.98
N ASP G 46 -33.97 48.55 34.60
CA ASP G 46 -33.93 49.99 34.40
C ASP G 46 -34.84 50.42 33.25
N ASP G 47 -34.91 49.64 32.19
CA ASP G 47 -35.73 50.00 31.03
C ASP G 47 -37.12 49.39 31.08
N VAL G 48 -37.50 48.78 32.20
CA VAL G 48 -38.87 48.31 32.37
C VAL G 48 -39.71 49.47 32.92
N SER G 49 -40.78 49.82 32.22
CA SER G 49 -41.64 50.94 32.62
C SER G 49 -42.77 50.37 33.46
N PHE G 50 -42.64 50.51 34.78
CA PHE G 50 -43.63 49.93 35.69
C PHE G 50 -44.86 50.81 35.78
N ASP G 51 -46.03 50.18 35.67
CA ASP G 51 -47.30 50.88 35.85
C ASP G 51 -47.63 51.11 37.32
N LEU G 52 -47.22 50.19 38.18
CA LEU G 52 -47.75 50.11 39.53
C LEU G 52 -46.79 49.31 40.38
N VAL G 53 -46.72 49.66 41.66
CA VAL G 53 -45.83 49.00 42.60
C VAL G 53 -46.66 48.55 43.80
N LEU G 54 -46.64 47.25 44.07
CA LEU G 54 -47.33 46.66 45.22
C LEU G 54 -46.27 46.11 46.16
N CYS G 55 -46.28 46.57 47.41
CA CYS G 55 -45.22 46.27 48.35
C CYS G 55 -45.80 45.84 49.68
N SER G 56 -45.04 45.00 50.39
CA SER G 56 -45.41 44.64 51.75
C SER G 56 -45.17 45.81 52.69
N GLU G 57 -45.86 45.79 53.83
CA GLU G 57 -45.73 46.87 54.80
C GLU G 57 -44.32 46.97 55.34
N LEU G 58 -43.64 45.84 55.47
CA LEU G 58 -42.38 45.79 56.21
C LEU G 58 -41.31 46.63 55.52
N GLU G 59 -40.52 47.33 56.35
CA GLU G 59 -39.58 48.32 55.83
C GLU G 59 -38.52 47.69 54.93
N ARG G 60 -38.21 46.41 55.13
CA ARG G 60 -37.26 45.74 54.26
C ARG G 60 -37.76 45.73 52.81
N ALA G 61 -39.03 45.41 52.61
CA ALA G 61 -39.59 45.41 51.26
C ALA G 61 -39.71 46.84 50.73
N GLN G 62 -40.15 47.77 51.57
CA GLN G 62 -40.26 49.15 51.13
C GLN G 62 -38.90 49.74 50.79
N HIS G 63 -37.88 49.45 51.61
CA HIS G 63 -36.53 49.91 51.32
C HIS G 63 -36.06 49.35 49.98
N THR G 64 -36.34 48.07 49.72
CA THR G 64 -35.96 47.47 48.45
C THR G 64 -36.70 48.14 47.29
N ALA G 65 -38.02 48.33 47.44
CA ALA G 65 -38.80 48.95 46.38
C ALA G 65 -38.25 50.32 46.02
N ARG G 66 -37.83 51.11 47.02
CA ARG G 66 -37.26 52.41 46.74
C ARG G 66 -35.96 52.29 45.96
N LEU G 67 -35.13 51.30 46.30
CA LEU G 67 -33.84 51.16 45.65
C LEU G 67 -33.99 50.73 44.20
N VAL G 68 -34.98 49.88 43.91
CA VAL G 68 -35.16 49.34 42.57
C VAL G 68 -35.77 50.41 41.65
N LEU G 69 -36.69 51.21 42.17
CA LEU G 69 -37.34 52.22 41.34
C LEU G 69 -36.55 53.52 41.26
N SER G 70 -35.79 53.87 42.30
CA SER G 70 -34.93 55.04 42.29
C SER G 70 -35.70 56.32 42.04
N ASP G 71 -35.54 56.90 40.84
CA ASP G 71 -36.12 58.19 40.51
C ASP G 71 -37.43 58.08 39.75
N ARG G 72 -38.08 56.91 39.77
CA ARG G 72 -39.33 56.74 39.02
C ARG G 72 -40.48 57.53 39.63
N GLN G 73 -40.51 57.67 40.96
CA GLN G 73 -41.57 58.43 41.66
C GLN G 73 -42.95 57.85 41.35
N LEU G 74 -43.03 56.53 41.28
CA LEU G 74 -44.34 55.91 41.13
C LEU G 74 -45.03 55.79 42.47
N PRO G 75 -46.37 55.74 42.48
CA PRO G 75 -47.09 55.50 43.73
C PRO G 75 -46.94 54.05 44.15
N VAL G 76 -46.40 53.85 45.36
CA VAL G 76 -46.17 52.52 45.90
C VAL G 76 -47.31 52.19 46.86
N HIS G 77 -48.07 51.14 46.55
CA HIS G 77 -49.13 50.70 47.44
C HIS G 77 -48.55 49.80 48.52
N ILE G 78 -48.91 50.08 49.76
CA ILE G 78 -48.47 49.28 50.90
C ILE G 78 -49.61 48.34 51.29
N ILE G 79 -49.42 47.04 51.05
CA ILE G 79 -50.46 46.04 51.21
C ILE G 79 -50.09 45.10 52.34
N PRO G 80 -50.94 44.94 53.37
CA PRO G 80 -50.63 43.98 54.44
C PRO G 80 -50.71 42.53 53.98
N GLU G 81 -51.45 42.24 52.92
CA GLU G 81 -51.53 40.87 52.42
C GLU G 81 -50.20 40.39 51.86
N LEU G 82 -49.28 41.30 51.52
CA LEU G 82 -47.98 40.94 51.01
C LEU G 82 -46.93 40.78 52.10
N ASN G 83 -47.31 40.95 53.37
CA ASN G 83 -46.36 40.81 54.46
C ASN G 83 -45.94 39.36 54.65
N GLU G 84 -44.74 39.17 55.19
CA GLU G 84 -44.29 37.84 55.56
C GLU G 84 -45.23 37.24 56.61
N MSE G 85 -45.19 35.92 56.72
CA MSE G 85 -46.01 35.21 57.71
C MSE G 85 -45.66 35.66 59.13
O MSE G 85 -44.51 35.65 59.54
CB MSE G 85 -45.82 33.70 57.58
CG MSE G 85 -46.23 32.91 58.82
SE MSE G 85 -45.52 31.08 58.86
CE MSE G 85 -46.95 30.19 57.85
N PHE G 86 -46.69 36.09 59.86
CA PHE G 86 -46.51 36.50 61.26
C PHE G 86 -46.21 35.28 62.11
N PHE G 87 -45.01 35.24 62.69
CA PHE G 87 -44.56 34.10 63.49
C PHE G 87 -44.96 34.20 64.96
N GLY G 88 -45.65 35.27 65.36
CA GLY G 88 -46.12 35.36 66.73
C GLY G 88 -44.98 35.59 67.70
N ASP G 89 -44.94 34.79 68.76
CA ASP G 89 -43.88 34.87 69.76
C ASP G 89 -42.60 34.20 69.30
N TRP G 90 -42.61 33.54 68.14
CA TRP G 90 -41.39 32.95 67.59
C TRP G 90 -40.54 33.94 66.81
N GLU G 91 -41.06 35.14 66.56
CA GLU G 91 -40.34 36.12 65.75
C GLU G 91 -39.00 36.45 66.37
N MSE G 92 -37.98 36.54 65.51
CA MSE G 92 -36.62 36.87 65.92
C MSE G 92 -36.08 35.91 66.98
O MSE G 92 -35.25 36.29 67.82
CB MSE G 92 -36.54 38.31 66.46
CG MSE G 92 -37.03 39.36 65.47
SE MSE G 92 -35.99 39.39 63.82
CE MSE G 92 -34.41 40.36 64.45
N ARG G 93 -36.55 34.67 66.95
CA ARG G 93 -36.05 33.63 67.84
C ARG G 93 -35.50 32.48 67.00
N HIS G 94 -34.45 31.86 67.50
CA HIS G 94 -33.66 30.92 66.72
C HIS G 94 -34.27 29.52 66.76
N HIS G 95 -33.99 28.76 65.70
CA HIS G 95 -34.38 27.35 65.64
C HIS G 95 -33.83 26.58 66.84
N ARG G 96 -32.57 26.82 67.20
CA ARG G 96 -31.94 26.07 68.27
C ARG G 96 -32.58 26.34 69.62
N ASP G 97 -33.15 27.53 69.81
CA ASP G 97 -33.75 27.88 71.09
C ASP G 97 -35.21 27.47 71.18
N LEU G 98 -35.95 27.56 70.07
CA LEU G 98 -37.39 27.37 70.14
C LEU G 98 -37.77 25.93 70.47
N MSE G 99 -36.91 24.97 70.12
CA MSE G 99 -37.18 23.57 70.43
C MSE G 99 -37.11 23.30 71.93
O MSE G 99 -37.68 22.33 72.41
CB MSE G 99 -36.19 22.66 69.69
CG MSE G 99 -36.75 22.03 68.44
SE MSE G 99 -35.49 20.80 67.61
CE MSE G 99 -34.16 22.11 67.04
N GLN G 100 -36.39 24.16 72.65
CA GLN G 100 -36.22 24.01 74.09
C GLN G 100 -37.24 24.82 74.88
N GLU G 101 -37.51 26.05 74.46
CA GLU G 101 -38.42 26.94 75.17
C GLU G 101 -39.88 26.71 74.82
N ASP G 102 -40.18 26.36 73.56
CA ASP G 102 -41.53 26.00 73.14
C ASP G 102 -41.48 24.59 72.55
N ALA G 103 -41.22 23.61 73.41
CA ALA G 103 -40.88 22.26 72.96
C ALA G 103 -41.98 21.66 72.09
N GLU G 104 -43.20 21.57 72.62
CA GLU G 104 -44.25 20.85 71.91
C GLU G 104 -44.74 21.63 70.69
N ASN G 105 -45.03 22.91 70.87
CA ASN G 105 -45.63 23.69 69.78
C ASN G 105 -44.66 23.87 68.61
N TYR G 106 -43.36 23.97 68.90
CA TYR G 106 -42.41 24.21 67.81
C TYR G 106 -42.13 22.93 67.03
N SER G 107 -41.93 21.81 67.73
CA SER G 107 -41.71 20.54 67.03
C SER G 107 -42.95 20.12 66.26
N ALA G 108 -44.14 20.43 66.78
CA ALA G 108 -45.37 20.17 66.03
C ALA G 108 -45.38 20.98 64.74
N TRP G 109 -44.73 22.13 64.72
CA TRP G 109 -44.63 22.94 63.51
C TRP G 109 -43.58 22.39 62.55
N CYS G 110 -42.49 21.82 63.06
CA CYS G 110 -41.47 21.26 62.20
C CYS G 110 -41.97 20.02 61.47
N ASN G 111 -42.94 19.30 62.05
CA ASN G 111 -43.47 18.09 61.45
C ASN G 111 -44.76 18.30 60.68
N ASP G 112 -45.44 19.43 60.87
CA ASP G 112 -46.73 19.68 60.27
C ASP G 112 -46.92 21.19 60.08
N TRP G 113 -46.08 21.79 59.25
CA TRP G 113 -46.12 23.24 59.05
C TRP G 113 -47.41 23.70 58.39
N GLN G 114 -48.08 22.82 57.63
CA GLN G 114 -49.29 23.23 56.93
C GLN G 114 -50.43 23.55 57.89
N HIS G 115 -50.47 22.90 59.05
CA HIS G 115 -51.57 23.01 59.98
C HIS G 115 -51.18 23.47 61.38
N ALA G 116 -49.96 23.17 61.83
CA ALA G 116 -49.53 23.64 63.15
C ALA G 116 -49.35 25.15 63.11
N ILE G 117 -50.01 25.84 64.03
CA ILE G 117 -49.93 27.28 64.13
C ILE G 117 -48.77 27.65 65.05
N PRO G 118 -47.91 28.59 64.67
CA PRO G 118 -46.93 29.12 65.62
C PRO G 118 -47.64 29.78 66.79
N THR G 119 -46.99 29.74 67.95
CA THR G 119 -47.61 30.20 69.19
C THR G 119 -48.00 31.67 69.11
N ASN G 120 -49.30 31.94 69.16
CA ASN G 120 -49.87 33.29 69.08
C ASN G 120 -49.59 33.98 67.75
N GLY G 121 -49.19 33.22 66.74
CA GLY G 121 -48.97 33.74 65.40
C GLY G 121 -49.99 33.21 64.41
N GLU G 122 -49.68 33.42 63.13
CA GLU G 122 -50.53 32.92 62.06
C GLU G 122 -49.91 31.65 61.47
N GLY G 123 -50.73 30.62 61.29
CA GLY G 123 -50.28 29.38 60.69
C GLY G 123 -50.36 29.44 59.18
N PHE G 124 -50.03 28.31 58.56
CA PHE G 124 -50.04 28.28 57.10
C PHE G 124 -51.46 28.46 56.55
N GLN G 125 -52.47 27.93 57.25
CA GLN G 125 -53.84 28.05 56.76
C GLN G 125 -54.25 29.51 56.65
N ALA G 126 -54.06 30.28 57.72
CA ALA G 126 -54.38 31.71 57.67
C ALA G 126 -53.45 32.45 56.72
N PHE G 127 -52.18 32.03 56.66
CA PHE G 127 -51.24 32.67 55.76
C PHE G 127 -51.65 32.50 54.30
N SER G 128 -52.06 31.29 53.92
CA SER G 128 -52.45 31.06 52.53
C SER G 128 -53.78 31.73 52.19
N GLN G 129 -54.69 31.82 53.15
CA GLN G 129 -55.95 32.53 52.91
C GLN G 129 -55.70 34.02 52.71
N ARG G 130 -54.74 34.59 53.44
CA ARG G 130 -54.40 36.00 53.28
C ARG G 130 -53.82 36.27 51.90
N VAL G 131 -52.96 35.37 51.41
CA VAL G 131 -52.43 35.50 50.05
C VAL G 131 -53.55 35.32 49.04
N GLU G 132 -54.51 34.45 49.34
CA GLU G 132 -55.64 34.26 48.42
C GLU G 132 -56.47 35.53 48.31
N ARG G 133 -56.67 36.23 49.44
CA ARG G 133 -57.38 37.50 49.40
C ARG G 133 -56.67 38.51 48.51
N PHE G 134 -55.34 38.45 48.45
CA PHE G 134 -54.60 39.34 47.57
C PHE G 134 -54.80 38.99 46.10
N ILE G 135 -54.76 37.69 45.79
CA ILE G 135 -54.92 37.25 44.39
C ILE G 135 -56.29 37.66 43.86
N ALA G 136 -57.33 37.57 44.70
CA ALA G 136 -58.66 38.03 44.31
C ALA G 136 -58.70 39.54 44.09
N ARG G 137 -57.80 40.28 44.70
CA ARG G 137 -57.76 41.73 44.52
C ARG G 137 -57.01 42.14 43.26
N LEU G 138 -56.40 41.21 42.54
CA LEU G 138 -55.66 41.58 41.34
C LEU G 138 -56.56 42.21 40.29
N SER G 139 -57.84 41.83 40.27
CA SER G 139 -58.76 42.33 39.25
C SER G 139 -58.92 43.84 39.32
N GLU G 140 -58.70 44.44 40.49
CA GLU G 140 -58.82 45.89 40.60
C GLU G 140 -57.57 46.61 40.12
N TYR G 141 -56.59 45.87 39.58
CA TYR G 141 -55.43 46.46 38.91
C TYR G 141 -55.44 46.14 37.42
N GLN G 142 -56.63 45.93 36.86
CA GLN G 142 -56.77 45.53 35.46
C GLN G 142 -56.21 46.54 34.49
N HIS G 143 -56.06 47.79 34.90
CA HIS G 143 -55.61 48.86 34.02
C HIS G 143 -54.10 49.04 34.03
N TYR G 144 -53.37 48.21 34.75
CA TYR G 144 -51.91 48.25 34.78
C TYR G 144 -51.36 47.02 34.09
N GLN G 145 -50.23 47.20 33.41
CA GLN G 145 -49.64 46.15 32.60
C GLN G 145 -48.29 45.66 33.10
N ASN G 146 -47.56 46.47 33.86
CA ASN G 146 -46.25 46.09 34.38
C ASN G 146 -46.21 46.44 35.86
N ILE G 147 -46.77 45.54 36.67
CA ILE G 147 -46.83 45.71 38.12
C ILE G 147 -45.60 45.05 38.73
N LEU G 148 -44.93 45.76 39.63
CA LEU G 148 -43.79 45.23 40.37
C LEU G 148 -44.23 44.91 41.79
N ILE G 149 -44.01 43.67 42.22
CA ILE G 149 -44.41 43.19 43.53
C ILE G 149 -43.16 42.94 44.35
N VAL G 150 -42.96 43.76 45.37
CA VAL G 150 -41.83 43.63 46.28
C VAL G 150 -42.35 43.02 47.58
N SER G 151 -41.88 41.82 47.90
CA SER G 151 -42.39 41.11 49.08
C SER G 151 -41.36 40.12 49.62
N HIS G 152 -41.84 38.99 50.12
CA HIS G 152 -41.03 38.02 50.85
C HIS G 152 -41.05 36.67 50.16
N GLN G 153 -40.21 35.76 50.65
CA GLN G 153 -40.01 34.48 49.98
C GLN G 153 -41.29 33.65 49.98
N GLY G 154 -41.83 33.38 51.17
CA GLY G 154 -43.03 32.56 51.25
C GLY G 154 -44.22 33.16 50.54
N VAL G 155 -44.34 34.49 50.59
CA VAL G 155 -45.45 35.15 49.90
C VAL G 155 -45.34 34.92 48.40
N LEU G 156 -44.18 35.22 47.83
CA LEU G 156 -44.02 35.13 46.38
C LEU G 156 -44.08 33.69 45.90
N SER G 157 -43.52 32.75 46.66
CA SER G 157 -43.55 31.36 46.23
C SER G 157 -44.97 30.80 46.26
N LEU G 158 -45.77 31.21 47.25
CA LEU G 158 -47.16 30.79 47.28
C LEU G 158 -47.98 31.48 46.20
N LEU G 159 -47.63 32.74 45.87
CA LEU G 159 -48.32 33.44 44.80
C LEU G 159 -48.16 32.71 43.47
N ILE G 160 -46.94 32.27 43.17
CA ILE G 160 -46.69 31.55 41.93
C ILE G 160 -47.49 30.26 41.89
N ALA G 161 -47.48 29.51 43.00
CA ALA G 161 -48.14 28.20 43.02
C ALA G 161 -49.64 28.33 42.84
N ARG G 162 -50.25 29.33 43.49
CA ARG G 162 -51.70 29.50 43.41
C ARG G 162 -52.13 30.17 42.11
N LEU G 163 -51.24 30.93 41.47
CA LEU G 163 -51.59 31.54 40.20
C LEU G 163 -51.63 30.52 39.06
N ILE G 164 -50.79 29.49 39.11
CA ILE G 164 -50.75 28.51 38.03
C ILE G 164 -51.59 27.29 38.38
N GLY G 165 -52.38 27.39 39.45
CA GLY G 165 -53.40 26.41 39.74
C GLY G 165 -53.05 25.36 40.76
N MSE G 166 -51.85 25.40 41.31
CA MSE G 166 -51.47 24.40 42.30
C MSE G 166 -51.96 24.71 43.70
O MSE G 166 -52.17 25.87 44.03
CB MSE G 166 -49.96 24.26 42.31
CG MSE G 166 -49.40 24.00 40.96
SE MSE G 166 -47.47 23.98 41.01
CE MSE G 166 -47.31 22.30 41.95
N PRO G 167 -52.18 23.66 44.50
CA PRO G 167 -52.54 23.88 45.91
C PRO G 167 -51.48 24.69 46.63
N ALA G 168 -51.86 25.20 47.81
CA ALA G 168 -50.95 26.06 48.56
C ALA G 168 -49.71 25.32 49.01
N GLU G 169 -49.85 24.05 49.29
CA GLU G 169 -48.75 23.27 49.82
C GLU G 169 -47.62 23.11 48.86
N SER G 170 -47.85 23.47 47.58
CA SER G 170 -46.89 23.30 46.51
C SER G 170 -45.94 24.48 46.27
N MSE G 171 -45.94 25.38 47.25
CA MSE G 171 -45.10 26.55 47.24
C MSE G 171 -43.64 26.20 47.22
O MSE G 171 -42.87 26.90 46.57
CB MSE G 171 -45.40 27.27 48.56
CG MSE G 171 -44.43 28.37 48.98
SE MSE G 171 -44.71 28.89 50.87
CE MSE G 171 -45.90 27.38 51.22
N TRP G 172 -43.26 25.16 47.93
CA TRP G 172 -41.88 24.70 48.03
C TRP G 172 -41.28 24.29 46.72
N HIS G 173 -42.09 24.08 45.70
CA HIS G 173 -41.53 23.75 44.40
C HIS G 173 -40.94 24.97 43.70
N PHE G 174 -41.19 26.18 44.21
CA PHE G 174 -40.71 27.42 43.61
C PHE G 174 -40.01 28.24 44.68
N ARG G 175 -38.69 28.15 44.75
CA ARG G 175 -37.92 29.03 45.61
C ARG G 175 -37.61 30.32 44.86
N VAL G 176 -37.93 31.45 45.49
CA VAL G 176 -37.61 32.77 44.94
C VAL G 176 -36.44 33.33 45.72
N ASP G 177 -35.38 33.72 45.00
CA ASP G 177 -34.09 34.02 45.60
C ASP G 177 -33.90 35.52 45.78
N GLN G 178 -32.93 35.86 46.64
CA GLN G 178 -32.56 37.25 46.86
C GLN G 178 -31.74 37.78 45.69
N GLY G 179 -31.88 39.08 45.45
CA GLY G 179 -31.13 39.70 44.37
C GLY G 179 -31.53 39.30 42.97
N CYS G 180 -32.64 38.58 42.82
CA CYS G 180 -33.14 38.14 41.54
C CYS G 180 -34.54 38.69 41.31
N TRP G 181 -35.02 38.57 40.08
CA TRP G 181 -36.37 38.95 39.73
C TRP G 181 -37.04 37.82 38.98
N SER G 182 -38.35 37.74 39.13
CA SER G 182 -39.18 36.77 38.43
C SER G 182 -40.27 37.52 37.68
N ALA G 183 -41.04 36.79 36.87
CA ALA G 183 -42.09 37.41 36.09
C ALA G 183 -43.14 36.37 35.74
N ILE G 184 -44.41 36.76 35.85
CA ILE G 184 -45.52 35.89 35.49
C ILE G 184 -46.57 36.73 34.77
N ASP G 185 -47.04 36.23 33.62
CA ASP G 185 -48.03 36.91 32.80
C ASP G 185 -49.41 36.33 33.08
N ILE G 186 -50.39 37.21 33.29
CA ILE G 186 -51.78 36.82 33.47
C ILE G 186 -52.59 37.47 32.36
N ASN G 187 -53.21 36.64 31.53
CA ASN G 187 -53.96 37.10 30.36
C ASN G 187 -55.29 36.38 30.32
N GLN G 188 -56.37 37.12 30.60
CA GLN G 188 -57.73 36.60 30.64
C GLN G 188 -57.80 35.30 31.43
N LYS G 189 -57.37 35.40 32.69
CA LYS G 189 -57.50 34.35 33.71
C LYS G 189 -56.59 33.15 33.47
N PHE G 190 -55.52 33.31 32.69
CA PHE G 190 -54.51 32.28 32.54
C PHE G 190 -53.15 32.85 32.92
N ALA G 191 -52.49 32.23 33.88
CA ALA G 191 -51.19 32.67 34.38
C ALA G 191 -50.09 31.79 33.84
N THR G 192 -49.06 32.41 33.26
CA THR G 192 -47.92 31.70 32.72
C THR G 192 -46.65 32.22 33.38
N LEU G 193 -45.96 31.35 34.13
CA LEU G 193 -44.67 31.70 34.71
C LEU G 193 -43.67 31.91 33.59
N ARG G 194 -43.23 33.16 33.39
CA ARG G 194 -42.31 33.50 32.31
C ARG G 194 -40.86 33.50 32.75
N VAL G 195 -40.55 34.07 33.91
CA VAL G 195 -39.18 34.20 34.39
C VAL G 195 -39.15 33.82 35.86
N LEU G 196 -38.09 33.13 36.28
CA LEU G 196 -37.89 32.80 37.68
C LEU G 196 -36.42 32.97 38.02
N ASN G 197 -36.14 33.84 38.99
CA ASN G 197 -34.80 34.00 39.56
C ASN G 197 -33.77 34.38 38.50
N SER G 198 -34.10 35.39 37.70
CA SER G 198 -33.17 35.89 36.69
C SER G 198 -32.31 37.00 37.25
N ARG G 199 -31.05 37.00 36.85
CA ARG G 199 -30.12 38.08 37.15
C ARG G 199 -29.68 38.82 35.90
N ALA G 200 -30.44 38.68 34.81
CA ALA G 200 -30.15 39.33 33.55
C ALA G 200 -31.00 40.60 33.41
N ILE G 201 -30.79 41.31 32.30
CA ILE G 201 -31.52 42.56 32.07
C ILE G 201 -32.97 42.23 31.75
N GLY G 202 -33.88 42.99 32.36
CA GLY G 202 -35.29 42.79 32.09
C GLY G 202 -35.71 43.38 30.76
N VAL G 203 -36.69 42.73 30.14
CA VAL G 203 -37.24 43.17 28.86
C VAL G 203 -38.76 43.18 28.96
N GLU G 204 -39.37 44.27 28.51
CA GLU G 204 -40.82 44.33 28.39
C GLU G 204 -41.30 43.45 27.24
N ASN G 205 -42.61 43.35 27.09
CA ASN G 205 -43.19 42.69 25.93
C ASN G 205 -43.81 43.74 25.01
N MSE H 4 -28.92 16.39 42.40
CA MSE H 4 -29.01 16.40 40.95
C MSE H 4 -29.68 17.68 40.45
O MSE H 4 -30.81 17.99 40.85
CB MSE H 4 -29.81 15.19 40.46
CG MSE H 4 -29.87 15.09 38.94
SE MSE H 4 -30.64 13.42 38.31
CE MSE H 4 -32.50 13.70 38.84
N ARG H 5 -28.98 18.42 39.59
CA ARG H 5 -29.51 19.63 38.98
C ARG H 5 -29.60 19.44 37.48
N LEU H 6 -30.78 19.69 36.91
CA LEU H 6 -31.02 19.55 35.49
C LEU H 6 -31.02 20.94 34.85
N TRP H 7 -29.99 21.21 34.05
CA TRP H 7 -29.93 22.46 33.28
C TRP H 7 -30.67 22.23 31.97
N LEU H 8 -31.66 23.06 31.71
CA LEU H 8 -32.56 22.89 30.57
C LEU H 8 -32.31 23.99 29.55
N ILE H 9 -32.21 23.62 28.29
CA ILE H 9 -32.01 24.57 27.19
C ILE H 9 -32.84 24.09 26.00
N ARG H 10 -33.65 24.99 25.45
CA ARG H 10 -34.37 24.71 24.22
C ARG H 10 -33.53 25.18 23.04
N HIS H 11 -33.54 24.38 21.97
CA HIS H 11 -32.76 24.71 20.78
C HIS H 11 -33.09 26.11 20.28
N GLY H 12 -32.13 26.70 19.59
CA GLY H 12 -32.28 28.06 19.08
C GLY H 12 -33.34 28.18 18.01
N GLU H 13 -33.48 29.41 17.51
CA GLU H 13 -34.46 29.68 16.48
C GLU H 13 -34.14 28.92 15.20
N THR H 14 -35.17 28.36 14.58
CA THR H 14 -35.04 27.62 13.33
C THR H 14 -35.74 28.36 12.20
N GLN H 15 -35.48 27.90 10.98
CA GLN H 15 -36.18 28.46 9.82
C GLN H 15 -37.67 28.16 9.87
N ALA H 16 -38.06 27.01 10.44
CA ALA H 16 -39.47 26.72 10.61
C ALA H 16 -40.13 27.70 11.56
N ASN H 17 -39.38 28.21 12.54
CA ASN H 17 -39.94 29.22 13.45
C ASN H 17 -40.22 30.52 12.71
N VAL H 18 -39.32 30.94 11.83
CA VAL H 18 -39.53 32.16 11.06
C VAL H 18 -40.75 32.02 10.16
N ASP H 19 -40.89 30.88 9.50
CA ASP H 19 -42.05 30.62 8.66
C ASP H 19 -43.30 30.29 9.47
N GLY H 20 -43.18 30.11 10.79
CA GLY H 20 -44.33 29.82 11.62
C GLY H 20 -44.99 28.49 11.33
N LEU H 21 -44.22 27.50 10.88
CA LEU H 21 -44.76 26.20 10.53
C LEU H 21 -44.65 25.22 11.70
N TYR H 22 -45.47 24.18 11.66
CA TYR H 22 -45.40 23.10 12.63
C TYR H 22 -44.11 22.32 12.40
N SER H 23 -43.17 22.41 13.33
CA SER H 23 -41.86 21.76 13.22
C SER H 23 -41.85 20.56 14.16
N GLY H 24 -42.13 19.37 13.61
CA GLY H 24 -42.12 18.17 14.40
C GLY H 24 -40.79 17.45 14.34
N HIS H 25 -40.78 16.28 13.70
CA HIS H 25 -39.53 15.57 13.45
C HIS H 25 -38.84 16.04 12.18
N ALA H 26 -39.47 16.92 11.42
CA ALA H 26 -38.89 17.36 10.16
C ALA H 26 -37.67 18.24 10.43
N PRO H 27 -36.57 18.03 9.71
CA PRO H 27 -35.37 18.85 9.95
C PRO H 27 -35.56 20.27 9.44
N THR H 28 -35.19 21.24 10.27
CA THR H 28 -35.16 22.64 9.91
C THR H 28 -33.87 23.23 10.48
N PRO H 29 -33.17 24.05 9.70
CA PRO H 29 -31.86 24.53 10.14
C PRO H 29 -31.96 25.65 11.16
N LEU H 30 -30.94 25.72 12.01
CA LEU H 30 -30.80 26.86 12.92
C LEU H 30 -30.54 28.13 12.13
N THR H 31 -31.23 29.19 12.48
CA THR H 31 -31.01 30.47 11.82
C THR H 31 -29.78 31.16 12.42
N ALA H 32 -29.47 32.35 11.88
CA ALA H 32 -28.38 33.13 12.44
C ALA H 32 -28.66 33.50 13.89
N ARG H 33 -29.93 33.75 14.21
CA ARG H 33 -30.31 34.00 15.60
C ARG H 33 -30.09 32.76 16.45
N GLY H 34 -30.58 31.61 15.98
CA GLY H 34 -30.45 30.38 16.74
C GLY H 34 -29.00 30.03 17.03
N ILE H 35 -28.12 30.26 16.06
CA ILE H 35 -26.70 29.95 16.26
C ILE H 35 -26.10 30.88 17.31
N GLU H 36 -26.40 32.18 17.22
CA GLU H 36 -25.86 33.12 18.20
C GLU H 36 -26.49 32.91 19.57
N GLN H 37 -27.74 32.46 19.63
CA GLN H 37 -28.35 32.13 20.91
C GLN H 37 -27.56 31.03 21.61
N ALA H 38 -27.19 29.98 20.87
CA ALA H 38 -26.40 28.90 21.46
C ALA H 38 -24.99 29.36 21.80
N GLN H 39 -24.38 30.18 20.93
CA GLN H 39 -23.07 30.72 21.23
C GLN H 39 -23.10 31.59 22.48
N ASN H 40 -24.18 32.35 22.67
CA ASN H 40 -24.34 33.11 23.90
C ASN H 40 -24.60 32.19 25.08
N LEU H 41 -25.29 31.07 24.86
CA LEU H 41 -25.51 30.12 25.94
C LEU H 41 -24.20 29.45 26.34
N HIS H 42 -23.26 29.33 25.40
CA HIS H 42 -21.97 28.72 25.73
C HIS H 42 -21.19 29.61 26.70
N THR H 43 -21.19 30.92 26.50
CA THR H 43 -20.48 31.80 27.40
C THR H 43 -21.24 32.02 28.71
N LEU H 44 -22.57 31.89 28.70
CA LEU H 44 -23.32 32.02 29.94
C LEU H 44 -23.05 30.85 30.87
N LEU H 45 -22.97 29.63 30.32
CA LEU H 45 -22.80 28.42 31.11
C LEU H 45 -21.36 27.93 31.10
N ASP H 46 -20.42 28.78 30.69
CA ASP H 46 -19.02 28.35 30.60
C ASP H 46 -18.49 27.88 31.94
N ASP H 47 -18.85 28.56 33.02
CA ASP H 47 -18.30 28.22 34.33
C ASP H 47 -19.01 27.03 34.98
N VAL H 48 -19.98 26.43 34.32
CA VAL H 48 -20.70 25.28 34.87
C VAL H 48 -19.99 24.01 34.41
N SER H 49 -19.65 23.15 35.37
CA SER H 49 -18.92 21.90 35.08
C SER H 49 -19.93 20.77 34.92
N PHE H 50 -20.51 20.69 33.72
CA PHE H 50 -21.44 19.61 33.43
C PHE H 50 -20.72 18.27 33.46
N ASP H 51 -21.39 17.27 34.04
CA ASP H 51 -20.88 15.90 34.04
C ASP H 51 -21.74 14.96 33.21
N LEU H 52 -22.82 15.46 32.60
CA LEU H 52 -23.65 14.64 31.72
C LEU H 52 -24.45 15.57 30.82
N VAL H 53 -24.61 15.16 29.56
CA VAL H 53 -25.40 15.92 28.59
C VAL H 53 -26.41 14.96 27.96
N LEU H 54 -27.68 15.34 28.00
CA LEU H 54 -28.75 14.60 27.35
C LEU H 54 -29.36 15.47 26.26
N CYS H 55 -29.44 14.93 25.04
CA CYS H 55 -29.85 15.70 23.89
C CYS H 55 -30.90 14.96 23.10
N SER H 56 -31.77 15.71 22.42
CA SER H 56 -32.73 15.09 21.53
C SER H 56 -32.05 14.66 20.22
N GLU H 57 -32.71 13.75 19.50
CA GLU H 57 -32.13 13.24 18.26
C GLU H 57 -32.13 14.29 17.16
N LEU H 58 -33.07 15.23 17.19
CA LEU H 58 -33.26 16.14 16.07
C LEU H 58 -32.07 17.08 15.92
N GLU H 59 -31.71 17.35 14.67
CA GLU H 59 -30.47 18.07 14.37
C GLU H 59 -30.48 19.50 14.91
N ARG H 60 -31.66 20.11 15.04
CA ARG H 60 -31.72 21.45 15.62
C ARG H 60 -31.23 21.45 17.06
N ALA H 61 -31.41 20.34 17.79
CA ALA H 61 -30.95 20.25 19.16
C ALA H 61 -29.48 19.85 19.23
N GLN H 62 -29.06 18.89 18.40
CA GLN H 62 -27.65 18.50 18.39
C GLN H 62 -26.76 19.63 17.92
N HIS H 63 -27.25 20.45 16.98
CA HIS H 63 -26.54 21.65 16.59
C HIS H 63 -26.44 22.61 17.76
N THR H 64 -27.54 22.77 18.51
CA THR H 64 -27.53 23.65 19.68
C THR H 64 -26.55 23.13 20.74
N ALA H 65 -26.60 21.83 21.02
CA ALA H 65 -25.72 21.25 22.03
C ALA H 65 -24.26 21.39 21.62
N ARG H 66 -23.96 21.24 20.33
CA ARG H 66 -22.60 21.41 19.85
C ARG H 66 -22.08 22.82 20.11
N LEU H 67 -22.92 23.83 19.83
CA LEU H 67 -22.47 25.21 20.02
C LEU H 67 -22.36 25.55 21.50
N VAL H 68 -23.35 25.14 22.30
CA VAL H 68 -23.30 25.42 23.73
C VAL H 68 -22.10 24.76 24.37
N LEU H 69 -21.78 23.53 23.95
CA LEU H 69 -20.60 22.87 24.47
C LEU H 69 -19.34 23.41 23.80
N SER H 70 -19.31 23.40 22.47
CA SER H 70 -18.17 23.92 21.72
C SER H 70 -16.89 23.19 22.09
N ASP H 71 -15.98 23.86 22.80
CA ASP H 71 -14.66 23.28 23.03
C ASP H 71 -14.66 22.20 24.12
N ARG H 72 -15.72 22.13 24.93
CA ARG H 72 -15.78 21.12 25.98
C ARG H 72 -15.91 19.74 25.37
N GLN H 73 -15.15 18.77 25.88
CA GLN H 73 -15.16 17.39 25.40
C GLN H 73 -15.82 16.53 26.47
N LEU H 74 -17.12 16.31 26.31
CA LEU H 74 -17.97 15.64 27.27
C LEU H 74 -18.83 14.61 26.55
N PRO H 75 -19.10 13.46 27.17
CA PRO H 75 -20.06 12.52 26.58
C PRO H 75 -21.40 13.17 26.36
N VAL H 76 -22.07 12.73 25.29
CA VAL H 76 -23.42 13.20 24.98
C VAL H 76 -24.28 11.99 24.68
N HIS H 77 -25.37 11.83 25.43
CA HIS H 77 -26.31 10.75 25.25
C HIS H 77 -27.47 11.25 24.41
N ILE H 78 -27.61 10.72 23.20
CA ILE H 78 -28.74 11.05 22.35
C ILE H 78 -29.92 10.20 22.81
N ILE H 79 -30.94 10.84 23.35
CA ILE H 79 -32.11 10.19 23.93
C ILE H 79 -33.29 10.41 23.00
N PRO H 80 -33.94 9.36 22.50
CA PRO H 80 -35.10 9.57 21.61
C PRO H 80 -36.32 10.10 22.35
N GLU H 81 -36.40 9.88 23.66
CA GLU H 81 -37.54 10.37 24.44
C GLU H 81 -37.60 11.89 24.46
N LEU H 82 -36.47 12.56 24.23
CA LEU H 82 -36.40 14.01 24.30
C LEU H 82 -36.74 14.69 22.99
N ASN H 83 -37.12 13.93 21.96
CA ASN H 83 -37.41 14.53 20.67
C ASN H 83 -38.75 15.26 20.69
N GLU H 84 -38.88 16.23 19.79
CA GLU H 84 -40.12 16.96 19.62
C GLU H 84 -41.27 16.01 19.27
N MSE H 85 -42.48 16.40 19.65
CA MSE H 85 -43.64 15.57 19.36
C MSE H 85 -43.83 15.43 17.85
O MSE H 85 -43.83 16.42 17.13
CB MSE H 85 -44.90 16.13 19.99
CG MSE H 85 -46.12 15.25 19.74
SE MSE H 85 -47.85 15.82 20.49
CE MSE H 85 -47.85 17.66 19.89
N PHE H 86 -43.98 14.19 17.40
CA PHE H 86 -44.14 13.89 16.00
C PHE H 86 -45.50 14.38 15.51
N PHE H 87 -45.50 15.22 14.47
CA PHE H 87 -46.73 15.84 13.97
C PHE H 87 -47.30 15.17 12.73
N GLY H 88 -46.60 14.18 12.18
CA GLY H 88 -47.18 13.42 11.08
C GLY H 88 -47.26 14.24 9.82
N ASP H 89 -48.40 14.15 9.14
CA ASP H 89 -48.58 14.82 7.85
C ASP H 89 -48.75 16.32 7.96
N TRP H 90 -48.86 16.85 9.17
CA TRP H 90 -48.92 18.29 9.37
C TRP H 90 -47.56 18.94 9.51
N GLU H 91 -46.47 18.18 9.31
CA GLU H 91 -45.14 18.71 9.56
C GLU H 91 -44.73 19.68 8.47
N MSE H 92 -44.07 20.77 8.87
CA MSE H 92 -43.68 21.87 8.00
C MSE H 92 -44.85 22.47 7.21
O MSE H 92 -44.65 23.08 6.17
CB MSE H 92 -42.60 21.41 7.00
CG MSE H 92 -41.41 20.76 7.66
SE MSE H 92 -40.41 21.98 8.81
CE MSE H 92 -39.77 23.29 7.52
N ARG H 93 -46.07 22.28 7.71
CA ARG H 93 -47.25 22.94 7.16
C ARG H 93 -47.68 24.07 8.09
N HIS H 94 -48.28 25.10 7.51
CA HIS H 94 -48.71 26.26 8.28
C HIS H 94 -50.09 26.02 8.89
N HIS H 95 -50.39 26.79 9.93
CA HIS H 95 -51.64 26.62 10.66
C HIS H 95 -52.84 26.92 9.77
N ARG H 96 -52.84 28.08 9.11
CA ARG H 96 -54.01 28.48 8.34
C ARG H 96 -54.20 27.62 7.09
N ASP H 97 -53.11 27.10 6.53
CA ASP H 97 -53.25 26.16 5.42
C ASP H 97 -53.93 24.88 5.87
N LEU H 98 -53.61 24.42 7.08
CA LEU H 98 -54.18 23.18 7.60
C LEU H 98 -55.66 23.31 7.94
N MSE H 99 -56.14 24.52 8.20
CA MSE H 99 -57.52 24.74 8.59
C MSE H 99 -58.49 24.46 7.44
O MSE H 99 -59.65 24.14 7.66
CB MSE H 99 -57.71 26.17 9.10
CG MSE H 99 -58.84 26.32 10.12
SE MSE H 99 -59.10 24.74 11.23
CE MSE H 99 -60.71 25.29 12.19
N GLN H 100 -58.00 24.60 6.21
CA GLN H 100 -58.80 24.32 5.03
C GLN H 100 -58.34 23.08 4.27
N GLU H 101 -57.07 22.72 4.36
CA GLU H 101 -56.58 21.52 3.67
C GLU H 101 -57.00 20.26 4.42
N ASP H 102 -56.73 20.20 5.72
CA ASP H 102 -57.17 19.12 6.59
C ASP H 102 -58.23 19.70 7.53
N ALA H 103 -59.43 19.89 6.98
CA ALA H 103 -60.44 20.71 7.66
C ALA H 103 -60.88 20.08 8.98
N GLU H 104 -61.32 18.82 8.95
CA GLU H 104 -61.97 18.24 10.12
C GLU H 104 -60.96 17.92 11.22
N ASN H 105 -59.90 17.18 10.89
CA ASN H 105 -58.99 16.70 11.92
C ASN H 105 -58.19 17.82 12.57
N TYR H 106 -57.90 18.89 11.81
CA TYR H 106 -57.16 20.00 12.40
C TYR H 106 -58.04 20.81 13.35
N SER H 107 -59.31 20.97 12.99
CA SER H 107 -60.24 21.67 13.89
C SER H 107 -60.47 20.85 15.15
N ALA H 108 -60.52 19.52 15.03
CA ALA H 108 -60.64 18.68 16.21
C ALA H 108 -59.39 18.80 17.09
N TRP H 109 -58.22 18.85 16.47
CA TRP H 109 -56.98 19.02 17.23
C TRP H 109 -56.93 20.37 17.92
N CYS H 110 -57.54 21.40 17.32
CA CYS H 110 -57.53 22.73 17.92
C CYS H 110 -58.44 22.80 19.14
N ASN H 111 -59.50 22.02 19.17
CA ASN H 111 -60.46 22.03 20.26
C ASN H 111 -60.28 20.89 21.24
N ASP H 112 -59.34 19.97 20.97
CA ASP H 112 -59.08 18.87 21.90
C ASP H 112 -57.66 18.35 21.69
N TRP H 113 -56.67 19.22 21.85
CA TRP H 113 -55.28 18.83 21.64
C TRP H 113 -54.83 17.74 22.60
N GLN H 114 -55.57 17.54 23.70
CA GLN H 114 -55.18 16.51 24.66
C GLN H 114 -55.46 15.11 24.14
N HIS H 115 -56.44 14.95 23.26
CA HIS H 115 -56.87 13.63 22.84
C HIS H 115 -56.87 13.47 21.32
N ALA H 116 -57.15 14.55 20.60
CA ALA H 116 -57.18 14.48 19.14
C ALA H 116 -55.77 14.22 18.61
N ILE H 117 -55.66 13.24 17.72
CA ILE H 117 -54.38 12.85 17.14
C ILE H 117 -54.17 13.61 15.83
N PRO H 118 -53.04 14.30 15.66
CA PRO H 118 -52.70 14.81 14.33
C PRO H 118 -52.59 13.66 13.34
N THR H 119 -53.07 13.90 12.12
CA THR H 119 -53.15 12.85 11.13
C THR H 119 -51.76 12.25 10.88
N ASN H 120 -51.63 10.96 11.17
CA ASN H 120 -50.40 10.19 11.09
C ASN H 120 -49.30 10.69 12.00
N GLY H 121 -49.63 11.54 12.97
CA GLY H 121 -48.70 11.96 13.99
C GLY H 121 -48.97 11.25 15.31
N GLU H 122 -48.16 11.59 16.30
CA GLU H 122 -48.34 11.07 17.65
C GLU H 122 -49.15 12.07 18.47
N GLY H 123 -50.12 11.56 19.22
CA GLY H 123 -50.95 12.42 20.02
C GLY H 123 -50.27 12.88 21.28
N PHE H 124 -50.91 13.83 21.95
CA PHE H 124 -50.36 14.32 23.22
C PHE H 124 -50.27 13.20 24.25
N GLN H 125 -51.22 12.26 24.21
CA GLN H 125 -51.21 11.16 25.16
C GLN H 125 -49.93 10.34 25.03
N ALA H 126 -49.62 9.88 23.81
CA ALA H 126 -48.38 9.14 23.59
C ALA H 126 -47.16 10.01 23.85
N PHE H 127 -47.24 11.29 23.49
CA PHE H 127 -46.14 12.21 23.75
C PHE H 127 -45.90 12.36 25.25
N SER H 128 -46.96 12.59 26.02
CA SER H 128 -46.82 12.72 27.46
C SER H 128 -46.27 11.42 28.06
N GLN H 129 -46.72 10.27 27.55
CA GLN H 129 -46.19 9.01 28.03
C GLN H 129 -44.70 8.87 27.72
N ARG H 130 -44.25 9.44 26.60
CA ARG H 130 -42.82 9.43 26.28
C ARG H 130 -42.02 10.16 27.34
N VAL H 131 -42.43 11.40 27.66
CA VAL H 131 -41.70 12.20 28.64
C VAL H 131 -41.75 11.53 30.00
N GLU H 132 -42.87 10.89 30.34
CA GLU H 132 -42.97 10.19 31.61
C GLU H 132 -41.95 9.06 31.70
N ARG H 133 -41.76 8.32 30.60
CA ARG H 133 -40.74 7.28 30.58
C ARG H 133 -39.35 7.88 30.77
N PHE H 134 -39.10 9.03 30.14
CA PHE H 134 -37.81 9.69 30.34
C PHE H 134 -37.62 10.10 31.79
N ILE H 135 -38.68 10.62 32.42
CA ILE H 135 -38.60 11.00 33.82
C ILE H 135 -38.29 9.79 34.68
N ALA H 136 -38.93 8.65 34.38
CA ALA H 136 -38.64 7.42 35.12
C ALA H 136 -37.17 7.05 35.01
N ARG H 137 -36.51 7.42 33.91
CA ARG H 137 -35.12 7.09 33.69
C ARG H 137 -34.16 8.04 34.39
N LEU H 138 -34.66 9.03 35.14
CA LEU H 138 -33.75 9.98 35.78
C LEU H 138 -32.95 9.32 36.90
N SER H 139 -33.53 8.34 37.60
CA SER H 139 -32.79 7.62 38.61
C SER H 139 -31.54 6.94 38.04
N GLU H 140 -31.53 6.70 36.73
CA GLU H 140 -30.32 6.17 36.09
C GLU H 140 -29.15 7.14 36.22
N TYR H 141 -29.41 8.44 36.36
CA TYR H 141 -28.37 9.47 36.29
C TYR H 141 -28.06 10.09 37.64
N GLN H 142 -28.27 9.36 38.72
CA GLN H 142 -28.12 9.95 40.06
C GLN H 142 -26.65 10.15 40.44
N HIS H 143 -25.73 9.42 39.80
CA HIS H 143 -24.32 9.66 40.06
C HIS H 143 -23.92 11.09 39.70
N TYR H 144 -24.54 11.67 38.70
CA TYR H 144 -24.18 12.99 38.22
C TYR H 144 -24.91 14.07 39.01
N GLN H 145 -24.37 15.28 38.95
CA GLN H 145 -24.93 16.41 39.68
C GLN H 145 -25.21 17.64 38.83
N ASN H 146 -24.71 17.69 37.57
CA ASN H 146 -24.95 18.83 36.67
C ASN H 146 -25.22 18.28 35.27
N ILE H 147 -26.45 17.85 35.04
CA ILE H 147 -26.86 17.28 33.76
C ILE H 147 -27.43 18.39 32.89
N LEU H 148 -26.96 18.46 31.65
CA LEU H 148 -27.51 19.38 30.66
C LEU H 148 -28.47 18.63 29.75
N ILE H 149 -29.66 19.18 29.57
CA ILE H 149 -30.67 18.61 28.70
C ILE H 149 -30.94 19.59 27.57
N VAL H 150 -30.68 19.17 26.34
CA VAL H 150 -30.92 19.98 25.15
C VAL H 150 -32.07 19.35 24.39
N SER H 151 -33.24 19.99 24.45
CA SER H 151 -34.44 19.42 23.87
C SER H 151 -35.31 20.48 23.20
N HIS H 152 -36.62 20.38 23.36
CA HIS H 152 -37.58 21.25 22.69
C HIS H 152 -38.53 21.86 23.71
N GLN H 153 -39.33 22.81 23.25
CA GLN H 153 -40.24 23.52 24.15
C GLN H 153 -41.27 22.58 24.75
N GLY H 154 -42.01 21.86 23.90
CA GLY H 154 -43.05 20.97 24.40
C GLY H 154 -42.53 19.94 25.38
N VAL H 155 -41.31 19.46 25.16
CA VAL H 155 -40.73 18.49 26.08
C VAL H 155 -40.38 19.15 27.41
N LEU H 156 -39.62 20.25 27.35
CA LEU H 156 -39.11 20.86 28.57
C LEU H 156 -40.25 21.44 29.41
N SER H 157 -41.25 22.04 28.77
CA SER H 157 -42.41 22.53 29.51
C SER H 157 -43.13 21.39 30.21
N LEU H 158 -43.28 20.26 29.52
CA LEU H 158 -43.92 19.09 30.13
C LEU H 158 -43.02 18.48 31.19
N LEU H 159 -41.71 18.49 30.94
CA LEU H 159 -40.77 17.95 31.93
C LEU H 159 -40.85 18.73 33.24
N ILE H 160 -40.91 20.05 33.16
CA ILE H 160 -41.03 20.87 34.37
C ILE H 160 -42.34 20.56 35.07
N ALA H 161 -43.46 20.61 34.35
CA ALA H 161 -44.77 20.45 34.97
C ALA H 161 -44.90 19.10 35.66
N ARG H 162 -44.36 18.04 35.05
CA ARG H 162 -44.54 16.71 35.61
C ARG H 162 -43.67 16.50 36.84
N LEU H 163 -42.44 17.04 36.82
CA LEU H 163 -41.55 16.89 37.96
C LEU H 163 -42.09 17.62 39.18
N ILE H 164 -42.80 18.72 38.97
CA ILE H 164 -43.38 19.50 40.05
C ILE H 164 -44.60 18.82 40.64
N GLY H 165 -45.16 17.83 39.96
CA GLY H 165 -46.30 17.09 40.45
C GLY H 165 -47.62 17.46 39.81
N MSE H 166 -47.62 18.26 38.75
CA MSE H 166 -48.85 18.68 38.11
C MSE H 166 -49.28 17.82 36.92
O MSE H 166 -48.45 17.15 36.31
CB MSE H 166 -48.74 20.12 37.65
CG MSE H 166 -48.48 21.09 38.76
SE MSE H 166 -48.64 22.82 37.94
CE MSE H 166 -46.74 23.00 37.71
N PRO H 167 -50.56 17.89 36.61
CA PRO H 167 -51.06 17.18 35.42
C PRO H 167 -50.32 17.64 34.17
N ALA H 168 -50.12 16.69 33.25
CA ALA H 168 -49.41 17.00 32.01
C ALA H 168 -50.08 18.12 31.23
N GLU H 169 -51.38 18.31 31.43
CA GLU H 169 -52.12 19.35 30.71
C GLU H 169 -51.68 20.75 31.12
N SER H 170 -51.14 20.93 32.32
CA SER H 170 -50.72 22.24 32.80
C SER H 170 -49.28 22.58 32.42
N MSE H 171 -48.79 22.02 31.32
CA MSE H 171 -47.45 22.31 30.81
C MSE H 171 -47.36 23.76 30.32
O MSE H 171 -46.30 24.38 30.38
CB MSE H 171 -47.10 21.35 29.68
CG MSE H 171 -48.16 21.26 28.59
SE MSE H 171 -47.62 20.23 27.03
CE MSE H 171 -46.12 21.34 26.43
N TRP H 172 -48.49 24.27 29.83
CA TRP H 172 -48.51 25.60 29.24
C TRP H 172 -48.41 26.73 30.27
N HIS H 173 -48.25 26.40 31.54
CA HIS H 173 -47.91 27.40 32.53
C HIS H 173 -46.41 27.70 32.57
N PHE H 174 -45.59 26.94 31.84
CA PHE H 174 -44.14 27.16 31.75
C PHE H 174 -43.74 27.19 30.29
N ARG H 175 -43.62 28.38 29.73
N ARG H 175 -43.63 28.38 29.72
CA ARG H 175 -43.01 28.51 28.41
CA ARG H 175 -43.00 28.52 28.42
C ARG H 175 -41.50 28.60 28.55
C ARG H 175 -41.49 28.57 28.59
N VAL H 176 -40.79 27.87 27.71
CA VAL H 176 -39.33 27.81 27.71
C VAL H 176 -38.84 28.56 26.49
N ASP H 177 -38.11 29.65 26.72
CA ASP H 177 -37.73 30.56 25.65
C ASP H 177 -36.39 30.16 25.04
N GLN H 178 -36.22 30.52 23.77
CA GLN H 178 -34.97 30.27 23.06
C GLN H 178 -33.93 31.30 23.46
N GLY H 179 -32.68 30.85 23.55
CA GLY H 179 -31.61 31.71 24.02
C GLY H 179 -31.52 31.87 25.51
N CYS H 180 -32.22 31.04 26.27
CA CYS H 180 -32.20 31.08 27.72
C CYS H 180 -31.92 29.68 28.27
N TRP H 181 -31.67 29.63 29.58
CA TRP H 181 -31.47 28.37 30.28
C TRP H 181 -32.33 28.34 31.53
N SER H 182 -32.69 27.13 31.95
CA SER H 182 -33.50 26.90 33.13
C SER H 182 -32.85 25.79 33.96
N ALA H 183 -33.29 25.66 35.21
CA ALA H 183 -32.68 24.68 36.10
C ALA H 183 -33.71 24.17 37.11
N ILE H 184 -33.73 22.85 37.30
CA ILE H 184 -34.54 22.19 38.31
C ILE H 184 -33.63 21.33 39.17
N ASP H 185 -33.74 21.47 40.48
CA ASP H 185 -33.02 20.63 41.42
C ASP H 185 -33.91 19.47 41.83
N ILE H 186 -33.36 18.25 41.81
CA ILE H 186 -34.09 17.05 42.19
C ILE H 186 -33.34 16.40 43.35
N ASN H 187 -33.96 16.38 44.52
CA ASN H 187 -33.36 15.78 45.71
C ASN H 187 -34.43 14.96 46.42
N GLN H 188 -34.26 13.64 46.43
CA GLN H 188 -35.16 12.71 47.11
C GLN H 188 -36.59 12.83 46.58
N LYS H 189 -36.72 12.60 45.27
CA LYS H 189 -37.99 12.59 44.55
C LYS H 189 -38.74 13.91 44.63
N PHE H 190 -38.11 14.97 45.15
CA PHE H 190 -38.73 16.29 45.21
C PHE H 190 -37.99 17.21 44.26
N ALA H 191 -38.72 17.78 43.30
CA ALA H 191 -38.14 18.67 42.30
C ALA H 191 -38.45 20.12 42.66
N THR H 192 -37.43 20.97 42.59
CA THR H 192 -37.56 22.39 42.87
C THR H 192 -37.09 23.17 41.65
N LEU H 193 -38.00 23.91 41.03
CA LEU H 193 -37.64 24.76 39.91
C LEU H 193 -36.86 25.96 40.43
N ARG H 194 -35.59 26.05 40.07
CA ARG H 194 -34.70 27.07 40.61
C ARG H 194 -34.56 28.28 39.69
N VAL H 195 -34.44 28.06 38.38
CA VAL H 195 -34.27 29.14 37.42
C VAL H 195 -35.14 28.81 36.21
N LEU H 196 -35.79 29.85 35.65
CA LEU H 196 -36.59 29.68 34.45
C LEU H 196 -36.29 30.83 33.50
N ASN H 197 -35.77 30.48 32.32
CA ASN H 197 -35.56 31.43 31.23
C ASN H 197 -34.65 32.59 31.66
N SER H 198 -33.46 32.22 32.13
CA SER H 198 -32.46 33.20 32.49
C SER H 198 -31.51 33.47 31.34
N ARG H 199 -30.97 34.69 31.30
CA ARG H 199 -29.99 35.08 30.31
C ARG H 199 -28.74 35.61 30.98
N ALA H 200 -28.47 35.16 32.21
CA ALA H 200 -27.34 35.60 33.00
C ALA H 200 -26.36 34.45 33.19
N ILE H 201 -25.25 34.76 33.84
CA ILE H 201 -24.19 33.78 34.06
C ILE H 201 -24.65 32.75 35.07
N GLY H 202 -24.55 31.48 34.70
CA GLY H 202 -25.01 30.40 35.56
C GLY H 202 -23.93 29.99 36.55
N VAL H 203 -24.33 29.83 37.82
CA VAL H 203 -23.45 29.35 38.88
C VAL H 203 -24.05 28.07 39.46
N GLU H 204 -23.17 27.12 39.78
CA GLU H 204 -23.63 25.89 40.38
C GLU H 204 -23.76 26.04 41.88
N ASN H 205 -24.27 24.99 42.53
CA ASN H 205 -24.48 25.02 43.96
C ASN H 205 -23.66 23.93 44.66
N MSE I 4 16.82 21.76 -7.88
CA MSE I 4 16.73 21.45 -6.46
C MSE I 4 16.60 19.95 -6.22
O MSE I 4 16.12 19.21 -7.09
CB MSE I 4 15.55 22.17 -5.81
CG MSE I 4 14.18 21.61 -6.19
SE MSE I 4 12.71 22.72 -5.55
CE MSE I 4 11.20 21.59 -6.04
N ARG I 5 17.02 19.49 -5.05
CA ARG I 5 16.91 18.09 -4.67
C ARG I 5 15.93 17.95 -3.53
N LEU I 6 14.89 17.15 -3.73
CA LEU I 6 13.95 16.83 -2.67
C LEU I 6 14.40 15.53 -2.01
N TRP I 7 14.83 15.63 -0.75
CA TRP I 7 15.15 14.46 0.06
C TRP I 7 13.87 13.99 0.73
N LEU I 8 13.50 12.73 0.48
CA LEU I 8 12.22 12.18 0.94
C LEU I 8 12.48 11.15 2.02
N ILE I 9 11.69 11.21 3.10
CA ILE I 9 11.78 10.26 4.20
C ILE I 9 10.38 9.96 4.72
N ARG I 10 10.06 8.67 4.82
CA ARG I 10 8.85 8.25 5.50
C ARG I 10 9.07 8.26 7.01
N HIS I 11 8.01 8.57 7.75
CA HIS I 11 8.11 8.50 9.20
C HIS I 11 8.37 7.06 9.64
N GLY I 12 8.98 6.91 10.82
CA GLY I 12 9.36 5.61 11.32
C GLY I 12 8.16 4.74 11.66
N GLU I 13 8.47 3.55 12.15
CA GLU I 13 7.44 2.57 12.47
C GLU I 13 6.61 3.01 13.67
N THR I 14 5.29 2.90 13.55
CA THR I 14 4.36 3.26 14.60
C THR I 14 3.71 2.01 15.18
N GLN I 15 2.98 2.20 16.28
CA GLN I 15 2.25 1.09 16.88
C GLN I 15 1.16 0.58 15.95
N ALA I 16 0.48 1.50 15.25
CA ALA I 16 -0.50 1.08 14.26
C ALA I 16 0.12 0.24 13.16
N ASN I 17 1.37 0.52 12.80
CA ASN I 17 2.10 -0.34 11.87
C ASN I 17 2.25 -1.73 12.46
N VAL I 18 2.71 -1.81 13.71
CA VAL I 18 2.95 -3.11 14.35
C VAL I 18 1.66 -3.93 14.40
N ASP I 19 0.57 -3.31 14.86
CA ASP I 19 -0.71 -4.01 14.93
C ASP I 19 -1.45 -4.03 13.60
N GLY I 20 -0.86 -3.48 12.54
CA GLY I 20 -1.45 -3.59 11.21
C GLY I 20 -2.75 -2.84 11.00
N LEU I 21 -2.95 -1.73 11.68
CA LEU I 21 -4.17 -0.94 11.52
C LEU I 21 -3.99 0.08 10.40
N TYR I 22 -5.13 0.50 9.85
CA TYR I 22 -5.16 1.65 8.96
C TYR I 22 -4.83 2.90 9.75
N SER I 23 -3.75 3.58 9.37
CA SER I 23 -3.33 4.80 10.04
C SER I 23 -3.67 6.00 9.15
N GLY I 24 -4.23 7.04 9.76
CA GLY I 24 -4.56 8.25 9.04
C GLY I 24 -4.18 9.50 9.81
N HIS I 25 -5.16 10.28 10.23
CA HIS I 25 -4.89 11.47 11.04
C HIS I 25 -4.91 11.18 12.54
N ALA I 26 -5.46 10.03 12.95
CA ALA I 26 -5.41 9.67 14.36
C ALA I 26 -3.96 9.48 14.80
N PRO I 27 -3.62 9.93 16.01
CA PRO I 27 -2.22 9.84 16.44
C PRO I 27 -1.83 8.43 16.84
N THR I 28 -0.57 8.10 16.59
CA THR I 28 -0.02 6.81 16.95
C THR I 28 1.48 7.01 17.15
N PRO I 29 2.04 6.51 18.23
CA PRO I 29 3.43 6.83 18.57
C PRO I 29 4.42 5.98 17.79
N LEU I 30 5.60 6.55 17.59
CA LEU I 30 6.71 5.77 17.07
C LEU I 30 7.07 4.66 18.03
N THR I 31 7.31 3.47 17.50
CA THR I 31 7.85 2.41 18.33
C THR I 31 9.31 2.71 18.66
N ALA I 32 9.87 1.90 19.55
CA ALA I 32 11.30 2.00 19.82
C ALA I 32 12.09 1.81 18.52
N ARG I 33 11.65 0.88 17.68
CA ARG I 33 12.28 0.70 16.38
C ARG I 33 12.10 1.95 15.51
N GLY I 34 10.90 2.53 15.53
CA GLY I 34 10.68 3.75 14.76
C GLY I 34 11.57 4.89 15.21
N ILE I 35 11.89 4.95 16.50
CA ILE I 35 12.82 5.95 16.99
C ILE I 35 14.23 5.66 16.49
N GLU I 36 14.65 4.39 16.58
CA GLU I 36 15.98 4.02 16.11
C GLU I 36 16.14 4.29 14.62
N GLN I 37 15.07 4.07 13.83
CA GLN I 37 15.13 4.36 12.40
C GLN I 37 15.44 5.82 12.15
N ALA I 38 14.74 6.72 12.85
CA ALA I 38 14.98 8.14 12.67
C ALA I 38 16.36 8.54 13.18
N GLN I 39 16.80 7.91 14.28
CA GLN I 39 18.13 8.23 14.81
C GLN I 39 19.23 7.78 13.86
N ASN I 40 19.06 6.60 13.26
CA ASN I 40 20.02 6.15 12.25
C ASN I 40 19.98 7.05 11.02
N LEU I 41 18.80 7.53 10.65
CA LEU I 41 18.70 8.46 9.53
C LEU I 41 19.39 9.78 9.83
N HIS I 42 19.46 10.17 11.10
CA HIS I 42 20.22 11.36 11.45
C HIS I 42 21.68 11.22 11.05
N THR I 43 22.26 10.06 11.35
CA THR I 43 23.68 9.85 11.03
C THR I 43 23.90 9.65 9.55
N LEU I 44 22.93 9.02 8.85
CA LEU I 44 23.08 8.82 7.42
C LEU I 44 23.12 10.15 6.67
N LEU I 45 22.22 11.08 7.03
CA LEU I 45 22.15 12.40 6.40
C LEU I 45 22.87 13.46 7.21
N ASP I 46 23.85 13.06 8.03
CA ASP I 46 24.52 14.00 8.90
C ASP I 46 25.26 15.07 8.12
N ASP I 47 25.78 14.74 6.93
CA ASP I 47 26.61 15.64 6.15
C ASP I 47 25.88 16.25 4.97
N VAL I 48 24.55 16.29 5.01
CA VAL I 48 23.75 16.95 3.99
C VAL I 48 23.28 18.29 4.54
N SER I 49 23.58 19.36 3.81
CA SER I 49 23.25 20.72 4.25
C SER I 49 21.88 21.10 3.71
N PHE I 50 20.84 20.68 4.43
CA PHE I 50 19.49 21.06 4.06
C PHE I 50 19.32 22.57 4.18
N ASP I 51 18.59 23.15 3.24
CA ASP I 51 18.18 24.54 3.34
C ASP I 51 16.77 24.69 3.88
N LEU I 52 15.97 23.63 3.83
CA LEU I 52 14.57 23.70 4.22
C LEU I 52 14.12 22.31 4.67
N VAL I 53 13.18 22.30 5.61
CA VAL I 53 12.54 21.06 6.05
C VAL I 53 11.03 21.27 6.03
N LEU I 54 10.33 20.50 5.21
CA LEU I 54 8.89 20.50 5.14
C LEU I 54 8.36 19.23 5.80
N CYS I 55 7.42 19.37 6.72
CA CYS I 55 6.93 18.25 7.49
C CYS I 55 5.41 18.29 7.56
N SER I 56 4.81 17.11 7.63
CA SER I 56 3.37 17.01 7.81
C SER I 56 3.01 17.36 9.25
N GLU I 57 1.72 17.64 9.47
CA GLU I 57 1.28 18.06 10.79
C GLU I 57 1.36 16.92 11.79
N LEU I 58 1.22 15.68 11.34
CA LEU I 58 1.07 14.56 12.25
C LEU I 58 2.32 14.38 13.10
N GLU I 59 2.10 14.09 14.39
CA GLU I 59 3.20 14.08 15.35
C GLU I 59 4.25 13.04 15.00
N ARG I 60 3.84 11.91 14.45
CA ARG I 60 4.79 10.87 14.09
C ARG I 60 5.77 11.35 13.02
N ALA I 61 5.34 12.25 12.14
CA ALA I 61 6.26 12.87 11.20
C ALA I 61 7.15 13.89 11.91
N GLN I 62 6.54 14.74 12.75
CA GLN I 62 7.31 15.74 13.48
C GLN I 62 8.31 15.10 14.41
N HIS I 63 7.93 14.02 15.08
CA HIS I 63 8.87 13.29 15.93
C HIS I 63 10.02 12.71 15.11
N THR I 64 9.71 12.20 13.92
CA THR I 64 10.77 11.71 13.05
C THR I 64 11.71 12.83 12.64
N ALA I 65 11.16 14.00 12.34
CA ALA I 65 11.97 15.11 11.86
C ALA I 65 12.90 15.64 12.95
N ARG I 66 12.39 15.78 14.17
CA ARG I 66 13.24 16.25 15.26
C ARG I 66 14.39 15.30 15.53
N LEU I 67 14.17 14.00 15.36
CA LEU I 67 15.24 13.02 15.60
C LEU I 67 16.28 13.07 14.50
N VAL I 68 15.84 13.18 13.24
CA VAL I 68 16.79 13.25 12.13
C VAL I 68 17.60 14.53 12.19
N LEU I 69 16.96 15.64 12.57
CA LEU I 69 17.68 16.92 12.61
C LEU I 69 18.55 17.03 13.86
N SER I 70 18.06 16.53 14.98
CA SER I 70 18.82 16.50 16.23
C SER I 70 19.29 17.89 16.64
N ASP I 71 20.57 18.21 16.41
CA ASP I 71 21.18 19.46 16.85
C ASP I 71 21.51 20.39 15.69
N ARG I 72 20.62 20.45 14.69
CA ARG I 72 20.91 21.20 13.48
C ARG I 72 20.33 22.61 13.48
N GLN I 73 19.27 22.85 14.25
CA GLN I 73 18.61 24.15 14.35
C GLN I 73 17.96 24.60 13.05
N LEU I 74 17.63 23.67 12.16
CA LEU I 74 16.96 24.01 10.92
C LEU I 74 15.51 24.41 11.19
N PRO I 75 14.98 25.38 10.45
CA PRO I 75 13.54 25.69 10.58
C PRO I 75 12.69 24.66 9.87
N VAL I 76 11.62 24.25 10.54
CA VAL I 76 10.71 23.22 10.03
C VAL I 76 9.38 23.88 9.70
N HIS I 77 8.92 23.70 8.47
CA HIS I 77 7.63 24.21 8.02
C HIS I 77 6.61 23.07 8.07
N ILE I 78 5.57 23.26 8.87
CA ILE I 78 4.49 22.28 8.94
C ILE I 78 3.54 22.54 7.78
N ILE I 79 3.41 21.57 6.88
CA ILE I 79 2.64 21.71 5.66
C ILE I 79 1.43 20.78 5.75
N PRO I 80 0.20 21.31 5.66
CA PRO I 80 -0.98 20.43 5.73
C PRO I 80 -1.16 19.58 4.49
N GLU I 81 -0.62 20.00 3.34
CA GLU I 81 -0.70 19.19 2.13
C GLU I 81 0.12 17.91 2.22
N LEU I 82 0.99 17.80 3.21
CA LEU I 82 1.79 16.60 3.43
C LEU I 82 1.15 15.63 4.40
N ASN I 83 -0.06 15.92 4.87
CA ASN I 83 -0.74 15.04 5.80
C ASN I 83 -1.08 13.69 5.16
N GLU I 84 -1.18 12.67 6.00
CA GLU I 84 -1.69 11.38 5.56
C GLU I 84 -3.14 11.54 5.08
N MSE I 85 -3.58 10.61 4.24
CA MSE I 85 -4.97 10.60 3.82
C MSE I 85 -5.88 10.37 5.02
O MSE I 85 -5.70 9.43 5.78
CB MSE I 85 -5.23 9.51 2.77
CG MSE I 85 -6.69 9.42 2.32
SE MSE I 85 -6.95 8.38 0.70
CE MSE I 85 -6.38 6.63 1.37
N PHE I 86 -6.87 11.25 5.18
CA PHE I 86 -7.83 11.11 6.26
C PHE I 86 -8.73 9.92 5.99
N PHE I 87 -8.76 8.97 6.92
CA PHE I 87 -9.47 7.72 6.71
C PHE I 87 -10.78 7.63 7.47
N GLY I 88 -11.12 8.64 8.27
CA GLY I 88 -12.43 8.68 8.88
C GLY I 88 -12.61 7.61 9.94
N ASP I 89 -13.79 6.99 9.93
CA ASP I 89 -14.14 5.99 10.95
C ASP I 89 -13.34 4.71 10.82
N TRP I 90 -12.69 4.48 9.68
CA TRP I 90 -11.87 3.30 9.52
C TRP I 90 -10.48 3.45 10.12
N GLU I 91 -10.13 4.64 10.63
CA GLU I 91 -8.82 4.84 11.19
C GLU I 91 -8.62 4.01 12.46
N MSE I 92 -7.38 3.57 12.66
CA MSE I 92 -7.01 2.71 13.78
C MSE I 92 -7.84 1.42 13.79
O MSE I 92 -8.07 0.83 14.85
CB MSE I 92 -7.14 3.43 15.11
CG MSE I 92 -6.22 4.64 15.23
SE MSE I 92 -4.36 4.22 14.82
CE MSE I 92 -3.81 3.47 16.52
N ARG I 93 -8.28 0.99 12.62
CA ARG I 93 -9.07 -0.23 12.47
C ARG I 93 -8.44 -1.12 11.42
N HIS I 94 -8.63 -2.42 11.60
CA HIS I 94 -7.93 -3.41 10.79
C HIS I 94 -8.76 -3.81 9.58
N HIS I 95 -8.05 -4.16 8.50
CA HIS I 95 -8.71 -4.69 7.32
C HIS I 95 -9.56 -5.92 7.64
N ARG I 96 -9.18 -6.67 8.68
CA ARG I 96 -9.88 -7.92 9.02
C ARG I 96 -11.30 -7.65 9.50
N ASP I 97 -11.48 -6.60 10.32
CA ASP I 97 -12.77 -6.29 10.91
C ASP I 97 -13.62 -5.39 10.02
N LEU I 98 -13.00 -4.51 9.23
CA LEU I 98 -13.77 -3.62 8.37
C LEU I 98 -14.51 -4.38 7.28
N MSE I 99 -13.99 -5.54 6.88
CA MSE I 99 -14.64 -6.38 5.88
C MSE I 99 -15.95 -6.95 6.42
O MSE I 99 -16.84 -7.30 5.66
CB MSE I 99 -13.72 -7.52 5.44
CG MSE I 99 -12.79 -7.18 4.29
SE MSE I 99 -11.96 -8.76 3.48
CE MSE I 99 -13.54 -9.59 2.71
N GLN I 100 -16.05 -7.03 7.75
CA GLN I 100 -17.21 -7.57 8.43
C GLN I 100 -18.08 -6.53 9.09
N GLU I 101 -17.47 -5.53 9.74
CA GLU I 101 -18.24 -4.52 10.47
C GLU I 101 -18.84 -3.48 9.53
N ASP I 102 -18.05 -3.00 8.57
CA ASP I 102 -18.51 -2.03 7.59
C ASP I 102 -18.41 -2.61 6.20
N ALA I 103 -19.04 -3.76 5.98
CA ALA I 103 -18.80 -4.54 4.77
C ALA I 103 -19.11 -3.76 3.50
N GLU I 104 -20.32 -3.20 3.41
CA GLU I 104 -20.77 -2.61 2.16
C GLU I 104 -19.86 -1.47 1.71
N ASN I 105 -19.64 -0.49 2.58
CA ASN I 105 -18.81 0.65 2.21
C ASN I 105 -17.36 0.25 2.01
N TYR I 106 -16.87 -0.70 2.81
CA TYR I 106 -15.46 -1.10 2.69
C TYR I 106 -15.24 -1.93 1.43
N SER I 107 -16.18 -2.81 1.10
CA SER I 107 -16.06 -3.55 -0.16
C SER I 107 -16.01 -2.60 -1.34
N ALA I 108 -16.86 -1.57 -1.35
CA ALA I 108 -16.84 -0.58 -2.41
C ALA I 108 -15.47 0.08 -2.53
N TRP I 109 -14.80 0.30 -1.40
CA TRP I 109 -13.47 0.88 -1.44
C TRP I 109 -12.44 -0.12 -1.98
N CYS I 110 -12.61 -1.40 -1.65
CA CYS I 110 -11.71 -2.43 -2.19
C CYS I 110 -11.88 -2.59 -3.69
N ASN I 111 -13.08 -2.32 -4.21
CA ASN I 111 -13.37 -2.49 -5.62
C ASN I 111 -13.05 -1.25 -6.45
N ASP I 112 -13.01 -0.07 -5.83
CA ASP I 112 -12.69 1.19 -6.54
C ASP I 112 -12.07 2.17 -5.53
N TRP I 113 -10.80 1.91 -5.19
CA TRP I 113 -10.12 2.74 -4.19
C TRP I 113 -9.87 4.16 -4.66
N GLN I 114 -9.94 4.42 -5.97
CA GLN I 114 -9.66 5.76 -6.47
C GLN I 114 -10.80 6.73 -6.18
N HIS I 115 -12.04 6.24 -6.18
CA HIS I 115 -13.21 7.09 -6.07
C HIS I 115 -14.09 6.79 -4.86
N ALA I 116 -14.09 5.55 -4.38
CA ALA I 116 -14.93 5.21 -3.23
C ALA I 116 -14.45 5.95 -1.99
N ILE I 117 -15.38 6.52 -1.25
CA ILE I 117 -15.08 7.35 -0.09
C ILE I 117 -15.12 6.47 1.15
N PRO I 118 -14.05 6.42 1.95
CA PRO I 118 -14.15 5.78 3.27
C PRO I 118 -15.19 6.48 4.13
N THR I 119 -15.80 5.70 5.02
CA THR I 119 -16.86 6.24 5.87
C THR I 119 -16.36 7.42 6.67
N ASN I 120 -16.91 8.61 6.40
CA ASN I 120 -16.57 9.85 7.10
C ASN I 120 -15.11 10.22 6.94
N GLY I 121 -14.49 9.80 5.84
CA GLY I 121 -13.13 10.17 5.51
C GLY I 121 -13.07 10.92 4.20
N GLU I 122 -11.84 11.23 3.79
CA GLU I 122 -11.59 11.88 2.51
C GLU I 122 -11.25 10.83 1.45
N GLY I 123 -11.74 11.06 0.23
CA GLY I 123 -11.47 10.13 -0.84
C GLY I 123 -10.11 10.34 -1.46
N PHE I 124 -9.73 9.38 -2.30
CA PHE I 124 -8.44 9.48 -2.99
C PHE I 124 -8.40 10.70 -3.90
N GLN I 125 -9.54 11.08 -4.48
CA GLN I 125 -9.56 12.24 -5.36
C GLN I 125 -9.28 13.52 -4.58
N ALA I 126 -9.84 13.66 -3.38
CA ALA I 126 -9.50 14.81 -2.54
C ALA I 126 -8.06 14.73 -2.07
N PHE I 127 -7.61 13.53 -1.70
CA PHE I 127 -6.24 13.37 -1.24
C PHE I 127 -5.24 13.69 -2.34
N SER I 128 -5.43 13.12 -3.53
CA SER I 128 -4.48 13.31 -4.61
C SER I 128 -4.43 14.77 -5.08
N GLN I 129 -5.57 15.46 -5.05
CA GLN I 129 -5.57 16.88 -5.42
C GLN I 129 -4.82 17.71 -4.38
N ARG I 130 -4.86 17.30 -3.11
CA ARG I 130 -4.09 18.01 -2.09
C ARG I 130 -2.60 17.82 -2.31
N VAL I 131 -2.17 16.59 -2.58
CA VAL I 131 -0.78 16.35 -2.92
C VAL I 131 -0.42 17.09 -4.21
N GLU I 132 -1.37 17.15 -5.14
CA GLU I 132 -1.17 17.93 -6.37
C GLU I 132 -0.90 19.39 -6.05
N ARG I 133 -1.65 19.96 -5.11
CA ARG I 133 -1.42 21.34 -4.72
C ARG I 133 -0.02 21.53 -4.15
N PHE I 134 0.43 20.61 -3.30
CA PHE I 134 1.78 20.68 -2.77
C PHE I 134 2.81 20.70 -3.89
N ILE I 135 2.57 19.92 -4.95
CA ILE I 135 3.50 19.89 -6.08
C ILE I 135 3.54 21.25 -6.77
N ALA I 136 2.38 21.87 -6.95
CA ALA I 136 2.35 23.22 -7.52
C ALA I 136 3.08 24.21 -6.63
N ARG I 137 3.03 24.01 -5.31
CA ARG I 137 3.68 24.90 -4.37
C ARG I 137 5.19 24.70 -4.31
N LEU I 138 5.75 23.77 -5.10
CA LEU I 138 7.18 23.51 -5.01
C LEU I 138 7.99 24.69 -5.55
N SER I 139 7.50 25.31 -6.63
CA SER I 139 8.20 26.46 -7.20
C SER I 139 8.32 27.61 -6.19
N GLU I 140 7.50 27.59 -5.14
CA GLU I 140 7.65 28.57 -4.07
C GLU I 140 9.00 28.46 -3.39
N TYR I 141 9.58 27.26 -3.33
CA TYR I 141 10.90 27.04 -2.76
C TYR I 141 11.96 26.89 -3.85
N GLN I 142 11.85 27.66 -4.93
CA GLN I 142 12.77 27.50 -6.06
C GLN I 142 14.19 27.94 -5.74
N HIS I 143 14.41 28.67 -4.65
CA HIS I 143 15.75 29.14 -4.30
C HIS I 143 16.41 28.28 -3.22
N TYR I 144 15.77 27.21 -2.81
CA TYR I 144 16.38 26.22 -1.93
C TYR I 144 16.95 25.08 -2.77
N GLN I 145 18.07 24.52 -2.31
CA GLN I 145 18.79 23.50 -3.07
C GLN I 145 18.58 22.09 -2.54
N ASN I 146 18.48 21.92 -1.22
CA ASN I 146 18.33 20.60 -0.60
C ASN I 146 17.16 20.68 0.38
N ILE I 147 15.99 20.26 -0.07
CA ILE I 147 14.76 20.33 0.72
C ILE I 147 14.47 18.95 1.27
N LEU I 148 14.38 18.83 2.59
CA LEU I 148 13.98 17.60 3.25
C LEU I 148 12.46 17.60 3.42
N ILE I 149 11.83 16.50 3.02
CA ILE I 149 10.38 16.34 3.14
C ILE I 149 10.13 15.15 4.07
N VAL I 150 9.35 15.40 5.13
CA VAL I 150 9.03 14.38 6.12
C VAL I 150 7.53 14.17 6.08
N SER I 151 7.10 13.01 5.56
CA SER I 151 5.68 12.74 5.39
C SER I 151 5.38 11.24 5.51
N HIS I 152 4.45 10.75 4.70
CA HIS I 152 3.92 9.40 4.80
C HIS I 152 4.08 8.66 3.48
N GLN I 153 3.84 7.35 3.52
CA GLN I 153 4.05 6.52 2.33
C GLN I 153 3.14 6.94 1.19
N GLY I 154 1.84 7.07 1.45
CA GLY I 154 0.92 7.46 0.40
C GLY I 154 1.28 8.81 -0.22
N VAL I 155 1.67 9.77 0.62
CA VAL I 155 2.03 11.09 0.13
C VAL I 155 3.29 11.01 -0.73
N LEU I 156 4.33 10.36 -0.22
CA LEU I 156 5.62 10.38 -0.89
C LEU I 156 5.60 9.57 -2.18
N SER I 157 4.97 8.39 -2.17
CA SER I 157 4.93 7.58 -3.38
C SER I 157 4.09 8.26 -4.46
N LEU I 158 3.00 8.92 -4.07
CA LEU I 158 2.22 9.66 -5.04
C LEU I 158 2.99 10.87 -5.53
N LEU I 159 3.73 11.54 -4.64
CA LEU I 159 4.57 12.67 -5.04
C LEU I 159 5.58 12.22 -6.09
N ILE I 160 6.18 11.05 -5.90
CA ILE I 160 7.17 10.55 -6.85
C ILE I 160 6.52 10.30 -8.21
N ALA I 161 5.38 9.61 -8.23
CA ALA I 161 4.75 9.25 -9.49
C ALA I 161 4.31 10.49 -10.26
N ARG I 162 3.70 11.46 -9.57
CA ARG I 162 3.22 12.65 -10.26
C ARG I 162 4.38 13.53 -10.74
N LEU I 163 5.49 13.55 -10.00
CA LEU I 163 6.62 14.37 -10.42
C LEU I 163 7.26 13.86 -11.69
N ILE I 164 7.22 12.55 -11.93
CA ILE I 164 7.86 11.98 -13.12
C ILE I 164 6.81 11.78 -14.21
N GLY I 165 5.65 12.41 -14.04
CA GLY I 165 4.65 12.46 -15.08
C GLY I 165 3.69 11.28 -15.13
N MSE I 166 3.68 10.42 -14.14
CA MSE I 166 2.76 9.29 -14.11
C MSE I 166 1.42 9.71 -13.53
O MSE I 166 1.35 10.66 -12.75
CB MSE I 166 3.33 8.13 -13.29
CG MSE I 166 4.71 7.67 -13.72
SE MSE I 166 5.10 5.90 -12.99
CE MSE I 166 3.82 4.85 -14.03
N PRO I 167 0.35 9.02 -13.92
CA PRO I 167 -0.96 9.30 -13.32
C PRO I 167 -0.99 8.85 -11.86
N ALA I 168 -1.84 9.53 -11.08
CA ALA I 168 -1.92 9.26 -9.65
C ALA I 168 -2.19 7.79 -9.35
N GLU I 169 -2.85 7.09 -10.28
CA GLU I 169 -3.14 5.67 -10.13
C GLU I 169 -1.89 4.86 -9.84
N SER I 170 -0.76 5.25 -10.43
CA SER I 170 0.45 4.44 -10.45
C SER I 170 1.39 4.73 -9.29
N MSE I 171 0.89 5.33 -8.22
CA MSE I 171 1.70 5.60 -7.04
C MSE I 171 2.23 4.32 -6.43
O MSE I 171 3.30 4.30 -5.80
CB MSE I 171 0.89 6.37 -6.01
CG MSE I 171 -0.40 5.67 -5.62
SE MSE I 171 -1.38 6.62 -4.23
CE MSE I 171 -0.33 6.05 -2.68
N TRP I 172 1.48 3.23 -6.61
CA TRP I 172 1.81 1.94 -6.00
C TRP I 172 2.93 1.20 -6.70
N HIS I 173 3.43 1.73 -7.82
CA HIS I 173 4.64 1.15 -8.40
C HIS I 173 5.88 1.51 -7.60
N PHE I 174 5.76 2.42 -6.63
CA PHE I 174 6.85 2.81 -5.75
C PHE I 174 6.42 2.59 -4.31
N ARG I 175 7.27 1.97 -3.52
CA ARG I 175 7.06 1.86 -2.08
C ARG I 175 8.13 2.67 -1.36
N VAL I 176 7.72 3.43 -0.36
CA VAL I 176 8.63 4.19 0.49
C VAL I 176 8.72 3.49 1.83
N ASP I 177 9.89 2.98 2.15
CA ASP I 177 10.09 2.19 3.36
C ASP I 177 10.50 3.08 4.52
N GLN I 178 10.34 2.54 5.73
CA GLN I 178 10.74 3.24 6.94
C GLN I 178 12.20 2.98 7.25
N GLY I 179 12.85 3.96 7.87
CA GLY I 179 14.27 3.91 8.11
C GLY I 179 15.14 4.14 6.89
N CYS I 180 14.54 4.50 5.76
CA CYS I 180 15.24 4.73 4.49
C CYS I 180 15.03 6.18 4.06
N TRP I 181 15.76 6.56 3.02
CA TRP I 181 15.59 7.88 2.43
C TRP I 181 15.67 7.77 0.91
N SER I 182 15.04 8.73 0.23
CA SER I 182 15.01 8.79 -1.22
C SER I 182 15.34 10.22 -1.66
N ALA I 183 15.71 10.34 -2.94
CA ALA I 183 16.10 11.63 -3.50
C ALA I 183 15.55 11.76 -4.91
N ILE I 184 14.94 12.91 -5.21
CA ILE I 184 14.44 13.21 -6.54
C ILE I 184 14.93 14.61 -6.91
N ASP I 185 15.62 14.72 -8.04
CA ASP I 185 16.18 15.96 -8.51
C ASP I 185 15.23 16.61 -9.51
N ILE I 186 15.10 17.93 -9.40
CA ILE I 186 14.25 18.71 -10.30
C ILE I 186 15.10 19.81 -10.93
N ASN I 187 15.26 19.74 -12.25
CA ASN I 187 16.02 20.75 -12.99
C ASN I 187 15.25 21.09 -14.24
N GLN I 188 14.95 22.38 -14.41
CA GLN I 188 14.16 22.85 -15.56
C GLN I 188 12.84 22.08 -15.68
N LYS I 189 12.21 21.84 -14.53
CA LYS I 189 10.96 21.09 -14.44
C LYS I 189 11.04 19.75 -15.15
N PHE I 190 12.16 19.05 -14.90
CA PHE I 190 12.30 17.64 -15.24
C PHE I 190 12.73 16.91 -13.96
N ALA I 191 11.84 16.08 -13.44
CA ALA I 191 12.11 15.36 -12.20
C ALA I 191 12.76 14.01 -12.51
N THR I 192 13.92 13.76 -11.89
CA THR I 192 14.64 12.51 -12.03
C THR I 192 14.73 11.83 -10.68
N LEU I 193 14.10 10.67 -10.56
CA LEU I 193 14.25 9.86 -9.35
C LEU I 193 15.69 9.35 -9.27
N ARG I 194 16.44 9.84 -8.30
CA ARG I 194 17.86 9.52 -8.18
C ARG I 194 18.15 8.41 -7.18
N VAL I 195 17.43 8.37 -6.08
CA VAL I 195 17.63 7.38 -5.02
C VAL I 195 16.26 6.95 -4.50
N LEU I 196 16.11 5.65 -4.25
CA LEU I 196 14.88 5.13 -3.66
C LEU I 196 15.23 4.14 -2.56
N ASN I 197 14.83 4.44 -1.33
CA ASN I 197 14.93 3.54 -0.18
C ASN I 197 16.38 3.13 0.07
N SER I 198 17.23 4.12 0.29
CA SER I 198 18.64 3.90 0.58
C SER I 198 18.90 3.90 2.08
N ARG I 199 19.69 2.94 2.54
CA ARG I 199 20.19 2.93 3.91
C ARG I 199 21.66 3.29 3.97
N ALA I 200 22.16 4.00 2.96
CA ALA I 200 23.55 4.41 2.88
C ALA I 200 23.71 5.87 3.28
N ILE I 201 24.96 6.30 3.37
CA ILE I 201 25.27 7.69 3.70
C ILE I 201 24.91 8.57 2.52
N GLY I 202 24.16 9.65 2.78
CA GLY I 202 23.79 10.56 1.73
C GLY I 202 24.89 11.59 1.46
N VAL I 203 25.04 11.95 0.20
CA VAL I 203 25.99 12.97 -0.23
C VAL I 203 25.25 13.98 -1.09
N GLU I 204 25.60 15.26 -0.92
CA GLU I 204 24.96 16.31 -1.69
C GLU I 204 25.40 16.25 -3.16
N ASN I 205 24.71 17.01 -4.00
CA ASN I 205 24.96 17.01 -5.43
C ASN I 205 26.08 17.98 -5.79
N ALA I 206 26.92 17.58 -6.72
CA ALA I 206 28.04 18.40 -7.17
C ALA I 206 27.56 19.54 -8.05
N MSE J 4 -18.45 -34.60 26.24
CA MSE J 4 -17.03 -34.34 25.99
C MSE J 4 -16.72 -32.86 25.99
O MSE J 4 -17.59 -32.02 25.77
CB MSE J 4 -16.60 -34.96 24.67
CG MSE J 4 -17.19 -34.28 23.45
SE MSE J 4 -16.54 -35.04 21.77
CE MSE J 4 -17.82 -34.26 20.53
N ARG J 5 -15.45 -32.53 26.22
CA ARG J 5 -14.96 -31.16 26.18
C ARG J 5 -13.88 -31.05 25.11
N LEU J 6 -14.03 -30.08 24.22
CA LEU J 6 -13.02 -29.79 23.21
C LEU J 6 -12.24 -28.57 23.66
N TRP J 7 -10.94 -28.77 23.94
CA TRP J 7 -10.06 -27.68 24.27
C TRP J 7 -9.45 -27.14 22.99
N LEU J 8 -9.72 -25.86 22.70
CA LEU J 8 -9.39 -25.26 21.41
C LEU J 8 -8.18 -24.35 21.56
N ILE J 9 -7.18 -24.56 20.72
CA ILE J 9 -5.97 -23.73 20.75
C ILE J 9 -5.57 -23.40 19.32
N ARG J 10 -5.36 -22.11 19.05
CA ARG J 10 -4.81 -21.65 17.80
C ARG J 10 -3.30 -21.57 17.92
N HIS J 11 -2.60 -21.89 16.83
CA HIS J 11 -1.14 -21.87 16.83
C HIS J 11 -0.61 -20.48 17.17
N GLY J 12 0.62 -20.46 17.65
CA GLY J 12 1.24 -19.22 18.10
C GLY J 12 1.49 -18.25 16.95
N GLU J 13 1.99 -17.09 17.33
CA GLU J 13 2.32 -16.06 16.36
C GLU J 13 3.43 -16.53 15.44
N THR J 14 3.22 -16.34 14.13
CA THR J 14 4.20 -16.69 13.11
C THR J 14 4.78 -15.43 12.48
N GLN J 15 5.82 -15.63 11.66
CA GLN J 15 6.40 -14.50 10.94
C GLN J 15 5.41 -13.91 9.94
N ALA J 16 4.56 -14.75 9.34
CA ALA J 16 3.53 -14.24 8.45
C ALA J 16 2.58 -13.31 9.18
N ASN J 17 2.29 -13.62 10.45
CA ASN J 17 1.44 -12.75 11.26
C ASN J 17 2.11 -11.39 11.46
N VAL J 18 3.40 -11.40 11.80
CA VAL J 18 4.12 -10.15 12.03
C VAL J 18 4.19 -9.33 10.76
N ASP J 19 4.44 -9.99 9.62
CA ASP J 19 4.50 -9.32 8.33
C ASP J 19 3.12 -8.99 7.76
N GLY J 20 2.04 -9.35 8.45
CA GLY J 20 0.71 -9.05 7.98
C GLY J 20 0.31 -9.75 6.70
N LEU J 21 0.98 -10.83 6.33
CA LEU J 21 0.70 -11.53 5.09
C LEU J 21 -0.36 -12.61 5.31
N TYR J 22 -1.00 -12.99 4.21
CA TYR J 22 -1.92 -14.12 4.25
C TYR J 22 -1.14 -15.42 4.42
N SER J 23 -1.50 -16.18 5.45
CA SER J 23 -0.81 -17.43 5.77
C SER J 23 -1.78 -18.59 5.55
N GLY J 24 -1.65 -19.27 4.41
CA GLY J 24 -2.49 -20.42 4.12
C GLY J 24 -1.79 -21.73 4.41
N HIS J 25 -1.59 -22.54 3.39
CA HIS J 25 -0.86 -23.78 3.56
C HIS J 25 0.65 -23.57 3.56
N ALA J 26 1.12 -22.41 3.11
CA ALA J 26 2.54 -22.18 3.02
C ALA J 26 3.15 -22.19 4.42
N PRO J 27 4.35 -22.77 4.59
CA PRO J 27 4.94 -22.87 5.92
C PRO J 27 5.56 -21.55 6.36
N THR J 28 5.24 -21.14 7.59
CA THR J 28 5.87 -20.01 8.23
C THR J 28 6.20 -20.43 9.66
N PRO J 29 7.35 -20.04 10.18
CA PRO J 29 7.75 -20.48 11.51
C PRO J 29 7.13 -19.62 12.60
N LEU J 30 6.95 -20.23 13.76
CA LEU J 30 6.55 -19.46 14.95
C LEU J 30 7.65 -18.49 15.31
N THR J 31 7.26 -17.26 15.66
CA THR J 31 8.22 -16.28 16.13
C THR J 31 8.67 -16.65 17.55
N ALA J 32 9.55 -15.82 18.10
CA ALA J 32 9.98 -16.02 19.49
C ALA J 32 8.76 -15.96 20.42
N ARG J 33 7.88 -14.99 20.20
CA ARG J 33 6.65 -14.90 21.00
C ARG J 33 5.70 -16.05 20.68
N GLY J 34 5.67 -16.51 19.43
CA GLY J 34 4.85 -17.65 19.09
C GLY J 34 5.25 -18.92 19.81
N ILE J 35 6.53 -19.01 20.21
CA ILE J 35 6.98 -20.12 21.03
C ILE J 35 6.62 -19.89 22.50
N GLU J 36 6.80 -18.67 22.98
CA GLU J 36 6.41 -18.33 24.34
C GLU J 36 4.92 -18.61 24.57
N GLN J 37 4.09 -18.32 23.56
CA GLN J 37 2.65 -18.53 23.70
C GLN J 37 2.33 -20.00 23.90
N ALA J 38 2.96 -20.87 23.10
CA ALA J 38 2.73 -22.31 23.25
C ALA J 38 3.29 -22.80 24.58
N GLN J 39 4.43 -22.27 25.00
CA GLN J 39 5.01 -22.67 26.29
C GLN J 39 4.14 -22.24 27.45
N ASN J 40 3.64 -21.00 27.41
CA ASN J 40 2.74 -20.53 28.46
C ASN J 40 1.47 -21.38 28.51
N LEU J 41 0.93 -21.73 27.35
CA LEU J 41 -0.26 -22.57 27.29
C LEU J 41 0.00 -23.94 27.92
N HIS J 42 1.22 -24.47 27.74
CA HIS J 42 1.58 -25.72 28.41
C HIS J 42 1.40 -25.60 29.92
N THR J 43 1.83 -24.47 30.49
CA THR J 43 1.66 -24.26 31.92
C THR J 43 0.19 -24.01 32.27
N LEU J 44 -0.53 -23.29 31.42
CA LEU J 44 -1.94 -23.01 31.70
C LEU J 44 -2.79 -24.28 31.71
N LEU J 45 -2.36 -25.33 31.01
CA LEU J 45 -3.14 -26.56 30.91
C LEU J 45 -2.38 -27.76 31.45
N ASP J 46 -1.40 -27.55 32.34
CA ASP J 46 -0.61 -28.67 32.82
C ASP J 46 -1.44 -29.63 33.65
N ASP J 47 -2.50 -29.15 34.29
CA ASP J 47 -3.37 -29.98 35.13
C ASP J 47 -4.57 -30.53 34.38
N VAL J 48 -4.63 -30.36 33.06
CA VAL J 48 -5.68 -30.94 32.24
C VAL J 48 -5.15 -32.23 31.64
N SER J 49 -5.83 -33.34 31.94
CA SER J 49 -5.42 -34.67 31.47
C SER J 49 -6.13 -34.95 30.15
N PHE J 50 -5.53 -34.46 29.06
CA PHE J 50 -6.07 -34.72 27.73
C PHE J 50 -5.97 -36.21 27.43
N ASP J 51 -6.99 -36.74 26.76
CA ASP J 51 -7.00 -38.11 26.30
C ASP J 51 -6.97 -38.23 24.79
N LEU J 52 -6.94 -37.11 24.06
CA LEU J 52 -6.91 -37.13 22.61
C LEU J 52 -6.46 -35.76 22.12
N VAL J 53 -5.62 -35.75 21.08
CA VAL J 53 -5.12 -34.53 20.46
C VAL J 53 -5.40 -34.61 18.97
N LEU J 54 -6.02 -33.57 18.43
CA LEU J 54 -6.29 -33.46 17.00
C LEU J 54 -5.62 -32.20 16.48
N CYS J 55 -4.70 -32.36 15.53
CA CYS J 55 -3.90 -31.25 15.06
C CYS J 55 -3.96 -31.17 13.54
N SER J 56 -3.77 -29.96 13.02
CA SER J 56 -3.71 -29.73 11.59
C SER J 56 -2.33 -30.14 11.05
N GLU J 57 -2.28 -30.36 9.74
CA GLU J 57 -1.04 -30.82 9.12
C GLU J 57 0.05 -29.76 9.18
N LEU J 58 -0.32 -28.48 9.06
CA LEU J 58 0.66 -27.42 8.93
C LEU J 58 1.58 -27.35 10.14
N GLU J 59 2.87 -27.11 9.88
CA GLU J 59 3.90 -27.29 10.90
C GLU J 59 3.69 -26.35 12.08
N ARG J 60 3.23 -25.13 11.83
CA ARG J 60 3.04 -24.18 12.93
C ARG J 60 2.05 -24.70 13.96
N ALA J 61 1.06 -25.49 13.53
CA ALA J 61 0.15 -26.12 14.49
C ALA J 61 0.82 -27.29 15.19
N GLN J 62 1.56 -28.11 14.45
CA GLN J 62 2.24 -29.25 15.06
C GLN J 62 3.32 -28.78 16.04
N HIS J 63 4.05 -27.73 15.68
CA HIS J 63 5.04 -27.16 16.58
C HIS J 63 4.37 -26.63 17.84
N THR J 64 3.18 -26.04 17.70
CA THR J 64 2.46 -25.53 18.87
C THR J 64 1.98 -26.67 19.76
N ALA J 65 1.45 -27.73 19.16
CA ALA J 65 1.01 -28.88 19.95
C ALA J 65 2.17 -29.54 20.67
N ARG J 66 3.34 -29.59 20.04
CA ARG J 66 4.51 -30.20 20.66
C ARG J 66 4.92 -29.44 21.92
N LEU J 67 4.87 -28.11 21.87
CA LEU J 67 5.26 -27.31 23.02
C LEU J 67 4.17 -27.31 24.10
N VAL J 68 2.90 -27.32 23.69
CA VAL J 68 1.82 -27.35 24.68
C VAL J 68 1.82 -28.67 25.43
N LEU J 69 2.05 -29.78 24.74
CA LEU J 69 2.06 -31.08 25.41
C LEU J 69 3.36 -31.31 26.16
N SER J 70 4.49 -30.88 25.60
CA SER J 70 5.83 -31.16 26.14
C SER J 70 5.97 -32.68 26.17
N ASP J 71 6.16 -33.30 27.33
CA ASP J 71 6.37 -34.74 27.42
C ASP J 71 5.18 -35.37 28.16
N ARG J 72 4.07 -35.52 27.43
CA ARG J 72 2.97 -36.35 27.87
C ARG J 72 2.78 -37.57 27.00
N GLN J 73 3.31 -37.55 25.77
CA GLN J 73 3.28 -38.69 24.85
C GLN J 73 1.87 -39.22 24.67
N LEU J 74 1.00 -38.33 24.34
CA LEU J 74 -0.37 -38.59 23.94
C LEU J 74 -0.42 -38.81 22.43
N PRO J 75 -1.36 -39.62 21.94
CA PRO J 75 -1.50 -39.77 20.49
C PRO J 75 -1.97 -38.47 19.86
N VAL J 76 -1.43 -38.18 18.68
CA VAL J 76 -1.71 -36.94 17.96
C VAL J 76 -2.20 -37.31 16.58
N HIS J 77 -3.50 -37.23 16.36
CA HIS J 77 -4.07 -37.47 15.03
C HIS J 77 -3.90 -36.22 14.19
N ILE J 78 -3.20 -36.34 13.06
CA ILE J 78 -3.03 -35.23 12.12
C ILE J 78 -4.25 -35.22 11.21
N ILE J 79 -5.12 -34.24 11.41
CA ILE J 79 -6.42 -34.17 10.72
C ILE J 79 -6.29 -33.21 9.55
N PRO J 80 -6.46 -33.68 8.31
CA PRO J 80 -6.39 -32.75 7.17
C PRO J 80 -7.49 -31.70 7.18
N GLU J 81 -8.68 -32.04 7.68
CA GLU J 81 -9.79 -31.10 7.72
C GLU J 81 -9.56 -29.95 8.70
N LEU J 82 -8.54 -30.04 9.54
CA LEU J 82 -8.17 -28.95 10.44
C LEU J 82 -7.19 -27.97 9.81
N ASN J 83 -6.80 -28.19 8.55
CA ASN J 83 -5.83 -27.31 7.91
C ASN J 83 -6.43 -25.93 7.66
N GLU J 84 -5.53 -24.94 7.62
CA GLU J 84 -5.91 -23.62 7.16
C GLU J 84 -6.47 -23.69 5.74
N MSE J 85 -7.34 -22.74 5.42
CA MSE J 85 -7.89 -22.68 4.06
C MSE J 85 -6.78 -22.32 3.09
O MSE J 85 -6.07 -21.34 3.29
CB MSE J 85 -9.02 -21.65 3.96
CG MSE J 85 -9.20 -21.09 2.54
SE MSE J 85 -11.02 -20.50 2.14
CE MSE J 85 -11.12 -19.00 3.34
N PHE J 86 -6.66 -23.13 2.06
CA PHE J 86 -5.64 -22.90 1.05
C PHE J 86 -5.94 -21.62 0.27
N PHE J 87 -4.97 -20.69 0.25
CA PHE J 87 -5.17 -19.39 -0.38
C PHE J 87 -4.56 -19.28 -1.77
N GLY J 88 -3.83 -20.28 -2.23
CA GLY J 88 -3.37 -20.28 -3.61
C GLY J 88 -2.29 -19.25 -3.84
N ASP J 89 -2.47 -18.46 -4.91
CA ASP J 89 -1.47 -17.47 -5.30
C ASP J 89 -1.31 -16.35 -4.29
N TRP J 90 -2.23 -16.22 -3.35
CA TRP J 90 -2.20 -15.13 -2.38
C TRP J 90 -1.46 -15.49 -1.10
N GLU J 91 -0.91 -16.69 -1.01
CA GLU J 91 -0.26 -17.12 0.23
C GLU J 91 1.04 -16.37 0.46
N MSE J 92 1.30 -16.01 1.71
CA MSE J 92 2.50 -15.27 2.12
C MSE J 92 2.64 -13.93 1.40
O MSE J 92 3.76 -13.46 1.19
CB MSE J 92 3.76 -16.13 1.90
CG MSE J 92 3.73 -17.48 2.59
SE MSE J 92 3.98 -17.40 4.52
CE MSE J 92 5.56 -16.24 4.60
N ARG J 93 1.52 -13.33 1.05
CA ARG J 93 1.50 -12.02 0.41
C ARG J 93 0.55 -11.10 1.15
N HIS J 94 0.80 -9.80 1.03
CA HIS J 94 0.09 -8.81 1.81
C HIS J 94 -1.16 -8.34 1.09
N HIS J 95 -2.20 -8.00 1.88
CA HIS J 95 -3.43 -7.50 1.31
C HIS J 95 -3.19 -6.22 0.52
N ARG J 96 -2.31 -5.34 1.02
CA ARG J 96 -2.01 -4.09 0.33
C ARG J 96 -1.45 -4.34 -1.07
N ASP J 97 -0.66 -5.40 -1.22
CA ASP J 97 -0.10 -5.70 -2.54
C ASP J 97 -1.14 -6.32 -3.46
N LEU J 98 -1.96 -7.23 -2.93
CA LEU J 98 -2.96 -7.92 -3.75
C LEU J 98 -3.98 -6.97 -4.37
N MSE J 99 -4.15 -5.79 -3.78
CA MSE J 99 -5.07 -4.78 -4.27
C MSE J 99 -4.71 -4.34 -5.68
O MSE J 99 -5.57 -3.89 -6.44
CB MSE J 99 -5.07 -3.57 -3.34
CG MSE J 99 -5.75 -3.81 -2.01
SE MSE J 99 -7.63 -3.34 -2.08
CE MSE J 99 -7.48 -1.54 -2.82
N GLN J 100 -3.43 -4.43 -6.01
CA GLN J 100 -2.93 -3.98 -7.30
C GLN J 100 -2.42 -5.12 -8.17
N GLU J 101 -1.79 -6.14 -7.59
CA GLU J 101 -1.21 -7.21 -8.40
C GLU J 101 -2.29 -8.14 -8.93
N ASP J 102 -3.28 -8.48 -8.11
CA ASP J 102 -4.41 -9.28 -8.54
C ASP J 102 -5.70 -8.48 -8.34
N ALA J 103 -5.77 -7.30 -8.95
CA ALA J 103 -6.81 -6.33 -8.61
C ALA J 103 -8.21 -6.91 -8.81
N GLU J 104 -8.47 -7.49 -9.99
CA GLU J 104 -9.82 -7.95 -10.30
C GLU J 104 -10.22 -9.13 -9.42
N ASN J 105 -9.37 -10.16 -9.34
CA ASN J 105 -9.73 -11.36 -8.58
C ASN J 105 -9.79 -11.08 -7.09
N TYR J 106 -8.86 -10.27 -6.56
CA TYR J 106 -8.85 -9.97 -5.14
C TYR J 106 -10.01 -9.05 -4.76
N SER J 107 -10.41 -8.16 -5.66
CA SER J 107 -11.53 -7.28 -5.38
C SER J 107 -12.85 -8.04 -5.32
N ALA J 108 -12.99 -9.10 -6.10
CA ALA J 108 -14.18 -9.93 -6.02
C ALA J 108 -14.25 -10.68 -4.70
N TRP J 109 -13.09 -11.13 -4.20
CA TRP J 109 -13.07 -11.82 -2.92
C TRP J 109 -13.38 -10.88 -1.76
N CYS J 110 -12.97 -9.61 -1.87
CA CYS J 110 -13.37 -8.64 -0.87
C CYS J 110 -14.87 -8.39 -0.92
N ASN J 111 -15.44 -8.38 -2.13
CA ASN J 111 -16.87 -8.12 -2.27
C ASN J 111 -17.71 -9.33 -1.86
N ASP J 112 -17.18 -10.54 -2.00
CA ASP J 112 -17.94 -11.74 -1.71
C ASP J 112 -16.97 -12.86 -1.33
N TRP J 113 -16.43 -12.75 -0.11
CA TRP J 113 -15.54 -13.79 0.41
C TRP J 113 -16.23 -15.13 0.60
N GLN J 114 -17.57 -15.15 0.60
CA GLN J 114 -18.30 -16.39 0.82
C GLN J 114 -18.19 -17.33 -0.37
N HIS J 115 -18.09 -16.79 -1.57
CA HIS J 115 -18.13 -17.60 -2.78
C HIS J 115 -16.93 -17.37 -3.70
N ALA J 116 -16.42 -16.14 -3.78
CA ALA J 116 -15.31 -15.87 -4.67
C ALA J 116 -14.09 -16.69 -4.28
N ILE J 117 -13.42 -17.25 -5.28
CA ILE J 117 -12.31 -18.17 -5.06
C ILE J 117 -10.99 -17.39 -5.09
N PRO J 118 -10.12 -17.57 -4.10
CA PRO J 118 -8.77 -17.02 -4.20
C PRO J 118 -8.06 -17.60 -5.41
N THR J 119 -7.25 -16.77 -6.06
CA THR J 119 -6.59 -17.15 -7.31
C THR J 119 -5.78 -18.42 -7.15
N ASN J 120 -6.21 -19.49 -7.83
CA ASN J 120 -5.58 -20.82 -7.76
C ASN J 120 -5.63 -21.39 -6.36
N GLY J 121 -6.70 -21.12 -5.61
CA GLY J 121 -6.86 -21.66 -4.28
C GLY J 121 -8.23 -22.27 -4.05
N GLU J 122 -8.55 -22.58 -2.80
CA GLU J 122 -9.88 -23.08 -2.44
C GLU J 122 -10.71 -21.94 -1.88
N GLY J 123 -12.01 -21.96 -2.20
CA GLY J 123 -12.91 -20.95 -1.71
C GLY J 123 -13.48 -21.29 -0.35
N PHE J 124 -14.38 -20.42 0.11
CA PHE J 124 -14.96 -20.62 1.44
C PHE J 124 -15.89 -21.82 1.48
N GLN J 125 -16.55 -22.14 0.36
CA GLN J 125 -17.49 -23.26 0.35
C GLN J 125 -16.76 -24.58 0.58
N ALA J 126 -15.75 -24.87 -0.23
CA ALA J 126 -14.97 -26.08 -0.03
C ALA J 126 -14.33 -26.11 1.36
N PHE J 127 -13.92 -24.95 1.86
CA PHE J 127 -13.33 -24.89 3.19
C PHE J 127 -14.37 -25.18 4.27
N SER J 128 -15.53 -24.53 4.18
CA SER J 128 -16.57 -24.75 5.18
C SER J 128 -17.11 -26.17 5.14
N GLN J 129 -17.18 -26.77 3.94
CA GLN J 129 -17.58 -28.16 3.87
C GLN J 129 -16.52 -29.07 4.47
N ARG J 130 -15.25 -28.71 4.34
CA ARG J 130 -14.18 -29.46 5.00
C ARG J 130 -14.40 -29.50 6.51
N VAL J 131 -14.60 -28.33 7.11
CA VAL J 131 -14.82 -28.26 8.55
C VAL J 131 -16.11 -28.95 8.94
N GLU J 132 -17.14 -28.88 8.08
CA GLU J 132 -18.38 -29.58 8.37
C GLU J 132 -18.17 -31.08 8.46
N ARG J 133 -17.26 -31.61 7.63
CA ARG J 133 -16.95 -33.04 7.70
C ARG J 133 -16.29 -33.38 9.02
N PHE J 134 -15.36 -32.53 9.47
CA PHE J 134 -14.71 -32.79 10.75
C PHE J 134 -15.72 -32.71 11.89
N ILE J 135 -16.71 -31.82 11.78
CA ILE J 135 -17.72 -31.70 12.83
C ILE J 135 -18.52 -33.00 12.95
N ALA J 136 -18.98 -33.52 11.81
CA ALA J 136 -19.72 -34.78 11.83
C ALA J 136 -18.86 -35.92 12.36
N ARG J 137 -17.54 -35.82 12.22
CA ARG J 137 -16.63 -36.85 12.71
C ARG J 137 -16.44 -36.81 14.22
N LEU J 138 -16.90 -35.75 14.88
CA LEU J 138 -16.67 -35.64 16.33
C LEU J 138 -17.35 -36.76 17.11
N SER J 139 -18.42 -37.35 16.56
CA SER J 139 -19.06 -38.48 17.22
C SER J 139 -18.17 -39.71 17.25
N GLU J 140 -17.13 -39.77 16.42
CA GLU J 140 -16.21 -40.90 16.45
C GLU J 140 -15.50 -40.96 17.80
N TYR J 141 -15.15 -39.80 18.36
CA TYR J 141 -14.44 -39.72 19.63
C TYR J 141 -15.38 -39.62 20.83
N GLN J 142 -16.60 -40.16 20.71
CA GLN J 142 -17.61 -40.01 21.75
C GLN J 142 -17.22 -40.67 23.08
N HIS J 143 -16.11 -41.41 23.12
CA HIS J 143 -15.65 -42.05 24.34
C HIS J 143 -14.46 -41.34 24.97
N TYR J 144 -14.08 -40.18 24.42
CA TYR J 144 -13.07 -39.32 25.03
C TYR J 144 -13.76 -38.20 25.79
N GLN J 145 -13.01 -37.58 26.70
CA GLN J 145 -13.54 -36.54 27.58
C GLN J 145 -12.91 -35.18 27.38
N ASN J 146 -11.58 -35.11 27.25
CA ASN J 146 -10.85 -33.85 27.10
C ASN J 146 -10.00 -33.91 25.83
N ILE J 147 -10.60 -33.54 24.71
CA ILE J 147 -9.92 -33.56 23.41
C ILE J 147 -9.28 -32.22 23.16
N LEU J 148 -7.99 -32.24 22.81
CA LEU J 148 -7.26 -31.04 22.45
C LEU J 148 -7.24 -30.88 20.93
N ILE J 149 -7.57 -29.67 20.46
CA ILE J 149 -7.59 -29.37 19.04
C ILE J 149 -6.66 -28.20 18.81
N VAL J 150 -5.63 -28.42 17.99
CA VAL J 150 -4.65 -27.40 17.64
C VAL J 150 -4.82 -27.08 16.16
N SER J 151 -5.34 -25.89 15.87
CA SER J 151 -5.65 -25.52 14.50
C SER J 151 -5.40 -24.03 14.26
N HIS J 152 -6.20 -23.43 13.38
CA HIS J 152 -6.03 -22.05 12.96
C HIS J 152 -7.27 -21.24 13.30
N GLN J 153 -7.15 -19.92 13.16
CA GLN J 153 -8.23 -19.02 13.57
C GLN J 153 -9.49 -19.26 12.73
N GLY J 154 -9.34 -19.36 11.41
CA GLY J 154 -10.49 -19.54 10.56
C GLY J 154 -11.21 -20.85 10.82
N VAL J 155 -10.45 -21.92 11.08
CA VAL J 155 -11.07 -23.21 11.38
C VAL J 155 -11.78 -23.14 12.72
N LEU J 156 -11.09 -22.65 13.75
CA LEU J 156 -11.66 -22.67 15.10
C LEU J 156 -12.85 -21.73 15.25
N SER J 157 -12.84 -20.61 14.54
CA SER J 157 -13.99 -19.70 14.61
C SER J 157 -15.20 -20.30 13.91
N LEU J 158 -15.00 -20.90 12.74
CA LEU J 158 -16.09 -21.57 12.04
C LEU J 158 -16.59 -22.78 12.83
N LEU J 159 -15.68 -23.48 13.51
CA LEU J 159 -16.09 -24.63 14.32
C LEU J 159 -17.02 -24.20 15.45
N ILE J 160 -16.70 -23.09 16.10
CA ILE J 160 -17.56 -22.59 17.19
C ILE J 160 -18.94 -22.24 16.66
N ALA J 161 -19.00 -21.40 15.63
CA ALA J 161 -20.29 -20.94 15.11
C ALA J 161 -21.16 -22.12 14.69
N ARG J 162 -20.57 -23.10 14.01
CA ARG J 162 -21.35 -24.24 13.53
C ARG J 162 -21.79 -25.16 14.66
N LEU J 163 -20.97 -25.29 15.71
CA LEU J 163 -21.35 -26.16 16.83
C LEU J 163 -22.55 -25.60 17.59
N ILE J 164 -22.70 -24.27 17.66
CA ILE J 164 -23.78 -23.67 18.43
C ILE J 164 -24.93 -23.29 17.49
N GLY J 165 -24.84 -23.73 16.24
CA GLY J 165 -26.00 -23.77 15.36
C GLY J 165 -26.22 -22.57 14.48
N MSE J 166 -25.19 -21.79 14.19
CA MSE J 166 -25.31 -20.66 13.29
C MSE J 166 -24.68 -20.98 11.93
O MSE J 166 -23.81 -21.84 11.86
CB MSE J 166 -24.68 -19.40 13.88
CG MSE J 166 -24.81 -19.28 15.37
SE MSE J 166 -23.52 -18.00 16.09
CE MSE J 166 -24.14 -16.44 15.11
N PRO J 167 -25.12 -20.28 10.87
CA PRO J 167 -24.55 -20.55 9.55
C PRO J 167 -23.05 -20.34 9.52
N ALA J 168 -22.44 -20.90 8.46
CA ALA J 168 -20.98 -20.83 8.32
C ALA J 168 -20.48 -19.39 8.21
N GLU J 169 -21.28 -18.51 7.61
CA GLU J 169 -20.88 -17.13 7.40
C GLU J 169 -20.80 -16.32 8.69
N SER J 170 -21.27 -16.87 9.81
CA SER J 170 -21.29 -16.16 11.08
C SER J 170 -20.03 -16.41 11.91
N MSE J 171 -18.99 -16.96 11.32
CA MSE J 171 -17.75 -17.29 12.04
C MSE J 171 -17.03 -16.06 12.53
O MSE J 171 -16.20 -16.14 13.45
CB MSE J 171 -16.83 -18.10 11.14
CG MSE J 171 -16.41 -17.36 9.88
SE MSE J 171 -15.27 -18.44 8.73
CE MSE J 171 -13.54 -18.00 9.52
N TRP J 172 -17.31 -14.92 11.90
CA TRP J 172 -16.62 -13.68 12.22
C TRP J 172 -17.20 -12.97 13.45
N HIS J 173 -18.28 -13.48 14.02
CA HIS J 173 -18.74 -13.01 15.32
C HIS J 173 -17.89 -13.54 16.45
N PHE J 174 -16.89 -14.38 16.14
CA PHE J 174 -15.96 -14.91 17.12
C PHE J 174 -14.54 -14.68 16.63
N ARG J 175 -13.61 -14.54 17.57
CA ARG J 175 -12.20 -14.40 17.29
C ARG J 175 -11.42 -15.30 18.22
N VAL J 176 -10.58 -16.16 17.65
CA VAL J 176 -9.75 -17.07 18.44
C VAL J 176 -8.34 -16.51 18.45
N ASP J 177 -7.91 -16.03 19.61
CA ASP J 177 -6.64 -15.33 19.74
C ASP J 177 -5.48 -16.31 19.94
N GLN J 178 -4.28 -15.81 19.70
CA GLN J 178 -3.06 -16.58 19.89
C GLN J 178 -2.57 -16.37 21.32
N GLY J 179 -2.05 -17.45 21.91
CA GLY J 179 -1.65 -17.43 23.31
C GLY J 179 -2.77 -17.72 24.29
N CYS J 180 -3.99 -17.93 23.80
CA CYS J 180 -5.15 -18.21 24.63
C CYS J 180 -5.71 -19.59 24.31
N TRP J 181 -6.63 -20.05 25.16
CA TRP J 181 -7.32 -21.30 24.94
C TRP J 181 -8.82 -21.08 25.05
N SER J 182 -9.58 -22.02 24.48
CA SER J 182 -11.03 -22.00 24.52
C SER J 182 -11.52 -23.40 24.82
N ALA J 183 -12.78 -23.49 25.23
CA ALA J 183 -13.38 -24.78 25.58
C ALA J 183 -14.83 -24.82 25.13
N ILE J 184 -15.21 -25.95 24.53
CA ILE J 184 -16.59 -26.21 24.14
C ILE J 184 -17.01 -27.54 24.74
N ASP J 185 -18.12 -27.53 25.46
CA ASP J 185 -18.69 -28.76 26.01
C ASP J 185 -19.80 -29.23 25.09
N ILE J 186 -19.87 -30.55 24.88
CA ILE J 186 -20.87 -31.16 24.01
C ILE J 186 -21.51 -32.30 24.79
N ASN J 187 -22.80 -32.17 25.08
CA ASN J 187 -23.56 -33.21 25.76
C ASN J 187 -24.94 -33.28 25.14
N GLN J 188 -25.36 -34.48 24.76
CA GLN J 188 -26.65 -34.70 24.13
C GLN J 188 -26.84 -33.79 22.91
N LYS J 189 -25.83 -33.81 22.03
CA LYS J 189 -25.85 -33.08 20.77
C LYS J 189 -25.89 -31.56 20.97
N PHE J 190 -25.86 -31.10 22.22
CA PHE J 190 -25.90 -29.68 22.52
C PHE J 190 -24.51 -29.17 22.85
N ALA J 191 -24.04 -28.17 22.12
CA ALA J 191 -22.73 -27.56 22.33
C ALA J 191 -22.90 -26.25 23.10
N THR J 192 -22.11 -26.09 24.15
CA THR J 192 -22.10 -24.88 24.96
C THR J 192 -20.69 -24.30 24.94
N LEU J 193 -20.56 -23.07 24.46
CA LEU J 193 -19.27 -22.39 24.46
C LEU J 193 -18.95 -21.97 25.89
N ARG J 194 -18.05 -22.69 26.54
CA ARG J 194 -17.79 -22.46 27.97
C ARG J 194 -16.73 -21.41 28.22
N VAL J 195 -15.63 -21.45 27.48
CA VAL J 195 -14.53 -20.50 27.63
C VAL J 195 -14.06 -20.08 26.25
N LEU J 196 -13.79 -18.79 26.08
CA LEU J 196 -13.26 -18.26 24.83
C LEU J 196 -12.10 -17.32 25.14
N ASN J 197 -10.93 -17.61 24.58
CA ASN J 197 -9.75 -16.76 24.67
C ASN J 197 -9.41 -16.43 26.12
N SER J 198 -9.01 -17.47 26.84
CA SER J 198 -8.61 -17.33 28.24
C SER J 198 -7.10 -17.49 28.37
N ARG J 199 -6.52 -16.68 29.25
CA ARG J 199 -5.11 -16.80 29.62
C ARG J 199 -4.95 -17.27 31.06
N ALA J 200 -5.98 -17.88 31.63
CA ALA J 200 -5.95 -18.39 32.99
C ALA J 200 -5.61 -19.87 32.98
N ILE J 201 -5.50 -20.44 34.18
CA ILE J 201 -5.16 -21.85 34.32
C ILE J 201 -6.40 -22.69 34.06
N GLY J 202 -6.26 -23.72 33.22
CA GLY J 202 -7.39 -24.53 32.84
C GLY J 202 -7.77 -25.53 33.93
N VAL J 203 -9.07 -25.76 34.06
CA VAL J 203 -9.63 -26.68 35.05
C VAL J 203 -10.59 -27.60 34.31
N GLU J 204 -10.29 -28.90 34.32
CA GLU J 204 -11.17 -29.88 33.72
C GLU J 204 -12.36 -30.16 34.63
N ASN J 205 -13.47 -30.57 34.03
CA ASN J 205 -14.69 -30.86 34.77
C ASN J 205 -15.02 -32.35 34.74
N MSE K 4 -34.87 -58.38 -49.42
CA MSE K 4 -33.72 -58.96 -48.75
C MSE K 4 -33.02 -57.96 -47.83
O MSE K 4 -33.11 -56.75 -48.04
CB MSE K 4 -32.72 -59.52 -49.76
CG MSE K 4 -31.90 -58.45 -50.48
SE MSE K 4 -30.76 -59.21 -51.87
CE MSE K 4 -29.68 -57.64 -52.28
N ARG K 5 -32.33 -58.48 -46.82
CA ARG K 5 -31.58 -57.65 -45.89
C ARG K 5 -30.10 -57.96 -46.03
N LEU K 6 -29.29 -56.90 -46.18
CA LEU K 6 -27.84 -57.03 -46.26
C LEU K 6 -27.26 -56.68 -44.89
N TRP K 7 -26.80 -57.70 -44.16
CA TRP K 7 -26.08 -57.49 -42.91
C TRP K 7 -24.63 -57.18 -43.24
N LEU K 8 -24.17 -56.00 -42.87
CA LEU K 8 -22.83 -55.52 -43.21
C LEU K 8 -21.94 -55.58 -41.99
N ILE K 9 -20.74 -56.12 -42.17
CA ILE K 9 -19.75 -56.25 -41.11
C ILE K 9 -18.39 -55.87 -41.67
N ARG K 10 -17.71 -54.93 -41.00
CA ARG K 10 -16.32 -54.61 -41.32
C ARG K 10 -15.40 -55.47 -40.47
N HIS K 11 -14.32 -55.95 -41.07
CA HIS K 11 -13.36 -56.77 -40.34
C HIS K 11 -12.85 -56.03 -39.10
N GLY K 12 -12.40 -56.81 -38.12
CA GLY K 12 -11.92 -56.26 -36.87
C GLY K 12 -10.62 -55.50 -37.01
N GLU K 13 -10.15 -54.99 -35.87
CA GLU K 13 -8.97 -54.15 -35.85
C GLU K 13 -7.72 -54.97 -36.17
N THR K 14 -6.94 -54.49 -37.13
CA THR K 14 -5.68 -55.11 -37.53
C THR K 14 -4.50 -54.34 -36.95
N GLN K 15 -3.31 -54.90 -37.12
CA GLN K 15 -2.10 -54.22 -36.67
C GLN K 15 -1.79 -53.01 -37.53
N ALA K 16 -2.06 -53.09 -38.84
CA ALA K 16 -1.92 -51.92 -39.70
C ALA K 16 -2.81 -50.78 -39.21
N ASN K 17 -3.95 -51.14 -38.64
CA ASN K 17 -4.84 -50.16 -38.06
C ASN K 17 -4.19 -49.49 -36.88
N VAL K 18 -3.58 -50.28 -36.00
CA VAL K 18 -2.96 -49.75 -34.79
C VAL K 18 -1.83 -48.79 -35.14
N ASP K 19 -0.89 -49.23 -35.98
CA ASP K 19 0.21 -48.37 -36.39
C ASP K 19 -0.22 -47.35 -37.44
N GLY K 20 -1.49 -47.30 -37.81
CA GLY K 20 -2.02 -46.27 -38.67
C GLY K 20 -1.51 -46.25 -40.10
N LEU K 21 -1.37 -47.42 -40.73
CA LEU K 21 -0.89 -47.50 -42.09
C LEU K 21 -2.04 -47.60 -43.09
N TYR K 22 -1.72 -47.28 -44.34
CA TYR K 22 -2.63 -47.54 -45.45
C TYR K 22 -2.64 -49.04 -45.74
N SER K 23 -3.71 -49.72 -45.34
CA SER K 23 -3.85 -51.14 -45.61
C SER K 23 -4.60 -51.33 -46.92
N GLY K 24 -4.19 -52.34 -47.69
CA GLY K 24 -4.86 -52.66 -48.94
C GLY K 24 -4.95 -54.14 -49.16
N HIS K 25 -4.39 -54.63 -50.26
CA HIS K 25 -4.30 -56.06 -50.49
C HIS K 25 -3.21 -56.72 -49.66
N ALA K 26 -2.35 -55.93 -49.01
CA ALA K 26 -1.30 -56.51 -48.18
C ALA K 26 -1.90 -57.17 -46.94
N PRO K 27 -1.36 -58.32 -46.54
CA PRO K 27 -1.92 -59.01 -45.36
C PRO K 27 -1.53 -58.33 -44.07
N THR K 28 -2.49 -58.28 -43.15
CA THR K 28 -2.24 -57.75 -41.81
C THR K 28 -3.12 -58.53 -40.85
N PRO K 29 -2.60 -58.92 -39.70
CA PRO K 29 -3.37 -59.79 -38.80
C PRO K 29 -4.30 -59.00 -37.90
N LEU K 30 -5.40 -59.66 -37.52
CA LEU K 30 -6.30 -59.09 -36.51
C LEU K 30 -5.56 -58.96 -35.18
N THR K 31 -5.76 -57.81 -34.52
CA THR K 31 -5.29 -57.70 -33.16
C THR K 31 -6.19 -58.48 -32.22
N ALA K 32 -5.71 -58.70 -31.00
CA ALA K 32 -6.52 -59.36 -29.99
C ALA K 32 -7.84 -58.61 -29.79
N ARG K 33 -7.81 -57.29 -29.95
CA ARG K 33 -9.04 -56.51 -29.91
C ARG K 33 -9.91 -56.80 -31.12
N GLY K 34 -9.31 -56.84 -32.31
CA GLY K 34 -10.07 -57.17 -33.50
C GLY K 34 -10.65 -58.56 -33.48
N ILE K 35 -9.97 -59.50 -32.83
CA ILE K 35 -10.49 -60.84 -32.69
C ILE K 35 -11.69 -60.87 -31.76
N GLU K 36 -11.58 -60.15 -30.66
CA GLU K 36 -12.66 -60.06 -29.70
C GLU K 36 -13.87 -59.36 -30.25
N GLN K 37 -13.64 -58.37 -31.10
CA GLN K 37 -14.74 -57.70 -31.73
C GLN K 37 -15.53 -58.70 -32.53
N ALA K 38 -14.86 -59.57 -33.28
CA ALA K 38 -15.59 -60.57 -34.07
C ALA K 38 -16.29 -61.58 -33.16
N GLN K 39 -15.64 -61.99 -32.09
CA GLN K 39 -16.22 -62.93 -31.16
C GLN K 39 -17.47 -62.34 -30.53
N ASN K 40 -17.39 -61.06 -30.15
CA ASN K 40 -18.55 -60.35 -29.60
C ASN K 40 -19.65 -60.22 -30.65
N LEU K 41 -19.27 -60.00 -31.91
CA LEU K 41 -20.27 -59.93 -32.97
C LEU K 41 -20.94 -61.27 -33.20
N HIS K 42 -20.26 -62.37 -32.88
CA HIS K 42 -20.87 -63.68 -33.03
C HIS K 42 -22.14 -63.79 -32.22
N THR K 43 -22.06 -63.49 -30.92
CA THR K 43 -23.22 -63.61 -30.06
C THR K 43 -24.24 -62.51 -30.32
N LEU K 44 -23.78 -61.34 -30.79
CA LEU K 44 -24.72 -60.30 -31.17
C LEU K 44 -25.63 -60.75 -32.31
N LEU K 45 -25.06 -61.47 -33.29
CA LEU K 45 -25.80 -61.95 -34.44
C LEU K 45 -26.14 -63.43 -34.31
N ASP K 46 -26.16 -63.95 -33.09
CA ASP K 46 -26.37 -65.39 -32.88
C ASP K 46 -27.74 -65.83 -33.37
N ASP K 47 -28.76 -65.00 -33.17
CA ASP K 47 -30.14 -65.35 -33.50
C ASP K 47 -30.58 -64.78 -34.84
N VAL K 48 -29.63 -64.52 -35.74
CA VAL K 48 -29.94 -64.11 -37.11
C VAL K 48 -29.66 -65.30 -38.01
N SER K 49 -30.69 -65.74 -38.74
CA SER K 49 -30.57 -66.90 -39.63
C SER K 49 -30.09 -66.43 -41.00
N PHE K 50 -28.79 -66.17 -41.08
CA PHE K 50 -28.18 -65.89 -42.37
C PHE K 50 -28.37 -67.10 -43.28
N ASP K 51 -28.77 -66.84 -44.52
CA ASP K 51 -28.82 -67.88 -45.53
C ASP K 51 -27.73 -67.72 -46.58
N LEU K 52 -26.84 -66.75 -46.42
CA LEU K 52 -25.74 -66.54 -47.34
C LEU K 52 -24.69 -65.67 -46.66
N VAL K 53 -23.43 -65.97 -46.91
CA VAL K 53 -22.31 -65.18 -46.40
C VAL K 53 -21.38 -64.86 -47.55
N LEU K 54 -21.20 -63.57 -47.84
CA LEU K 54 -20.26 -63.09 -48.83
C LEU K 54 -19.09 -62.44 -48.11
N CYS K 55 -17.87 -62.76 -48.54
CA CYS K 55 -16.67 -62.31 -47.86
C CYS K 55 -15.62 -61.93 -48.89
N SER K 56 -14.82 -60.92 -48.56
CA SER K 56 -13.71 -60.53 -49.40
C SER K 56 -12.57 -61.55 -49.26
N GLU K 57 -11.66 -61.53 -50.24
CA GLU K 57 -10.57 -62.51 -50.25
C GLU K 57 -9.66 -62.33 -49.06
N LEU K 58 -9.39 -61.08 -48.66
CA LEU K 58 -8.35 -60.79 -47.70
C LEU K 58 -8.59 -61.54 -46.39
N GLU K 59 -7.50 -62.11 -45.85
CA GLU K 59 -7.61 -63.02 -44.72
C GLU K 59 -8.20 -62.36 -43.48
N ARG K 60 -7.97 -61.05 -43.31
CA ARG K 60 -8.52 -60.36 -42.15
C ARG K 60 -10.05 -60.37 -42.17
N ALA K 61 -10.65 -60.37 -43.36
CA ALA K 61 -12.10 -60.50 -43.46
C ALA K 61 -12.54 -61.95 -43.28
N GLN K 62 -11.79 -62.90 -43.88
CA GLN K 62 -12.13 -64.31 -43.72
C GLN K 62 -12.00 -64.73 -42.26
N HIS K 63 -10.95 -64.25 -41.57
CA HIS K 63 -10.81 -64.53 -40.14
C HIS K 63 -11.96 -63.95 -39.35
N THR K 64 -12.39 -62.72 -39.69
CA THR K 64 -13.54 -62.13 -39.04
C THR K 64 -14.79 -62.99 -39.25
N ALA K 65 -15.01 -63.44 -40.50
CA ALA K 65 -16.19 -64.25 -40.79
C ALA K 65 -16.14 -65.57 -40.04
N ARG K 66 -14.96 -66.18 -39.93
CA ARG K 66 -14.84 -67.42 -39.17
C ARG K 66 -15.28 -67.24 -37.73
N LEU K 67 -14.90 -66.13 -37.11
CA LEU K 67 -15.21 -65.91 -35.70
C LEU K 67 -16.67 -65.51 -35.50
N VAL K 68 -17.22 -64.73 -36.42
CA VAL K 68 -18.59 -64.27 -36.29
C VAL K 68 -19.57 -65.44 -36.40
N LEU K 69 -19.30 -66.37 -37.31
CA LEU K 69 -20.20 -67.50 -37.47
C LEU K 69 -19.82 -68.70 -36.64
N SER K 70 -18.57 -68.79 -36.19
CA SER K 70 -18.15 -69.81 -35.24
C SER K 70 -18.54 -71.22 -35.70
N ASP K 71 -19.53 -71.83 -35.06
CA ASP K 71 -19.91 -73.21 -35.29
C ASP K 71 -21.20 -73.34 -36.11
N ARG K 72 -21.48 -72.38 -36.99
CA ARG K 72 -22.72 -72.42 -37.76
C ARG K 72 -22.57 -73.12 -39.11
N GLN K 73 -21.35 -73.21 -39.64
CA GLN K 73 -21.01 -74.08 -40.77
C GLN K 73 -21.63 -73.59 -42.09
N LEU K 74 -22.24 -72.40 -42.09
CA LEU K 74 -22.81 -71.84 -43.31
C LEU K 74 -21.75 -71.71 -44.41
N PRO K 75 -22.16 -71.76 -45.69
CA PRO K 75 -21.20 -71.58 -46.78
C PRO K 75 -20.83 -70.12 -46.97
N VAL K 76 -19.53 -69.87 -47.17
CA VAL K 76 -18.98 -68.52 -47.24
C VAL K 76 -18.43 -68.31 -48.65
N HIS K 77 -19.05 -67.43 -49.43
CA HIS K 77 -18.63 -67.15 -50.78
C HIS K 77 -17.57 -66.05 -50.76
N ILE K 78 -16.38 -66.37 -51.25
CA ILE K 78 -15.30 -65.38 -51.37
C ILE K 78 -15.50 -64.60 -52.66
N ILE K 79 -15.75 -63.31 -52.54
CA ILE K 79 -16.08 -62.45 -53.67
C ILE K 79 -14.92 -61.49 -53.90
N PRO K 80 -14.28 -61.52 -55.08
CA PRO K 80 -13.17 -60.59 -55.33
C PRO K 80 -13.60 -59.14 -55.43
N GLU K 81 -14.86 -58.87 -55.78
CA GLU K 81 -15.35 -57.50 -55.85
C GLU K 81 -15.51 -56.86 -54.47
N LEU K 82 -15.41 -57.64 -53.41
CA LEU K 82 -15.48 -57.14 -52.04
C LEU K 82 -14.12 -56.80 -51.46
N ASN K 83 -13.06 -56.93 -52.26
CA ASN K 83 -11.70 -56.70 -51.75
C ASN K 83 -11.46 -55.23 -51.45
N GLU K 84 -10.55 -54.98 -50.52
CA GLU K 84 -10.10 -53.63 -50.25
C GLU K 84 -9.46 -53.04 -51.50
N MSE K 85 -9.50 -51.71 -51.60
CA MSE K 85 -8.84 -51.03 -52.72
C MSE K 85 -7.36 -51.34 -52.71
O MSE K 85 -6.71 -51.32 -51.67
CB MSE K 85 -9.05 -49.52 -52.67
CG MSE K 85 -8.24 -48.78 -53.72
SE MSE K 85 -8.76 -46.93 -54.01
CE MSE K 85 -8.12 -46.17 -52.33
N PHE K 86 -6.82 -51.64 -53.89
CA PHE K 86 -5.40 -51.89 -54.04
C PHE K 86 -4.67 -50.55 -53.99
N PHE K 87 -3.73 -50.42 -53.06
CA PHE K 87 -3.00 -49.17 -52.86
C PHE K 87 -1.59 -49.19 -53.44
N GLY K 88 -1.11 -50.34 -53.89
CA GLY K 88 0.17 -50.39 -54.58
C GLY K 88 1.33 -50.21 -53.61
N ASP K 89 2.29 -49.37 -54.00
CA ASP K 89 3.48 -49.15 -53.19
C ASP K 89 3.18 -48.40 -51.91
N TRP K 90 2.00 -47.78 -51.81
CA TRP K 90 1.65 -47.06 -50.59
C TRP K 90 1.11 -47.97 -49.50
N GLU K 91 0.89 -49.25 -49.80
CA GLU K 91 0.35 -50.15 -48.79
C GLU K 91 1.35 -50.35 -47.65
N MSE K 92 0.79 -50.55 -46.45
CA MSE K 92 1.58 -50.73 -45.23
C MSE K 92 2.53 -49.58 -44.98
O MSE K 92 3.59 -49.76 -44.38
CB MSE K 92 2.35 -52.06 -45.28
CG MSE K 92 1.46 -53.27 -45.37
SE MSE K 92 0.11 -53.29 -43.97
CE MSE K 92 1.24 -53.76 -42.44
N ARG K 93 2.16 -48.39 -45.42
CA ARG K 93 2.98 -47.20 -45.24
C ARG K 93 2.11 -46.05 -44.74
N HIS K 94 2.75 -45.14 -44.01
CA HIS K 94 2.05 -44.10 -43.29
C HIS K 94 1.87 -42.84 -44.11
N HIS K 95 0.78 -42.12 -43.83
CA HIS K 95 0.53 -40.86 -44.51
C HIS K 95 1.64 -39.84 -44.24
N ARG K 96 2.16 -39.82 -43.01
CA ARG K 96 3.20 -38.86 -42.65
C ARG K 96 4.46 -39.05 -43.49
N ASP K 97 4.89 -40.30 -43.66
CA ASP K 97 6.10 -40.59 -44.43
C ASP K 97 5.86 -40.44 -45.93
N LEU K 98 4.69 -40.88 -46.41
CA LEU K 98 4.41 -40.83 -47.85
C LEU K 98 4.43 -39.41 -48.39
N MSE K 99 4.16 -38.42 -47.53
CA MSE K 99 4.16 -37.03 -47.95
C MSE K 99 5.57 -36.54 -48.33
O MSE K 99 5.72 -35.58 -49.06
CB MSE K 99 3.60 -36.13 -46.84
CG MSE K 99 2.09 -36.09 -46.78
SE MSE K 99 1.41 -34.60 -45.72
CE MSE K 99 2.20 -33.11 -46.70
N GLN K 100 6.57 -37.22 -47.80
CA GLN K 100 7.97 -36.93 -48.08
C GLN K 100 8.62 -37.95 -49.01
N GLU K 101 8.26 -39.23 -48.87
CA GLU K 101 8.90 -40.26 -49.67
C GLU K 101 8.48 -40.17 -51.13
N ASP K 102 7.18 -40.04 -51.37
CA ASP K 102 6.58 -39.99 -52.70
C ASP K 102 5.73 -38.74 -52.83
N ALA K 103 6.35 -37.58 -52.61
CA ALA K 103 5.61 -36.35 -52.39
C ALA K 103 4.73 -36.00 -53.58
N GLU K 104 5.29 -36.03 -54.79
CA GLU K 104 4.56 -35.60 -55.98
C GLU K 104 3.32 -36.44 -56.20
N ASN K 105 3.48 -37.76 -56.32
CA ASN K 105 2.35 -38.62 -56.59
C ASN K 105 1.35 -38.63 -55.43
N TYR K 106 1.84 -38.52 -54.20
CA TYR K 106 0.93 -38.55 -53.05
C TYR K 106 0.16 -37.25 -52.90
N SER K 107 0.82 -36.11 -53.10
CA SER K 107 0.12 -34.84 -53.02
C SER K 107 -0.94 -34.71 -54.12
N ALA K 108 -0.74 -35.41 -55.24
CA ALA K 108 -1.77 -35.43 -56.28
C ALA K 108 -2.97 -36.26 -55.84
N TRP K 109 -2.73 -37.34 -55.10
CA TRP K 109 -3.83 -38.14 -54.60
C TRP K 109 -4.59 -37.42 -53.48
N CYS K 110 -3.89 -36.61 -52.69
CA CYS K 110 -4.57 -35.88 -51.63
C CYS K 110 -5.52 -34.83 -52.18
N ASN K 111 -5.21 -34.26 -53.35
CA ASN K 111 -6.05 -33.22 -53.93
C ASN K 111 -7.12 -33.76 -54.86
N ASP K 112 -6.90 -34.92 -55.47
CA ASP K 112 -7.84 -35.51 -56.41
C ASP K 112 -7.93 -37.02 -56.18
N TRP K 113 -8.40 -37.40 -54.99
CA TRP K 113 -8.44 -38.82 -54.62
C TRP K 113 -9.39 -39.61 -55.49
N GLN K 114 -10.35 -38.96 -56.15
CA GLN K 114 -11.30 -39.69 -56.97
C GLN K 114 -10.70 -40.17 -58.30
N HIS K 115 -9.61 -39.55 -58.73
CA HIS K 115 -9.02 -39.88 -60.03
C HIS K 115 -7.53 -40.17 -59.95
N ALA K 116 -6.80 -39.49 -59.09
CA ALA K 116 -5.35 -39.69 -59.00
C ALA K 116 -5.04 -41.12 -58.54
N ILE K 117 -4.17 -41.79 -59.29
CA ILE K 117 -3.85 -43.19 -59.06
C ILE K 117 -2.71 -43.29 -58.04
N PRO K 118 -2.84 -44.13 -57.02
CA PRO K 118 -1.68 -44.42 -56.16
C PRO K 118 -0.58 -45.08 -56.96
N THR K 119 0.64 -44.95 -56.47
CA THR K 119 1.80 -45.49 -57.17
C THR K 119 1.69 -47.00 -57.30
N ASN K 120 1.53 -47.47 -58.54
CA ASN K 120 1.45 -48.90 -58.85
C ASN K 120 0.27 -49.58 -58.17
N GLY K 121 -0.80 -48.83 -57.92
CA GLY K 121 -2.03 -49.36 -57.36
C GLY K 121 -3.21 -49.06 -58.26
N GLU K 122 -4.39 -49.44 -57.78
CA GLU K 122 -5.63 -49.13 -58.49
C GLU K 122 -6.18 -47.81 -57.99
N GLY K 123 -6.78 -47.05 -58.91
CA GLY K 123 -7.38 -45.79 -58.56
C GLY K 123 -8.79 -45.95 -58.02
N PHE K 124 -9.40 -44.81 -57.71
CA PHE K 124 -10.76 -44.84 -57.20
C PHE K 124 -11.75 -45.25 -58.28
N GLN K 125 -11.51 -44.81 -59.52
CA GLN K 125 -12.41 -45.17 -60.61
C GLN K 125 -12.48 -46.68 -60.80
N ALA K 126 -11.32 -47.35 -60.78
CA ALA K 126 -11.33 -48.80 -60.88
C ALA K 126 -11.97 -49.43 -59.65
N PHE K 127 -11.67 -48.90 -58.47
CA PHE K 127 -12.22 -49.44 -57.23
C PHE K 127 -13.74 -49.33 -57.21
N SER K 128 -14.27 -48.13 -57.47
CA SER K 128 -15.71 -47.91 -57.41
C SER K 128 -16.45 -48.67 -58.51
N GLN K 129 -15.84 -48.79 -59.69
CA GLN K 129 -16.47 -49.59 -60.73
C GLN K 129 -16.53 -51.06 -60.33
N ARG K 130 -15.54 -51.54 -59.58
CA ARG K 130 -15.58 -52.91 -59.09
C ARG K 130 -16.72 -53.10 -58.08
N VAL K 131 -16.87 -52.15 -57.14
CA VAL K 131 -17.99 -52.23 -56.21
C VAL K 131 -19.31 -52.12 -56.96
N GLU K 132 -19.34 -51.29 -58.01
CA GLU K 132 -20.54 -51.17 -58.82
C GLU K 132 -20.93 -52.51 -59.43
N ARG K 133 -19.94 -53.28 -59.89
CA ARG K 133 -20.23 -54.59 -60.46
C ARG K 133 -20.82 -55.52 -59.40
N PHE K 134 -20.27 -55.49 -58.18
CA PHE K 134 -20.83 -56.30 -57.11
C PHE K 134 -22.29 -55.96 -56.86
N ILE K 135 -22.62 -54.67 -56.84
CA ILE K 135 -24.00 -54.24 -56.63
C ILE K 135 -24.89 -54.82 -57.73
N ALA K 136 -24.45 -54.72 -58.98
CA ALA K 136 -25.20 -55.32 -60.08
C ALA K 136 -25.37 -56.81 -59.87
N ARG K 137 -24.37 -57.46 -59.25
CA ARG K 137 -24.44 -58.89 -58.98
C ARG K 137 -25.38 -59.24 -57.83
N LEU K 138 -25.98 -58.25 -57.17
CA LEU K 138 -26.82 -58.56 -56.01
C LEU K 138 -28.08 -59.30 -56.43
N SER K 139 -28.63 -58.95 -57.61
CA SER K 139 -29.82 -59.62 -58.10
C SER K 139 -29.59 -61.11 -58.32
N GLU K 140 -28.33 -61.54 -58.35
CA GLU K 140 -28.02 -62.97 -58.43
C GLU K 140 -28.48 -63.70 -57.16
N TYR K 141 -28.48 -63.02 -56.02
CA TYR K 141 -28.92 -63.60 -54.75
C TYR K 141 -30.35 -63.23 -54.40
N GLN K 142 -31.20 -63.03 -55.40
CA GLN K 142 -32.55 -62.50 -55.17
C GLN K 142 -33.40 -63.42 -54.29
N HIS K 143 -33.05 -64.70 -54.19
CA HIS K 143 -33.85 -65.64 -53.42
C HIS K 143 -33.36 -65.81 -51.99
N TYR K 144 -32.27 -65.16 -51.61
CA TYR K 144 -31.82 -65.16 -50.23
C TYR K 144 -32.45 -63.98 -49.49
N GLN K 145 -32.60 -64.14 -48.17
CA GLN K 145 -33.27 -63.15 -47.34
C GLN K 145 -32.35 -62.42 -46.37
N ASN K 146 -31.30 -63.08 -45.89
CA ASN K 146 -30.39 -62.49 -44.89
C ASN K 146 -28.96 -62.79 -45.32
N ILE K 147 -28.40 -61.92 -46.16
CA ILE K 147 -27.06 -62.09 -46.69
C ILE K 147 -26.08 -61.33 -45.81
N LEU K 148 -25.07 -62.03 -45.31
CA LEU K 148 -24.01 -61.40 -44.55
C LEU K 148 -22.88 -61.00 -45.50
N ILE K 149 -22.37 -59.79 -45.30
CA ILE K 149 -21.29 -59.24 -46.12
C ILE K 149 -20.16 -58.81 -45.21
N VAL K 150 -19.04 -59.52 -45.26
CA VAL K 150 -17.85 -59.16 -44.50
C VAL K 150 -16.84 -58.60 -45.48
N SER K 151 -16.46 -57.33 -45.28
CA SER K 151 -15.53 -56.66 -46.18
C SER K 151 -14.79 -55.54 -45.46
N HIS K 152 -14.55 -54.43 -46.16
CA HIS K 152 -13.66 -53.38 -45.69
C HIS K 152 -14.41 -52.06 -45.57
N GLN K 153 -13.73 -51.07 -44.99
CA GLN K 153 -14.36 -49.80 -44.71
C GLN K 153 -14.77 -49.09 -46.01
N GLY K 154 -13.84 -48.99 -46.96
CA GLY K 154 -14.16 -48.33 -48.21
C GLY K 154 -15.27 -49.03 -48.96
N VAL K 155 -15.27 -50.36 -48.95
CA VAL K 155 -16.26 -51.13 -49.71
C VAL K 155 -17.67 -50.89 -49.18
N LEU K 156 -17.85 -51.09 -47.88
CA LEU K 156 -19.19 -51.07 -47.30
C LEU K 156 -19.79 -49.66 -47.33
N SER K 157 -19.00 -48.64 -47.02
CA SER K 157 -19.53 -47.28 -47.03
C SER K 157 -19.89 -46.83 -48.44
N LEU K 158 -19.08 -47.22 -49.43
CA LEU K 158 -19.43 -46.94 -50.81
C LEU K 158 -20.65 -47.74 -51.24
N LEU K 159 -20.75 -48.99 -50.79
CA LEU K 159 -21.93 -49.81 -51.06
C LEU K 159 -23.18 -49.14 -50.54
N ILE K 160 -23.13 -48.61 -49.32
CA ILE K 160 -24.29 -47.93 -48.75
C ILE K 160 -24.64 -46.70 -49.58
N ALA K 161 -23.63 -45.88 -49.91
CA ALA K 161 -23.88 -44.66 -50.64
C ALA K 161 -24.50 -44.94 -52.01
N ARG K 162 -23.98 -45.95 -52.72
CA ARG K 162 -24.48 -46.22 -54.05
C ARG K 162 -25.84 -46.91 -54.02
N LEU K 163 -26.11 -47.70 -52.98
CA LEU K 163 -27.40 -48.39 -52.90
C LEU K 163 -28.55 -47.43 -52.65
N ILE K 164 -28.30 -46.33 -51.92
CA ILE K 164 -29.36 -45.36 -51.65
C ILE K 164 -29.32 -44.23 -52.67
N GLY K 165 -28.56 -44.42 -53.74
CA GLY K 165 -28.64 -43.55 -54.90
C GLY K 165 -27.66 -42.38 -54.92
N MSE K 166 -26.71 -42.33 -54.01
CA MSE K 166 -25.76 -41.22 -53.97
C MSE K 166 -24.56 -41.45 -54.87
O MSE K 166 -24.25 -42.59 -55.21
CB MSE K 166 -25.30 -40.98 -52.53
CG MSE K 166 -26.42 -40.88 -51.53
SE MSE K 166 -25.74 -40.46 -49.75
CE MSE K 166 -25.16 -38.63 -50.07
N PRO K 167 -23.90 -40.38 -55.29
CA PRO K 167 -22.67 -40.53 -56.08
C PRO K 167 -21.57 -41.19 -55.26
N ALA K 168 -20.63 -41.80 -55.98
CA ALA K 168 -19.57 -42.57 -55.32
C ALA K 168 -18.77 -41.69 -54.35
N GLU K 169 -18.55 -40.43 -54.70
CA GLU K 169 -17.81 -39.52 -53.85
C GLU K 169 -18.47 -39.35 -52.48
N SER K 170 -19.77 -39.63 -52.37
CA SER K 170 -20.50 -39.43 -51.14
C SER K 170 -20.26 -40.52 -50.10
N MSE K 171 -19.39 -41.48 -50.37
CA MSE K 171 -19.17 -42.60 -49.46
C MSE K 171 -18.71 -42.16 -48.08
O MSE K 171 -18.93 -42.85 -47.09
CB MSE K 171 -18.14 -43.57 -50.05
CG MSE K 171 -16.82 -42.93 -50.45
SE MSE K 171 -15.43 -44.23 -50.90
CE MSE K 171 -15.24 -45.09 -49.17
N TRP K 172 -18.07 -40.98 -48.01
CA TRP K 172 -17.47 -40.54 -46.76
C TRP K 172 -18.49 -40.00 -45.77
N HIS K 173 -19.70 -39.68 -46.22
CA HIS K 173 -20.77 -39.32 -45.30
C HIS K 173 -21.16 -40.46 -44.37
N PHE K 174 -20.68 -41.68 -44.65
CA PHE K 174 -20.93 -42.85 -43.82
C PHE K 174 -19.60 -43.41 -43.36
N ARG K 175 -19.51 -43.74 -42.07
CA ARG K 175 -18.35 -44.42 -41.51
C ARG K 175 -18.82 -45.78 -41.00
N VAL K 176 -18.08 -46.83 -41.36
CA VAL K 176 -18.37 -48.18 -40.91
C VAL K 176 -17.31 -48.55 -39.88
N ASP K 177 -17.74 -48.70 -38.63
CA ASP K 177 -16.83 -48.94 -37.52
C ASP K 177 -16.59 -50.44 -37.34
N GLN K 178 -15.49 -50.77 -36.68
CA GLN K 178 -15.17 -52.15 -36.37
C GLN K 178 -15.82 -52.56 -35.05
N GLY K 179 -16.16 -53.83 -34.95
CA GLY K 179 -16.91 -54.33 -33.82
C GLY K 179 -18.40 -54.08 -33.87
N CYS K 180 -18.88 -53.42 -34.93
CA CYS K 180 -20.29 -53.08 -35.10
C CYS K 180 -20.88 -53.87 -36.26
N TRP K 181 -22.18 -53.69 -36.47
CA TRP K 181 -22.87 -54.26 -37.62
C TRP K 181 -23.90 -53.26 -38.11
N SER K 182 -24.13 -53.27 -39.43
CA SER K 182 -25.11 -52.43 -40.09
C SER K 182 -26.07 -53.31 -40.87
N ALA K 183 -27.13 -52.68 -41.40
CA ALA K 183 -28.15 -53.43 -42.11
C ALA K 183 -28.83 -52.54 -43.15
N ILE K 184 -28.95 -53.05 -44.36
CA ILE K 184 -29.71 -52.40 -45.42
C ILE K 184 -30.81 -53.36 -45.87
N ASP K 185 -32.00 -52.81 -46.05
CA ASP K 185 -33.13 -53.56 -46.60
C ASP K 185 -33.34 -53.12 -48.04
N ILE K 186 -33.30 -54.07 -48.97
CA ILE K 186 -33.58 -53.81 -50.37
C ILE K 186 -34.91 -54.47 -50.70
N ASN K 187 -35.92 -53.65 -50.98
CA ASN K 187 -37.24 -54.12 -51.34
C ASN K 187 -37.68 -53.40 -52.60
N GLN K 188 -37.88 -54.16 -53.68
CA GLN K 188 -38.37 -53.62 -54.95
C GLN K 188 -37.48 -52.48 -55.44
N LYS K 189 -36.18 -52.76 -55.56
CA LYS K 189 -35.15 -51.86 -56.07
C LYS K 189 -34.94 -50.64 -55.15
N PHE K 190 -35.69 -50.53 -54.06
CA PHE K 190 -35.53 -49.43 -53.11
C PHE K 190 -34.72 -49.93 -51.91
N ALA K 191 -33.57 -49.31 -51.68
CA ALA K 191 -32.73 -49.63 -50.53
C ALA K 191 -33.01 -48.64 -49.40
N THR K 192 -33.17 -49.17 -48.19
CA THR K 192 -33.37 -48.35 -46.99
C THR K 192 -32.34 -48.75 -45.96
N LEU K 193 -31.44 -47.82 -45.63
CA LEU K 193 -30.46 -48.07 -44.57
C LEU K 193 -31.18 -48.14 -43.23
N ARG K 194 -31.22 -49.33 -42.64
CA ARG K 194 -31.98 -49.58 -41.42
C ARG K 194 -31.16 -49.46 -40.16
N VAL K 195 -29.90 -49.90 -40.19
CA VAL K 195 -29.04 -49.90 -39.01
C VAL K 195 -27.64 -49.49 -39.47
N LEU K 196 -26.99 -48.64 -38.69
CA LEU K 196 -25.61 -48.25 -38.97
C LEU K 196 -24.80 -48.29 -37.68
N ASN K 197 -23.80 -49.16 -37.64
CA ASN K 197 -22.84 -49.23 -36.54
C ASN K 197 -23.56 -49.50 -35.20
N SER K 198 -24.25 -50.63 -35.15
CA SER K 198 -24.94 -51.06 -33.94
C SER K 198 -24.11 -52.08 -33.18
N ARG K 199 -24.10 -51.95 -31.86
CA ARG K 199 -23.52 -52.96 -30.98
C ARG K 199 -24.58 -53.70 -30.19
N ALA K 200 -25.85 -53.58 -30.58
CA ALA K 200 -26.94 -54.27 -29.91
C ALA K 200 -27.16 -55.64 -30.53
N ILE K 201 -28.07 -56.40 -29.91
CA ILE K 201 -28.44 -57.71 -30.44
C ILE K 201 -29.23 -57.52 -31.73
N GLY K 202 -28.84 -58.24 -32.77
CA GLY K 202 -29.54 -58.16 -34.03
C GLY K 202 -30.78 -59.05 -34.05
N VAL K 203 -31.81 -58.55 -34.73
CA VAL K 203 -33.06 -59.27 -34.92
C VAL K 203 -33.42 -59.25 -36.41
N GLU K 204 -33.66 -60.42 -36.98
CA GLU K 204 -33.99 -60.47 -38.40
C GLU K 204 -35.40 -59.96 -38.64
N ASN K 205 -35.67 -59.60 -39.89
CA ASN K 205 -36.95 -59.00 -40.25
C ASN K 205 -38.06 -60.04 -40.29
N ALA K 206 -39.28 -59.59 -39.98
CA ALA K 206 -40.46 -60.43 -40.01
C ALA K 206 -41.01 -60.55 -41.42
N MSE L 4 8.62 -12.16 -8.41
CA MSE L 4 10.07 -12.30 -8.42
C MSE L 4 10.76 -10.97 -8.15
O MSE L 4 10.19 -9.92 -8.39
CB MSE L 4 10.55 -12.87 -9.75
CG MSE L 4 10.17 -12.01 -10.94
SE MSE L 4 10.81 -12.68 -12.66
CE MSE L 4 9.38 -11.99 -13.80
N ARG L 5 11.99 -11.04 -7.66
CA ARG L 5 12.82 -9.87 -7.38
C ARG L 5 13.95 -9.80 -8.39
N LEU L 6 14.03 -8.67 -9.11
CA LEU L 6 15.13 -8.39 -10.02
C LEU L 6 16.10 -7.44 -9.34
N TRP L 7 17.32 -7.92 -9.09
CA TRP L 7 18.38 -7.08 -8.54
C TRP L 7 19.18 -6.49 -9.69
N LEU L 8 19.16 -5.17 -9.82
CA LEU L 8 19.71 -4.47 -10.98
C LEU L 8 21.08 -3.89 -10.63
N ILE L 9 22.06 -4.15 -11.48
CA ILE L 9 23.41 -3.62 -11.29
C ILE L 9 23.95 -3.17 -12.64
N ARG L 10 24.27 -1.89 -12.76
CA ARG L 10 24.98 -1.37 -13.91
C ARG L 10 26.48 -1.53 -13.67
N HIS L 11 27.20 -1.96 -14.71
CA HIS L 11 28.63 -2.22 -14.56
C HIS L 11 29.35 -0.93 -14.16
N GLY L 12 30.49 -1.10 -13.49
CA GLY L 12 31.24 0.01 -12.97
C GLY L 12 31.99 0.78 -14.05
N GLU L 13 32.76 1.77 -13.58
CA GLU L 13 33.44 2.71 -14.47
C GLU L 13 34.35 2.00 -15.47
N THR L 14 34.31 2.47 -16.71
CA THR L 14 35.19 2.03 -17.78
C THR L 14 36.08 3.19 -18.22
N GLN L 15 37.10 2.87 -19.00
CA GLN L 15 37.96 3.93 -19.53
C GLN L 15 37.20 4.81 -20.51
N ALA L 16 36.26 4.24 -21.26
CA ALA L 16 35.40 5.06 -22.11
C ALA L 16 34.59 6.06 -21.29
N ASN L 17 34.22 5.69 -20.06
CA ASN L 17 33.59 6.65 -19.17
C ASN L 17 34.55 7.76 -18.79
N VAL L 18 35.77 7.39 -18.37
CA VAL L 18 36.77 8.38 -18.01
C VAL L 18 37.01 9.34 -19.17
N ASP L 19 37.09 8.81 -20.39
CA ASP L 19 37.26 9.62 -21.58
C ASP L 19 35.96 10.28 -22.05
N GLY L 20 34.83 9.96 -21.42
CA GLY L 20 33.56 10.54 -21.82
C GLY L 20 33.14 10.20 -23.23
N LEU L 21 33.36 8.95 -23.64
CA LEU L 21 33.06 8.51 -24.99
C LEU L 21 31.73 7.76 -25.04
N TYR L 22 31.12 7.74 -26.23
CA TYR L 22 29.98 6.87 -26.46
C TYR L 22 30.40 5.42 -26.33
N SER L 23 29.65 4.66 -25.54
CA SER L 23 30.05 3.30 -25.16
C SER L 23 28.84 2.40 -25.25
N GLY L 24 28.85 1.49 -26.22
CA GLY L 24 27.76 0.55 -26.38
C GLY L 24 28.22 -0.88 -26.61
N HIS L 25 28.33 -1.29 -27.88
CA HIS L 25 28.81 -2.63 -28.19
C HIS L 25 30.33 -2.72 -28.21
N ALA L 26 31.02 -1.60 -28.36
CA ALA L 26 32.47 -1.63 -28.43
C ALA L 26 33.04 -2.02 -27.07
N PRO L 27 33.98 -2.97 -27.02
CA PRO L 27 34.55 -3.36 -25.72
C PRO L 27 35.41 -2.26 -25.13
N THR L 28 35.35 -2.14 -23.80
CA THR L 28 36.16 -1.20 -23.05
C THR L 28 36.29 -1.78 -21.65
N PRO L 29 37.49 -1.82 -21.09
CA PRO L 29 37.68 -2.52 -19.82
C PRO L 29 37.26 -1.68 -18.62
N LEU L 30 36.84 -2.40 -17.58
CA LEU L 30 36.66 -1.77 -16.28
C LEU L 30 37.96 -1.11 -15.83
N THR L 31 37.85 0.11 -15.32
CA THR L 31 38.99 0.72 -14.67
C THR L 31 39.22 0.05 -13.32
N ALA L 32 40.33 0.40 -12.67
CA ALA L 32 40.56 -0.07 -11.31
C ALA L 32 39.42 0.37 -10.39
N ARG L 33 38.86 1.55 -10.64
CA ARG L 33 37.71 2.01 -9.88
C ARG L 33 36.47 1.18 -10.20
N GLY L 34 36.25 0.87 -11.47
CA GLY L 34 35.14 0.01 -11.85
C GLY L 34 35.24 -1.38 -11.29
N ILE L 35 36.47 -1.88 -11.10
CA ILE L 35 36.66 -3.17 -10.45
C ILE L 35 36.33 -3.07 -8.97
N GLU L 36 36.76 -1.98 -8.31
CA GLU L 36 36.45 -1.79 -6.91
C GLU L 36 34.96 -1.58 -6.68
N GLN L 37 34.27 -0.95 -7.64
CA GLN L 37 32.83 -0.75 -7.50
C GLN L 37 32.10 -2.08 -7.46
N ALA L 38 32.48 -3.03 -8.31
CA ALA L 38 31.86 -4.35 -8.27
C ALA L 38 32.30 -5.13 -7.05
N GLN L 39 33.55 -4.95 -6.62
CA GLN L 39 34.03 -5.65 -5.44
C GLN L 39 33.30 -5.20 -4.18
N ASN L 40 33.03 -3.89 -4.08
CA ASN L 40 32.23 -3.40 -2.96
C ASN L 40 30.78 -3.87 -3.07
N LEU L 41 30.29 -4.08 -4.30
CA LEU L 41 28.94 -4.57 -4.48
C LEU L 41 28.80 -6.02 -4.04
N HIS L 42 29.84 -6.83 -4.23
CA HIS L 42 29.85 -8.17 -3.67
C HIS L 42 29.67 -8.13 -2.16
N THR L 43 30.37 -7.20 -1.50
CA THR L 43 30.24 -7.07 -0.05
C THR L 43 28.83 -6.62 0.33
N LEU L 44 28.29 -5.63 -0.37
CA LEU L 44 26.95 -5.14 -0.06
C LEU L 44 25.90 -6.22 -0.25
N LEU L 45 26.10 -7.13 -1.20
CA LEU L 45 25.11 -8.15 -1.54
C LEU L 45 25.55 -9.55 -1.15
N ASP L 46 26.43 -9.67 -0.16
CA ASP L 46 26.96 -10.98 0.21
C ASP L 46 25.89 -11.89 0.78
N ASP L 47 24.87 -11.33 1.43
CA ASP L 47 23.84 -12.15 2.07
C ASP L 47 22.65 -12.43 1.17
N VAL L 48 22.62 -11.88 -0.04
CA VAL L 48 21.51 -12.10 -0.97
C VAL L 48 21.78 -13.42 -1.70
N SER L 49 20.92 -14.41 -1.46
CA SER L 49 21.06 -15.72 -2.12
C SER L 49 20.43 -15.61 -3.49
N PHE L 50 21.23 -15.21 -4.47
CA PHE L 50 20.75 -15.07 -5.83
C PHE L 50 20.40 -16.44 -6.41
N ASP L 51 19.29 -16.49 -7.14
CA ASP L 51 18.82 -17.71 -7.80
C ASP L 51 19.26 -17.81 -9.25
N LEU L 52 19.55 -16.68 -9.89
CA LEU L 52 19.73 -16.59 -11.33
C LEU L 52 20.51 -15.31 -11.63
N VAL L 53 21.32 -15.37 -12.67
CA VAL L 53 22.09 -14.21 -13.10
C VAL L 53 21.91 -14.06 -14.59
N LEU L 54 21.36 -12.91 -15.01
CA LEU L 54 21.28 -12.54 -16.40
C LEU L 54 22.31 -11.45 -16.66
N CYS L 55 22.96 -11.50 -17.82
CA CYS L 55 24.08 -10.62 -18.06
C CYS L 55 24.13 -10.25 -19.54
N SER L 56 24.62 -9.06 -19.82
CA SER L 56 24.84 -8.65 -21.19
C SER L 56 26.07 -9.36 -21.75
N GLU L 57 26.15 -9.43 -23.08
CA GLU L 57 27.27 -10.09 -23.74
C GLU L 57 28.59 -9.38 -23.52
N LEU L 58 28.57 -8.07 -23.27
CA LEU L 58 29.79 -7.30 -23.18
C LEU L 58 30.62 -7.78 -21.98
N GLU L 59 31.92 -7.99 -22.22
CA GLU L 59 32.78 -8.58 -21.20
C GLU L 59 32.84 -7.73 -19.93
N ARG L 60 32.72 -6.41 -20.07
CA ARG L 60 32.77 -5.55 -18.89
C ARG L 60 31.60 -5.83 -17.95
N ALA L 61 30.44 -6.21 -18.51
CA ALA L 61 29.34 -6.63 -17.65
C ALA L 61 29.61 -7.99 -17.05
N GLN L 62 30.11 -8.93 -17.85
CA GLN L 62 30.46 -10.25 -17.32
C GLN L 62 31.56 -10.14 -16.27
N HIS L 63 32.50 -9.21 -16.47
CA HIS L 63 33.52 -8.94 -15.47
C HIS L 63 32.87 -8.48 -14.17
N THR L 64 31.93 -7.54 -14.25
CA THR L 64 31.23 -7.05 -13.07
C THR L 64 30.46 -8.18 -12.38
N ALA L 65 29.67 -8.93 -13.16
CA ALA L 65 28.95 -10.07 -12.60
C ALA L 65 29.91 -11.06 -11.94
N ARG L 66 31.09 -11.25 -12.52
CA ARG L 66 32.06 -12.15 -11.93
C ARG L 66 32.51 -11.66 -10.56
N LEU L 67 32.77 -10.35 -10.44
CA LEU L 67 33.25 -9.81 -9.18
C LEU L 67 32.15 -9.80 -8.12
N VAL L 68 30.92 -9.49 -8.53
CA VAL L 68 29.82 -9.39 -7.57
C VAL L 68 29.52 -10.76 -6.95
N LEU L 69 29.59 -11.82 -7.76
CA LEU L 69 29.29 -13.14 -7.23
C LEU L 69 30.48 -13.78 -6.55
N SER L 70 31.71 -13.48 -6.99
CA SER L 70 32.91 -14.05 -6.37
C SER L 70 32.86 -15.58 -6.41
N ASP L 71 32.76 -16.21 -5.24
CA ASP L 71 32.82 -17.67 -5.14
C ASP L 71 31.46 -18.35 -5.22
N ARG L 72 30.41 -17.68 -5.74
CA ARG L 72 29.08 -18.27 -5.66
C ARG L 72 28.81 -19.36 -6.70
N GLN L 73 29.53 -19.37 -7.84
CA GLN L 73 29.44 -20.43 -8.86
C GLN L 73 27.98 -20.57 -9.32
N LEU L 74 27.33 -19.44 -9.60
CA LEU L 74 26.06 -19.48 -10.33
C LEU L 74 26.36 -19.39 -11.82
N PRO L 75 25.72 -20.23 -12.63
CA PRO L 75 25.88 -20.11 -14.08
C PRO L 75 25.23 -18.83 -14.54
N VAL L 76 25.89 -18.15 -15.46
CA VAL L 76 25.52 -16.82 -15.90
C VAL L 76 24.91 -16.92 -17.29
N HIS L 77 23.69 -16.41 -17.44
CA HIS L 77 23.05 -16.38 -18.74
C HIS L 77 23.50 -15.14 -19.50
N ILE L 78 24.09 -15.35 -20.68
CA ILE L 78 24.57 -14.26 -21.52
C ILE L 78 23.46 -13.90 -22.50
N ILE L 79 22.79 -12.78 -22.25
CA ILE L 79 21.61 -12.34 -23.00
C ILE L 79 22.01 -11.18 -23.88
N PRO L 80 21.94 -11.31 -25.22
CA PRO L 80 22.26 -10.16 -26.07
C PRO L 80 21.26 -9.02 -25.94
N GLU L 81 20.02 -9.33 -25.58
CA GLU L 81 19.02 -8.28 -25.41
C GLU L 81 19.40 -7.31 -24.30
N LEU L 82 20.29 -7.71 -23.40
CA LEU L 82 20.77 -6.86 -22.32
C LEU L 82 21.96 -5.99 -22.73
N ASN L 83 22.36 -6.01 -24.00
CA ASN L 83 23.45 -5.18 -24.44
C ASN L 83 23.01 -3.73 -24.56
N GLU L 84 23.92 -2.81 -24.24
CA GLU L 84 23.69 -1.39 -24.44
C GLU L 84 23.35 -1.11 -25.91
N MSE L 85 22.76 0.04 -26.16
CA MSE L 85 22.42 0.42 -27.53
C MSE L 85 23.66 0.48 -28.41
O MSE L 85 24.69 1.03 -28.03
CB MSE L 85 21.70 1.78 -27.57
CG MSE L 85 21.16 2.12 -28.95
SE MSE L 85 20.16 3.80 -29.03
CE MSE L 85 21.52 4.96 -28.27
N PHE L 86 23.54 -0.13 -29.59
CA PHE L 86 24.62 -0.12 -30.56
C PHE L 86 24.72 1.26 -31.20
N PHE L 87 25.89 1.90 -31.07
CA PHE L 87 26.11 3.24 -31.60
C PHE L 87 26.79 3.24 -32.97
N GLY L 88 27.04 2.06 -33.54
CA GLY L 88 27.57 2.00 -34.89
C GLY L 88 28.94 2.65 -35.00
N ASP L 89 29.06 3.60 -35.93
CA ASP L 89 30.32 4.28 -36.15
C ASP L 89 30.63 5.32 -35.08
N TRP L 90 29.66 5.67 -34.22
CA TRP L 90 29.93 6.62 -33.15
C TRP L 90 30.56 5.97 -31.93
N GLU L 91 30.79 4.66 -31.95
CA GLU L 91 31.34 3.98 -30.80
C GLU L 91 32.74 4.52 -30.48
N MSE L 92 33.03 4.65 -29.19
CA MSE L 92 34.33 5.11 -28.69
C MSE L 92 34.78 6.43 -29.32
O MSE L 92 35.97 6.63 -29.59
CB MSE L 92 35.39 4.03 -28.94
CG MSE L 92 35.04 2.69 -28.35
SE MSE L 92 35.03 2.68 -26.39
CE MSE L 92 36.92 3.07 -26.06
N ARG L 93 33.83 7.33 -29.53
CA ARG L 93 34.10 8.66 -30.03
C ARG L 93 33.40 9.69 -29.15
N HIS L 94 33.94 10.91 -29.16
CA HIS L 94 33.47 11.95 -28.25
C HIS L 94 32.48 12.89 -28.92
N HIS L 95 31.56 13.40 -28.11
CA HIS L 95 30.55 14.35 -28.58
C HIS L 95 31.20 15.55 -29.26
N ARG L 96 32.34 16.02 -28.74
CA ARG L 96 33.03 17.16 -29.32
C ARG L 96 33.36 16.93 -30.79
N ASP L 97 33.76 15.70 -31.13
CA ASP L 97 34.25 15.41 -32.47
C ASP L 97 33.14 14.99 -33.41
N LEU L 98 32.13 14.26 -32.92
CA LEU L 98 31.03 13.87 -33.78
C LEU L 98 30.27 15.07 -34.30
N MSE L 99 30.27 16.17 -33.54
CA MSE L 99 29.60 17.40 -33.96
C MSE L 99 30.20 17.99 -35.22
O MSE L 99 29.52 18.70 -35.96
CB MSE L 99 29.68 18.44 -32.84
CG MSE L 99 28.81 18.14 -31.64
SE MSE L 99 28.75 19.70 -30.47
CE MSE L 99 30.65 20.14 -30.48
N GLN L 100 31.47 17.68 -35.47
CA GLN L 100 32.17 18.16 -36.65
C GLN L 100 32.50 17.06 -37.65
N GLU L 101 32.75 15.85 -37.18
CA GLU L 101 33.10 14.75 -38.08
C GLU L 101 31.89 14.09 -38.73
N ASP L 102 30.72 14.21 -38.11
CA ASP L 102 29.47 13.67 -38.65
C ASP L 102 28.34 14.65 -38.30
N ALA L 103 28.46 15.88 -38.79
CA ALA L 103 27.68 16.99 -38.27
C ALA L 103 26.19 16.78 -38.45
N GLU L 104 25.74 16.56 -39.69
CA GLU L 104 24.31 16.54 -39.97
C GLU L 104 23.59 15.46 -39.15
N ASN L 105 24.04 14.21 -39.24
CA ASN L 105 23.34 13.12 -38.58
C ASN L 105 23.50 13.17 -37.07
N TYR L 106 24.65 13.60 -36.56
CA TYR L 106 24.80 13.72 -35.11
C TYR L 106 23.90 14.82 -34.57
N SER L 107 23.74 15.91 -35.32
CA SER L 107 22.82 16.96 -34.90
C SER L 107 21.38 16.48 -34.92
N ALA L 108 21.03 15.63 -35.89
CA ALA L 108 19.70 15.03 -35.89
C ALA L 108 19.51 14.15 -34.66
N TRP L 109 20.56 13.44 -34.25
CA TRP L 109 20.46 12.58 -33.07
C TRP L 109 20.32 13.39 -31.80
N CYS L 110 21.08 14.48 -31.69
CA CYS L 110 21.01 15.31 -30.49
C CYS L 110 19.64 15.95 -30.34
N ASN L 111 18.99 16.31 -31.44
CA ASN L 111 17.70 16.98 -31.38
C ASN L 111 16.53 16.01 -31.48
N ASP L 112 16.78 14.73 -31.78
CA ASP L 112 15.70 13.77 -31.96
C ASP L 112 16.18 12.35 -31.70
N TRP L 113 16.70 12.10 -30.50
CA TRP L 113 17.32 10.81 -30.20
C TRP L 113 16.31 9.67 -30.23
N GLN L 114 15.01 9.96 -30.18
CA GLN L 114 14.01 8.90 -30.20
C GLN L 114 13.83 8.30 -31.59
N HIS L 115 14.20 9.03 -32.64
CA HIS L 115 13.93 8.57 -34.00
C HIS L 115 15.19 8.56 -34.85
N ALA L 116 16.10 9.51 -34.62
CA ALA L 116 17.30 9.59 -35.43
C ALA L 116 18.21 8.39 -35.16
N ILE L 117 18.77 7.84 -36.23
CA ILE L 117 19.52 6.59 -36.18
C ILE L 117 21.01 6.92 -36.10
N PRO L 118 21.73 6.42 -35.08
CA PRO L 118 23.18 6.58 -35.07
C PRO L 118 23.78 5.97 -36.32
N THR L 119 24.83 6.61 -36.84
CA THR L 119 25.38 6.23 -38.15
C THR L 119 25.87 4.79 -38.12
N ASN L 120 25.20 3.94 -38.91
CA ASN L 120 25.49 2.51 -38.98
C ASN L 120 25.29 1.82 -37.63
N GLY L 121 24.41 2.40 -36.80
CA GLY L 121 24.09 1.81 -35.52
C GLY L 121 22.61 1.51 -35.39
N GLU L 122 22.14 1.21 -34.19
CA GLU L 122 20.73 0.91 -33.98
C GLU L 122 20.05 2.10 -33.32
N GLY L 123 18.87 2.43 -33.83
CA GLY L 123 18.12 3.55 -33.29
C GLY L 123 17.40 3.20 -32.01
N PHE L 124 16.81 4.23 -31.41
CA PHE L 124 16.15 4.04 -30.12
C PHE L 124 14.92 3.14 -30.24
N GLN L 125 14.20 3.25 -31.35
CA GLN L 125 13.01 2.42 -31.53
C GLN L 125 13.36 0.95 -31.57
N ALA L 126 14.42 0.60 -32.30
CA ALA L 126 14.86 -0.80 -32.34
C ALA L 126 15.47 -1.22 -31.01
N PHE L 127 16.15 -0.30 -30.33
CA PHE L 127 16.70 -0.60 -29.01
C PHE L 127 15.58 -0.87 -28.01
N SER L 128 14.54 -0.05 -28.01
CA SER L 128 13.43 -0.25 -27.09
C SER L 128 12.70 -1.55 -27.38
N GLN L 129 12.50 -1.88 -28.66
CA GLN L 129 11.85 -3.14 -29.02
C GLN L 129 12.70 -4.33 -28.61
N ARG L 130 14.02 -4.18 -28.62
CA ARG L 130 14.89 -5.26 -28.17
C ARG L 130 14.73 -5.50 -26.68
N VAL L 131 14.61 -4.42 -25.90
CA VAL L 131 14.48 -4.55 -24.45
C VAL L 131 13.12 -5.12 -24.08
N GLU L 132 12.07 -4.77 -24.84
CA GLU L 132 10.75 -5.34 -24.57
C GLU L 132 10.70 -6.82 -24.93
N ARG L 133 11.55 -7.27 -25.85
CA ARG L 133 11.66 -8.69 -26.10
C ARG L 133 12.24 -9.43 -24.90
N PHE L 134 13.16 -8.79 -24.18
CA PHE L 134 13.65 -9.38 -22.94
C PHE L 134 12.57 -9.40 -21.86
N ILE L 135 11.83 -8.31 -21.73
CA ILE L 135 10.77 -8.24 -20.73
C ILE L 135 9.72 -9.32 -20.98
N ALA L 136 9.41 -9.57 -22.25
CA ALA L 136 8.43 -10.60 -22.60
C ALA L 136 8.91 -12.00 -22.23
N ARG L 137 10.22 -12.18 -22.04
CA ARG L 137 10.78 -13.48 -21.69
C ARG L 137 10.85 -13.72 -20.19
N LEU L 138 10.58 -12.70 -19.37
CA LEU L 138 10.66 -12.84 -17.92
C LEU L 138 9.77 -13.95 -17.40
N SER L 139 8.73 -14.32 -18.14
CA SER L 139 7.80 -15.36 -17.69
C SER L 139 8.50 -16.69 -17.49
N GLU L 140 9.53 -16.97 -18.29
CA GLU L 140 10.21 -18.27 -18.20
C GLU L 140 11.14 -18.37 -17.00
N TYR L 141 11.39 -17.26 -16.29
CA TYR L 141 12.18 -17.27 -15.08
C TYR L 141 11.30 -17.26 -13.82
N GLN L 142 10.07 -17.76 -13.94
CA GLN L 142 9.11 -17.67 -12.84
C GLN L 142 9.54 -18.52 -11.64
N HIS L 143 10.31 -19.57 -11.86
CA HIS L 143 10.75 -20.43 -10.78
C HIS L 143 11.97 -19.90 -10.03
N TYR L 144 12.26 -18.60 -10.16
CA TYR L 144 13.40 -17.98 -9.50
C TYR L 144 12.90 -16.85 -8.61
N GLN L 145 13.62 -16.62 -7.51
CA GLN L 145 13.22 -15.65 -6.49
C GLN L 145 14.08 -14.40 -6.50
N ASN L 146 15.40 -14.53 -6.57
CA ASN L 146 16.33 -13.40 -6.58
C ASN L 146 17.16 -13.49 -7.84
N ILE L 147 16.79 -12.71 -8.85
CA ILE L 147 17.45 -12.72 -10.15
C ILE L 147 18.33 -11.48 -10.26
N LEU L 148 19.63 -11.69 -10.42
CA LEU L 148 20.57 -10.58 -10.60
C LEU L 148 20.69 -10.24 -12.07
N ILE L 149 20.64 -8.95 -12.39
CA ILE L 149 20.73 -8.47 -13.76
C ILE L 149 21.88 -7.47 -13.82
N VAL L 150 22.93 -7.82 -14.55
CA VAL L 150 24.09 -6.96 -14.74
C VAL L 150 24.06 -6.45 -16.17
N SER L 151 23.76 -5.16 -16.34
CA SER L 151 23.60 -4.61 -17.67
C SER L 151 24.19 -3.19 -17.76
N HIS L 152 23.53 -2.33 -18.53
CA HIS L 152 24.02 -0.99 -18.80
C HIS L 152 22.93 0.03 -18.47
N GLN L 153 23.33 1.31 -18.38
CA GLN L 153 22.41 2.34 -17.93
C GLN L 153 21.22 2.48 -18.87
N GLY L 154 21.46 2.40 -20.18
CA GLY L 154 20.36 2.52 -21.13
C GLY L 154 19.35 1.40 -21.00
N VAL L 155 19.82 0.18 -20.80
CA VAL L 155 18.93 -0.97 -20.69
C VAL L 155 18.16 -0.93 -19.38
N LEU L 156 18.85 -0.62 -18.28
CA LEU L 156 18.24 -0.70 -16.96
C LEU L 156 17.23 0.42 -16.74
N SER L 157 17.59 1.65 -17.13
CA SER L 157 16.63 2.75 -17.05
C SER L 157 15.39 2.46 -17.87
N LEU L 158 15.57 1.93 -19.09
CA LEU L 158 14.42 1.56 -19.90
C LEU L 158 13.63 0.43 -19.25
N LEU L 159 14.34 -0.58 -18.73
CA LEU L 159 13.67 -1.72 -18.11
C LEU L 159 12.75 -1.28 -16.99
N ILE L 160 13.24 -0.41 -16.11
CA ILE L 160 12.42 0.10 -15.02
C ILE L 160 11.23 0.86 -15.57
N ALA L 161 11.46 1.74 -16.54
CA ALA L 161 10.39 2.56 -17.09
C ALA L 161 9.29 1.69 -17.69
N ARG L 162 9.66 0.68 -18.48
CA ARG L 162 8.67 -0.15 -19.13
C ARG L 162 7.99 -1.09 -18.14
N LEU L 163 8.71 -1.52 -17.10
CA LEU L 163 8.13 -2.46 -16.14
C LEU L 163 7.02 -1.82 -15.32
N ILE L 164 7.11 -0.52 -15.05
CA ILE L 164 6.08 0.13 -14.25
C ILE L 164 5.06 0.82 -15.15
N GLY L 165 5.18 0.61 -16.46
CA GLY L 165 4.13 0.94 -17.40
C GLY L 165 4.32 2.23 -18.17
N MSE L 166 5.41 2.95 -17.97
CA MSE L 166 5.61 4.19 -18.70
C MSE L 166 6.21 3.95 -20.08
O MSE L 166 6.87 2.94 -20.30
CB MSE L 166 6.50 5.14 -17.90
CG MSE L 166 6.25 5.12 -16.42
SE MSE L 166 7.64 6.03 -15.42
CE MSE L 166 7.54 7.77 -16.28
N PRO L 167 5.98 4.89 -21.00
CA PRO L 167 6.55 4.74 -22.34
C PRO L 167 8.07 4.71 -22.30
N ALA L 168 8.65 4.13 -23.36
CA ALA L 168 10.10 3.96 -23.43
C ALA L 168 10.84 5.29 -23.33
N GLU L 169 10.20 6.38 -23.79
CA GLU L 169 10.89 7.67 -23.86
C GLU L 169 11.16 8.25 -22.49
N SER L 170 10.32 7.94 -21.50
CA SER L 170 10.46 8.48 -20.16
C SER L 170 11.44 7.69 -19.29
N MSE L 171 12.33 6.93 -19.92
CA MSE L 171 13.35 6.15 -19.23
C MSE L 171 14.32 7.03 -18.45
O MSE L 171 14.97 6.57 -17.51
CB MSE L 171 14.13 5.30 -20.23
CG MSE L 171 14.77 6.14 -21.34
SE MSE L 171 15.88 5.10 -22.52
CE MSE L 171 17.37 4.75 -21.31
N TRP L 172 14.42 8.30 -18.86
CA TRP L 172 15.38 9.21 -18.25
C TRP L 172 14.91 9.80 -16.94
N HIS L 173 13.75 9.37 -16.44
CA HIS L 173 13.35 9.66 -15.07
C HIS L 173 13.99 8.71 -14.06
N PHE L 174 14.71 7.69 -14.51
CA PHE L 174 15.35 6.69 -13.65
C PHE L 174 16.78 6.49 -14.10
N ARG L 175 17.69 7.35 -13.66
CA ARG L 175 19.11 7.16 -13.96
C ARG L 175 19.69 6.11 -13.02
N VAL L 176 20.41 5.14 -13.59
CA VAL L 176 21.00 4.04 -12.84
C VAL L 176 22.50 4.30 -12.71
N ASP L 177 22.98 4.36 -11.47
CA ASP L 177 24.34 4.79 -11.20
C ASP L 177 25.29 3.60 -11.09
N GLN L 178 26.57 3.89 -11.30
CA GLN L 178 27.60 2.89 -11.14
C GLN L 178 28.02 2.80 -9.68
N GLY L 179 28.39 1.59 -9.26
CA GLY L 179 28.71 1.33 -7.87
C GLY L 179 27.51 1.08 -6.97
N CYS L 180 26.30 1.25 -7.48
CA CYS L 180 25.07 1.06 -6.72
C CYS L 180 24.34 -0.18 -7.20
N TRP L 181 23.24 -0.49 -6.53
CA TRP L 181 22.33 -1.55 -6.96
C TRP L 181 20.90 -1.07 -6.80
N SER L 182 20.00 -1.71 -7.54
CA SER L 182 18.58 -1.42 -7.48
C SER L 182 17.81 -2.73 -7.43
N ALA L 183 16.51 -2.62 -7.18
CA ALA L 183 15.66 -3.80 -7.05
C ALA L 183 14.23 -3.44 -7.45
N ILE L 184 13.60 -4.33 -8.23
CA ILE L 184 12.21 -4.17 -8.65
C ILE L 184 11.51 -5.51 -8.54
N ASP L 185 10.35 -5.52 -7.87
CA ASP L 185 9.58 -6.73 -7.64
C ASP L 185 8.48 -6.86 -8.68
N ILE L 186 8.26 -8.10 -9.13
CA ILE L 186 7.22 -8.39 -10.11
C ILE L 186 6.31 -9.47 -9.55
N ASN L 187 5.01 -9.18 -9.51
CA ASN L 187 4.00 -10.13 -9.04
C ASN L 187 2.81 -10.04 -9.98
N GLN L 188 2.59 -11.09 -10.76
CA GLN L 188 1.47 -11.18 -11.70
C GLN L 188 1.38 -9.93 -12.58
N LYS L 189 2.45 -9.70 -13.32
CA LYS L 189 2.59 -8.62 -14.31
C LYS L 189 2.57 -7.23 -13.69
N PHE L 190 2.61 -7.11 -12.38
CA PHE L 190 2.69 -5.81 -11.70
C PHE L 190 4.08 -5.65 -11.13
N ALA L 191 4.78 -4.60 -11.55
CA ALA L 191 6.13 -4.33 -11.10
C ALA L 191 6.12 -3.21 -10.08
N THR L 192 6.82 -3.41 -8.97
CA THR L 192 7.00 -2.38 -7.96
C THR L 192 8.49 -2.08 -7.85
N LEU L 193 8.84 -0.81 -7.93
CA LEU L 193 10.23 -0.40 -7.75
C LEU L 193 10.49 -0.24 -6.26
N ARG L 194 11.37 -1.09 -5.72
CA ARG L 194 11.60 -1.12 -4.27
C ARG L 194 12.84 -0.35 -3.86
N VAL L 195 13.96 -0.49 -4.58
CA VAL L 195 15.19 0.21 -4.27
C VAL L 195 15.75 0.79 -5.56
N LEU L 196 16.34 1.97 -5.48
CA LEU L 196 17.03 2.58 -6.62
C LEU L 196 18.33 3.21 -6.14
N ASN L 197 19.43 2.77 -6.73
CA ASN L 197 20.76 3.35 -6.51
C ASN L 197 21.13 3.38 -5.03
N SER L 198 21.18 2.18 -4.44
CA SER L 198 21.56 2.04 -3.04
C SER L 198 23.03 1.65 -2.94
N ARG L 199 23.69 2.20 -1.91
CA ARG L 199 25.04 1.78 -1.54
C ARG L 199 25.05 1.08 -0.19
N ALA L 200 23.87 0.63 0.26
CA ALA L 200 23.73 -0.04 1.54
C ALA L 200 23.69 -1.54 1.35
N ILE L 201 23.77 -2.26 2.46
CA ILE L 201 23.68 -3.71 2.43
C ILE L 201 22.25 -4.12 2.08
N GLY L 202 22.12 -5.14 1.25
CA GLY L 202 20.81 -5.60 0.80
C GLY L 202 20.26 -6.73 1.64
N VAL L 203 18.93 -6.81 1.69
CA VAL L 203 18.22 -7.89 2.36
C VAL L 203 17.14 -8.39 1.41
N GLU L 204 16.96 -9.70 1.33
CA GLU L 204 16.04 -10.29 0.36
C GLU L 204 14.66 -10.54 0.95
S SO4 M . 32.36 -50.52 -24.90
O1 SO4 M . 31.75 -50.29 -26.21
O2 SO4 M . 33.62 -49.79 -24.82
O3 SO4 M . 31.46 -50.05 -23.85
O4 SO4 M . 32.62 -51.95 -24.72
S SO4 N . 39.23 -45.85 -37.41
O1 SO4 N . 39.31 -44.94 -38.55
O2 SO4 N . 40.39 -45.66 -36.55
O3 SO4 N . 38.01 -45.58 -36.66
O4 SO4 N . 39.19 -47.24 -37.90
O1 PG4 O . 34.76 -28.64 -36.88
C1 PG4 O . 34.66 -30.07 -36.96
C2 PG4 O . 35.10 -30.53 -38.34
O2 PG4 O . 35.87 -31.73 -38.21
C3 PG4 O . 36.67 -31.95 -39.38
C4 PG4 O . 37.63 -33.11 -39.15
O3 PG4 O . 38.55 -33.17 -40.24
C5 PG4 O . 39.58 -34.12 -40.01
C6 PG4 O . 40.83 -33.72 -40.79
O4 PG4 O . 41.94 -34.46 -40.28
C7 PG4 O . 43.18 -33.74 -40.36
C8 PG4 O . 44.22 -34.42 -39.49
O5 PG4 O . 44.18 -33.91 -38.15
C1 PEG P . 38.63 -42.06 -41.16
O1 PEG P . 40.05 -42.30 -41.09
C2 PEG P . 38.25 -41.51 -42.54
O2 PEG P . 38.76 -40.18 -42.71
C3 PEG P . 38.11 -39.51 -43.80
C4 PEG P . 38.82 -38.22 -44.12
O4 PEG P . 39.24 -37.58 -42.90
C1 EDO Q . 22.32 -34.65 -53.91
O1 EDO Q . 22.70 -35.60 -52.92
C2 EDO Q . 23.50 -34.35 -54.84
O2 EDO Q . 24.47 -33.55 -54.14
S SO4 R . 7.98 -48.40 -25.83
O1 SO4 R . 7.29 -48.22 -27.10
O2 SO4 R . 9.09 -47.45 -25.74
O3 SO4 R . 7.04 -48.16 -24.73
O4 SO4 R . 8.49 -49.76 -25.73
S SO4 S . 2.61 -35.90 -31.70
O1 SO4 S . 3.04 -37.24 -31.31
O2 SO4 S . 3.77 -35.11 -32.10
O3 SO4 S . 1.95 -35.27 -30.56
O4 SO4 S . 1.68 -35.98 -32.82
S SO4 T . -13.99 -19.22 42.45
O1 SO4 T . -14.61 -18.37 41.44
O2 SO4 T . -12.59 -18.83 42.62
O3 SO4 T . -14.69 -19.06 43.73
O4 SO4 T . -14.05 -20.61 42.03
S SO4 U . -28.62 -17.10 39.52
O1 SO4 U . -28.43 -17.03 38.07
O2 SO4 U . -27.37 -16.78 40.19
O3 SO4 U . -29.65 -16.13 39.92
O4 SO4 U . -29.07 -18.44 39.89
C1 GOL V . -35.07 -17.97 31.85
O1 GOL V . -34.72 -19.30 32.06
C2 GOL V . -33.81 -17.12 32.16
O2 GOL V . -34.08 -15.76 32.11
C3 GOL V . -33.35 -17.57 33.56
O3 GOL V . -32.45 -16.61 34.02
C1 GOL W . -23.82 -21.37 37.36
O1 GOL W . -23.48 -21.38 38.69
C2 GOL W . -25.32 -21.75 37.24
O2 GOL W . -26.14 -20.90 37.96
C3 GOL W . -25.59 -21.66 35.74
O3 GOL W . -24.35 -21.48 35.14
O1 PG4 X . -35.48 -27.33 35.44
C1 PG4 X . -36.67 -26.87 34.78
C2 PG4 X . -36.55 -25.38 34.48
O2 PG4 X . -36.24 -25.18 33.09
C3 PG4 X . -35.72 -23.87 32.85
C4 PG4 X . -35.29 -23.73 31.39
O3 PG4 X . -33.95 -24.17 31.22
C5 PG4 X . -33.58 -24.22 29.84
C6 PG4 X . -32.20 -24.84 29.67
O4 PG4 X . -32.04 -25.30 28.34
C7 PG4 X . -30.79 -25.98 28.16
C8 PG4 X . -30.78 -26.67 26.80
O5 PG4 X . -29.66 -27.54 26.72
S SO4 Y . 12.34 58.56 20.87
O1 SO4 Y . 12.72 59.40 22.00
O2 SO4 Y . 13.51 58.29 20.04
O3 SO4 Y . 11.33 59.24 20.07
O4 SO4 Y . 11.79 57.30 21.36
S SO4 Z . -0.36 57.80 28.25
O1 SO4 Z . -0.47 58.22 26.85
O2 SO4 Z . 0.94 57.17 28.46
O3 SO4 Z . -0.49 58.96 29.13
O4 SO4 Z . -1.42 56.83 28.54
CL CL AA . -0.71 66.30 32.18
S SO4 BA . 9.04 58.94 -4.53
O1 SO4 BA . 9.83 58.29 -5.57
O2 SO4 BA . 9.88 59.89 -3.80
O3 SO4 BA . 8.53 57.93 -3.59
O4 SO4 BA . 7.92 59.64 -5.14
S SO4 CA . 0.46 49.01 -9.55
O1 SO4 CA . 1.44 49.29 -10.59
O2 SO4 CA . 0.96 49.48 -8.27
O3 SO4 CA . -0.80 49.68 -9.88
O4 SO4 CA . 0.22 47.56 -9.48
C1 PEG DA . -15.49 37.59 7.94
O1 PEG DA . -16.09 38.71 7.29
C2 PEG DA . -15.05 37.98 9.34
O2 PEG DA . -13.85 37.28 9.68
C3 PEG DA . -13.15 37.91 10.74
C4 PEG DA . -11.76 37.31 10.87
O4 PEG DA . -11.04 37.97 11.91
S SO4 EA . 63.36 -20.83 -1.07
O1 SO4 EA . 63.69 -20.53 -2.46
O2 SO4 EA . 64.45 -20.43 -0.20
O3 SO4 EA . 62.14 -20.11 -0.70
O4 SO4 EA . 63.11 -22.27 -0.93
S SO4 FA . 57.78 -10.13 -8.42
O1 SO4 FA . 57.11 -10.01 -9.71
O2 SO4 FA . 59.07 -9.45 -8.46
O3 SO4 FA . 56.95 -9.54 -7.37
O4 SO4 FA . 57.98 -11.55 -8.11
CL CL GA . 54.41 -3.80 -0.86
C1 PEG HA . 57.60 -7.58 -14.69
O1 PEG HA . 57.29 -8.84 -15.30
C2 PEG HA . 58.75 -6.93 -15.45
O2 PEG HA . 58.33 -6.63 -16.77
C3 PEG HA . 59.43 -6.26 -17.61
C4 PEG HA . 58.94 -6.01 -19.03
O4 PEG HA . 58.09 -7.08 -19.45
C1 PEG IA . 53.10 -11.78 -21.77
O1 PEG IA . 53.15 -12.61 -20.61
C2 PEG IA . 53.91 -10.52 -21.52
O2 PEG IA . 55.30 -10.82 -21.48
C3 PEG IA . 56.06 -9.74 -20.92
C4 PEG IA . 57.55 -10.04 -21.02
O4 PEG IA . 57.80 -11.38 -20.58
C1 EDO JA . 47.44 -19.40 -10.81
O1 EDO JA . 46.89 -20.19 -11.88
C2 EDO JA . 48.96 -19.37 -10.93
O2 EDO JA . 49.33 -18.95 -12.25
C1 EDO KA . 75.09 0.97 -24.33
O1 EDO KA . 75.42 0.86 -22.93
C2 EDO KA . 74.89 2.43 -24.66
O2 EDO KA . 73.58 2.61 -25.23
S SO4 LA . -25.78 38.56 45.33
O1 SO4 LA . -25.10 38.67 44.03
O2 SO4 LA . -25.67 39.83 46.04
O3 SO4 LA . -25.15 37.50 46.11
O4 SO4 LA . -27.19 38.23 45.11
S SO4 MA . -36.68 36.17 54.88
O1 SO4 MA . -37.10 35.89 53.50
O2 SO4 MA . -35.37 36.82 54.86
O3 SO4 MA . -37.65 37.06 55.51
O4 SO4 MA . -36.59 34.92 55.63
C1 PEG NA . -44.58 28.12 55.91
O1 PEG NA . -44.75 27.06 54.96
C2 PEG NA . -44.70 29.47 55.20
O2 PEG NA . -43.65 30.31 55.67
C3 PEG NA . -43.09 31.08 54.61
C4 PEG NA . -41.58 30.91 54.64
O4 PEG NA . -41.03 31.69 55.71
C1 GOL OA . -58.05 25.58 43.00
O1 GOL OA . -58.75 26.29 43.98
C2 GOL OA . -57.62 26.60 41.92
O2 GOL OA . -58.18 26.33 40.68
C3 GOL OA . -56.10 26.52 41.92
O3 GOL OA . -55.62 27.71 42.43
S SO4 PA . -32.15 36.68 21.47
O1 SO4 PA . -31.84 37.43 20.26
O2 SO4 PA . -30.93 36.57 22.29
O3 SO4 PA . -33.19 37.36 22.23
O4 SO4 PA . -32.62 35.35 21.11
S SO4 QA . -40.35 24.94 18.17
O1 SO4 QA . -40.13 25.84 17.04
O2 SO4 QA . -39.15 24.91 19.00
O3 SO4 QA . -41.49 25.39 18.96
O4 SO4 QA . -40.63 23.59 17.66
C1 PEG RA . -47.74 19.86 23.16
O1 PEG RA . -48.88 20.08 22.31
C2 PEG RA . -46.46 19.81 22.33
O2 PEG RA . -46.23 21.05 21.64
C3 PEG RA . -44.87 21.15 21.22
C4 PEG RA . -44.60 22.50 20.56
O4 PEG RA . -45.46 22.65 19.43
C1 EDO SA . -23.13 15.32 20.31
O1 EDO SA . -23.85 14.19 19.83
C2 EDO SA . -23.49 16.59 19.52
O2 EDO SA . -22.82 17.70 20.11
S SO4 TA . 15.42 -1.25 10.51
O1 SO4 TA . 15.41 0.12 10.00
O2 SO4 TA . 16.77 -1.61 10.92
O3 SO4 TA . 14.52 -1.35 11.67
O4 SO4 TA . 14.96 -2.16 9.47
S SO4 UA . 1.54 4.03 7.69
O1 SO4 UA . 1.95 4.69 6.46
O2 SO4 UA . 2.64 3.20 8.19
O3 SO4 UA . 1.20 5.03 8.69
O4 SO4 UA . 0.39 3.17 7.42
CL CL VA . 0.63 10.80 14.81
C1 GOL WA . 6.03 -1.51 4.84
O1 GOL WA . 6.82 -1.42 5.99
C2 GOL WA . 4.55 -1.28 5.25
O2 GOL WA . 4.33 0.02 5.70
C3 GOL WA . 3.73 -1.60 3.97
O3 GOL WA . 4.11 -0.67 3.00
C1 EDO XA . 17.97 24.16 -11.01
O1 EDO XA . 18.65 25.37 -11.37
C2 EDO XA . 16.50 24.27 -11.40
O2 EDO XA . 16.39 24.48 -12.81
S SO4 YA . 1.34 -13.05 24.57
O1 SO4 YA . 1.17 -12.12 23.46
O2 SO4 YA . 2.70 -13.57 24.57
O3 SO4 YA . 1.10 -12.33 25.84
O4 SO4 YA . 0.39 -14.14 24.46
S SO4 ZA . -2.99 -16.78 10.81
O1 SO4 ZA . -2.93 -15.72 9.81
O2 SO4 ZA . -2.59 -16.25 12.12
O3 SO4 ZA . -4.34 -17.30 10.89
O4 SO4 ZA . -2.07 -17.86 10.43
CL CL AB . 3.38 -23.79 8.83
C1 EDO BB . -27.30 -27.20 11.91
O1 EDO BB . -26.23 -26.61 12.67
C2 EDO BB . -27.87 -26.16 10.96
O2 EDO BB . -27.25 -26.27 9.68
S SO4 CB . -14.32 -52.62 -29.02
O1 SO4 CB . -13.77 -51.42 -29.66
O2 SO4 CB . -13.23 -53.53 -28.68
O3 SO4 CB . -15.03 -52.23 -27.80
O4 SO4 CB . -15.24 -53.28 -29.94
S SO4 DB . -8.68 -50.50 -42.95
O1 SO4 DB . -8.06 -49.24 -43.29
O2 SO4 DB . -7.98 -51.60 -43.59
O3 SO4 DB . -10.07 -50.50 -43.40
O4 SO4 DB . -8.66 -50.69 -41.50
CL CL EB . -5.35 -59.34 -44.29
S SO4 FB . 32.41 4.86 -6.14
O1 SO4 FB . 33.59 4.83 -7.00
O2 SO4 FB . 32.22 6.21 -5.63
O3 SO4 FB . 32.62 3.94 -5.03
O4 SO4 FB . 31.24 4.45 -6.91
S SO4 GB . 28.22 3.23 -19.87
O1 SO4 GB . 28.02 4.68 -19.94
O2 SO4 GB . 29.65 2.95 -19.74
O3 SO4 GB . 27.52 2.70 -18.70
O4 SO4 GB . 27.71 2.61 -21.08
CL CL HB . 33.50 -4.44 -22.74
C1 PEG IB . 18.74 6.88 -25.14
O1 PEG IB . 19.60 7.97 -25.52
C2 PEG IB . 19.27 5.57 -25.68
O2 PEG IB . 19.97 4.81 -24.68
C3 PEG IB . 21.05 5.54 -24.10
C4 PEG IB . 22.28 4.67 -23.92
O4 PEG IB . 23.34 5.49 -23.41
C1 PEG JB . 20.68 11.43 -26.38
O1 PEG JB . 19.88 11.49 -25.18
C2 PEG JB . 21.04 12.82 -26.90
O2 PEG JB . 22.08 13.41 -26.10
C3 PEG JB . 23.17 13.85 -26.92
C4 PEG JB . 23.81 15.12 -26.36
O4 PEG JB . 24.71 14.81 -25.28
C1 PEG KB . 30.63 13.82 -22.18
O1 PEG KB . 29.90 14.60 -23.14
C2 PEG KB . 31.60 14.72 -21.42
O2 PEG KB . 32.80 14.01 -21.10
C3 PEG KB . 33.94 14.87 -21.13
C4 PEG KB . 35.23 14.07 -21.10
O4 PEG KB . 36.28 14.86 -21.66
#